data_6TR8
#
_entry.id   6TR8
#
loop_
_entity.id
_entity.type
_entity.pdbx_description
1 polymer 'Peptide-methionine (R)-S-oxide reductase'
2 non-polymer 'ZINC ION'
#
_entity_poly.entity_id   1
_entity_poly.type   'polypeptide(L)'
_entity_poly.pdbx_seq_one_letter_code
;MGSSHHHHHHSSGLVPRGSHMTNFKLITDTEWRQRLSSEEYRVLREAGTEAPHTGEYTNTTTEGIYSCRACGTELFRSTE
KFNSHCGWPSFFSPLAGDKVIERTDTSHGMVRTEVICANCESHLGHVFAGEGYDTPTDLRYCINSVCLTLIPAEES
;
_entity_poly.pdbx_strand_id   A
#
loop_
_chem_comp.id
_chem_comp.type
_chem_comp.name
_chem_comp.formula
ZN non-polymer 'ZINC ION' 'Zn 2'
#
# COMPACT_ATOMS: atom_id res chain seq x y z
N MET A 21 7.93 -11.18 12.10
CA MET A 21 7.04 -10.11 12.62
C MET A 21 7.79 -9.21 13.62
N THR A 22 9.12 -9.17 13.48
CA THR A 22 9.96 -8.35 14.37
C THR A 22 9.97 -6.90 13.90
N ASN A 23 10.49 -6.02 14.75
CA ASN A 23 10.57 -4.59 14.44
C ASN A 23 11.42 -4.38 13.20
N PHE A 24 10.82 -3.80 12.15
CA PHE A 24 11.53 -3.55 10.89
C PHE A 24 12.41 -2.29 10.96
N LYS A 25 12.20 -1.47 11.97
CA LYS A 25 12.95 -0.21 12.13
C LYS A 25 14.43 -0.49 12.37
N LEU A 26 14.69 -1.58 13.09
CA LEU A 26 16.07 -1.97 13.45
C LEU A 26 16.83 -2.54 12.26
N ILE A 27 16.12 -2.85 11.16
CA ILE A 27 16.75 -3.41 9.97
C ILE A 27 17.77 -2.41 9.40
N THR A 28 18.87 -2.95 8.89
CA THR A 28 19.93 -2.14 8.29
C THR A 28 19.58 -1.77 6.86
N ASP A 29 20.27 -0.78 6.32
CA ASP A 29 20.02 -0.33 4.96
C ASP A 29 20.32 -1.44 3.94
N THR A 30 21.41 -2.18 4.19
CA THR A 30 21.80 -3.27 3.29
C THR A 30 20.72 -4.33 3.24
N GLU A 31 20.19 -4.69 4.42
CA GLU A 31 19.15 -5.71 4.50
C GLU A 31 17.92 -5.28 3.70
N TRP A 32 17.58 -4.00 3.76
CA TRP A 32 16.44 -3.48 3.02
C TRP A 32 16.66 -3.62 1.51
N ARG A 33 17.88 -3.35 1.07
CA ARG A 33 18.22 -3.44 -0.36
C ARG A 33 18.10 -4.87 -0.86
N GLN A 34 18.54 -5.81 -0.03
CA GLN A 34 18.47 -7.24 -0.36
C GLN A 34 17.16 -7.89 0.12
N ARG A 35 16.21 -7.06 0.58
CA ARG A 35 14.91 -7.54 1.08
C ARG A 35 13.80 -7.25 0.08
N LEU A 36 13.86 -6.07 -0.53
CA LEU A 36 12.82 -5.63 -1.46
C LEU A 36 13.41 -4.96 -2.70
N SER A 37 12.51 -4.60 -3.62
CA SER A 37 12.89 -3.96 -4.88
C SER A 37 13.62 -2.65 -4.61
N SER A 38 14.41 -2.21 -5.58
CA SER A 38 15.15 -0.96 -5.44
C SER A 38 14.20 0.20 -5.24
N GLU A 39 13.09 0.19 -5.98
CA GLU A 39 12.08 1.23 -5.87
C GLU A 39 11.42 1.19 -4.49
N GLU A 40 11.13 -0.02 -4.00
CA GLU A 40 10.53 -0.20 -2.68
C GLU A 40 11.41 0.39 -1.59
N TYR A 41 12.74 0.23 -1.75
CA TYR A 41 13.69 0.72 -0.76
C TYR A 41 13.59 2.25 -0.56
N ARG A 42 13.64 3.02 -1.65
CA ARG A 42 13.57 4.49 -1.54
C ARG A 42 12.14 4.95 -1.24
N VAL A 43 11.20 4.31 -1.91
CA VAL A 43 9.79 4.64 -1.77
C VAL A 43 9.31 4.42 -0.33
N LEU A 44 9.66 3.27 0.24
CA LEU A 44 9.27 2.94 1.61
C LEU A 44 10.03 3.79 2.63
N ARG A 45 11.31 4.06 2.33
CA ARG A 45 12.16 4.81 3.25
C ARG A 45 11.70 6.26 3.45
N GLU A 46 11.45 6.98 2.37
CA GLU A 46 11.06 8.40 2.48
C GLU A 46 9.90 8.80 1.56
N ALA A 47 9.10 7.82 1.10
CA ALA A 47 7.98 8.13 0.19
C ALA A 47 8.53 8.83 -1.06
N GLY A 48 9.55 8.22 -1.65
CA GLY A 48 10.21 8.77 -2.83
C GLY A 48 9.23 8.96 -3.98
N THR A 49 8.35 7.97 -4.20
CA THR A 49 7.35 8.03 -5.29
C THR A 49 6.55 6.73 -5.32
N GLU A 50 5.65 6.61 -6.31
CA GLU A 50 4.84 5.42 -6.46
C GLU A 50 4.52 5.19 -7.94
N ALA A 51 5.58 4.97 -8.72
CA ALA A 51 5.46 4.75 -10.16
C ALA A 51 5.49 3.25 -10.50
N PRO A 52 4.42 2.68 -11.04
CA PRO A 52 4.36 1.24 -11.43
C PRO A 52 5.23 0.94 -12.65
N HIS A 53 5.10 -0.28 -13.19
CA HIS A 53 5.87 -0.72 -14.35
C HIS A 53 7.38 -0.71 -14.04
N THR A 54 7.72 -1.04 -12.79
CA THR A 54 9.12 -1.09 -12.36
C THR A 54 9.56 -2.54 -12.04
N GLY A 55 8.69 -3.52 -12.35
CA GLY A 55 8.99 -4.92 -12.12
C GLY A 55 8.15 -5.80 -13.02
N GLU A 56 8.79 -6.78 -13.66
CA GLU A 56 8.11 -7.69 -14.56
C GLU A 56 7.38 -8.82 -13.83
N TYR A 57 7.83 -9.10 -12.62
CA TYR A 57 7.26 -10.19 -11.81
C TYR A 57 5.90 -9.81 -11.21
N THR A 58 5.59 -8.50 -11.16
CA THR A 58 4.33 -8.03 -10.60
C THR A 58 3.15 -8.66 -11.34
N ASN A 59 2.32 -9.41 -10.60
CA ASN A 59 1.14 -10.07 -11.19
C ASN A 59 -0.10 -9.82 -10.35
N THR A 60 -1.16 -9.35 -11.00
CA THR A 60 -2.44 -9.07 -10.33
C THR A 60 -3.61 -9.81 -10.98
N THR A 61 -3.29 -10.91 -11.70
CA THR A 61 -4.31 -11.69 -12.39
C THR A 61 -5.32 -12.25 -11.38
N THR A 62 -4.82 -12.81 -10.28
CA THR A 62 -5.69 -13.37 -9.25
C THR A 62 -6.11 -12.29 -8.26
N GLU A 63 -7.35 -12.38 -7.78
CA GLU A 63 -7.87 -11.40 -6.83
C GLU A 63 -7.97 -12.04 -5.46
N GLY A 64 -7.03 -11.69 -4.58
CA GLY A 64 -7.00 -12.24 -3.25
C GLY A 64 -6.69 -11.19 -2.19
N ILE A 65 -5.48 -11.23 -1.68
CA ILE A 65 -5.05 -10.31 -0.63
C ILE A 65 -3.77 -9.59 -1.01
N TYR A 66 -3.78 -8.28 -0.82
CA TYR A 66 -2.62 -7.46 -1.10
C TYR A 66 -1.55 -7.69 -0.05
N SER A 67 -0.28 -7.64 -0.47
CA SER A 67 0.81 -7.84 0.49
C SER A 67 2.00 -6.94 0.19
N CYS A 68 2.41 -6.21 1.23
CA CYS A 68 3.54 -5.29 1.16
C CYS A 68 4.78 -6.07 0.74
N ARG A 69 5.44 -5.61 -0.31
CA ARG A 69 6.64 -6.28 -0.80
C ARG A 69 7.73 -6.27 0.29
N ALA A 70 7.73 -5.20 1.09
CA ALA A 70 8.71 -5.01 2.15
C ALA A 70 8.67 -6.10 3.22
N CYS A 71 7.47 -6.39 3.75
CA CYS A 71 7.32 -7.40 4.81
C CYS A 71 6.40 -8.54 4.39
N GLY A 72 5.34 -8.18 3.66
CA GLY A 72 4.36 -9.18 3.19
C GLY A 72 3.11 -9.19 4.06
N THR A 73 2.79 -8.03 4.64
CA THR A 73 1.60 -7.92 5.50
C THR A 73 0.32 -7.84 4.67
N GLU A 74 -0.80 -8.25 5.26
CA GLU A 74 -2.08 -8.20 4.56
C GLU A 74 -2.66 -6.78 4.62
N LEU A 75 -2.02 -5.90 3.87
CA LEU A 75 -2.40 -4.48 3.82
C LEU A 75 -3.82 -4.25 3.33
N PHE A 76 -4.19 -4.95 2.26
CA PHE A 76 -5.52 -4.82 1.68
C PHE A 76 -6.06 -6.18 1.24
N ARG A 77 -7.38 -6.28 1.15
CA ARG A 77 -8.04 -7.52 0.77
C ARG A 77 -9.19 -7.21 -0.21
N SER A 78 -9.52 -8.20 -1.05
CA SER A 78 -10.55 -8.04 -2.07
C SER A 78 -11.92 -7.67 -1.49
N THR A 79 -12.15 -7.96 -0.21
CA THR A 79 -13.44 -7.66 0.42
C THR A 79 -13.84 -6.19 0.22
N GLU A 80 -12.86 -5.29 0.36
CA GLU A 80 -13.11 -3.86 0.19
C GLU A 80 -12.46 -3.30 -1.08
N LYS A 81 -12.09 -4.19 -2.01
CA LYS A 81 -11.47 -3.77 -3.26
C LYS A 81 -12.51 -3.56 -4.35
N PHE A 82 -12.46 -2.40 -5.00
CA PHE A 82 -13.41 -2.08 -6.07
C PHE A 82 -12.67 -1.67 -7.35
N ASN A 83 -12.10 -2.65 -8.04
CA ASN A 83 -11.37 -2.41 -9.29
C ASN A 83 -10.89 -3.72 -9.91
N SER A 84 -10.67 -3.72 -11.22
CA SER A 84 -10.19 -4.90 -11.93
C SER A 84 -8.68 -4.81 -12.10
N HIS A 85 -8.22 -3.68 -12.63
CA HIS A 85 -6.80 -3.43 -12.84
C HIS A 85 -6.57 -1.98 -13.24
N CYS A 86 -5.57 -1.34 -12.61
CA CYS A 86 -5.25 0.06 -12.89
C CYS A 86 -3.94 0.45 -12.20
N GLY A 87 -3.23 1.41 -12.79
CA GLY A 87 -1.97 1.88 -12.22
C GLY A 87 -2.18 2.49 -10.84
N TRP A 88 -3.25 3.28 -10.70
CA TRP A 88 -3.57 3.94 -9.43
C TRP A 88 -5.06 3.70 -9.07
N PRO A 89 -5.43 2.50 -8.63
CA PRO A 89 -6.84 2.16 -8.28
C PRO A 89 -7.25 2.63 -6.89
N SER A 90 -8.56 2.64 -6.62
CA SER A 90 -9.08 3.06 -5.31
C SER A 90 -9.63 1.85 -4.57
N PHE A 91 -9.53 1.89 -3.24
CA PHE A 91 -10.01 0.79 -2.40
C PHE A 91 -10.82 1.35 -1.24
N PHE A 92 -11.47 0.45 -0.50
CA PHE A 92 -12.25 0.83 0.67
C PHE A 92 -11.46 0.43 1.93
N SER A 93 -12.14 0.36 3.08
CA SER A 93 -11.46 0.02 4.34
C SER A 93 -10.54 -1.23 4.18
N PRO A 94 -9.32 -1.20 4.72
CA PRO A 94 -8.36 -2.36 4.62
C PRO A 94 -8.80 -3.53 5.51
N LEU A 95 -8.08 -4.67 5.43
CA LEU A 95 -8.41 -5.87 6.22
C LEU A 95 -8.97 -5.50 7.60
N ALA A 96 -8.15 -4.83 8.43
CA ALA A 96 -8.58 -4.45 9.77
C ALA A 96 -7.87 -3.20 10.30
N GLY A 97 -7.00 -2.60 9.48
CA GLY A 97 -6.25 -1.41 9.90
C GLY A 97 -5.06 -1.79 10.78
N ASP A 98 -4.86 -3.10 11.00
CA ASP A 98 -3.77 -3.60 11.81
C ASP A 98 -2.50 -3.75 10.97
N LYS A 99 -2.70 -3.94 9.66
CA LYS A 99 -1.57 -4.11 8.75
C LYS A 99 -1.19 -2.77 8.11
N VAL A 100 -2.06 -1.75 8.25
CA VAL A 100 -1.80 -0.41 7.71
C VAL A 100 -2.21 0.66 8.72
N ILE A 101 -1.52 1.80 8.69
CA ILE A 101 -1.83 2.91 9.58
C ILE A 101 -2.12 4.18 8.75
N GLU A 102 -3.21 4.85 9.10
CA GLU A 102 -3.63 6.08 8.41
C GLU A 102 -3.36 7.28 9.32
N ARG A 103 -2.60 8.24 8.81
CA ARG A 103 -2.26 9.44 9.58
C ARG A 103 -2.39 10.67 8.70
N THR A 104 -2.68 11.83 9.30
CA THR A 104 -2.83 13.07 8.54
C THR A 104 -1.58 13.95 8.69
N ASP A 105 -1.29 14.73 7.64
CA ASP A 105 -0.13 15.62 7.65
C ASP A 105 -0.56 17.05 7.33
N THR A 106 -0.34 17.95 8.30
CA THR A 106 -0.69 19.35 8.12
C THR A 106 0.45 20.08 7.42
N SER A 107 0.61 19.77 6.14
CA SER A 107 1.65 20.38 5.32
C SER A 107 1.39 21.87 5.14
N HIS A 108 0.11 22.24 5.01
CA HIS A 108 -0.28 23.63 4.82
C HIS A 108 -1.66 23.86 5.48
N GLY A 109 -2.43 24.85 5.00
CA GLY A 109 -3.75 25.12 5.57
C GLY A 109 -4.65 23.88 5.48
N MET A 110 -4.34 22.97 4.55
CA MET A 110 -5.09 21.73 4.39
C MET A 110 -4.20 20.54 4.73
N VAL A 111 -4.83 19.44 5.18
CA VAL A 111 -4.08 18.24 5.55
C VAL A 111 -4.41 17.08 4.60
N ARG A 112 -3.51 16.09 4.57
CA ARG A 112 -3.69 14.91 3.73
C ARG A 112 -3.46 13.65 4.55
N THR A 113 -4.27 12.63 4.33
CA THR A 113 -4.13 11.38 5.07
C THR A 113 -3.19 10.44 4.32
N GLU A 114 -2.00 10.27 4.87
CA GLU A 114 -1.00 9.38 4.28
C GLU A 114 -1.23 7.96 4.75
N VAL A 115 -1.09 7.02 3.83
CA VAL A 115 -1.27 5.61 4.14
C VAL A 115 0.10 4.96 4.32
N ILE A 116 0.29 4.34 5.47
CA ILE A 116 1.54 3.66 5.78
C ILE A 116 1.25 2.23 6.23
N CYS A 117 2.27 1.40 6.14
CA CYS A 117 2.16 0.01 6.54
C CYS A 117 2.40 -0.08 8.05
N ALA A 118 1.54 -0.82 8.74
CA ALA A 118 1.65 -0.95 10.20
C ALA A 118 3.01 -1.52 10.61
N ASN A 119 3.68 -2.23 9.70
CA ASN A 119 4.98 -2.83 9.99
C ASN A 119 6.15 -2.01 9.43
N CYS A 120 5.88 -1.20 8.39
CA CYS A 120 6.95 -0.38 7.80
C CYS A 120 6.38 0.96 7.32
N GLU A 121 7.27 1.93 7.10
CA GLU A 121 6.85 3.26 6.68
C GLU A 121 6.46 3.28 5.20
N SER A 122 5.35 2.62 4.88
CA SER A 122 4.86 2.58 3.50
C SER A 122 4.04 3.84 3.22
N HIS A 123 4.66 5.00 3.46
CA HIS A 123 4.02 6.30 3.21
C HIS A 123 4.02 6.64 1.71
N LEU A 124 4.14 5.62 0.86
CA LEU A 124 4.16 5.79 -0.58
C LEU A 124 2.76 6.10 -1.13
N GLY A 125 1.73 5.72 -0.38
CA GLY A 125 0.35 5.94 -0.80
C GLY A 125 -0.40 6.87 0.15
N HIS A 126 -1.54 7.37 -0.34
CA HIS A 126 -2.40 8.27 0.43
C HIS A 126 -3.86 7.86 0.27
N VAL A 127 -4.69 8.26 1.22
CA VAL A 127 -6.12 7.94 1.20
C VAL A 127 -6.95 9.21 1.36
N PHE A 128 -8.02 9.31 0.58
CA PHE A 128 -8.90 10.49 0.62
C PHE A 128 -10.29 10.15 1.15
N ALA A 129 -10.81 11.02 2.02
CA ALA A 129 -12.14 10.82 2.59
C ALA A 129 -13.14 11.78 1.95
N GLY A 130 -14.43 11.43 2.04
CA GLY A 130 -15.49 12.26 1.46
C GLY A 130 -15.52 12.16 -0.07
N GLU A 131 -15.08 11.01 -0.59
CA GLU A 131 -15.03 10.79 -2.03
C GLU A 131 -16.44 10.59 -2.61
N GLY A 132 -17.37 10.09 -1.78
CA GLY A 132 -18.75 9.87 -2.22
C GLY A 132 -18.93 8.54 -2.96
N TYR A 133 -18.21 7.51 -2.52
CA TYR A 133 -18.31 6.18 -3.15
C TYR A 133 -19.43 5.33 -2.51
N ASP A 134 -20.28 5.97 -1.71
CA ASP A 134 -21.39 5.27 -1.07
C ASP A 134 -20.89 4.07 -0.24
N THR A 135 -19.93 4.33 0.64
CA THR A 135 -19.37 3.31 1.52
C THR A 135 -19.36 3.79 2.97
N PRO A 136 -19.28 2.86 3.93
CA PRO A 136 -19.27 3.20 5.39
C PRO A 136 -18.06 4.06 5.78
N THR A 137 -16.98 3.94 5.01
CA THR A 137 -15.76 4.70 5.29
C THR A 137 -15.60 5.87 4.30
N ASP A 138 -16.16 5.69 3.09
CA ASP A 138 -16.10 6.71 2.05
C ASP A 138 -14.64 7.15 1.84
N LEU A 139 -13.74 6.16 1.77
CA LEU A 139 -12.32 6.42 1.58
C LEU A 139 -11.86 6.02 0.19
N ARG A 140 -10.84 6.72 -0.29
CA ARG A 140 -10.27 6.45 -1.62
C ARG A 140 -8.77 6.22 -1.48
N TYR A 141 -8.39 5.00 -1.09
CA TYR A 141 -6.99 4.64 -0.91
C TYR A 141 -6.31 4.49 -2.27
N CYS A 142 -5.25 5.26 -2.50
CA CYS A 142 -4.51 5.15 -3.77
C CYS A 142 -3.12 4.57 -3.50
N ILE A 143 -3.06 3.23 -3.50
CA ILE A 143 -1.79 2.52 -3.27
C ILE A 143 -1.60 1.48 -4.39
N ASN A 144 -0.80 0.42 -4.16
CA ASN A 144 -0.59 -0.63 -5.17
C ASN A 144 -0.08 -0.03 -6.48
N SER A 145 0.92 0.85 -6.38
CA SER A 145 1.48 1.51 -7.57
C SER A 145 2.98 1.29 -7.75
N VAL A 146 3.67 0.68 -6.75
CA VAL A 146 5.12 0.46 -6.86
C VAL A 146 5.50 -1.04 -6.78
N CYS A 147 4.78 -1.88 -7.53
CA CYS A 147 5.06 -3.32 -7.57
C CYS A 147 4.81 -4.00 -6.21
N LEU A 148 3.56 -3.96 -5.78
CA LEU A 148 3.15 -4.59 -4.51
C LEU A 148 2.86 -6.07 -4.80
N THR A 149 3.00 -6.91 -3.77
CA THR A 149 2.81 -8.36 -3.95
C THR A 149 1.35 -8.77 -3.76
N LEU A 150 0.84 -9.55 -4.71
CA LEU A 150 -0.54 -10.03 -4.67
C LEU A 150 -0.57 -11.48 -4.20
N ILE A 151 -1.42 -11.72 -3.21
CA ILE A 151 -1.58 -13.07 -2.65
C ILE A 151 -2.82 -13.73 -3.28
N PRO A 152 -2.67 -14.83 -4.01
CA PRO A 152 -3.83 -15.51 -4.64
C PRO A 152 -4.65 -16.27 -3.60
N ALA A 153 -5.77 -15.68 -3.22
CA ALA A 153 -6.64 -16.25 -2.20
C ALA A 153 -7.14 -17.64 -2.61
N GLU A 154 -7.62 -17.75 -3.85
CA GLU A 154 -8.13 -19.03 -4.36
C GLU A 154 -8.55 -18.88 -5.83
N GLU A 155 -9.64 -18.15 -6.08
CA GLU A 155 -10.16 -17.94 -7.43
C GLU A 155 -10.30 -19.27 -8.18
N SER A 156 -10.93 -20.23 -7.49
CA SER A 156 -11.15 -21.56 -8.05
C SER A 156 -12.47 -21.61 -8.82
ZN ZN B . 4.97 -3.31 4.90
N MET A 21 9.20 -9.96 12.33
CA MET A 21 7.95 -9.19 12.57
C MET A 21 7.97 -8.57 13.98
N THR A 22 9.15 -8.11 14.39
CA THR A 22 9.31 -7.49 15.71
C THR A 22 9.61 -6.01 15.58
N ASN A 23 10.75 -5.68 14.95
CA ASN A 23 11.14 -4.29 14.75
C ASN A 23 11.97 -4.15 13.48
N PHE A 24 11.37 -3.52 12.46
CA PHE A 24 12.04 -3.32 11.18
C PHE A 24 12.98 -2.09 11.20
N LYS A 25 12.87 -1.28 12.24
CA LYS A 25 13.66 -0.05 12.37
C LYS A 25 15.15 -0.37 12.49
N LEU A 26 15.46 -1.45 13.21
CA LEU A 26 16.84 -1.88 13.43
C LEU A 26 17.49 -2.42 12.15
N ILE A 27 16.67 -2.71 11.14
CA ILE A 27 17.19 -3.23 9.87
C ILE A 27 18.14 -2.22 9.24
N THR A 28 19.21 -2.73 8.65
CA THR A 28 20.22 -1.90 8.00
C THR A 28 19.78 -1.56 6.59
N ASP A 29 20.45 -0.57 5.99
CA ASP A 29 20.12 -0.14 4.64
C ASP A 29 20.38 -1.26 3.64
N THR A 30 21.46 -2.01 3.84
CA THR A 30 21.82 -3.11 2.95
C THR A 30 20.74 -4.18 2.98
N GLU A 31 20.26 -4.51 4.18
CA GLU A 31 19.24 -5.54 4.34
C GLU A 31 17.97 -5.16 3.58
N TRP A 32 17.60 -3.89 3.62
CA TRP A 32 16.41 -3.43 2.91
C TRP A 32 16.58 -3.62 1.41
N ARG A 33 17.80 -3.34 0.91
CA ARG A 33 18.08 -3.48 -0.52
C ARG A 33 17.95 -4.93 -0.98
N GLN A 34 18.43 -5.85 -0.13
CA GLN A 34 18.37 -7.29 -0.43
C GLN A 34 17.07 -7.92 0.10
N ARG A 35 16.13 -7.09 0.58
CA ARG A 35 14.86 -7.57 1.11
C ARG A 35 13.72 -7.31 0.12
N LEU A 36 13.77 -6.16 -0.52
CA LEU A 36 12.72 -5.74 -1.46
C LEU A 36 13.30 -5.04 -2.69
N SER A 37 12.42 -4.67 -3.61
CA SER A 37 12.82 -4.00 -4.85
C SER A 37 13.54 -2.70 -4.56
N SER A 38 14.39 -2.29 -5.50
CA SER A 38 15.13 -1.04 -5.35
C SER A 38 14.16 0.13 -5.22
N GLU A 39 13.08 0.07 -5.99
CA GLU A 39 12.05 1.10 -5.94
C GLU A 39 11.35 1.08 -4.57
N GLU A 40 11.05 -0.12 -4.05
CA GLU A 40 10.42 -0.25 -2.74
C GLU A 40 11.30 0.35 -1.64
N TYR A 41 12.62 0.21 -1.80
CA TYR A 41 13.57 0.72 -0.82
C TYR A 41 13.42 2.24 -0.63
N ARG A 42 13.46 3.00 -1.73
CA ARG A 42 13.33 4.46 -1.65
C ARG A 42 11.91 4.90 -1.36
N VAL A 43 10.96 4.20 -1.98
CA VAL A 43 9.54 4.51 -1.83
C VAL A 43 9.10 4.34 -0.38
N LEU A 44 9.46 3.22 0.24
CA LEU A 44 9.10 2.94 1.62
C LEU A 44 9.89 3.83 2.59
N ARG A 45 11.15 4.09 2.25
CA ARG A 45 12.02 4.88 3.13
C ARG A 45 11.53 6.33 3.30
N GLU A 46 11.24 7.01 2.19
CA GLU A 46 10.83 8.42 2.25
C GLU A 46 9.64 8.76 1.35
N ALA A 47 8.85 7.77 0.94
CA ALA A 47 7.71 8.03 0.06
C ALA A 47 8.21 8.66 -1.25
N GLY A 48 9.24 8.03 -1.81
CA GLY A 48 9.86 8.52 -3.04
C GLY A 48 8.88 8.60 -4.21
N THR A 49 8.02 7.59 -4.35
CA THR A 49 7.04 7.57 -5.46
C THR A 49 6.23 6.26 -5.44
N GLU A 50 5.44 6.04 -6.49
CA GLU A 50 4.62 4.83 -6.60
C GLU A 50 4.37 4.49 -8.08
N ALA A 51 5.45 4.18 -8.80
CA ALA A 51 5.36 3.86 -10.22
C ALA A 51 5.37 2.33 -10.45
N PRO A 52 4.28 1.76 -10.95
CA PRO A 52 4.21 0.28 -11.25
C PRO A 52 4.96 -0.07 -12.53
N HIS A 53 4.80 -1.32 -12.99
CA HIS A 53 5.48 -1.79 -14.20
C HIS A 53 7.00 -1.71 -14.06
N THR A 54 7.48 -2.04 -12.86
CA THR A 54 8.93 -2.03 -12.58
C THR A 54 9.47 -3.46 -12.38
N GLY A 55 8.71 -4.46 -12.84
CA GLY A 55 9.10 -5.85 -12.73
C GLY A 55 8.13 -6.72 -13.49
N GLU A 56 8.66 -7.59 -14.35
CA GLU A 56 7.84 -8.47 -15.17
C GLU A 56 7.08 -9.50 -14.30
N TYR A 57 7.67 -9.84 -13.16
CA TYR A 57 7.05 -10.80 -12.23
C TYR A 57 5.91 -10.15 -11.43
N THR A 58 5.80 -8.81 -11.49
CA THR A 58 4.77 -8.08 -10.77
C THR A 58 3.39 -8.50 -11.27
N ASN A 59 3.25 -8.62 -12.59
CA ASN A 59 1.98 -9.00 -13.21
C ASN A 59 1.52 -10.37 -12.71
N THR A 60 0.26 -10.44 -12.29
CA THR A 60 -0.33 -11.68 -11.79
C THR A 60 -1.67 -11.94 -12.46
N THR A 61 -2.12 -13.19 -12.44
CA THR A 61 -3.40 -13.57 -13.04
C THR A 61 -4.41 -14.05 -11.98
N THR A 62 -4.16 -13.70 -10.72
CA THR A 62 -5.05 -14.08 -9.62
C THR A 62 -5.47 -12.86 -8.82
N GLU A 63 -6.71 -12.87 -8.33
CA GLU A 63 -7.24 -11.78 -7.54
C GLU A 63 -7.40 -12.28 -6.11
N GLY A 64 -6.53 -11.83 -5.22
CA GLY A 64 -6.57 -12.28 -3.83
C GLY A 64 -6.39 -11.15 -2.84
N ILE A 65 -5.35 -11.28 -2.02
CA ILE A 65 -5.06 -10.30 -0.97
C ILE A 65 -3.71 -9.62 -1.21
N TYR A 66 -3.73 -8.30 -1.08
CA TYR A 66 -2.52 -7.49 -1.25
C TYR A 66 -1.56 -7.74 -0.10
N SER A 67 -0.27 -7.90 -0.43
CA SER A 67 0.75 -8.12 0.59
C SER A 67 1.99 -7.27 0.33
N CYS A 68 2.37 -6.49 1.34
CA CYS A 68 3.54 -5.60 1.27
C CYS A 68 4.76 -6.39 0.82
N ARG A 69 5.43 -5.88 -0.21
CA ARG A 69 6.63 -6.55 -0.71
C ARG A 69 7.71 -6.62 0.38
N ALA A 70 7.76 -5.55 1.18
CA ALA A 70 8.76 -5.43 2.26
C ALA A 70 8.64 -6.51 3.33
N CYS A 71 7.43 -6.70 3.86
CA CYS A 71 7.19 -7.66 4.94
C CYS A 71 6.20 -8.75 4.55
N GLY A 72 5.19 -8.39 3.77
CA GLY A 72 4.18 -9.35 3.34
C GLY A 72 2.88 -9.19 4.13
N THR A 73 2.66 -8.01 4.72
CA THR A 73 1.45 -7.75 5.51
C THR A 73 0.24 -7.67 4.60
N GLU A 74 -0.90 -8.20 5.07
CA GLU A 74 -2.14 -8.14 4.29
C GLU A 74 -2.68 -6.70 4.35
N LEU A 75 -2.00 -5.83 3.62
CA LEU A 75 -2.32 -4.40 3.61
C LEU A 75 -3.74 -4.17 3.10
N PHE A 76 -4.13 -4.91 2.07
CA PHE A 76 -5.46 -4.76 1.47
C PHE A 76 -5.96 -6.09 0.90
N ARG A 77 -7.25 -6.13 0.57
CA ARG A 77 -7.84 -7.33 -0.02
C ARG A 77 -8.91 -6.94 -1.05
N SER A 78 -9.20 -7.88 -1.94
CA SER A 78 -10.16 -7.66 -3.02
C SER A 78 -11.55 -7.23 -2.52
N THR A 79 -11.91 -7.62 -1.30
CA THR A 79 -13.24 -7.28 -0.77
C THR A 79 -13.49 -5.77 -0.75
N GLU A 80 -12.43 -4.98 -0.57
CA GLU A 80 -12.55 -3.52 -0.54
C GLU A 80 -11.77 -2.85 -1.69
N LYS A 81 -11.51 -3.63 -2.75
CA LYS A 81 -10.78 -3.11 -3.91
C LYS A 81 -11.71 -2.88 -5.09
N PHE A 82 -11.76 -1.62 -5.55
CA PHE A 82 -12.60 -1.24 -6.69
C PHE A 82 -11.84 -0.29 -7.60
N ASN A 83 -12.15 -0.33 -8.90
CA ASN A 83 -11.49 0.54 -9.87
C ASN A 83 -12.36 1.76 -10.18
N SER A 84 -11.87 2.94 -9.78
CA SER A 84 -12.61 4.18 -10.01
C SER A 84 -11.87 5.06 -11.03
N HIS A 85 -10.54 5.07 -10.96
CA HIS A 85 -9.73 5.88 -11.87
C HIS A 85 -8.52 5.09 -12.37
N CYS A 86 -8.05 5.44 -13.57
CA CYS A 86 -6.90 4.76 -14.17
C CYS A 86 -5.59 5.31 -13.61
N GLY A 87 -4.60 4.42 -13.48
CA GLY A 87 -3.28 4.81 -12.96
C GLY A 87 -3.26 4.70 -11.44
N TRP A 88 -4.18 5.41 -10.79
CA TRP A 88 -4.28 5.41 -9.34
C TRP A 88 -5.72 5.07 -8.90
N PRO A 89 -6.12 3.79 -8.90
CA PRO A 89 -7.51 3.39 -8.50
C PRO A 89 -7.76 3.61 -7.00
N SER A 90 -9.02 3.90 -6.67
CA SER A 90 -9.40 4.14 -5.28
C SER A 90 -9.79 2.83 -4.59
N PHE A 91 -9.43 2.72 -3.32
CA PHE A 91 -9.75 1.53 -2.52
C PHE A 91 -10.58 1.96 -1.31
N PHE A 92 -11.03 0.98 -0.52
CA PHE A 92 -11.83 1.27 0.68
C PHE A 92 -11.06 0.84 1.93
N SER A 93 -11.76 0.72 3.07
CA SER A 93 -11.13 0.35 4.33
C SER A 93 -10.22 -0.89 4.18
N PRO A 94 -9.04 -0.91 4.81
CA PRO A 94 -8.10 -2.08 4.71
C PRO A 94 -8.66 -3.31 5.42
N LEU A 95 -7.85 -4.37 5.51
CA LEU A 95 -8.29 -5.61 6.16
C LEU A 95 -8.92 -5.32 7.52
N ALA A 96 -8.12 -4.76 8.43
CA ALA A 96 -8.61 -4.43 9.77
C ALA A 96 -7.90 -3.22 10.38
N GLY A 97 -7.10 -2.50 9.57
CA GLY A 97 -6.35 -1.34 10.05
C GLY A 97 -5.19 -1.77 10.96
N ASP A 98 -4.91 -3.08 10.99
CA ASP A 98 -3.83 -3.62 11.81
C ASP A 98 -2.56 -3.77 10.98
N LYS A 99 -2.72 -3.98 9.68
CA LYS A 99 -1.58 -4.14 8.78
C LYS A 99 -1.15 -2.80 8.19
N VAL A 100 -2.02 -1.78 8.31
CA VAL A 100 -1.73 -0.44 7.79
C VAL A 100 -2.19 0.64 8.78
N ILE A 101 -1.47 1.76 8.82
CA ILE A 101 -1.82 2.88 9.69
C ILE A 101 -2.02 4.15 8.85
N GLU A 102 -3.09 4.88 9.15
CA GLU A 102 -3.41 6.11 8.45
C GLU A 102 -3.60 7.26 9.45
N ARG A 103 -2.88 8.36 9.20
CA ARG A 103 -2.95 9.54 10.09
C ARG A 103 -2.83 10.82 9.25
N THR A 104 -3.38 11.91 9.79
CA THR A 104 -3.36 13.20 9.09
C THR A 104 -2.07 13.99 9.38
N ASP A 105 -1.62 14.75 8.39
CA ASP A 105 -0.40 15.55 8.53
C ASP A 105 -0.65 16.99 8.06
N THR A 106 -0.53 17.94 9.00
CA THR A 106 -0.75 19.34 8.69
C THR A 106 0.46 19.94 7.98
N SER A 107 0.62 19.52 6.73
CA SER A 107 1.71 20.02 5.90
C SER A 107 1.35 21.38 5.33
N HIS A 108 2.28 22.34 5.45
CA HIS A 108 2.07 23.70 4.95
C HIS A 108 0.87 24.37 5.65
N GLY A 109 -0.36 24.10 5.18
CA GLY A 109 -1.55 24.69 5.79
C GLY A 109 -2.67 23.65 5.94
N MET A 110 -2.97 22.95 4.85
CA MET A 110 -4.00 21.92 4.86
C MET A 110 -3.42 20.62 5.37
N VAL A 111 -4.29 19.65 5.66
CA VAL A 111 -3.85 18.36 6.17
C VAL A 111 -4.14 17.24 5.16
N ARG A 112 -3.31 16.20 5.20
CA ARG A 112 -3.48 15.05 4.32
C ARG A 112 -3.30 13.77 5.12
N THR A 113 -4.08 12.74 4.80
CA THR A 113 -3.98 11.47 5.51
C THR A 113 -2.97 10.58 4.80
N GLU A 114 -1.87 10.30 5.48
CA GLU A 114 -0.81 9.46 4.93
C GLU A 114 -1.05 8.00 5.28
N VAL A 115 -1.08 7.15 4.27
CA VAL A 115 -1.28 5.72 4.49
C VAL A 115 0.09 5.05 4.57
N ILE A 116 0.31 4.37 5.69
CA ILE A 116 1.57 3.67 5.95
C ILE A 116 1.31 2.25 6.39
N CYS A 117 2.31 1.40 6.26
CA CYS A 117 2.21 0.01 6.69
C CYS A 117 2.38 -0.02 8.21
N ALA A 118 1.55 -0.80 8.89
CA ALA A 118 1.59 -0.88 10.35
C ALA A 118 2.96 -1.34 10.87
N ASN A 119 3.76 -1.97 10.00
CA ASN A 119 5.08 -2.46 10.41
C ASN A 119 6.20 -1.61 9.83
N CYS A 120 6.00 -1.12 8.62
CA CYS A 120 7.02 -0.29 7.95
C CYS A 120 6.41 1.02 7.44
N GLU A 121 7.28 1.98 7.12
CA GLU A 121 6.82 3.30 6.68
C GLU A 121 6.41 3.31 5.20
N SER A 122 5.30 2.64 4.90
CA SER A 122 4.77 2.61 3.53
C SER A 122 3.93 3.86 3.28
N HIS A 123 4.57 5.01 3.52
CA HIS A 123 3.93 6.33 3.32
C HIS A 123 3.86 6.70 1.83
N LEU A 124 3.99 5.70 0.95
CA LEU A 124 3.93 5.93 -0.49
C LEU A 124 2.51 6.27 -0.95
N GLY A 125 1.51 5.92 -0.13
CA GLY A 125 0.12 6.17 -0.47
C GLY A 125 -0.58 7.15 0.49
N HIS A 126 -1.63 7.80 -0.03
CA HIS A 126 -2.44 8.75 0.75
C HIS A 126 -3.91 8.36 0.62
N VAL A 127 -4.74 8.81 1.58
CA VAL A 127 -6.17 8.48 1.54
C VAL A 127 -7.03 9.73 1.79
N PHE A 128 -8.16 9.80 1.11
CA PHE A 128 -9.09 10.93 1.25
C PHE A 128 -10.51 10.42 1.49
N ALA A 129 -11.27 11.16 2.30
CA ALA A 129 -12.65 10.77 2.61
C ALA A 129 -13.64 11.54 1.73
N GLY A 130 -14.91 11.15 1.81
CA GLY A 130 -15.96 11.80 1.03
C GLY A 130 -15.90 11.39 -0.45
N GLU A 131 -15.60 10.12 -0.71
CA GLU A 131 -15.51 9.62 -2.09
C GLU A 131 -16.91 9.55 -2.72
N GLY A 132 -17.94 9.33 -1.89
CA GLY A 132 -19.32 9.26 -2.38
C GLY A 132 -19.59 7.96 -3.16
N TYR A 133 -18.84 6.91 -2.85
CA TYR A 133 -19.02 5.61 -3.53
C TYR A 133 -20.02 4.73 -2.77
N ASP A 134 -20.77 5.32 -1.83
CA ASP A 134 -21.76 4.58 -1.05
C ASP A 134 -21.07 3.48 -0.23
N THR A 135 -20.01 3.87 0.49
CA THR A 135 -19.27 2.95 1.34
C THR A 135 -19.34 3.40 2.80
N PRO A 136 -19.12 2.50 3.75
CA PRO A 136 -19.17 2.82 5.22
C PRO A 136 -18.06 3.80 5.64
N THR A 137 -16.96 3.82 4.88
CA THR A 137 -15.83 4.71 5.19
C THR A 137 -15.74 5.86 4.19
N ASP A 138 -16.27 5.65 2.99
CA ASP A 138 -16.24 6.67 1.93
C ASP A 138 -14.80 7.15 1.71
N LEU A 139 -13.85 6.21 1.76
CA LEU A 139 -12.43 6.52 1.56
C LEU A 139 -12.01 6.19 0.14
N ARG A 140 -11.10 7.01 -0.39
CA ARG A 140 -10.59 6.82 -1.75
C ARG A 140 -9.06 6.74 -1.74
N TYR A 141 -8.53 5.67 -1.14
CA TYR A 141 -7.08 5.47 -1.07
C TYR A 141 -6.45 5.65 -2.45
N CYS A 142 -5.56 6.63 -2.57
CA CYS A 142 -4.88 6.89 -3.83
C CYS A 142 -3.50 6.28 -3.73
N ILE A 143 -3.39 5.01 -4.10
CA ILE A 143 -2.13 4.29 -4.00
C ILE A 143 -1.90 3.46 -5.25
N ASN A 144 -0.64 3.35 -5.64
CA ASN A 144 -0.27 2.56 -6.83
C ASN A 144 0.49 1.32 -6.40
N SER A 145 0.57 0.34 -7.31
CA SER A 145 1.27 -0.90 -7.01
C SER A 145 2.72 -0.83 -7.48
N VAL A 146 3.60 -0.37 -6.59
CA VAL A 146 5.03 -0.27 -6.89
C VAL A 146 5.69 -1.66 -6.74
N CYS A 147 5.09 -2.66 -7.42
CA CYS A 147 5.58 -4.04 -7.35
C CYS A 147 5.24 -4.64 -5.97
N LEU A 148 3.93 -4.68 -5.68
CA LEU A 148 3.42 -5.21 -4.43
C LEU A 148 3.20 -6.72 -4.61
N THR A 149 3.29 -7.47 -3.52
CA THR A 149 3.16 -8.93 -3.58
C THR A 149 1.69 -9.36 -3.46
N LEU A 150 1.30 -10.31 -4.32
CA LEU A 150 -0.05 -10.84 -4.32
C LEU A 150 -0.12 -12.15 -3.56
N ILE A 151 -1.23 -12.31 -2.84
CA ILE A 151 -1.52 -13.54 -2.14
C ILE A 151 -2.69 -14.20 -2.89
N PRO A 152 -2.46 -15.29 -3.63
CA PRO A 152 -3.54 -15.96 -4.41
C PRO A 152 -4.57 -16.52 -3.46
N ALA A 153 -5.63 -15.74 -3.26
CA ALA A 153 -6.68 -16.14 -2.34
C ALA A 153 -7.34 -17.46 -2.76
N GLU A 154 -8.05 -17.45 -3.89
CA GLU A 154 -8.72 -18.64 -4.39
C GLU A 154 -9.39 -18.37 -5.74
N GLU A 155 -10.33 -17.42 -5.76
CA GLU A 155 -11.06 -17.07 -6.97
C GLU A 155 -11.72 -18.29 -7.59
N SER A 156 -12.44 -19.03 -6.74
CA SER A 156 -13.15 -20.24 -7.17
C SER A 156 -14.24 -19.89 -8.17
ZN ZN B . 4.92 -3.36 4.97
N MET A 21 6.31 -11.40 16.84
CA MET A 21 6.43 -10.12 16.08
C MET A 21 7.89 -9.70 16.04
N THR A 22 8.27 -8.96 14.99
CA THR A 22 9.65 -8.49 14.83
C THR A 22 9.68 -7.00 14.54
N ASN A 23 10.82 -6.38 14.82
CA ASN A 23 11.01 -4.95 14.60
C ASN A 23 11.80 -4.70 13.32
N PHE A 24 11.13 -4.12 12.31
CA PHE A 24 11.78 -3.83 11.03
C PHE A 24 12.64 -2.55 11.10
N LYS A 25 12.48 -1.79 12.18
CA LYS A 25 13.22 -0.54 12.37
C LYS A 25 14.72 -0.82 12.53
N LEU A 26 15.03 -1.91 13.21
CA LEU A 26 16.42 -2.30 13.48
C LEU A 26 17.15 -2.73 12.20
N ILE A 27 16.39 -3.06 11.15
CA ILE A 27 16.97 -3.50 9.89
C ILE A 27 17.93 -2.43 9.36
N THR A 28 19.01 -2.89 8.73
CA THR A 28 20.02 -2.00 8.16
C THR A 28 19.66 -1.62 6.74
N ASP A 29 20.33 -0.60 6.22
CA ASP A 29 20.07 -0.13 4.86
C ASP A 29 20.37 -1.22 3.84
N THR A 30 21.46 -1.96 4.07
CA THR A 30 21.85 -3.04 3.16
C THR A 30 20.77 -4.11 3.13
N GLU A 31 20.27 -4.49 4.31
CA GLU A 31 19.24 -5.52 4.40
C GLU A 31 17.99 -5.09 3.64
N TRP A 32 17.64 -3.81 3.73
CA TRP A 32 16.47 -3.29 3.03
C TRP A 32 16.67 -3.41 1.51
N ARG A 33 17.89 -3.14 1.05
CA ARG A 33 18.20 -3.21 -0.39
C ARG A 33 18.07 -4.64 -0.91
N GLN A 34 18.54 -5.59 -0.10
CA GLN A 34 18.47 -7.02 -0.47
C GLN A 34 17.15 -7.66 0.00
N ARG A 35 16.22 -6.84 0.50
CA ARG A 35 14.92 -7.32 0.99
C ARG A 35 13.82 -7.04 -0.01
N LEU A 36 13.87 -5.85 -0.62
CA LEU A 36 12.83 -5.41 -1.56
C LEU A 36 13.42 -4.70 -2.78
N SER A 37 12.53 -4.35 -3.71
CA SER A 37 12.92 -3.67 -4.95
C SER A 37 13.61 -2.35 -4.65
N SER A 38 14.46 -1.91 -5.59
CA SER A 38 15.18 -0.66 -5.43
C SER A 38 14.19 0.49 -5.28
N GLU A 39 13.14 0.45 -6.07
CA GLU A 39 12.10 1.46 -6.01
C GLU A 39 11.38 1.41 -4.67
N GLU A 40 11.09 0.20 -4.20
CA GLU A 40 10.41 -0.02 -2.92
C GLU A 40 11.26 0.55 -1.77
N TYR A 41 12.58 0.40 -1.88
CA TYR A 41 13.50 0.87 -0.85
C TYR A 41 13.35 2.38 -0.60
N ARG A 42 13.42 3.18 -1.67
CA ARG A 42 13.29 4.64 -1.54
C ARG A 42 11.85 5.06 -1.25
N VAL A 43 10.92 4.37 -1.89
CA VAL A 43 9.50 4.66 -1.75
C VAL A 43 9.04 4.48 -0.30
N LEU A 44 9.41 3.35 0.32
CA LEU A 44 9.04 3.11 1.72
C LEU A 44 9.81 4.03 2.67
N ARG A 45 11.08 4.28 2.34
CA ARG A 45 11.95 5.08 3.20
C ARG A 45 11.48 6.54 3.34
N GLU A 46 11.20 7.21 2.22
CA GLU A 46 10.82 8.62 2.27
C GLU A 46 9.62 8.96 1.37
N ALA A 47 8.82 7.96 0.98
CA ALA A 47 7.67 8.22 0.10
C ALA A 47 8.17 8.86 -1.20
N GLY A 48 9.20 8.24 -1.78
CA GLY A 48 9.82 8.74 -3.00
C GLY A 48 8.83 8.85 -4.15
N THR A 49 7.98 7.83 -4.34
CA THR A 49 7.00 7.83 -5.43
C THR A 49 6.13 6.58 -5.37
N GLU A 50 5.23 6.44 -6.35
CA GLU A 50 4.34 5.28 -6.43
C GLU A 50 4.13 4.89 -7.91
N ALA A 51 5.23 4.51 -8.56
CA ALA A 51 5.18 4.12 -9.97
C ALA A 51 5.17 2.60 -10.13
N PRO A 52 4.09 2.01 -10.63
CA PRO A 52 4.00 0.54 -10.87
C PRO A 52 4.76 0.12 -12.13
N HIS A 53 4.66 -1.17 -12.48
CA HIS A 53 5.33 -1.70 -13.67
C HIS A 53 6.85 -1.52 -13.59
N THR A 54 7.38 -1.65 -12.37
CA THR A 54 8.84 -1.52 -12.15
C THR A 54 9.49 -2.89 -11.85
N GLY A 55 8.72 -3.98 -12.00
CA GLY A 55 9.23 -5.32 -11.75
C GLY A 55 8.62 -6.29 -12.74
N GLU A 56 9.47 -6.81 -13.63
CA GLU A 56 9.03 -7.76 -14.65
C GLU A 56 8.61 -9.11 -14.04
N TYR A 57 9.14 -9.38 -12.84
CA TYR A 57 8.83 -10.63 -12.13
C TYR A 57 7.46 -10.59 -11.45
N THR A 58 6.74 -9.46 -11.57
CA THR A 58 5.43 -9.33 -10.94
C THR A 58 4.41 -10.22 -11.66
N ASN A 59 3.32 -10.53 -10.96
CA ASN A 59 2.27 -11.38 -11.53
C ASN A 59 0.89 -10.80 -11.23
N THR A 60 -0.03 -10.97 -12.20
CA THR A 60 -1.40 -10.47 -12.04
C THR A 60 -2.39 -11.44 -12.71
N THR A 61 -2.35 -12.69 -12.26
CA THR A 61 -3.23 -13.73 -12.81
C THR A 61 -4.26 -14.21 -11.77
N THR A 62 -4.03 -13.88 -10.49
CA THR A 62 -4.94 -14.29 -9.42
C THR A 62 -5.37 -13.07 -8.61
N GLU A 63 -6.64 -13.05 -8.19
CA GLU A 63 -7.17 -11.96 -7.40
C GLU A 63 -7.42 -12.46 -5.99
N GLY A 64 -6.56 -12.05 -5.06
CA GLY A 64 -6.67 -12.49 -3.68
C GLY A 64 -6.45 -11.36 -2.69
N ILE A 65 -5.30 -11.41 -2.01
CA ILE A 65 -4.98 -10.43 -0.98
C ILE A 65 -3.68 -9.71 -1.30
N TYR A 66 -3.71 -8.39 -1.17
CA TYR A 66 -2.54 -7.56 -1.40
C TYR A 66 -1.56 -7.76 -0.24
N SER A 67 -0.26 -7.83 -0.57
CA SER A 67 0.75 -8.01 0.47
C SER A 67 1.98 -7.14 0.22
N CYS A 68 2.36 -6.37 1.26
CA CYS A 68 3.53 -5.49 1.20
C CYS A 68 4.73 -6.31 0.78
N ARG A 69 5.41 -5.90 -0.28
CA ARG A 69 6.58 -6.63 -0.75
C ARG A 69 7.67 -6.61 0.32
N ALA A 70 7.71 -5.51 1.08
CA ALA A 70 8.72 -5.31 2.13
C ALA A 70 8.63 -6.35 3.25
N CYS A 71 7.42 -6.57 3.77
CA CYS A 71 7.22 -7.50 4.89
C CYS A 71 6.26 -8.64 4.53
N GLY A 72 5.24 -8.32 3.75
CA GLY A 72 4.24 -9.31 3.33
C GLY A 72 2.94 -9.17 4.11
N THR A 73 2.68 -7.96 4.62
CA THR A 73 1.46 -7.70 5.40
C THR A 73 0.25 -7.61 4.49
N GLU A 74 -0.87 -8.18 4.93
CA GLU A 74 -2.11 -8.13 4.15
C GLU A 74 -2.67 -6.70 4.21
N LEU A 75 -2.01 -5.81 3.49
CA LEU A 75 -2.39 -4.39 3.47
C LEU A 75 -3.81 -4.19 2.96
N PHE A 76 -4.18 -4.92 1.91
CA PHE A 76 -5.53 -4.81 1.32
C PHE A 76 -6.04 -6.17 0.85
N ARG A 77 -7.35 -6.26 0.60
CA ARG A 77 -7.96 -7.51 0.15
C ARG A 77 -8.94 -7.25 -1.00
N SER A 78 -9.18 -8.31 -1.77
CA SER A 78 -10.06 -8.25 -2.94
C SER A 78 -11.51 -7.88 -2.61
N THR A 79 -11.95 -8.09 -1.37
CA THR A 79 -13.35 -7.81 -1.02
C THR A 79 -13.68 -6.31 -1.06
N GLU A 80 -12.73 -5.47 -0.67
CA GLU A 80 -12.95 -4.02 -0.69
C GLU A 80 -12.34 -3.38 -1.95
N LYS A 81 -11.49 -4.13 -2.66
CA LYS A 81 -10.86 -3.66 -3.88
C LYS A 81 -11.78 -3.90 -5.08
N PHE A 82 -12.01 -2.85 -5.86
CA PHE A 82 -12.88 -2.95 -7.05
C PHE A 82 -12.21 -2.46 -8.33
N ASN A 83 -11.02 -1.85 -8.23
CA ASN A 83 -10.31 -1.36 -9.40
C ASN A 83 -9.04 -2.18 -9.67
N SER A 84 -8.85 -2.58 -10.94
CA SER A 84 -7.68 -3.37 -11.33
C SER A 84 -7.03 -2.81 -12.59
N HIS A 85 -5.70 -2.94 -12.67
CA HIS A 85 -4.92 -2.48 -13.82
C HIS A 85 -5.30 -1.02 -14.20
N CYS A 86 -5.33 -0.15 -13.18
CA CYS A 86 -5.66 1.26 -13.41
C CYS A 86 -4.64 2.16 -12.73
N GLY A 87 -4.54 3.41 -13.22
CA GLY A 87 -3.60 4.38 -12.66
C GLY A 87 -4.24 5.12 -11.48
N TRP A 88 -3.51 5.20 -10.37
CA TRP A 88 -4.01 5.86 -9.15
C TRP A 88 -5.48 5.44 -8.87
N PRO A 89 -5.77 4.15 -8.76
CA PRO A 89 -7.14 3.63 -8.47
C PRO A 89 -7.57 3.85 -7.02
N SER A 90 -8.88 3.76 -6.78
CA SER A 90 -9.41 3.92 -5.43
C SER A 90 -9.93 2.60 -4.90
N PHE A 91 -9.81 2.41 -3.57
CA PHE A 91 -10.27 1.18 -2.93
C PHE A 91 -10.95 1.54 -1.61
N PHE A 92 -11.69 0.60 -1.04
CA PHE A 92 -12.40 0.85 0.22
C PHE A 92 -11.48 0.49 1.41
N SER A 93 -12.06 0.42 2.60
CA SER A 93 -11.30 0.14 3.82
C SER A 93 -10.38 -1.09 3.66
N PRO A 94 -9.16 -1.08 4.22
CA PRO A 94 -8.22 -2.24 4.13
C PRO A 94 -8.74 -3.43 4.93
N LEU A 95 -7.89 -4.45 5.13
CA LEU A 95 -8.31 -5.65 5.87
C LEU A 95 -8.98 -5.28 7.20
N ALA A 96 -8.22 -4.62 8.08
CA ALA A 96 -8.77 -4.21 9.38
C ALA A 96 -8.06 -3.00 9.98
N GLY A 97 -7.14 -2.39 9.21
CA GLY A 97 -6.39 -1.23 9.70
C GLY A 97 -5.25 -1.64 10.64
N ASP A 98 -5.06 -2.96 10.80
CA ASP A 98 -4.00 -3.49 11.66
C ASP A 98 -2.71 -3.66 10.87
N LYS A 99 -2.86 -3.90 9.57
CA LYS A 99 -1.69 -4.08 8.69
C LYS A 99 -1.26 -2.73 8.10
N VAL A 100 -2.14 -1.73 8.18
CA VAL A 100 -1.86 -0.39 7.66
C VAL A 100 -2.35 0.68 8.64
N ILE A 101 -1.66 1.83 8.65
CA ILE A 101 -2.05 2.94 9.53
C ILE A 101 -2.34 4.20 8.71
N GLU A 102 -3.42 4.87 9.08
CA GLU A 102 -3.83 6.10 8.40
C GLU A 102 -3.71 7.28 9.36
N ARG A 103 -3.00 8.33 8.93
CA ARG A 103 -2.81 9.52 9.76
C ARG A 103 -2.74 10.78 8.89
N THR A 104 -3.09 11.93 9.47
CA THR A 104 -3.08 13.19 8.72
C THR A 104 -1.73 13.89 8.85
N ASP A 105 -1.37 14.64 7.80
CA ASP A 105 -0.11 15.37 7.78
C ASP A 105 -0.33 16.83 7.42
N THR A 106 0.00 17.73 8.36
CA THR A 106 -0.16 19.16 8.14
C THR A 106 1.03 19.71 7.38
N SER A 107 1.09 19.32 6.10
CA SER A 107 2.17 19.75 5.21
C SER A 107 2.14 21.27 5.00
N HIS A 108 0.94 21.83 4.95
CA HIS A 108 0.78 23.27 4.75
C HIS A 108 -0.58 23.74 5.35
N GLY A 109 -1.25 24.72 4.73
CA GLY A 109 -2.53 25.22 5.25
C GLY A 109 -3.58 24.10 5.29
N MET A 110 -3.39 23.07 4.45
CA MET A 110 -4.30 21.94 4.40
C MET A 110 -3.57 20.65 4.78
N VAL A 111 -4.32 19.67 5.29
CA VAL A 111 -3.72 18.39 5.70
C VAL A 111 -4.19 17.25 4.80
N ARG A 112 -3.41 16.16 4.77
CA ARG A 112 -3.75 15.00 3.97
C ARG A 112 -3.54 13.73 4.78
N THR A 113 -4.38 12.72 4.55
CA THR A 113 -4.25 11.47 5.28
C THR A 113 -3.32 10.53 4.52
N GLU A 114 -2.12 10.32 5.09
CA GLU A 114 -1.13 9.45 4.49
C GLU A 114 -1.38 8.02 4.90
N VAL A 115 -1.27 7.11 3.94
CA VAL A 115 -1.45 5.69 4.20
C VAL A 115 -0.08 5.06 4.37
N ILE A 116 0.12 4.42 5.52
CA ILE A 116 1.39 3.77 5.82
C ILE A 116 1.14 2.34 6.28
N CYS A 117 2.17 1.52 6.19
CA CYS A 117 2.09 0.13 6.63
C CYS A 117 2.26 0.10 8.15
N ALA A 118 1.44 -0.69 8.82
CA ALA A 118 1.48 -0.78 10.28
C ALA A 118 2.84 -1.22 10.80
N ASN A 119 3.64 -1.86 9.94
CA ASN A 119 4.96 -2.35 10.34
C ASN A 119 6.09 -1.48 9.79
N CYS A 120 5.88 -0.95 8.59
CA CYS A 120 6.89 -0.10 7.95
C CYS A 120 6.27 1.20 7.45
N GLU A 121 7.12 2.20 7.16
CA GLU A 121 6.63 3.51 6.71
C GLU A 121 6.26 3.51 5.23
N SER A 122 5.16 2.82 4.90
CA SER A 122 4.69 2.77 3.52
C SER A 122 3.83 4.00 3.23
N HIS A 123 4.42 5.16 3.47
CA HIS A 123 3.76 6.46 3.22
C HIS A 123 3.74 6.80 1.73
N LEU A 124 3.90 5.78 0.88
CA LEU A 124 3.90 5.97 -0.57
C LEU A 124 2.51 6.28 -1.11
N GLY A 125 1.48 5.88 -0.35
CA GLY A 125 0.09 6.11 -0.77
C GLY A 125 -0.65 7.07 0.15
N HIS A 126 -1.70 7.68 -0.40
CA HIS A 126 -2.54 8.63 0.35
C HIS A 126 -4.00 8.21 0.26
N VAL A 127 -4.82 8.68 1.22
CA VAL A 127 -6.24 8.35 1.25
C VAL A 127 -7.07 9.59 1.57
N PHE A 128 -8.25 9.68 0.96
CA PHE A 128 -9.15 10.83 1.18
C PHE A 128 -10.50 10.37 1.72
N ALA A 129 -11.08 11.17 2.61
CA ALA A 129 -12.37 10.85 3.23
C ALA A 129 -13.43 11.87 2.85
N GLY A 130 -14.70 11.44 2.87
CA GLY A 130 -15.82 12.32 2.54
C GLY A 130 -15.96 12.52 1.03
N GLU A 131 -15.42 11.57 0.25
CA GLU A 131 -15.50 11.65 -1.21
C GLU A 131 -16.92 11.39 -1.72
N GLY A 132 -17.70 10.60 -0.97
CA GLY A 132 -19.07 10.30 -1.35
C GLY A 132 -19.17 9.05 -2.23
N TYR A 133 -18.46 7.98 -1.84
CA TYR A 133 -18.49 6.72 -2.60
C TYR A 133 -19.59 5.78 -2.11
N ASP A 134 -20.51 6.29 -1.29
CA ASP A 134 -21.62 5.50 -0.78
C ASP A 134 -21.12 4.27 -0.02
N THR A 135 -20.17 4.50 0.89
CA THR A 135 -19.61 3.43 1.71
C THR A 135 -19.54 3.87 3.19
N PRO A 136 -19.48 2.92 4.11
CA PRO A 136 -19.43 3.22 5.57
C PRO A 136 -18.16 3.99 5.97
N THR A 137 -17.11 3.86 5.15
CA THR A 137 -15.83 4.54 5.43
C THR A 137 -15.67 5.80 4.58
N ASP A 138 -16.29 5.80 3.40
CA ASP A 138 -16.20 6.94 2.48
C ASP A 138 -14.73 7.32 2.24
N LEU A 139 -13.88 6.29 2.12
CA LEU A 139 -12.45 6.51 1.88
C LEU A 139 -12.08 6.23 0.43
N ARG A 140 -11.13 7.02 -0.08
CA ARG A 140 -10.65 6.88 -1.44
C ARG A 140 -9.13 6.76 -1.45
N TYR A 141 -8.63 5.56 -1.15
CA TYR A 141 -7.19 5.33 -1.12
C TYR A 141 -6.61 5.50 -2.52
N CYS A 142 -5.84 6.56 -2.71
CA CYS A 142 -5.20 6.83 -3.99
C CYS A 142 -3.77 6.33 -3.90
N ILE A 143 -3.58 5.05 -4.25
CA ILE A 143 -2.27 4.43 -4.14
C ILE A 143 -2.00 3.53 -5.35
N ASN A 144 -0.73 3.43 -5.74
CA ASN A 144 -0.34 2.59 -6.87
C ASN A 144 0.54 1.45 -6.38
N SER A 145 0.52 0.35 -7.12
CA SER A 145 1.30 -0.81 -6.77
C SER A 145 2.73 -0.70 -7.30
N VAL A 146 3.62 -0.18 -6.46
CA VAL A 146 5.04 -0.03 -6.82
C VAL A 146 5.73 -1.40 -6.70
N CYS A 147 5.15 -2.42 -7.38
CA CYS A 147 5.65 -3.79 -7.33
C CYS A 147 5.29 -4.42 -5.97
N LEU A 148 3.99 -4.47 -5.71
CA LEU A 148 3.45 -5.05 -4.48
C LEU A 148 3.23 -6.55 -4.71
N THR A 149 3.27 -7.33 -3.63
CA THR A 149 3.12 -8.79 -3.73
C THR A 149 1.64 -9.20 -3.65
N LEU A 150 1.23 -10.05 -4.59
CA LEU A 150 -0.15 -10.53 -4.65
C LEU A 150 -0.24 -11.94 -4.08
N ILE A 151 -1.17 -12.11 -3.15
CA ILE A 151 -1.38 -13.39 -2.49
C ILE A 151 -2.60 -14.12 -3.11
N PRO A 152 -2.44 -15.36 -3.59
CA PRO A 152 -3.57 -16.12 -4.18
C PRO A 152 -4.56 -16.56 -3.10
N ALA A 153 -5.68 -15.84 -3.01
CA ALA A 153 -6.69 -16.12 -2.00
C ALA A 153 -7.25 -17.53 -2.16
N GLU A 154 -7.61 -17.89 -3.40
CA GLU A 154 -8.18 -19.20 -3.68
C GLU A 154 -8.43 -19.35 -5.19
N GLU A 155 -9.39 -18.56 -5.71
CA GLU A 155 -9.74 -18.60 -7.13
C GLU A 155 -9.97 -20.04 -7.61
N SER A 156 -10.76 -20.76 -6.83
CA SER A 156 -11.09 -22.15 -7.14
C SER A 156 -12.44 -22.24 -7.84
ZN ZN B . 4.90 -3.17 4.94
N MET A 21 8.42 -12.02 11.48
CA MET A 21 7.82 -10.67 11.66
C MET A 21 7.93 -10.26 13.13
N THR A 22 8.98 -9.51 13.46
CA THR A 22 9.21 -9.05 14.83
C THR A 22 9.42 -7.54 14.86
N ASN A 23 10.51 -7.07 14.25
CA ASN A 23 10.83 -5.65 14.21
C ASN A 23 11.65 -5.31 12.97
N PHE A 24 11.03 -4.60 12.03
CA PHE A 24 11.72 -4.20 10.80
C PHE A 24 12.62 -2.97 11.01
N LYS A 25 12.47 -2.31 12.17
CA LYS A 25 13.23 -1.11 12.49
C LYS A 25 14.72 -1.43 12.63
N LEU A 26 15.00 -2.60 13.19
CA LEU A 26 16.39 -3.03 13.43
C LEU A 26 17.11 -3.38 12.12
N ILE A 27 16.35 -3.54 11.03
CA ILE A 27 16.93 -3.87 9.73
C ILE A 27 17.92 -2.78 9.30
N THR A 28 19.01 -3.23 8.69
CA THR A 28 20.06 -2.33 8.21
C THR A 28 19.71 -1.80 6.83
N ASP A 29 20.39 -0.74 6.41
CA ASP A 29 20.14 -0.14 5.11
C ASP A 29 20.41 -1.13 3.98
N THR A 30 21.48 -1.92 4.12
CA THR A 30 21.83 -2.91 3.10
C THR A 30 20.73 -3.95 2.99
N GLU A 31 20.25 -4.44 4.15
CA GLU A 31 19.20 -5.46 4.16
C GLU A 31 17.95 -4.94 3.47
N TRP A 32 17.64 -3.66 3.67
CA TRP A 32 16.46 -3.06 3.04
C TRP A 32 16.62 -3.07 1.51
N ARG A 33 17.82 -2.76 1.03
CA ARG A 33 18.08 -2.71 -0.41
C ARG A 33 17.91 -4.08 -1.06
N GLN A 34 18.41 -5.12 -0.37
CA GLN A 34 18.32 -6.49 -0.88
C GLN A 34 16.96 -7.14 -0.53
N ARG A 35 16.31 -6.61 0.51
CA ARG A 35 14.99 -7.10 0.95
C ARG A 35 13.91 -6.82 -0.09
N LEU A 36 13.97 -5.64 -0.68
CA LEU A 36 12.95 -5.21 -1.65
C LEU A 36 13.56 -4.46 -2.83
N SER A 37 12.68 -4.10 -3.78
CA SER A 37 13.09 -3.39 -4.98
C SER A 37 13.72 -2.04 -4.64
N SER A 38 14.58 -1.55 -5.53
CA SER A 38 15.23 -0.26 -5.33
C SER A 38 14.18 0.83 -5.19
N GLU A 39 13.16 0.76 -6.05
CA GLU A 39 12.06 1.71 -6.01
C GLU A 39 11.33 1.63 -4.66
N GLU A 40 11.09 0.41 -4.19
CA GLU A 40 10.42 0.19 -2.91
C GLU A 40 11.24 0.79 -1.77
N TYR A 41 12.56 0.70 -1.87
CA TYR A 41 13.45 1.21 -0.84
C TYR A 41 13.26 2.73 -0.63
N ARG A 42 13.31 3.50 -1.73
CA ARG A 42 13.14 4.96 -1.64
C ARG A 42 11.67 5.34 -1.40
N VAL A 43 10.78 4.63 -2.07
CA VAL A 43 9.34 4.88 -1.95
C VAL A 43 8.89 4.69 -0.50
N LEU A 44 9.29 3.57 0.09
CA LEU A 44 8.94 3.27 1.47
C LEU A 44 9.68 4.19 2.45
N ARG A 45 10.95 4.52 2.11
CA ARG A 45 11.77 5.35 2.98
C ARG A 45 11.19 6.77 3.16
N GLU A 46 10.87 7.44 2.05
CA GLU A 46 10.35 8.81 2.13
C GLU A 46 9.17 9.09 1.20
N ALA A 47 8.43 8.05 0.78
CA ALA A 47 7.29 8.27 -0.13
C ALA A 47 7.78 8.92 -1.43
N GLY A 48 8.87 8.36 -1.96
CA GLY A 48 9.50 8.89 -3.17
C GLY A 48 8.55 8.90 -4.37
N THR A 49 7.78 7.82 -4.56
CA THR A 49 6.85 7.73 -5.70
C THR A 49 6.00 6.46 -5.62
N GLU A 50 5.19 6.22 -6.65
CA GLU A 50 4.33 5.04 -6.72
C GLU A 50 4.12 4.63 -8.19
N ALA A 51 5.22 4.27 -8.86
CA ALA A 51 5.17 3.86 -10.26
C ALA A 51 5.15 2.33 -10.41
N PRO A 52 4.06 1.75 -10.92
CA PRO A 52 3.96 0.27 -11.15
C PRO A 52 4.76 -0.18 -12.37
N HIS A 53 4.61 -1.46 -12.72
CA HIS A 53 5.31 -2.05 -13.87
C HIS A 53 6.83 -1.97 -13.71
N THR A 54 7.29 -2.15 -12.46
CA THR A 54 8.73 -2.11 -12.16
C THR A 54 9.24 -3.49 -11.68
N GLY A 55 8.41 -4.53 -11.83
CA GLY A 55 8.78 -5.88 -11.40
C GLY A 55 8.35 -6.91 -12.43
N GLU A 56 9.33 -7.53 -13.06
CA GLU A 56 9.08 -8.54 -14.08
C GLU A 56 8.55 -9.85 -13.48
N TYR A 57 8.80 -10.03 -12.18
CA TYR A 57 8.37 -11.24 -11.47
C TYR A 57 7.01 -11.07 -10.79
N THR A 58 6.30 -9.97 -11.11
CA THR A 58 4.99 -9.72 -10.51
C THR A 58 3.98 -10.72 -11.05
N ASN A 59 2.90 -10.95 -10.28
CA ASN A 59 1.85 -11.89 -10.68
C ASN A 59 0.47 -11.30 -10.48
N THR A 60 -0.35 -11.37 -11.53
CA THR A 60 -1.72 -10.84 -11.47
C THR A 60 -2.76 -11.91 -11.88
N THR A 61 -2.34 -13.19 -11.87
CA THR A 61 -3.23 -14.29 -12.26
C THR A 61 -4.35 -14.53 -11.24
N THR A 62 -4.07 -14.19 -9.97
CA THR A 62 -5.07 -14.39 -8.90
C THR A 62 -5.31 -13.08 -8.15
N GLU A 63 -6.56 -12.86 -7.76
CA GLU A 63 -6.95 -11.66 -7.02
C GLU A 63 -7.45 -12.09 -5.65
N GLY A 64 -6.55 -12.03 -4.67
CA GLY A 64 -6.88 -12.43 -3.31
C GLY A 64 -6.62 -11.33 -2.31
N ILE A 65 -5.39 -11.29 -1.81
CA ILE A 65 -5.01 -10.31 -0.80
C ILE A 65 -3.72 -9.60 -1.19
N TYR A 66 -3.73 -8.28 -1.03
CA TYR A 66 -2.55 -7.46 -1.31
C TYR A 66 -1.53 -7.67 -0.21
N SER A 67 -0.24 -7.76 -0.58
CA SER A 67 0.80 -7.96 0.44
C SER A 67 2.02 -7.09 0.18
N CYS A 68 2.40 -6.32 1.22
CA CYS A 68 3.56 -5.42 1.15
C CYS A 68 4.78 -6.18 0.63
N ARG A 69 5.42 -5.63 -0.38
CA ARG A 69 6.61 -6.26 -0.94
C ARG A 69 7.70 -6.34 0.14
N ALA A 70 7.75 -5.29 0.97
CA ALA A 70 8.75 -5.18 2.05
C ALA A 70 8.62 -6.25 3.13
N CYS A 71 7.41 -6.44 3.63
CA CYS A 71 7.16 -7.40 4.73
C CYS A 71 6.20 -8.52 4.33
N GLY A 72 5.17 -8.16 3.55
CA GLY A 72 4.18 -9.15 3.10
C GLY A 72 2.88 -9.05 3.91
N THR A 73 2.67 -7.91 4.56
CA THR A 73 1.46 -7.70 5.38
C THR A 73 0.23 -7.60 4.50
N GLU A 74 -0.93 -8.08 4.97
CA GLU A 74 -2.16 -7.99 4.19
C GLU A 74 -2.67 -6.55 4.22
N LEU A 75 -1.95 -5.68 3.53
CA LEU A 75 -2.30 -4.25 3.48
C LEU A 75 -3.73 -4.04 2.99
N PHE A 76 -4.13 -4.81 1.98
CA PHE A 76 -5.46 -4.70 1.41
C PHE A 76 -6.00 -6.06 0.97
N ARG A 77 -7.32 -6.15 0.74
CA ARG A 77 -7.95 -7.39 0.31
C ARG A 77 -8.71 -7.15 -1.01
N SER A 78 -8.89 -8.23 -1.77
CA SER A 78 -9.55 -8.17 -3.09
C SER A 78 -11.05 -7.88 -3.00
N THR A 79 -11.63 -7.94 -1.81
CA THR A 79 -13.07 -7.67 -1.67
C THR A 79 -13.36 -6.18 -1.45
N GLU A 80 -12.37 -5.46 -0.88
CA GLU A 80 -12.53 -4.04 -0.60
C GLU A 80 -11.77 -3.17 -1.62
N LYS A 81 -11.40 -3.75 -2.77
CA LYS A 81 -10.69 -2.97 -3.81
C LYS A 81 -11.67 -2.52 -4.90
N PHE A 82 -11.27 -1.49 -5.65
CA PHE A 82 -12.10 -0.95 -6.74
C PHE A 82 -11.46 -1.32 -8.09
N ASN A 83 -12.28 -1.83 -9.01
CA ASN A 83 -11.80 -2.23 -10.33
C ASN A 83 -11.63 -1.01 -11.23
N SER A 84 -10.38 -0.72 -11.61
CA SER A 84 -10.08 0.42 -12.48
C SER A 84 -8.90 0.08 -13.40
N HIS A 85 -9.00 0.50 -14.65
CA HIS A 85 -7.95 0.24 -15.64
C HIS A 85 -7.22 1.52 -16.07
N CYS A 86 -7.84 2.68 -15.81
CA CYS A 86 -7.25 3.97 -16.19
C CYS A 86 -5.91 4.16 -15.49
N GLY A 87 -5.87 3.91 -14.18
CA GLY A 87 -4.65 4.06 -13.40
C GLY A 87 -4.96 4.47 -11.96
N TRP A 88 -4.01 4.20 -11.06
CA TRP A 88 -4.18 4.53 -9.64
C TRP A 88 -5.59 4.10 -9.14
N PRO A 89 -5.95 2.81 -9.21
CA PRO A 89 -7.30 2.34 -8.75
C PRO A 89 -7.56 2.68 -7.29
N SER A 90 -8.79 3.13 -7.00
CA SER A 90 -9.18 3.47 -5.64
C SER A 90 -9.37 2.21 -4.82
N PHE A 91 -9.38 2.37 -3.49
CA PHE A 91 -9.57 1.23 -2.59
C PHE A 91 -10.54 1.58 -1.47
N PHE A 92 -11.10 0.55 -0.85
CA PHE A 92 -12.04 0.73 0.25
C PHE A 92 -11.29 0.44 1.56
N SER A 93 -12.03 0.24 2.66
CA SER A 93 -11.42 -0.02 3.96
C SER A 93 -10.35 -1.13 3.87
N PRO A 94 -9.26 -1.04 4.63
CA PRO A 94 -8.17 -2.07 4.62
C PRO A 94 -8.57 -3.34 5.36
N LEU A 95 -7.61 -4.26 5.52
CA LEU A 95 -7.84 -5.53 6.22
C LEU A 95 -8.63 -5.31 7.52
N ALA A 96 -8.02 -4.56 8.45
CA ALA A 96 -8.67 -4.26 9.73
C ALA A 96 -7.95 -3.11 10.46
N GLY A 97 -7.17 -2.32 9.72
CA GLY A 97 -6.42 -1.19 10.30
C GLY A 97 -5.24 -1.69 11.14
N ASP A 98 -4.91 -2.97 11.02
CA ASP A 98 -3.79 -3.56 11.76
C ASP A 98 -2.54 -3.67 10.91
N LYS A 99 -2.73 -3.83 9.59
CA LYS A 99 -1.60 -3.96 8.67
C LYS A 99 -1.22 -2.58 8.10
N VAL A 100 -2.14 -1.61 8.22
CA VAL A 100 -1.89 -0.25 7.73
C VAL A 100 -2.39 0.79 8.73
N ILE A 101 -1.71 1.95 8.75
CA ILE A 101 -2.10 3.04 9.66
C ILE A 101 -2.41 4.29 8.84
N GLU A 102 -3.51 4.95 9.22
CA GLU A 102 -3.95 6.18 8.53
C GLU A 102 -3.89 7.33 9.53
N ARG A 103 -3.14 8.38 9.19
CA ARG A 103 -3.02 9.53 10.07
C ARG A 103 -2.82 10.82 9.27
N THR A 104 -3.21 11.95 9.87
CA THR A 104 -3.08 13.25 9.21
C THR A 104 -1.65 13.79 9.36
N ASP A 105 -1.19 14.50 8.33
CA ASP A 105 0.17 15.07 8.35
C ASP A 105 0.13 16.55 7.95
N THR A 106 0.53 17.41 8.89
CA THR A 106 0.55 18.85 8.66
C THR A 106 1.73 19.24 7.77
N SER A 107 1.60 18.87 6.51
CA SER A 107 2.62 19.17 5.51
C SER A 107 2.54 20.64 5.12
N HIS A 108 3.61 21.38 5.42
CA HIS A 108 3.69 22.81 5.10
C HIS A 108 2.66 23.64 5.89
N GLY A 109 1.38 23.53 5.50
CA GLY A 109 0.32 24.28 6.18
C GLY A 109 -0.93 23.42 6.39
N MET A 110 -1.49 22.92 5.28
CA MET A 110 -2.68 22.08 5.34
C MET A 110 -2.29 20.68 5.74
N VAL A 111 -3.28 19.89 6.16
CA VAL A 111 -3.03 18.51 6.58
C VAL A 111 -3.68 17.51 5.62
N ARG A 112 -3.05 16.33 5.50
CA ARG A 112 -3.57 15.27 4.64
C ARG A 112 -3.42 13.94 5.35
N THR A 113 -4.34 13.01 5.09
CA THR A 113 -4.26 11.69 5.71
C THR A 113 -3.39 10.79 4.86
N GLU A 114 -2.23 10.43 5.40
CA GLU A 114 -1.30 9.57 4.69
C GLU A 114 -1.52 8.12 5.10
N VAL A 115 -1.37 7.23 4.13
CA VAL A 115 -1.54 5.81 4.36
C VAL A 115 -0.17 5.16 4.49
N ILE A 116 0.06 4.53 5.64
CA ILE A 116 1.33 3.87 5.93
C ILE A 116 1.09 2.44 6.36
N CYS A 117 2.13 1.62 6.25
CA CYS A 117 2.05 0.23 6.68
C CYS A 117 2.27 0.19 8.20
N ALA A 118 1.45 -0.59 8.89
CA ALA A 118 1.54 -0.67 10.35
C ALA A 118 2.91 -1.15 10.82
N ASN A 119 3.67 -1.80 9.93
CA ASN A 119 5.01 -2.30 10.29
C ASN A 119 6.12 -1.45 9.69
N CYS A 120 5.86 -0.88 8.52
CA CYS A 120 6.87 -0.04 7.84
C CYS A 120 6.25 1.27 7.36
N GLU A 121 7.11 2.25 7.06
CA GLU A 121 6.63 3.56 6.61
C GLU A 121 6.20 3.53 5.15
N SER A 122 5.09 2.85 4.88
CA SER A 122 4.56 2.76 3.52
C SER A 122 3.70 3.99 3.23
N HIS A 123 4.30 5.16 3.43
CA HIS A 123 3.64 6.45 3.18
C HIS A 123 3.60 6.77 1.68
N LEU A 124 3.81 5.75 0.84
CA LEU A 124 3.78 5.92 -0.61
C LEU A 124 2.39 6.31 -1.10
N GLY A 125 1.37 5.96 -0.31
CA GLY A 125 -0.01 6.27 -0.68
C GLY A 125 -0.71 7.14 0.37
N HIS A 126 -1.71 7.90 -0.09
CA HIS A 126 -2.49 8.76 0.79
C HIS A 126 -3.98 8.48 0.60
N VAL A 127 -4.78 8.82 1.62
CA VAL A 127 -6.23 8.60 1.57
C VAL A 127 -6.97 9.91 1.86
N PHE A 128 -8.11 10.10 1.20
CA PHE A 128 -8.91 11.31 1.39
C PHE A 128 -10.38 10.94 1.56
N ALA A 129 -10.99 11.43 2.65
CA ALA A 129 -12.39 11.14 2.93
C ALA A 129 -13.29 11.85 1.92
N GLY A 130 -14.43 11.22 1.60
CA GLY A 130 -15.36 11.77 0.62
C GLY A 130 -15.18 11.07 -0.72
N GLU A 131 -15.31 9.75 -0.70
CA GLU A 131 -15.15 8.94 -1.92
C GLU A 131 -16.31 9.15 -2.90
N GLY A 132 -17.50 9.44 -2.37
CA GLY A 132 -18.68 9.69 -3.21
C GLY A 132 -19.34 8.39 -3.69
N TYR A 133 -18.83 7.23 -3.23
CA TYR A 133 -19.39 5.93 -3.63
C TYR A 133 -20.31 5.33 -2.57
N ASP A 134 -20.70 6.15 -1.57
CA ASP A 134 -21.58 5.68 -0.51
C ASP A 134 -20.99 4.45 0.19
N THR A 135 -19.71 4.53 0.50
CA THR A 135 -19.02 3.44 1.19
C THR A 135 -19.15 3.58 2.70
N PRO A 136 -18.95 2.50 3.45
CA PRO A 136 -19.05 2.52 4.94
C PRO A 136 -17.95 3.37 5.58
N THR A 137 -16.84 3.53 4.86
CA THR A 137 -15.71 4.33 5.36
C THR A 137 -15.61 5.66 4.61
N ASP A 138 -16.14 5.70 3.39
CA ASP A 138 -16.11 6.90 2.57
C ASP A 138 -14.67 7.41 2.41
N LEU A 139 -13.75 6.48 2.14
CA LEU A 139 -12.35 6.82 1.99
C LEU A 139 -11.91 6.71 0.53
N ARG A 140 -11.07 7.66 0.11
CA ARG A 140 -10.56 7.69 -1.27
C ARG A 140 -9.05 7.43 -1.28
N TYR A 141 -8.66 6.17 -1.07
CA TYR A 141 -7.26 5.80 -1.07
C TYR A 141 -6.68 5.98 -2.48
N CYS A 142 -5.80 6.97 -2.63
CA CYS A 142 -5.16 7.21 -3.92
C CYS A 142 -3.76 6.62 -3.84
N ILE A 143 -3.65 5.35 -4.22
CA ILE A 143 -2.37 4.64 -4.13
C ILE A 143 -2.14 3.77 -5.36
N ASN A 144 -0.87 3.56 -5.70
CA ASN A 144 -0.51 2.73 -6.85
C ASN A 144 0.33 1.55 -6.38
N SER A 145 0.45 0.53 -7.23
CA SER A 145 1.22 -0.65 -6.88
C SER A 145 2.65 -0.57 -7.41
N VAL A 146 3.56 -0.06 -6.57
CA VAL A 146 4.98 0.05 -6.93
C VAL A 146 5.66 -1.33 -6.81
N CYS A 147 5.07 -2.33 -7.46
CA CYS A 147 5.57 -3.72 -7.41
C CYS A 147 5.24 -4.34 -6.05
N LEU A 148 3.93 -4.40 -5.76
CA LEU A 148 3.43 -4.97 -4.52
C LEU A 148 3.21 -6.47 -4.75
N THR A 149 3.27 -7.25 -3.67
CA THR A 149 3.11 -8.71 -3.77
C THR A 149 1.64 -9.12 -3.68
N LEU A 150 1.23 -9.98 -4.61
CA LEU A 150 -0.15 -10.47 -4.65
C LEU A 150 -0.24 -11.85 -4.02
N ILE A 151 -1.23 -12.00 -3.13
CA ILE A 151 -1.45 -13.27 -2.45
C ILE A 151 -2.65 -14.00 -3.09
N PRO A 152 -2.43 -15.15 -3.75
CA PRO A 152 -3.53 -15.92 -4.39
C PRO A 152 -4.41 -16.58 -3.35
N ALA A 153 -5.47 -15.87 -2.95
CA ALA A 153 -6.38 -16.34 -1.92
C ALA A 153 -7.04 -17.66 -2.31
N GLU A 154 -7.64 -17.72 -3.51
CA GLU A 154 -8.31 -18.92 -3.99
C GLU A 154 -8.91 -18.68 -5.39
N GLU A 155 -9.91 -17.79 -5.46
CA GLU A 155 -10.59 -17.48 -6.70
C GLU A 155 -11.13 -18.74 -7.37
N SER A 156 -11.85 -19.54 -6.58
CA SER A 156 -12.44 -20.78 -7.07
C SER A 156 -13.85 -20.94 -6.53
ZN ZN B . 4.76 -3.03 4.90
N MET A 21 8.76 -11.92 12.52
CA MET A 21 7.93 -10.86 13.15
C MET A 21 8.78 -10.10 14.17
N THR A 22 9.36 -8.98 13.73
CA THR A 22 10.20 -8.16 14.60
C THR A 22 10.19 -6.70 14.15
N ASN A 23 10.88 -5.85 14.92
CA ASN A 23 10.96 -4.42 14.60
C ASN A 23 11.77 -4.22 13.33
N PHE A 24 11.13 -3.65 12.31
CA PHE A 24 11.79 -3.41 11.02
C PHE A 24 12.67 -2.14 11.05
N LYS A 25 12.49 -1.32 12.08
CA LYS A 25 13.25 -0.06 12.21
C LYS A 25 14.74 -0.35 12.40
N LEU A 26 15.03 -1.44 13.10
CA LEU A 26 16.42 -1.82 13.40
C LEU A 26 17.14 -2.38 12.16
N ILE A 27 16.38 -2.69 11.11
CA ILE A 27 16.96 -3.24 9.88
C ILE A 27 17.93 -2.23 9.27
N THR A 28 19.02 -2.74 8.72
CA THR A 28 20.04 -1.92 8.09
C THR A 28 19.62 -1.55 6.67
N ASP A 29 20.30 -0.56 6.09
CA ASP A 29 19.98 -0.13 4.74
C ASP A 29 20.27 -1.21 3.72
N THR A 30 21.37 -1.94 3.93
CA THR A 30 21.77 -3.02 3.01
C THR A 30 20.69 -4.10 3.00
N GLU A 31 20.21 -4.48 4.19
CA GLU A 31 19.18 -5.52 4.29
C GLU A 31 17.92 -5.11 3.52
N TRP A 32 17.57 -3.82 3.62
CA TRP A 32 16.39 -3.31 2.91
C TRP A 32 16.58 -3.40 1.40
N ARG A 33 17.80 -3.09 0.92
CA ARG A 33 18.09 -3.13 -0.51
C ARG A 33 17.97 -4.54 -1.06
N GLN A 34 18.46 -5.51 -0.29
CA GLN A 34 18.41 -6.93 -0.67
C GLN A 34 17.08 -7.59 -0.25
N ARG A 35 16.20 -6.82 0.40
CA ARG A 35 14.91 -7.32 0.86
C ARG A 35 13.80 -7.00 -0.14
N LEU A 36 13.87 -5.79 -0.70
CA LEU A 36 12.85 -5.32 -1.64
C LEU A 36 13.46 -4.57 -2.82
N SER A 37 12.60 -4.17 -3.75
CA SER A 37 13.02 -3.45 -4.96
C SER A 37 13.72 -2.14 -4.62
N SER A 38 14.59 -1.70 -5.53
CA SER A 38 15.32 -0.45 -5.35
C SER A 38 14.33 0.70 -5.20
N GLU A 39 13.29 0.69 -6.02
CA GLU A 39 12.25 1.72 -5.95
C GLU A 39 11.49 1.59 -4.64
N GLU A 40 11.16 0.36 -4.27
CA GLU A 40 10.44 0.10 -3.02
C GLU A 40 11.23 0.64 -1.84
N TYR A 41 12.57 0.52 -1.90
CA TYR A 41 13.44 0.98 -0.83
C TYR A 41 13.25 2.50 -0.56
N ARG A 42 13.34 3.31 -1.62
CA ARG A 42 13.18 4.77 -1.47
C ARG A 42 11.72 5.16 -1.22
N VAL A 43 10.82 4.44 -1.88
CA VAL A 43 9.39 4.70 -1.76
C VAL A 43 8.94 4.52 -0.30
N LEU A 44 9.35 3.41 0.31
CA LEU A 44 8.99 3.16 1.71
C LEU A 44 9.75 4.09 2.65
N ARG A 45 11.00 4.38 2.31
CA ARG A 45 11.86 5.21 3.17
C ARG A 45 11.34 6.65 3.31
N GLU A 46 11.03 7.31 2.19
CA GLU A 46 10.60 8.71 2.24
C GLU A 46 9.40 9.02 1.33
N ALA A 47 8.62 7.98 0.95
CA ALA A 47 7.46 8.21 0.08
C ALA A 47 7.95 8.85 -1.24
N GLY A 48 8.99 8.26 -1.81
CA GLY A 48 9.60 8.77 -3.03
C GLY A 48 8.60 8.84 -4.19
N THR A 49 7.79 7.78 -4.35
CA THR A 49 6.79 7.75 -5.45
C THR A 49 6.02 6.42 -5.44
N GLU A 50 5.18 6.21 -6.46
CA GLU A 50 4.39 4.98 -6.58
C GLU A 50 4.22 4.62 -8.06
N ALA A 51 5.36 4.34 -8.71
CA ALA A 51 5.36 3.99 -10.13
C ALA A 51 5.41 2.47 -10.35
N PRO A 52 4.37 1.86 -10.93
CA PRO A 52 4.34 0.39 -11.21
C PRO A 52 5.24 0.03 -12.40
N HIS A 53 5.10 -1.22 -12.89
CA HIS A 53 5.91 -1.70 -14.02
C HIS A 53 7.40 -1.67 -13.69
N THR A 54 7.71 -2.00 -12.43
CA THR A 54 9.11 -2.03 -11.96
C THR A 54 9.52 -3.45 -11.56
N GLY A 55 8.76 -4.45 -12.01
CA GLY A 55 9.05 -5.85 -11.70
C GLY A 55 8.11 -6.73 -12.51
N GLU A 56 8.66 -7.81 -13.05
CA GLU A 56 7.89 -8.74 -13.86
C GLU A 56 6.89 -9.55 -13.03
N TYR A 57 7.18 -9.68 -11.74
CA TYR A 57 6.32 -10.43 -10.82
C TYR A 57 5.14 -9.57 -10.36
N THR A 58 4.38 -9.06 -11.33
CA THR A 58 3.22 -8.22 -11.05
C THR A 58 2.15 -8.41 -12.12
N ASN A 59 1.03 -7.71 -11.96
CA ASN A 59 -0.08 -7.79 -12.92
C ASN A 59 -0.57 -9.24 -13.06
N THR A 60 -1.52 -9.61 -12.22
CA THR A 60 -2.08 -10.96 -12.23
C THR A 60 -3.59 -10.93 -12.06
N THR A 61 -4.27 -11.97 -12.55
CA THR A 61 -5.72 -12.08 -12.47
C THR A 61 -6.19 -12.62 -11.10
N THR A 62 -5.25 -12.98 -10.23
CA THR A 62 -5.58 -13.51 -8.91
C THR A 62 -6.45 -12.52 -8.15
N GLU A 63 -7.44 -13.05 -7.44
CA GLU A 63 -8.36 -12.24 -6.64
C GLU A 63 -8.20 -12.61 -5.17
N GLY A 64 -6.95 -12.69 -4.73
CA GLY A 64 -6.63 -13.05 -3.36
C GLY A 64 -6.45 -11.84 -2.46
N ILE A 65 -5.27 -11.73 -1.86
CA ILE A 65 -4.97 -10.64 -0.92
C ILE A 65 -3.67 -9.92 -1.30
N TYR A 66 -3.72 -8.60 -1.23
CA TYR A 66 -2.54 -7.79 -1.52
C TYR A 66 -1.55 -7.92 -0.38
N SER A 67 -0.25 -7.99 -0.71
CA SER A 67 0.77 -8.12 0.33
C SER A 67 1.99 -7.23 0.05
N CYS A 68 2.33 -6.43 1.05
CA CYS A 68 3.48 -5.52 0.99
C CYS A 68 4.71 -6.28 0.48
N ARG A 69 5.36 -5.74 -0.53
CA ARG A 69 6.55 -6.37 -1.08
C ARG A 69 7.63 -6.43 0.02
N ALA A 70 7.66 -5.37 0.83
CA ALA A 70 8.62 -5.24 1.93
C ALA A 70 8.51 -6.31 2.99
N CYS A 71 7.29 -6.54 3.49
CA CYS A 71 7.07 -7.51 4.57
C CYS A 71 6.12 -8.64 4.16
N GLY A 72 5.10 -8.30 3.39
CA GLY A 72 4.13 -9.29 2.92
C GLY A 72 2.82 -9.25 3.72
N THR A 73 2.61 -8.16 4.47
CA THR A 73 1.39 -8.01 5.28
C THR A 73 0.17 -7.86 4.37
N GLU A 74 -1.00 -8.29 4.86
CA GLU A 74 -2.22 -8.17 4.07
C GLU A 74 -2.72 -6.72 4.13
N LEU A 75 -1.99 -5.84 3.45
CA LEU A 75 -2.34 -4.41 3.41
C LEU A 75 -3.75 -4.18 2.88
N PHE A 76 -4.12 -4.95 1.86
CA PHE A 76 -5.45 -4.83 1.25
C PHE A 76 -5.96 -6.21 0.82
N ARG A 77 -7.28 -6.32 0.56
CA ARG A 77 -7.87 -7.58 0.12
C ARG A 77 -8.63 -7.36 -1.19
N SER A 78 -8.70 -8.40 -2.00
CA SER A 78 -9.35 -8.35 -3.31
C SER A 78 -10.84 -8.03 -3.24
N THR A 79 -11.46 -8.23 -2.07
CA THR A 79 -12.90 -7.96 -1.95
C THR A 79 -13.17 -6.47 -1.74
N GLU A 80 -12.22 -5.79 -1.10
CA GLU A 80 -12.34 -4.36 -0.85
C GLU A 80 -11.51 -3.57 -1.87
N LYS A 81 -11.28 -4.19 -3.05
CA LYS A 81 -10.52 -3.56 -4.11
C LYS A 81 -11.45 -3.17 -5.28
N PHE A 82 -11.34 -1.93 -5.74
CA PHE A 82 -12.16 -1.43 -6.85
C PHE A 82 -11.86 -2.20 -8.13
N ASN A 83 -10.57 -2.52 -8.35
CA ASN A 83 -10.08 -3.25 -9.55
C ASN A 83 -9.73 -2.25 -10.66
N SER A 84 -9.32 -2.77 -11.82
CA SER A 84 -8.93 -1.92 -12.95
C SER A 84 -7.67 -1.13 -12.59
N HIS A 85 -6.51 -1.65 -13.01
CA HIS A 85 -5.24 -1.02 -12.69
C HIS A 85 -5.19 0.41 -13.25
N CYS A 86 -5.56 0.56 -14.53
CA CYS A 86 -5.58 1.87 -15.19
C CYS A 86 -4.39 2.78 -14.76
N GLY A 87 -4.60 3.63 -13.74
CA GLY A 87 -3.55 4.52 -13.24
C GLY A 87 -3.51 4.48 -11.71
N TRP A 88 -4.40 5.25 -11.09
CA TRP A 88 -4.49 5.30 -9.63
C TRP A 88 -5.94 5.03 -9.18
N PRO A 89 -6.41 3.78 -9.28
CA PRO A 89 -7.82 3.43 -8.88
C PRO A 89 -8.04 3.48 -7.37
N SER A 90 -9.27 3.79 -6.97
CA SER A 90 -9.61 3.86 -5.55
C SER A 90 -9.72 2.46 -4.95
N PHE A 91 -9.62 2.40 -3.63
CA PHE A 91 -9.72 1.13 -2.89
C PHE A 91 -10.66 1.32 -1.71
N PHE A 92 -11.32 0.24 -1.30
CA PHE A 92 -12.22 0.29 -0.15
C PHE A 92 -11.39 0.10 1.12
N SER A 93 -12.06 -0.03 2.27
CA SER A 93 -11.37 -0.21 3.55
C SER A 93 -10.36 -1.37 3.47
N PRO A 94 -9.19 -1.25 4.11
CA PRO A 94 -8.15 -2.33 4.10
C PRO A 94 -8.58 -3.55 4.92
N LEU A 95 -7.65 -4.48 5.15
CA LEU A 95 -7.94 -5.70 5.92
C LEU A 95 -8.75 -5.38 7.18
N ALA A 96 -8.15 -4.60 8.08
CA ALA A 96 -8.84 -4.21 9.32
C ALA A 96 -8.13 -3.04 10.03
N GLY A 97 -7.24 -2.35 9.32
CA GLY A 97 -6.51 -1.21 9.88
C GLY A 97 -5.34 -1.68 10.77
N ASP A 98 -5.11 -3.00 10.85
CA ASP A 98 -4.04 -3.56 11.64
C ASP A 98 -2.77 -3.73 10.81
N LYS A 99 -2.95 -3.92 9.50
CA LYS A 99 -1.82 -4.10 8.59
C LYS A 99 -1.37 -2.75 8.02
N VAL A 100 -2.26 -1.74 8.12
CA VAL A 100 -1.97 -0.38 7.64
C VAL A 100 -2.45 0.66 8.64
N ILE A 101 -1.75 1.80 8.69
CA ILE A 101 -2.13 2.89 9.60
C ILE A 101 -2.42 4.17 8.81
N GLU A 102 -3.47 4.87 9.24
CA GLU A 102 -3.89 6.12 8.60
C GLU A 102 -3.68 7.28 9.57
N ARG A 103 -2.85 8.24 9.18
CA ARG A 103 -2.58 9.41 10.03
C ARG A 103 -2.58 10.68 9.20
N THR A 104 -2.93 11.81 9.83
CA THR A 104 -2.98 13.08 9.15
C THR A 104 -1.64 13.81 9.26
N ASP A 105 -1.26 14.55 8.22
CA ASP A 105 0.00 15.28 8.21
C ASP A 105 -0.22 16.75 7.82
N THR A 106 0.07 17.65 8.76
CA THR A 106 -0.09 19.08 8.54
C THR A 106 1.04 19.61 7.68
N SER A 107 1.00 19.22 6.41
CA SER A 107 2.00 19.66 5.44
C SER A 107 1.76 21.12 5.07
N HIS A 108 2.74 21.96 5.41
CA HIS A 108 2.68 23.40 5.12
C HIS A 108 1.54 24.07 5.90
N GLY A 109 0.29 23.85 5.48
CA GLY A 109 -0.86 24.46 6.16
C GLY A 109 -2.01 23.47 6.34
N MET A 110 -2.50 22.92 5.22
CA MET A 110 -3.59 21.96 5.25
C MET A 110 -3.06 20.59 5.64
N VAL A 111 -3.96 19.70 6.02
CA VAL A 111 -3.55 18.35 6.41
C VAL A 111 -4.06 17.29 5.43
N ARG A 112 -3.31 16.19 5.33
CA ARG A 112 -3.68 15.08 4.44
C ARG A 112 -3.46 13.77 5.18
N THR A 113 -4.34 12.79 4.93
CA THR A 113 -4.21 11.50 5.59
C THR A 113 -3.26 10.60 4.81
N GLU A 114 -2.08 10.39 5.38
CA GLU A 114 -1.07 9.55 4.76
C GLU A 114 -1.32 8.09 5.13
N VAL A 115 -1.26 7.22 4.13
CA VAL A 115 -1.46 5.80 4.35
C VAL A 115 -0.10 5.13 4.50
N ILE A 116 0.09 4.46 5.62
CA ILE A 116 1.35 3.78 5.90
C ILE A 116 1.08 2.34 6.31
N CYS A 117 2.10 1.51 6.18
CA CYS A 117 1.99 0.12 6.58
C CYS A 117 2.18 0.05 8.10
N ALA A 118 1.35 -0.75 8.75
CA ALA A 118 1.40 -0.87 10.21
C ALA A 118 2.77 -1.36 10.71
N ASN A 119 3.55 -1.99 9.82
CA ASN A 119 4.87 -2.51 10.20
C ASN A 119 6.01 -1.66 9.65
N CYS A 120 5.81 -1.12 8.45
CA CYS A 120 6.83 -0.28 7.80
C CYS A 120 6.23 1.05 7.34
N GLU A 121 7.09 2.02 7.04
CA GLU A 121 6.63 3.34 6.64
C GLU A 121 6.23 3.37 5.16
N SER A 122 5.11 2.73 4.85
CA SER A 122 4.59 2.71 3.49
C SER A 122 3.76 3.96 3.25
N HIS A 123 4.39 5.11 3.51
CA HIS A 123 3.75 6.43 3.31
C HIS A 123 3.69 6.82 1.83
N LEU A 124 3.83 5.84 0.94
CA LEU A 124 3.80 6.09 -0.50
C LEU A 124 2.38 6.41 -0.98
N GLY A 125 1.38 6.03 -0.17
CA GLY A 125 -0.02 6.25 -0.52
C GLY A 125 -0.71 7.23 0.43
N HIS A 126 -1.85 7.75 -0.02
CA HIS A 126 -2.67 8.68 0.76
C HIS A 126 -4.14 8.28 0.67
N VAL A 127 -4.96 8.73 1.62
CA VAL A 127 -6.39 8.40 1.61
C VAL A 127 -7.24 9.65 1.87
N PHE A 128 -8.37 9.74 1.17
CA PHE A 128 -9.27 10.88 1.33
C PHE A 128 -10.60 10.44 1.95
N ALA A 129 -11.06 11.19 2.95
CA ALA A 129 -12.31 10.88 3.64
C ALA A 129 -13.38 11.89 3.26
N GLY A 130 -14.63 11.41 3.17
CA GLY A 130 -15.76 12.27 2.81
C GLY A 130 -15.73 12.66 1.33
N GLU A 131 -15.09 11.80 0.52
CA GLU A 131 -14.99 12.04 -0.92
C GLU A 131 -16.34 11.82 -1.61
N GLY A 132 -17.18 10.96 -1.04
CA GLY A 132 -18.49 10.67 -1.63
C GLY A 132 -18.38 9.62 -2.73
N TYR A 133 -17.51 8.62 -2.49
CA TYR A 133 -17.30 7.54 -3.45
C TYR A 133 -18.34 6.43 -3.28
N ASP A 134 -19.41 6.72 -2.53
CA ASP A 134 -20.47 5.75 -2.30
C ASP A 134 -19.95 4.48 -1.61
N THR A 135 -19.26 4.68 -0.48
CA THR A 135 -18.71 3.57 0.29
C THR A 135 -19.06 3.71 1.77
N PRO A 136 -19.14 2.60 2.51
CA PRO A 136 -19.45 2.63 3.97
C PRO A 136 -18.39 3.38 4.77
N THR A 137 -17.17 3.39 4.25
CA THR A 137 -16.04 4.08 4.89
C THR A 137 -15.81 5.45 4.24
N ASP A 138 -16.29 5.61 3.02
CA ASP A 138 -16.12 6.87 2.28
C ASP A 138 -14.63 7.23 2.18
N LEU A 139 -13.80 6.21 1.96
CA LEU A 139 -12.36 6.41 1.84
C LEU A 139 -11.90 6.11 0.43
N ARG A 140 -11.14 7.03 -0.16
CA ARG A 140 -10.63 6.85 -1.51
C ARG A 140 -9.10 6.78 -1.50
N TYR A 141 -8.57 5.63 -1.04
CA TYR A 141 -7.14 5.43 -0.99
C TYR A 141 -6.56 5.57 -2.40
N CYS A 142 -5.63 6.51 -2.57
CA CYS A 142 -4.99 6.72 -3.86
C CYS A 142 -3.59 6.14 -3.79
N ILE A 143 -3.47 4.87 -4.17
CA ILE A 143 -2.18 4.18 -4.09
C ILE A 143 -1.93 3.37 -5.35
N ASN A 144 -0.67 3.28 -5.75
CA ASN A 144 -0.28 2.54 -6.94
C ASN A 144 0.45 1.26 -6.54
N SER A 145 0.62 0.35 -7.50
CA SER A 145 1.31 -0.90 -7.22
C SER A 145 2.77 -0.83 -7.68
N VAL A 146 3.64 -0.37 -6.78
CA VAL A 146 5.07 -0.26 -7.08
C VAL A 146 5.73 -1.65 -6.93
N CYS A 147 5.15 -2.65 -7.61
CA CYS A 147 5.64 -4.03 -7.54
C CYS A 147 5.28 -4.66 -6.19
N LEU A 148 3.98 -4.73 -5.94
CA LEU A 148 3.44 -5.29 -4.69
C LEU A 148 3.24 -6.80 -4.89
N THR A 149 3.30 -7.55 -3.78
CA THR A 149 3.17 -9.01 -3.83
C THR A 149 1.70 -9.45 -3.71
N LEU A 150 1.29 -10.37 -4.59
CA LEU A 150 -0.09 -10.88 -4.59
C LEU A 150 -0.14 -12.25 -3.90
N ILE A 151 -1.09 -12.38 -2.97
CA ILE A 151 -1.28 -13.62 -2.23
C ILE A 151 -2.51 -14.37 -2.78
N PRO A 152 -2.34 -15.54 -3.38
CA PRO A 152 -3.50 -16.32 -3.93
C PRO A 152 -4.29 -16.94 -2.79
N ALA A 153 -5.40 -16.29 -2.45
CA ALA A 153 -6.25 -16.72 -1.35
C ALA A 153 -6.79 -18.14 -1.57
N GLU A 154 -7.33 -18.38 -2.77
CA GLU A 154 -7.90 -19.69 -3.11
C GLU A 154 -8.41 -19.67 -4.55
N GLU A 155 -9.08 -18.57 -4.91
CA GLU A 155 -9.64 -18.42 -6.26
C GLU A 155 -10.63 -19.54 -6.56
N SER A 156 -11.54 -19.75 -5.61
CA SER A 156 -12.57 -20.78 -5.73
C SER A 156 -13.94 -20.14 -5.94
ZN ZN B . 4.67 -3.19 4.75
N MET A 21 4.90 -11.73 14.29
CA MET A 21 5.38 -10.53 13.54
C MET A 21 6.84 -10.26 13.89
N THR A 22 7.53 -9.54 13.01
CA THR A 22 8.94 -9.21 13.20
C THR A 22 9.14 -7.70 13.10
N ASN A 23 9.97 -7.15 13.99
CA ASN A 23 10.25 -5.72 14.00
C ASN A 23 11.22 -5.38 12.87
N PHE A 24 10.71 -4.70 11.85
CA PHE A 24 11.51 -4.32 10.68
C PHE A 24 12.36 -3.04 10.92
N LYS A 25 12.08 -2.35 12.03
CA LYS A 25 12.77 -1.10 12.35
C LYS A 25 14.26 -1.35 12.62
N LEU A 26 14.56 -2.49 13.26
CA LEU A 26 15.93 -2.85 13.60
C LEU A 26 16.77 -3.22 12.36
N ILE A 27 16.11 -3.43 11.22
CA ILE A 27 16.80 -3.80 9.99
C ILE A 27 17.78 -2.68 9.57
N THR A 28 18.92 -3.11 9.02
CA THR A 28 19.96 -2.19 8.56
C THR A 28 19.64 -1.69 7.17
N ASP A 29 20.32 -0.62 6.76
CA ASP A 29 20.09 -0.03 5.45
C ASP A 29 20.43 -1.02 4.34
N THR A 30 21.53 -1.75 4.52
CA THR A 30 21.97 -2.73 3.51
C THR A 30 20.90 -3.82 3.34
N GLU A 31 20.39 -4.31 4.46
CA GLU A 31 19.38 -5.36 4.42
C GLU A 31 18.14 -4.91 3.66
N TRP A 32 17.75 -3.65 3.84
CA TRP A 32 16.59 -3.11 3.14
C TRP A 32 16.83 -3.13 1.63
N ARG A 33 18.05 -2.80 1.21
CA ARG A 33 18.40 -2.76 -0.21
C ARG A 33 18.32 -4.16 -0.83
N GLN A 34 18.80 -5.15 -0.09
CA GLN A 34 18.77 -6.55 -0.55
C GLN A 34 17.47 -7.27 -0.15
N ARG A 35 16.57 -6.56 0.55
CA ARG A 35 15.29 -7.14 0.98
C ARG A 35 14.19 -6.90 -0.05
N LEU A 36 14.16 -5.68 -0.59
CA LEU A 36 13.11 -5.30 -1.55
C LEU A 36 13.69 -4.57 -2.76
N SER A 37 12.79 -4.25 -3.71
CA SER A 37 13.17 -3.56 -4.94
C SER A 37 13.78 -2.20 -4.62
N SER A 38 14.62 -1.71 -5.54
CA SER A 38 15.25 -0.41 -5.36
C SER A 38 14.20 0.67 -5.22
N GLU A 39 13.10 0.50 -5.96
CA GLU A 39 11.98 1.45 -5.89
C GLU A 39 11.30 1.37 -4.53
N GLU A 40 11.04 0.15 -4.06
CA GLU A 40 10.39 -0.06 -2.77
C GLU A 40 11.22 0.55 -1.64
N TYR A 41 12.55 0.53 -1.79
CA TYR A 41 13.45 1.07 -0.76
C TYR A 41 13.18 2.57 -0.50
N ARG A 42 13.17 3.38 -1.57
CA ARG A 42 12.91 4.82 -1.43
C ARG A 42 11.44 5.08 -1.13
N VAL A 43 10.59 4.21 -1.65
CA VAL A 43 9.14 4.31 -1.46
C VAL A 43 8.76 4.17 0.02
N LEU A 44 9.38 3.21 0.70
CA LEU A 44 9.08 2.98 2.11
C LEU A 44 9.88 3.89 3.05
N ARG A 45 10.86 4.62 2.52
CA ARG A 45 11.69 5.51 3.35
C ARG A 45 11.27 6.97 3.22
N GLU A 46 11.07 7.44 1.98
CA GLU A 46 10.66 8.83 1.75
C GLU A 46 9.49 8.91 0.76
N ALA A 47 8.61 7.89 0.78
CA ALA A 47 7.45 7.80 -0.12
C ALA A 47 7.83 7.36 -1.54
N GLY A 48 9.13 7.54 -1.89
CA GLY A 48 9.71 7.11 -3.18
C GLY A 48 8.74 7.00 -4.33
N THR A 49 7.82 7.90 -4.35
CA THR A 49 6.76 7.95 -5.37
C THR A 49 6.08 6.57 -5.47
N GLU A 50 5.41 6.28 -6.59
CA GLU A 50 4.71 5.00 -6.77
C GLU A 50 4.50 4.69 -8.25
N ALA A 51 5.61 4.48 -8.97
CA ALA A 51 5.55 4.17 -10.40
C ALA A 51 5.64 2.65 -10.65
N PRO A 52 4.59 2.02 -11.18
CA PRO A 52 4.60 0.55 -11.49
C PRO A 52 5.43 0.24 -12.74
N HIS A 53 5.34 -1.02 -13.20
CA HIS A 53 6.09 -1.47 -14.39
C HIS A 53 7.59 -1.34 -14.16
N THR A 54 8.02 -1.64 -12.93
CA THR A 54 9.44 -1.60 -12.58
C THR A 54 9.99 -3.00 -12.25
N GLY A 55 9.25 -4.03 -12.65
CA GLY A 55 9.65 -5.42 -12.41
C GLY A 55 8.94 -6.33 -13.40
N GLU A 56 9.66 -7.30 -13.91
CA GLU A 56 9.11 -8.24 -14.90
C GLU A 56 8.30 -9.37 -14.24
N TYR A 57 8.68 -9.72 -13.02
CA TYR A 57 8.02 -10.80 -12.28
C TYR A 57 6.84 -10.29 -11.43
N THR A 58 6.35 -9.08 -11.73
CA THR A 58 5.24 -8.49 -10.99
C THR A 58 3.88 -8.89 -11.60
N ASN A 59 3.85 -10.05 -12.29
CA ASN A 59 2.62 -10.54 -12.93
C ASN A 59 1.57 -10.88 -11.88
N THR A 60 0.29 -10.62 -12.21
CA THR A 60 -0.82 -10.90 -11.30
C THR A 60 -2.08 -11.27 -12.07
N THR A 61 -2.88 -12.18 -11.52
CA THR A 61 -4.12 -12.61 -12.17
C THR A 61 -5.19 -12.92 -11.12
N THR A 62 -4.81 -13.68 -10.09
CA THR A 62 -5.72 -14.04 -9.02
C THR A 62 -6.05 -12.82 -8.16
N GLU A 63 -7.30 -12.73 -7.73
CA GLU A 63 -7.76 -11.61 -6.91
C GLU A 63 -8.06 -12.13 -5.50
N GLY A 64 -7.11 -11.93 -4.60
CA GLY A 64 -7.26 -12.39 -3.24
C GLY A 64 -6.92 -11.31 -2.23
N ILE A 65 -5.67 -11.33 -1.74
CA ILE A 65 -5.23 -10.38 -0.73
C ILE A 65 -3.92 -9.70 -1.15
N TYR A 66 -3.92 -8.39 -0.99
CA TYR A 66 -2.73 -7.59 -1.30
C TYR A 66 -1.72 -7.76 -0.18
N SER A 67 -0.43 -7.88 -0.53
CA SER A 67 0.61 -8.05 0.48
C SER A 67 1.86 -7.21 0.19
N CYS A 68 2.27 -6.46 1.20
CA CYS A 68 3.45 -5.59 1.12
C CYS A 68 4.65 -6.43 0.66
N ARG A 69 5.31 -5.99 -0.40
CA ARG A 69 6.46 -6.72 -0.91
C ARG A 69 7.57 -6.77 0.15
N ALA A 70 7.69 -5.68 0.91
CA ALA A 70 8.73 -5.56 1.94
C ALA A 70 8.61 -6.57 3.08
N CYS A 71 7.40 -6.72 3.62
CA CYS A 71 7.17 -7.62 4.76
C CYS A 71 6.17 -8.72 4.43
N GLY A 72 5.16 -8.38 3.65
CA GLY A 72 4.13 -9.35 3.26
C GLY A 72 2.85 -9.17 4.07
N THR A 73 2.64 -7.96 4.61
CA THR A 73 1.45 -7.68 5.41
C THR A 73 0.22 -7.59 4.52
N GLU A 74 -0.91 -8.11 5.01
CA GLU A 74 -2.16 -8.05 4.26
C GLU A 74 -2.69 -6.62 4.32
N LEU A 75 -2.02 -5.75 3.57
CA LEU A 75 -2.35 -4.33 3.55
C LEU A 75 -3.78 -4.09 3.06
N PHE A 76 -4.18 -4.84 2.04
CA PHE A 76 -5.52 -4.70 1.48
C PHE A 76 -6.04 -6.06 0.99
N ARG A 77 -7.35 -6.12 0.70
CA ARG A 77 -7.96 -7.35 0.21
C ARG A 77 -8.93 -7.05 -0.94
N SER A 78 -9.25 -8.08 -1.71
CA SER A 78 -10.13 -7.95 -2.86
C SER A 78 -11.53 -7.47 -2.51
N THR A 79 -11.97 -7.69 -1.25
CA THR A 79 -13.32 -7.27 -0.85
C THR A 79 -13.40 -5.74 -0.69
N GLU A 80 -12.30 -5.12 -0.25
CA GLU A 80 -12.25 -3.66 -0.07
C GLU A 80 -11.32 -3.03 -1.12
N LYS A 81 -11.22 -3.67 -2.30
CA LYS A 81 -10.37 -3.18 -3.37
C LYS A 81 -11.14 -3.10 -4.68
N PHE A 82 -11.00 -1.97 -5.37
CA PHE A 82 -11.66 -1.75 -6.66
C PHE A 82 -10.66 -1.17 -7.66
N ASN A 83 -10.36 -1.92 -8.72
CA ASN A 83 -9.41 -1.49 -9.74
C ASN A 83 -10.11 -1.33 -11.09
N SER A 84 -10.24 -0.08 -11.54
CA SER A 84 -10.89 0.21 -12.82
C SER A 84 -10.14 -0.45 -13.97
N HIS A 85 -8.80 -0.32 -13.95
CA HIS A 85 -7.96 -0.92 -15.00
C HIS A 85 -6.47 -0.72 -14.68
N CYS A 86 -5.98 0.52 -14.85
CA CYS A 86 -4.57 0.83 -14.59
C CYS A 86 -4.42 2.31 -14.24
N GLY A 87 -3.62 2.59 -13.21
CA GLY A 87 -3.38 3.97 -12.77
C GLY A 87 -3.41 4.06 -11.25
N TRP A 88 -4.27 4.94 -10.73
CA TRP A 88 -4.41 5.13 -9.29
C TRP A 88 -5.89 4.96 -8.88
N PRO A 89 -6.44 3.75 -8.97
CA PRO A 89 -7.86 3.48 -8.60
C PRO A 89 -8.08 3.57 -7.10
N SER A 90 -9.29 3.97 -6.70
CA SER A 90 -9.63 4.10 -5.29
C SER A 90 -9.81 2.74 -4.65
N PHE A 91 -9.67 2.69 -3.32
CA PHE A 91 -9.83 1.46 -2.56
C PHE A 91 -10.64 1.74 -1.29
N PHE A 92 -11.25 0.70 -0.73
CA PHE A 92 -12.04 0.86 0.49
C PHE A 92 -11.15 0.62 1.70
N SER A 93 -11.74 0.64 2.89
CA SER A 93 -11.00 0.44 4.13
C SER A 93 -10.09 -0.80 4.07
N PRO A 94 -8.91 -0.79 4.69
CA PRO A 94 -7.98 -1.96 4.67
C PRO A 94 -8.56 -3.17 5.39
N LEU A 95 -7.78 -4.26 5.49
CA LEU A 95 -8.26 -5.48 6.13
C LEU A 95 -8.88 -5.17 7.50
N ALA A 96 -8.07 -4.63 8.41
CA ALA A 96 -8.57 -4.29 9.75
C ALA A 96 -7.83 -3.09 10.36
N GLY A 97 -7.01 -2.40 9.54
CA GLY A 97 -6.25 -1.25 10.02
C GLY A 97 -5.08 -1.68 10.92
N ASP A 98 -4.83 -3.00 10.97
CA ASP A 98 -3.75 -3.54 11.78
C ASP A 98 -2.47 -3.69 10.95
N LYS A 99 -2.66 -3.90 9.65
CA LYS A 99 -1.52 -4.07 8.73
C LYS A 99 -1.10 -2.72 8.15
N VAL A 100 -1.99 -1.72 8.26
CA VAL A 100 -1.70 -0.38 7.74
C VAL A 100 -2.17 0.70 8.74
N ILE A 101 -1.48 1.84 8.74
CA ILE A 101 -1.82 2.94 9.63
C ILE A 101 -2.09 4.22 8.83
N GLU A 102 -3.11 4.96 9.24
CA GLU A 102 -3.49 6.21 8.57
C GLU A 102 -3.15 7.39 9.50
N ARG A 103 -2.31 8.30 9.02
CA ARG A 103 -1.90 9.46 9.81
C ARG A 103 -2.09 10.74 9.00
N THR A 104 -2.43 11.85 9.69
CA THR A 104 -2.65 13.13 9.00
C THR A 104 -1.39 14.00 9.05
N ASP A 105 -1.18 14.78 7.99
CA ASP A 105 -0.04 15.68 7.88
C ASP A 105 -0.46 17.07 7.42
N THR A 106 -0.24 18.07 8.27
CA THR A 106 -0.59 19.45 7.93
C THR A 106 0.50 20.02 7.01
N SER A 107 0.50 19.52 5.79
CA SER A 107 1.47 19.94 4.78
C SER A 107 1.33 21.42 4.48
N HIS A 108 0.09 21.88 4.33
CA HIS A 108 -0.20 23.28 4.03
C HIS A 108 -1.35 23.76 4.95
N GLY A 109 -2.26 24.62 4.44
CA GLY A 109 -3.38 25.12 5.25
C GLY A 109 -4.24 23.95 5.71
N MET A 110 -4.41 22.96 4.82
CA MET A 110 -5.21 21.78 5.14
C MET A 110 -4.28 20.60 5.43
N VAL A 111 -4.86 19.46 5.80
CA VAL A 111 -4.07 18.27 6.13
C VAL A 111 -4.31 17.16 5.10
N ARG A 112 -3.39 16.21 5.05
CA ARG A 112 -3.49 15.07 4.15
C ARG A 112 -3.26 13.79 4.94
N THR A 113 -3.91 12.69 4.55
CA THR A 113 -3.74 11.43 5.29
C THR A 113 -2.78 10.51 4.55
N GLU A 114 -1.61 10.33 5.13
CA GLU A 114 -0.60 9.46 4.54
C GLU A 114 -0.85 8.03 4.98
N VAL A 115 -1.04 7.15 4.01
CA VAL A 115 -1.27 5.74 4.28
C VAL A 115 0.08 5.06 4.44
N ILE A 116 0.28 4.43 5.58
CA ILE A 116 1.54 3.75 5.88
C ILE A 116 1.28 2.32 6.31
N CYS A 117 2.31 1.49 6.19
CA CYS A 117 2.22 0.10 6.60
C CYS A 117 2.44 0.05 8.12
N ALA A 118 1.61 -0.71 8.81
CA ALA A 118 1.69 -0.79 10.27
C ALA A 118 3.08 -1.26 10.75
N ASN A 119 3.86 -1.88 9.85
CA ASN A 119 5.20 -2.38 10.21
C ASN A 119 6.30 -1.52 9.61
N CYS A 120 6.06 -1.00 8.40
CA CYS A 120 7.06 -0.16 7.72
C CYS A 120 6.44 1.15 7.25
N GLU A 121 7.29 2.13 6.93
CA GLU A 121 6.82 3.46 6.52
C GLU A 121 6.41 3.48 5.05
N SER A 122 5.24 2.89 4.77
CA SER A 122 4.70 2.86 3.42
C SER A 122 3.89 4.14 3.15
N HIS A 123 4.43 5.30 3.57
CA HIS A 123 3.76 6.60 3.34
C HIS A 123 3.78 6.99 1.86
N LEU A 124 3.91 6.00 0.98
CA LEU A 124 3.93 6.24 -0.46
C LEU A 124 2.54 6.66 -0.96
N GLY A 125 1.49 6.15 -0.29
CA GLY A 125 0.12 6.46 -0.66
C GLY A 125 -0.53 7.51 0.24
N HIS A 126 -1.80 7.80 -0.08
CA HIS A 126 -2.61 8.76 0.67
C HIS A 126 -4.07 8.35 0.56
N VAL A 127 -4.88 8.78 1.53
CA VAL A 127 -6.30 8.46 1.56
C VAL A 127 -7.11 9.72 1.84
N PHE A 128 -8.27 9.84 1.16
CA PHE A 128 -9.12 11.02 1.32
C PHE A 128 -10.56 10.60 1.64
N ALA A 129 -11.07 11.09 2.78
CA ALA A 129 -12.43 10.77 3.20
C ALA A 129 -13.44 11.52 2.32
N GLY A 130 -14.66 10.99 2.24
CA GLY A 130 -15.71 11.59 1.44
C GLY A 130 -15.60 11.15 -0.03
N GLU A 131 -15.49 9.83 -0.23
CA GLU A 131 -15.36 9.27 -1.57
C GLU A 131 -16.69 9.38 -2.33
N GLY A 132 -17.81 9.33 -1.59
CA GLY A 132 -19.14 9.43 -2.20
C GLY A 132 -19.51 8.14 -2.95
N TYR A 133 -18.84 7.04 -2.61
CA TYR A 133 -19.10 5.74 -3.24
C TYR A 133 -20.14 4.92 -2.47
N ASP A 134 -20.85 5.58 -1.54
CA ASP A 134 -21.87 4.91 -0.74
C ASP A 134 -21.24 3.77 0.09
N THR A 135 -20.11 4.09 0.73
CA THR A 135 -19.39 3.13 1.57
C THR A 135 -19.42 3.58 3.03
N PRO A 136 -19.25 2.65 3.97
CA PRO A 136 -19.26 2.97 5.43
C PRO A 136 -18.07 3.85 5.86
N THR A 137 -16.99 3.81 5.07
CA THR A 137 -15.79 4.59 5.38
C THR A 137 -15.64 5.79 4.43
N ASP A 138 -16.15 5.65 3.22
CA ASP A 138 -16.08 6.72 2.21
C ASP A 138 -14.62 7.20 2.05
N LEU A 139 -13.68 6.26 2.14
CA LEU A 139 -12.26 6.59 1.98
C LEU A 139 -11.83 6.47 0.53
N ARG A 140 -10.91 7.34 0.11
CA ARG A 140 -10.42 7.34 -1.27
C ARG A 140 -8.90 7.15 -1.31
N TYR A 141 -8.45 5.92 -1.06
CA TYR A 141 -7.03 5.61 -1.10
C TYR A 141 -6.53 5.74 -2.53
N CYS A 142 -5.58 6.65 -2.75
CA CYS A 142 -4.99 6.85 -4.07
C CYS A 142 -3.58 6.29 -4.02
N ILE A 143 -3.47 5.00 -4.34
CA ILE A 143 -2.17 4.31 -4.27
C ILE A 143 -1.92 3.51 -5.54
N ASN A 144 -0.64 3.44 -5.93
CA ASN A 144 -0.24 2.70 -7.12
C ASN A 144 0.46 1.41 -6.70
N SER A 145 0.57 0.47 -7.65
CA SER A 145 1.22 -0.81 -7.37
C SER A 145 2.69 -0.79 -7.77
N VAL A 146 3.55 -0.36 -6.84
CA VAL A 146 5.00 -0.32 -7.08
C VAL A 146 5.60 -1.72 -6.93
N CYS A 147 4.99 -2.71 -7.59
CA CYS A 147 5.43 -4.11 -7.52
C CYS A 147 5.08 -4.70 -6.15
N LEU A 148 3.77 -4.71 -5.86
CA LEU A 148 3.24 -5.24 -4.61
C LEU A 148 2.98 -6.74 -4.80
N THR A 149 3.02 -7.51 -3.71
CA THR A 149 2.84 -8.96 -3.78
C THR A 149 1.36 -9.35 -3.68
N LEU A 150 0.91 -10.16 -4.64
CA LEU A 150 -0.48 -10.61 -4.69
C LEU A 150 -0.60 -12.01 -4.11
N ILE A 151 -1.57 -12.16 -3.20
CA ILE A 151 -1.82 -13.44 -2.55
C ILE A 151 -3.05 -14.11 -3.20
N PRO A 152 -2.89 -15.24 -3.90
CA PRO A 152 -4.04 -15.94 -4.54
C PRO A 152 -4.92 -16.61 -3.48
N ALA A 153 -5.95 -15.88 -3.05
CA ALA A 153 -6.85 -16.35 -2.01
C ALA A 153 -7.55 -17.66 -2.40
N GLU A 154 -8.15 -17.69 -3.60
CA GLU A 154 -8.87 -18.88 -4.08
C GLU A 154 -9.47 -18.62 -5.47
N GLU A 155 -10.29 -17.57 -5.55
CA GLU A 155 -10.96 -17.20 -6.79
C GLU A 155 -11.84 -18.36 -7.27
N SER A 156 -12.65 -18.86 -6.35
CA SER A 156 -13.57 -19.97 -6.65
C SER A 156 -15.00 -19.60 -6.27
ZN ZN B . 4.92 -3.25 4.78
N MET A 21 9.12 -11.72 11.79
CA MET A 21 8.36 -10.43 11.73
C MET A 21 8.31 -9.80 13.13
N THR A 22 9.33 -10.10 13.96
CA THR A 22 9.39 -9.56 15.32
C THR A 22 9.47 -8.02 15.27
N ASN A 23 10.37 -7.50 14.42
CA ASN A 23 10.53 -6.05 14.30
C ASN A 23 11.35 -5.71 13.06
N PHE A 24 10.72 -5.00 12.11
CA PHE A 24 11.41 -4.58 10.88
C PHE A 24 12.28 -3.35 11.11
N LYS A 25 12.06 -2.65 12.24
CA LYS A 25 12.81 -1.44 12.56
C LYS A 25 14.29 -1.75 12.79
N LEU A 26 14.56 -2.91 13.37
CA LEU A 26 15.92 -3.33 13.67
C LEU A 26 16.71 -3.67 12.39
N ILE A 27 16.01 -3.81 11.27
CA ILE A 27 16.65 -4.14 10.00
C ILE A 27 17.68 -3.07 9.63
N THR A 28 18.78 -3.51 9.04
CA THR A 28 19.85 -2.62 8.62
C THR A 28 19.54 -2.02 7.26
N ASP A 29 20.27 -0.97 6.89
CA ASP A 29 20.05 -0.31 5.61
C ASP A 29 20.32 -1.25 4.45
N THR A 30 21.37 -2.06 4.56
CA THR A 30 21.73 -3.02 3.51
C THR A 30 20.60 -4.04 3.33
N GLU A 31 20.10 -4.57 4.45
CA GLU A 31 19.04 -5.56 4.40
C GLU A 31 17.80 -4.99 3.73
N TRP A 32 17.51 -3.72 3.99
CA TRP A 32 16.35 -3.06 3.38
C TRP A 32 16.51 -2.99 1.87
N ARG A 33 17.74 -2.71 1.41
CA ARG A 33 18.02 -2.60 -0.02
C ARG A 33 17.84 -3.93 -0.73
N GLN A 34 18.32 -5.01 -0.10
CA GLN A 34 18.22 -6.36 -0.67
C GLN A 34 16.85 -6.99 -0.39
N ARG A 35 16.16 -6.51 0.65
CA ARG A 35 14.84 -7.02 1.02
C ARG A 35 13.80 -6.76 -0.07
N LEU A 36 13.80 -5.54 -0.62
CA LEU A 36 12.84 -5.18 -1.67
C LEU A 36 13.54 -4.42 -2.81
N SER A 37 12.76 -4.07 -3.83
CA SER A 37 13.27 -3.36 -5.00
C SER A 37 13.94 -2.05 -4.58
N SER A 38 14.89 -1.60 -5.40
CA SER A 38 15.60 -0.35 -5.11
C SER A 38 14.60 0.80 -4.99
N GLU A 39 13.54 0.74 -5.82
CA GLU A 39 12.50 1.76 -5.77
C GLU A 39 11.73 1.64 -4.46
N GLU A 40 11.36 0.41 -4.09
CA GLU A 40 10.64 0.18 -2.83
C GLU A 40 11.46 0.69 -1.64
N TYR A 41 12.79 0.58 -1.74
CA TYR A 41 13.67 1.03 -0.66
C TYR A 41 13.50 2.54 -0.38
N ARG A 42 13.59 3.36 -1.42
CA ARG A 42 13.44 4.81 -1.27
C ARG A 42 11.98 5.20 -1.05
N VAL A 43 11.10 4.50 -1.76
CA VAL A 43 9.66 4.75 -1.69
C VAL A 43 9.13 4.47 -0.28
N LEU A 44 9.58 3.36 0.30
CA LEU A 44 9.16 2.96 1.64
C LEU A 44 9.91 3.71 2.75
N ARG A 45 11.01 4.39 2.39
CA ARG A 45 11.81 5.11 3.38
C ARG A 45 11.33 6.56 3.57
N GLU A 46 11.20 7.31 2.46
CA GLU A 46 10.77 8.72 2.53
C GLU A 46 9.69 9.06 1.51
N ALA A 47 8.91 8.07 1.07
CA ALA A 47 7.84 8.31 0.10
C ALA A 47 8.42 8.97 -1.17
N GLY A 48 9.46 8.34 -1.71
CA GLY A 48 10.14 8.85 -2.90
C GLY A 48 9.19 8.97 -4.09
N THR A 49 8.33 7.97 -4.29
CA THR A 49 7.37 7.97 -5.41
C THR A 49 6.54 6.68 -5.39
N GLU A 50 5.74 6.47 -6.43
CA GLU A 50 4.90 5.28 -6.54
C GLU A 50 4.67 4.92 -8.01
N ALA A 51 5.77 4.59 -8.70
CA ALA A 51 5.70 4.23 -10.11
C ALA A 51 5.70 2.71 -10.32
N PRO A 52 4.63 2.13 -10.86
CA PRO A 52 4.55 0.66 -11.13
C PRO A 52 5.41 0.24 -12.33
N HIS A 53 5.18 -0.98 -12.83
CA HIS A 53 5.93 -1.53 -13.98
C HIS A 53 7.42 -1.65 -13.66
N THR A 54 7.71 -1.98 -12.40
CA THR A 54 9.10 -2.17 -11.96
C THR A 54 9.41 -3.64 -11.61
N GLY A 55 8.45 -4.54 -11.89
CA GLY A 55 8.63 -5.96 -11.61
C GLY A 55 7.79 -6.79 -12.57
N GLU A 56 8.48 -7.56 -13.41
CA GLU A 56 7.83 -8.42 -14.39
C GLU A 56 7.05 -9.57 -13.72
N TYR A 57 7.48 -9.93 -12.51
CA TYR A 57 6.85 -11.02 -11.76
C TYR A 57 5.58 -10.56 -11.03
N THR A 58 5.20 -9.29 -11.17
CA THR A 58 4.00 -8.77 -10.51
C THR A 58 2.75 -9.34 -11.17
N ASN A 59 1.64 -9.35 -10.43
CA ASN A 59 0.37 -9.87 -10.94
C ASN A 59 -0.81 -9.20 -10.24
N THR A 60 -1.62 -8.48 -11.01
CA THR A 60 -2.79 -7.79 -10.46
C THR A 60 -4.11 -8.46 -10.88
N THR A 61 -4.04 -9.44 -11.79
CA THR A 61 -5.23 -10.15 -12.27
C THR A 61 -5.89 -10.91 -11.10
N THR A 62 -5.05 -11.54 -10.27
CA THR A 62 -5.54 -12.31 -9.13
C THR A 62 -6.34 -11.41 -8.19
N GLU A 63 -7.39 -11.98 -7.60
CA GLU A 63 -8.25 -11.24 -6.67
C GLU A 63 -8.06 -11.79 -5.25
N GLY A 64 -6.80 -12.07 -4.91
CA GLY A 64 -6.46 -12.61 -3.61
C GLY A 64 -6.23 -11.53 -2.57
N ILE A 65 -5.07 -11.58 -1.92
CA ILE A 65 -4.73 -10.62 -0.86
C ILE A 65 -3.44 -9.89 -1.19
N TYR A 66 -3.49 -8.57 -1.03
CA TYR A 66 -2.33 -7.72 -1.26
C TYR A 66 -1.31 -7.92 -0.14
N SER A 67 -0.02 -7.95 -0.50
CA SER A 67 1.03 -8.11 0.50
C SER A 67 2.20 -7.17 0.20
N CYS A 68 2.55 -6.38 1.21
CA CYS A 68 3.65 -5.43 1.12
C CYS A 68 4.94 -6.14 0.78
N ARG A 69 5.63 -5.66 -0.26
CA ARG A 69 6.90 -6.26 -0.67
C ARG A 69 7.92 -6.18 0.47
N ALA A 70 7.86 -5.07 1.21
CA ALA A 70 8.79 -4.80 2.30
C ALA A 70 8.74 -5.86 3.41
N CYS A 71 7.54 -6.16 3.91
CA CYS A 71 7.38 -7.13 5.00
C CYS A 71 6.51 -8.32 4.60
N GLY A 72 5.48 -8.05 3.80
CA GLY A 72 4.57 -9.10 3.34
C GLY A 72 3.29 -9.13 4.17
N THR A 73 2.89 -7.95 4.67
CA THR A 73 1.69 -7.84 5.50
C THR A 73 0.43 -7.78 4.64
N GLU A 74 -0.71 -8.24 5.18
CA GLU A 74 -1.97 -8.21 4.46
C GLU A 74 -2.55 -6.79 4.47
N LEU A 75 -1.88 -5.90 3.75
CA LEU A 75 -2.27 -4.49 3.67
C LEU A 75 -3.68 -4.32 3.11
N PHE A 76 -4.00 -5.08 2.07
CA PHE A 76 -5.31 -5.00 1.43
C PHE A 76 -5.75 -6.37 0.91
N ARG A 77 -7.03 -6.50 0.56
CA ARG A 77 -7.56 -7.76 0.03
C ARG A 77 -8.76 -7.49 -0.89
N SER A 78 -9.09 -8.48 -1.71
CA SER A 78 -10.18 -8.37 -2.67
C SER A 78 -11.55 -8.18 -2.01
N THR A 79 -11.68 -8.55 -0.73
CA THR A 79 -12.97 -8.42 -0.05
C THR A 79 -13.49 -6.97 -0.10
N GLU A 80 -12.55 -6.01 0.00
CA GLU A 80 -12.91 -4.59 -0.03
C GLU A 80 -12.53 -3.95 -1.37
N LYS A 81 -12.19 -4.77 -2.38
CA LYS A 81 -11.83 -4.27 -3.70
C LYS A 81 -13.10 -4.02 -4.51
N PHE A 82 -13.27 -2.77 -4.96
CA PHE A 82 -14.44 -2.40 -5.74
C PHE A 82 -14.18 -2.64 -7.23
N ASN A 83 -13.22 -1.90 -7.78
CA ASN A 83 -12.88 -2.04 -9.20
C ASN A 83 -11.52 -1.39 -9.49
N SER A 84 -10.61 -2.17 -10.07
CA SER A 84 -9.28 -1.66 -10.40
C SER A 84 -8.96 -1.90 -11.87
N HIS A 85 -8.29 -0.94 -12.50
CA HIS A 85 -7.93 -1.05 -13.91
C HIS A 85 -6.53 -0.46 -14.16
N CYS A 86 -6.43 0.88 -14.13
CA CYS A 86 -5.15 1.55 -14.36
C CYS A 86 -5.19 2.99 -13.87
N GLY A 87 -4.10 3.40 -13.20
CA GLY A 87 -4.00 4.78 -12.68
C GLY A 87 -4.36 4.85 -11.21
N TRP A 88 -3.41 4.49 -10.35
CA TRP A 88 -3.61 4.53 -8.90
C TRP A 88 -4.95 3.87 -8.51
N PRO A 89 -5.11 2.54 -8.68
CA PRO A 89 -6.38 1.83 -8.33
C PRO A 89 -6.78 2.10 -6.88
N SER A 90 -8.09 2.27 -6.66
CA SER A 90 -8.60 2.54 -5.32
C SER A 90 -9.35 1.33 -4.75
N PHE A 91 -9.39 1.27 -3.42
CA PHE A 91 -10.05 0.16 -2.72
C PHE A 91 -10.80 0.72 -1.51
N PHE A 92 -11.59 -0.14 -0.85
CA PHE A 92 -12.34 0.27 0.34
C PHE A 92 -11.42 0.12 1.56
N SER A 93 -11.99 0.20 2.77
CA SER A 93 -11.21 0.07 4.00
C SER A 93 -10.25 -1.12 3.96
N PRO A 94 -9.05 -1.02 4.54
CA PRO A 94 -8.05 -2.14 4.54
C PRO A 94 -8.57 -3.33 5.35
N LEU A 95 -7.74 -4.38 5.48
CA LEU A 95 -8.14 -5.58 6.22
C LEU A 95 -8.76 -5.22 7.57
N ALA A 96 -7.97 -4.58 8.43
CA ALA A 96 -8.47 -4.18 9.76
C ALA A 96 -7.75 -2.95 10.32
N GLY A 97 -6.90 -2.31 9.49
CA GLY A 97 -6.15 -1.14 9.94
C GLY A 97 -4.93 -1.54 10.80
N ASP A 98 -4.71 -2.85 10.95
CA ASP A 98 -3.60 -3.37 11.72
C ASP A 98 -2.36 -3.55 10.86
N LYS A 99 -2.58 -3.74 9.56
CA LYS A 99 -1.47 -3.94 8.61
C LYS A 99 -1.10 -2.61 7.95
N VAL A 100 -2.00 -1.61 8.06
CA VAL A 100 -1.77 -0.27 7.49
C VAL A 100 -2.20 0.80 8.49
N ILE A 101 -1.52 1.95 8.46
CA ILE A 101 -1.85 3.06 9.36
C ILE A 101 -2.18 4.32 8.54
N GLU A 102 -3.24 5.01 8.97
CA GLU A 102 -3.70 6.24 8.30
C GLU A 102 -3.47 7.43 9.22
N ARG A 103 -2.68 8.41 8.76
CA ARG A 103 -2.40 9.60 9.56
C ARG A 103 -2.48 10.87 8.72
N THR A 104 -2.84 11.99 9.34
CA THR A 104 -2.96 13.26 8.63
C THR A 104 -1.61 14.02 8.66
N ASP A 105 -1.31 14.73 7.56
CA ASP A 105 -0.04 15.47 7.46
C ASP A 105 -0.27 16.90 6.96
N THR A 106 0.07 17.88 7.81
CA THR A 106 -0.06 19.29 7.46
C THR A 106 1.09 19.68 6.54
N SER A 107 0.93 19.27 5.29
CA SER A 107 1.95 19.52 4.26
C SER A 107 2.23 21.01 4.06
N HIS A 108 1.17 21.83 3.90
CA HIS A 108 1.35 23.28 3.71
C HIS A 108 0.01 24.02 3.67
N GLY A 109 -0.49 24.42 4.84
CA GLY A 109 -1.76 25.15 4.94
C GLY A 109 -2.97 24.21 4.93
N MET A 110 -2.73 22.93 4.64
CA MET A 110 -3.79 21.94 4.58
C MET A 110 -3.25 20.57 4.99
N VAL A 111 -4.13 19.68 5.42
CA VAL A 111 -3.70 18.35 5.83
C VAL A 111 -4.25 17.26 4.90
N ARG A 112 -3.47 16.20 4.73
CA ARG A 112 -3.85 15.08 3.88
C ARG A 112 -3.59 13.79 4.66
N THR A 113 -4.49 12.81 4.52
CA THR A 113 -4.32 11.54 5.22
C THR A 113 -3.45 10.62 4.38
N GLU A 114 -2.23 10.39 4.85
CA GLU A 114 -1.30 9.53 4.16
C GLU A 114 -1.50 8.09 4.61
N VAL A 115 -1.25 7.17 3.68
CA VAL A 115 -1.39 5.74 3.97
C VAL A 115 -0.02 5.11 4.11
N ILE A 116 0.21 4.50 5.27
CA ILE A 116 1.48 3.83 5.56
C ILE A 116 1.23 2.40 6.00
N CYS A 117 2.26 1.59 5.91
CA CYS A 117 2.18 0.19 6.33
C CYS A 117 2.45 0.12 7.83
N ALA A 118 1.62 -0.62 8.55
CA ALA A 118 1.75 -0.72 9.99
C ALA A 118 3.13 -1.26 10.40
N ASN A 119 3.80 -1.97 9.48
CA ASN A 119 5.12 -2.53 9.78
C ASN A 119 6.26 -1.70 9.18
N CYS A 120 5.97 -0.94 8.12
CA CYS A 120 6.99 -0.11 7.49
C CYS A 120 6.40 1.21 7.00
N GLU A 121 7.27 2.19 6.73
CA GLU A 121 6.82 3.51 6.29
C GLU A 121 6.41 3.52 4.83
N SER A 122 5.28 2.86 4.55
CA SER A 122 4.75 2.81 3.19
C SER A 122 3.89 4.04 2.91
N HIS A 123 4.48 5.21 3.19
CA HIS A 123 3.80 6.50 2.95
C HIS A 123 3.81 6.86 1.45
N LEU A 124 3.93 5.84 0.60
CA LEU A 124 3.95 6.02 -0.85
C LEU A 124 2.56 6.38 -1.38
N GLY A 125 1.52 6.02 -0.62
CA GLY A 125 0.15 6.30 -1.04
C GLY A 125 -0.59 7.18 -0.03
N HIS A 126 -1.73 7.71 -0.47
CA HIS A 126 -2.56 8.58 0.37
C HIS A 126 -4.03 8.20 0.22
N VAL A 127 -4.84 8.56 1.22
CA VAL A 127 -6.27 8.26 1.21
C VAL A 127 -7.08 9.52 1.51
N PHE A 128 -8.23 9.66 0.84
CA PHE A 128 -9.10 10.83 1.03
C PHE A 128 -10.47 10.42 1.57
N ALA A 129 -11.04 11.28 2.39
CA ALA A 129 -12.37 11.03 2.98
C ALA A 129 -13.35 12.09 2.53
N GLY A 130 -14.65 11.78 2.62
CA GLY A 130 -15.70 12.72 2.21
C GLY A 130 -15.90 12.68 0.68
N GLU A 131 -15.48 11.58 0.05
CA GLU A 131 -15.61 11.43 -1.40
C GLU A 131 -17.07 11.20 -1.80
N GLY A 132 -17.85 10.61 -0.89
CA GLY A 132 -19.27 10.34 -1.18
C GLY A 132 -19.41 9.20 -2.19
N TYR A 133 -18.55 8.18 -2.05
CA TYR A 133 -18.56 7.03 -2.94
C TYR A 133 -19.59 5.98 -2.48
N ASP A 134 -20.48 6.37 -1.57
CA ASP A 134 -21.51 5.47 -1.05
C ASP A 134 -20.89 4.24 -0.38
N THR A 135 -19.96 4.50 0.54
CA THR A 135 -19.29 3.44 1.29
C THR A 135 -19.39 3.70 2.80
N PRO A 136 -19.28 2.67 3.63
CA PRO A 136 -19.37 2.81 5.12
C PRO A 136 -18.23 3.65 5.69
N THR A 137 -17.11 3.70 4.96
CA THR A 137 -15.94 4.47 5.38
C THR A 137 -15.82 5.77 4.58
N ASP A 138 -16.40 5.78 3.38
CA ASP A 138 -16.36 6.96 2.51
C ASP A 138 -14.90 7.38 2.26
N LEU A 139 -14.04 6.38 2.06
CA LEU A 139 -12.62 6.63 1.79
C LEU A 139 -12.24 6.17 0.39
N ARG A 140 -11.40 6.97 -0.27
CA ARG A 140 -10.94 6.64 -1.61
C ARG A 140 -9.41 6.56 -1.61
N TYR A 141 -8.90 5.42 -1.16
CA TYR A 141 -7.45 5.20 -1.10
C TYR A 141 -6.85 5.32 -2.49
N CYS A 142 -5.83 6.17 -2.62
CA CYS A 142 -5.14 6.35 -3.89
C CYS A 142 -3.73 5.80 -3.75
N ILE A 143 -3.58 4.50 -4.04
CA ILE A 143 -2.28 3.84 -3.92
C ILE A 143 -1.87 3.23 -5.25
N ASN A 144 -0.58 3.30 -5.55
CA ASN A 144 -0.04 2.75 -6.79
C ASN A 144 0.63 1.40 -6.49
N SER A 145 0.91 0.64 -7.54
CA SER A 145 1.54 -0.67 -7.36
C SER A 145 3.01 -0.63 -7.75
N VAL A 146 3.86 -0.17 -6.82
CA VAL A 146 5.30 -0.10 -7.05
C VAL A 146 5.92 -1.51 -6.87
N CYS A 147 5.31 -2.50 -7.55
CA CYS A 147 5.77 -3.89 -7.45
C CYS A 147 5.41 -4.49 -6.08
N LEU A 148 4.10 -4.53 -5.82
CA LEU A 148 3.58 -5.08 -4.56
C LEU A 148 3.38 -6.59 -4.75
N THR A 149 3.46 -7.34 -3.65
CA THR A 149 3.33 -8.80 -3.71
C THR A 149 1.87 -9.23 -3.62
N LEU A 150 1.47 -10.10 -4.56
CA LEU A 150 0.11 -10.60 -4.62
C LEU A 150 0.03 -12.00 -4.02
N ILE A 151 -0.92 -12.19 -3.12
CA ILE A 151 -1.13 -13.49 -2.49
C ILE A 151 -2.37 -14.13 -3.13
N PRO A 152 -2.24 -15.22 -3.86
CA PRO A 152 -3.40 -15.89 -4.52
C PRO A 152 -4.27 -16.59 -3.49
N ALA A 153 -5.40 -15.96 -3.15
CA ALA A 153 -6.30 -16.51 -2.14
C ALA A 153 -6.81 -17.90 -2.55
N GLU A 154 -7.25 -18.03 -3.81
CA GLU A 154 -7.75 -19.31 -4.30
C GLU A 154 -8.11 -19.18 -5.79
N GLU A 155 -9.07 -18.29 -6.07
CA GLU A 155 -9.51 -18.05 -7.44
C GLU A 155 -9.98 -19.35 -8.09
N SER A 156 -10.80 -20.08 -7.35
CA SER A 156 -11.34 -21.36 -7.83
C SER A 156 -12.77 -21.55 -7.35
ZN ZN B . 5.03 -3.12 4.76
N MET A 21 10.79 -10.94 10.57
CA MET A 21 11.40 -10.24 11.75
C MET A 21 10.29 -9.56 12.55
N THR A 22 10.35 -9.71 13.88
CA THR A 22 9.35 -9.12 14.76
C THR A 22 9.44 -7.59 14.75
N ASN A 23 10.66 -7.07 14.64
CA ASN A 23 10.88 -5.63 14.62
C ASN A 23 11.68 -5.23 13.38
N PHE A 24 11.02 -4.55 12.44
CA PHE A 24 11.67 -4.13 11.20
C PHE A 24 12.51 -2.86 11.37
N LYS A 25 12.34 -2.17 12.51
CA LYS A 25 13.06 -0.93 12.78
C LYS A 25 14.56 -1.17 12.93
N LEU A 26 14.90 -2.30 13.54
CA LEU A 26 16.30 -2.66 13.78
C LEU A 26 17.03 -3.06 12.49
N ILE A 27 16.27 -3.29 11.41
CA ILE A 27 16.86 -3.68 10.13
C ILE A 27 17.86 -2.61 9.67
N THR A 28 18.96 -3.08 9.07
CA THR A 28 20.01 -2.21 8.58
C THR A 28 19.65 -1.69 7.20
N ASP A 29 20.36 -0.64 6.76
CA ASP A 29 20.09 -0.05 5.45
C ASP A 29 20.35 -1.06 4.33
N THR A 30 21.41 -1.84 4.46
CA THR A 30 21.76 -2.85 3.45
C THR A 30 20.64 -3.88 3.35
N GLU A 31 20.17 -4.36 4.51
CA GLU A 31 19.11 -5.36 4.54
C GLU A 31 17.86 -4.84 3.86
N TRP A 32 17.55 -3.56 4.05
CA TRP A 32 16.39 -2.94 3.42
C TRP A 32 16.53 -2.95 1.90
N ARG A 33 17.74 -2.68 1.41
CA ARG A 33 18.01 -2.64 -0.02
C ARG A 33 17.83 -4.01 -0.66
N GLN A 34 18.31 -5.05 0.02
CA GLN A 34 18.22 -6.42 -0.47
C GLN A 34 16.86 -7.05 -0.14
N ARG A 35 16.18 -6.51 0.89
CA ARG A 35 14.87 -7.00 1.30
C ARG A 35 13.83 -6.79 0.20
N LEU A 36 13.83 -5.60 -0.41
CA LEU A 36 12.87 -5.29 -1.47
C LEU A 36 13.55 -4.57 -2.64
N SER A 37 12.76 -4.29 -3.68
CA SER A 37 13.27 -3.62 -4.89
C SER A 37 13.89 -2.27 -4.55
N SER A 38 14.73 -1.80 -5.46
CA SER A 38 15.40 -0.50 -5.27
C SER A 38 14.34 0.58 -5.13
N GLU A 39 13.29 0.49 -5.96
CA GLU A 39 12.20 1.46 -5.90
C GLU A 39 11.49 1.37 -4.55
N GLU A 40 11.17 0.14 -4.11
CA GLU A 40 10.51 -0.05 -2.83
C GLU A 40 11.35 0.55 -1.69
N TYR A 41 12.67 0.44 -1.81
CA TYR A 41 13.58 0.95 -0.78
C TYR A 41 13.43 2.47 -0.58
N ARG A 42 13.50 3.24 -1.69
CA ARG A 42 13.38 4.71 -1.59
C ARG A 42 11.92 5.12 -1.34
N VAL A 43 11.01 4.41 -2.00
CA VAL A 43 9.59 4.67 -1.89
C VAL A 43 9.13 4.48 -0.44
N LEU A 44 9.56 3.38 0.17
CA LEU A 44 9.20 3.09 1.55
C LEU A 44 9.90 4.04 2.52
N ARG A 45 11.15 4.42 2.19
CA ARG A 45 11.92 5.29 3.07
C ARG A 45 11.30 6.68 3.22
N GLU A 46 10.99 7.34 2.10
CA GLU A 46 10.46 8.72 2.15
C GLU A 46 9.28 8.95 1.19
N ALA A 47 8.60 7.88 0.75
CA ALA A 47 7.48 8.04 -0.18
C ALA A 47 7.96 8.74 -1.45
N GLY A 48 9.06 8.21 -2.00
CA GLY A 48 9.68 8.77 -3.20
C GLY A 48 8.71 8.79 -4.38
N THR A 49 7.97 7.69 -4.57
CA THR A 49 7.02 7.60 -5.68
C THR A 49 6.22 6.29 -5.62
N GLU A 50 5.34 6.08 -6.60
CA GLU A 50 4.54 4.86 -6.66
C GLU A 50 4.22 4.51 -8.12
N ALA A 51 5.29 4.28 -8.89
CA ALA A 51 5.16 3.95 -10.31
C ALA A 51 5.28 2.44 -10.55
N PRO A 52 4.23 1.78 -11.03
CA PRO A 52 4.27 0.32 -11.35
C PRO A 52 5.07 0.04 -12.64
N HIS A 53 4.90 -1.17 -13.19
CA HIS A 53 5.60 -1.57 -14.42
C HIS A 53 7.13 -1.59 -14.22
N THR A 54 7.55 -1.97 -13.01
CA THR A 54 8.97 -2.07 -12.69
C THR A 54 9.35 -3.52 -12.33
N GLY A 55 8.52 -4.48 -12.78
CA GLY A 55 8.76 -5.89 -12.52
C GLY A 55 7.87 -6.74 -13.41
N GLU A 56 8.46 -7.72 -14.07
CA GLU A 56 7.73 -8.60 -14.99
C GLU A 56 6.79 -9.55 -14.23
N TYR A 57 7.12 -9.82 -12.97
CA TYR A 57 6.32 -10.73 -12.14
C TYR A 57 5.15 -9.99 -11.44
N THR A 58 5.02 -8.68 -11.69
CA THR A 58 3.96 -7.88 -11.07
C THR A 58 2.57 -8.30 -11.57
N ASN A 59 2.52 -8.83 -12.81
CA ASN A 59 1.25 -9.25 -13.40
C ASN A 59 0.89 -10.66 -12.95
N THR A 60 -0.09 -10.76 -12.06
CA THR A 60 -0.53 -12.05 -11.55
C THR A 60 -2.03 -12.24 -11.82
N THR A 61 -2.37 -13.41 -12.35
CA THR A 61 -3.77 -13.73 -12.68
C THR A 61 -4.62 -13.71 -11.41
N THR A 62 -4.09 -14.29 -10.33
CA THR A 62 -4.82 -14.35 -9.06
C THR A 62 -5.01 -12.96 -8.48
N GLU A 63 -6.09 -12.80 -7.71
CA GLU A 63 -6.41 -11.52 -7.08
C GLU A 63 -7.01 -11.77 -5.69
N GLY A 64 -6.19 -12.36 -4.83
CA GLY A 64 -6.62 -12.69 -3.47
C GLY A 64 -6.41 -11.53 -2.52
N ILE A 65 -5.22 -11.48 -1.92
CA ILE A 65 -4.91 -10.45 -0.93
C ILE A 65 -3.58 -9.79 -1.27
N TYR A 66 -3.56 -8.46 -1.13
CA TYR A 66 -2.36 -7.67 -1.37
C TYR A 66 -1.38 -7.84 -0.21
N SER A 67 -0.10 -8.03 -0.53
CA SER A 67 0.91 -8.20 0.51
C SER A 67 2.15 -7.34 0.24
N CYS A 68 2.51 -6.53 1.25
CA CYS A 68 3.68 -5.64 1.16
C CYS A 68 4.90 -6.40 0.67
N ARG A 69 5.55 -5.88 -0.35
CA ARG A 69 6.76 -6.52 -0.87
C ARG A 69 7.83 -6.54 0.23
N ALA A 70 7.86 -5.46 1.01
CA ALA A 70 8.82 -5.29 2.09
C ALA A 70 8.70 -6.33 3.21
N CYS A 71 7.47 -6.52 3.72
CA CYS A 71 7.25 -7.45 4.84
C CYS A 71 6.30 -8.58 4.47
N GLY A 72 5.27 -8.27 3.67
CA GLY A 72 4.30 -9.27 3.24
C GLY A 72 3.00 -9.18 4.04
N THR A 73 2.73 -8.00 4.62
CA THR A 73 1.51 -7.81 5.42
C THR A 73 0.29 -7.66 4.52
N GLU A 74 -0.88 -8.10 4.99
CA GLU A 74 -2.10 -7.98 4.22
C GLU A 74 -2.58 -6.51 4.24
N LEU A 75 -1.84 -5.66 3.56
CA LEU A 75 -2.15 -4.22 3.50
C LEU A 75 -3.55 -3.99 2.95
N PHE A 76 -3.91 -4.78 1.94
CA PHE A 76 -5.23 -4.66 1.32
C PHE A 76 -5.76 -6.03 0.91
N ARG A 77 -7.06 -6.09 0.65
CA ARG A 77 -7.71 -7.34 0.24
C ARG A 77 -8.60 -7.09 -0.96
N SER A 78 -8.54 -8.03 -1.91
CA SER A 78 -9.31 -7.94 -3.15
C SER A 78 -10.82 -7.78 -2.90
N THR A 79 -11.29 -8.14 -1.71
CA THR A 79 -12.73 -8.04 -1.41
C THR A 79 -13.18 -6.59 -1.28
N GLU A 80 -12.26 -5.70 -0.86
CA GLU A 80 -12.60 -4.27 -0.70
C GLU A 80 -11.89 -3.40 -1.75
N LYS A 81 -11.44 -4.00 -2.85
CA LYS A 81 -10.78 -3.24 -3.93
C LYS A 81 -11.72 -3.02 -5.11
N PHE A 82 -11.86 -1.76 -5.51
CA PHE A 82 -12.73 -1.39 -6.63
C PHE A 82 -12.24 -2.07 -7.91
N ASN A 83 -10.93 -1.96 -8.18
CA ASN A 83 -10.32 -2.56 -9.36
C ASN A 83 -11.03 -2.10 -10.64
N SER A 84 -10.46 -2.48 -11.79
CA SER A 84 -11.03 -2.13 -13.10
C SER A 84 -11.15 -0.60 -13.26
N HIS A 85 -10.12 0.13 -12.81
CA HIS A 85 -10.11 1.59 -12.91
C HIS A 85 -8.82 2.10 -13.60
N CYS A 86 -7.77 1.27 -13.62
CA CYS A 86 -6.49 1.64 -14.23
C CYS A 86 -5.89 2.84 -13.51
N GLY A 87 -4.65 3.18 -13.86
CA GLY A 87 -3.97 4.31 -13.22
C GLY A 87 -3.88 4.09 -11.73
N TRP A 88 -4.45 5.02 -10.96
CA TRP A 88 -4.46 4.90 -9.50
C TRP A 88 -5.89 4.52 -9.04
N PRO A 89 -6.21 3.22 -8.96
CA PRO A 89 -7.58 2.76 -8.55
C PRO A 89 -7.87 3.01 -7.07
N SER A 90 -9.09 3.43 -6.78
CA SER A 90 -9.51 3.68 -5.40
C SER A 90 -9.77 2.35 -4.70
N PHE A 91 -9.76 2.37 -3.37
CA PHE A 91 -10.00 1.16 -2.60
C PHE A 91 -10.93 1.46 -1.42
N PHE A 92 -11.50 0.41 -0.85
CA PHE A 92 -12.39 0.54 0.29
C PHE A 92 -11.59 0.24 1.57
N SER A 93 -12.28 0.06 2.70
CA SER A 93 -11.62 -0.22 3.97
C SER A 93 -10.57 -1.34 3.83
N PRO A 94 -9.39 -1.21 4.43
CA PRO A 94 -8.32 -2.26 4.35
C PRO A 94 -8.65 -3.49 5.21
N LEU A 95 -7.67 -4.38 5.37
CA LEU A 95 -7.83 -5.60 6.17
C LEU A 95 -8.58 -5.31 7.48
N ALA A 96 -7.98 -4.47 8.33
CA ALA A 96 -8.61 -4.10 9.60
C ALA A 96 -7.86 -2.94 10.29
N GLY A 97 -6.99 -2.25 9.55
CA GLY A 97 -6.22 -1.13 10.11
C GLY A 97 -5.03 -1.61 10.94
N ASP A 98 -4.80 -2.93 10.99
CA ASP A 98 -3.70 -3.50 11.74
C ASP A 98 -2.46 -3.66 10.87
N LYS A 99 -2.68 -3.85 9.57
CA LYS A 99 -1.57 -4.02 8.62
C LYS A 99 -1.17 -2.65 8.04
N VAL A 100 -2.06 -1.66 8.17
CA VAL A 100 -1.80 -0.30 7.66
C VAL A 100 -2.23 0.75 8.69
N ILE A 101 -1.55 1.90 8.68
CA ILE A 101 -1.88 2.99 9.60
C ILE A 101 -2.21 4.26 8.80
N GLU A 102 -3.28 4.93 9.23
CA GLU A 102 -3.74 6.16 8.58
C GLU A 102 -3.52 7.34 9.52
N ARG A 103 -2.68 8.29 9.09
CA ARG A 103 -2.37 9.48 9.89
C ARG A 103 -2.48 10.72 9.02
N THR A 104 -2.86 11.85 9.62
CA THR A 104 -3.02 13.09 8.86
C THR A 104 -1.81 14.03 9.09
N ASP A 105 -1.42 14.72 8.03
CA ASP A 105 -0.30 15.65 8.08
C ASP A 105 -0.72 17.03 7.59
N THR A 106 -0.55 18.04 8.45
CA THR A 106 -0.93 19.41 8.12
C THR A 106 0.12 20.07 7.24
N SER A 107 0.19 19.60 6.00
CA SER A 107 1.11 20.16 5.02
C SER A 107 0.56 21.50 4.53
N HIS A 108 1.45 22.37 4.05
CA HIS A 108 1.05 23.69 3.55
C HIS A 108 0.00 24.37 4.46
N GLY A 109 -1.30 24.21 4.14
CA GLY A 109 -2.38 24.81 4.95
C GLY A 109 -3.41 23.77 5.37
N MET A 110 -3.72 22.84 4.45
CA MET A 110 -4.69 21.78 4.72
C MET A 110 -3.98 20.50 5.17
N VAL A 111 -4.76 19.49 5.58
CA VAL A 111 -4.18 18.22 6.01
C VAL A 111 -4.53 17.09 5.05
N ARG A 112 -3.64 16.09 4.97
CA ARG A 112 -3.85 14.94 4.11
C ARG A 112 -3.56 13.67 4.90
N THR A 113 -4.37 12.63 4.69
CA THR A 113 -4.16 11.38 5.43
C THR A 113 -3.20 10.49 4.65
N GLU A 114 -1.99 10.34 5.19
CA GLU A 114 -0.98 9.51 4.58
C GLU A 114 -1.21 8.06 4.96
N VAL A 115 -1.19 7.18 3.97
CA VAL A 115 -1.39 5.75 4.21
C VAL A 115 -0.03 5.08 4.33
N ILE A 116 0.21 4.50 5.50
CA ILE A 116 1.47 3.81 5.78
C ILE A 116 1.21 2.39 6.22
N CYS A 117 2.23 1.56 6.09
CA CYS A 117 2.14 0.17 6.52
C CYS A 117 2.40 0.10 8.02
N ALA A 118 1.58 -0.67 8.72
CA ALA A 118 1.71 -0.80 10.18
C ALA A 118 3.09 -1.35 10.57
N ASN A 119 3.77 -2.04 9.63
CA ASN A 119 5.08 -2.61 9.92
C ASN A 119 6.22 -1.79 9.31
N CYS A 120 5.93 -1.02 8.26
CA CYS A 120 6.95 -0.20 7.62
C CYS A 120 6.36 1.12 7.11
N GLU A 121 7.22 2.07 6.78
CA GLU A 121 6.77 3.39 6.32
C GLU A 121 6.31 3.36 4.86
N SER A 122 5.17 2.70 4.63
CA SER A 122 4.60 2.63 3.28
C SER A 122 3.76 3.87 3.00
N HIS A 123 4.36 5.03 3.25
CA HIS A 123 3.71 6.33 2.98
C HIS A 123 3.66 6.64 1.49
N LEU A 124 3.89 5.62 0.65
CA LEU A 124 3.88 5.79 -0.81
C LEU A 124 2.50 6.23 -1.31
N GLY A 125 1.46 6.00 -0.48
CA GLY A 125 0.09 6.35 -0.89
C GLY A 125 -0.60 7.27 0.12
N HIS A 126 -1.80 7.71 -0.27
CA HIS A 126 -2.63 8.59 0.57
C HIS A 126 -4.09 8.17 0.50
N VAL A 127 -4.90 8.63 1.46
CA VAL A 127 -6.33 8.29 1.49
C VAL A 127 -7.14 9.55 1.79
N PHE A 128 -8.32 9.66 1.15
CA PHE A 128 -9.20 10.81 1.35
C PHE A 128 -10.52 10.37 1.99
N ALA A 129 -10.98 11.14 2.97
CA ALA A 129 -12.23 10.82 3.66
C ALA A 129 -13.26 11.94 3.50
N GLY A 130 -14.53 11.57 3.51
CA GLY A 130 -15.62 12.54 3.37
C GLY A 130 -15.85 12.94 1.91
N GLU A 131 -15.31 12.14 0.97
CA GLU A 131 -15.44 12.43 -0.46
C GLU A 131 -16.87 12.14 -0.94
N GLY A 132 -17.56 11.20 -0.27
CA GLY A 132 -18.93 10.85 -0.66
C GLY A 132 -18.92 9.78 -1.76
N TYR A 133 -18.08 8.77 -1.58
CA TYR A 133 -17.97 7.67 -2.54
C TYR A 133 -19.04 6.59 -2.30
N ASP A 134 -20.04 6.92 -1.48
CA ASP A 134 -21.12 5.99 -1.17
C ASP A 134 -20.58 4.68 -0.58
N THR A 135 -19.74 4.82 0.46
CA THR A 135 -19.14 3.67 1.13
C THR A 135 -19.31 3.79 2.65
N PRO A 136 -19.26 2.68 3.37
CA PRO A 136 -19.40 2.69 4.87
C PRO A 136 -18.26 3.46 5.55
N THR A 137 -17.12 3.54 4.87
CA THR A 137 -15.95 4.26 5.39
C THR A 137 -15.77 5.60 4.70
N ASP A 138 -16.33 5.73 3.49
CA ASP A 138 -16.22 6.97 2.71
C ASP A 138 -14.75 7.33 2.50
N LEU A 139 -13.92 6.29 2.29
CA LEU A 139 -12.49 6.49 2.07
C LEU A 139 -12.11 6.16 0.63
N ARG A 140 -11.27 7.01 0.04
CA ARG A 140 -10.81 6.81 -1.33
C ARG A 140 -9.29 6.67 -1.34
N TYR A 141 -8.81 5.49 -0.91
CA TYR A 141 -7.38 5.22 -0.86
C TYR A 141 -6.80 5.27 -2.27
N CYS A 142 -5.81 6.14 -2.47
CA CYS A 142 -5.15 6.26 -3.76
C CYS A 142 -3.75 5.68 -3.64
N ILE A 143 -3.64 4.37 -3.89
CA ILE A 143 -2.35 3.67 -3.79
C ILE A 143 -2.03 2.99 -5.12
N ASN A 144 -0.74 2.95 -5.47
CA ASN A 144 -0.30 2.32 -6.70
C ASN A 144 0.39 0.99 -6.37
N SER A 145 0.75 0.24 -7.42
CA SER A 145 1.41 -1.05 -7.23
C SER A 145 2.88 -0.98 -7.62
N VAL A 146 3.72 -0.54 -6.68
CA VAL A 146 5.16 -0.45 -6.90
C VAL A 146 5.81 -1.83 -6.76
N CYS A 147 5.24 -2.82 -7.47
CA CYS A 147 5.71 -4.22 -7.40
C CYS A 147 5.37 -4.83 -6.04
N LEU A 148 4.06 -4.87 -5.77
CA LEU A 148 3.53 -5.42 -4.53
C LEU A 148 3.33 -6.92 -4.72
N THR A 149 3.38 -7.68 -3.61
CA THR A 149 3.24 -9.13 -3.66
C THR A 149 1.77 -9.56 -3.59
N LEU A 150 1.41 -10.47 -4.50
CA LEU A 150 0.04 -10.99 -4.59
C LEU A 150 -0.08 -12.30 -3.82
N ILE A 151 -1.13 -12.41 -3.02
CA ILE A 151 -1.38 -13.62 -2.24
C ILE A 151 -2.56 -14.41 -2.89
N PRO A 152 -2.31 -15.57 -3.48
CA PRO A 152 -3.38 -16.39 -4.13
C PRO A 152 -4.33 -16.99 -3.09
N ALA A 153 -5.30 -16.19 -2.68
CA ALA A 153 -6.26 -16.61 -1.66
C ALA A 153 -7.02 -17.87 -2.07
N GLU A 154 -7.81 -17.77 -3.14
CA GLU A 154 -8.60 -18.92 -3.63
C GLU A 154 -9.39 -18.54 -4.88
N GLU A 155 -9.99 -17.34 -4.86
CA GLU A 155 -10.80 -16.86 -5.99
C GLU A 155 -11.96 -17.82 -6.25
N SER A 156 -12.66 -18.16 -5.17
CA SER A 156 -13.81 -19.06 -5.25
C SER A 156 -14.83 -18.54 -6.26
ZN ZN B . 4.81 -3.18 4.81
N MET A 21 8.38 -11.80 11.73
CA MET A 21 7.70 -11.44 13.00
C MET A 21 8.71 -10.76 13.93
N THR A 22 9.49 -9.85 13.35
CA THR A 22 10.51 -9.11 14.11
C THR A 22 10.41 -7.62 13.83
N ASN A 23 11.00 -6.81 14.71
CA ASN A 23 10.98 -5.35 14.54
C ASN A 23 11.75 -4.96 13.28
N PHE A 24 11.07 -4.27 12.38
CA PHE A 24 11.68 -3.85 11.11
C PHE A 24 12.55 -2.59 11.28
N LYS A 25 12.37 -1.89 12.41
CA LYS A 25 13.11 -0.65 12.67
C LYS A 25 14.61 -0.94 12.86
N LEU A 26 14.93 -2.16 13.30
CA LEU A 26 16.32 -2.54 13.55
C LEU A 26 17.02 -3.04 12.28
N ILE A 27 16.28 -3.16 11.16
CA ILE A 27 16.86 -3.64 9.91
C ILE A 27 17.87 -2.63 9.37
N THR A 28 18.96 -3.16 8.81
CA THR A 28 20.01 -2.33 8.24
C THR A 28 19.64 -1.91 6.82
N ASP A 29 20.35 -0.92 6.29
CA ASP A 29 20.08 -0.43 4.95
C ASP A 29 20.31 -1.52 3.91
N THR A 30 21.38 -2.31 4.10
CA THR A 30 21.70 -3.38 3.16
C THR A 30 20.57 -4.42 3.14
N GLU A 31 20.09 -4.79 4.34
CA GLU A 31 19.03 -5.78 4.45
C GLU A 31 17.77 -5.32 3.72
N TRP A 32 17.48 -4.03 3.81
CA TRP A 32 16.31 -3.47 3.13
C TRP A 32 16.46 -3.61 1.61
N ARG A 33 17.67 -3.38 1.11
CA ARG A 33 17.95 -3.47 -0.33
C ARG A 33 17.77 -4.89 -0.84
N GLN A 34 18.23 -5.86 -0.05
CA GLN A 34 18.12 -7.28 -0.41
C GLN A 34 16.78 -7.89 0.06
N ARG A 35 15.87 -7.04 0.57
CA ARG A 35 14.57 -7.50 1.04
C ARG A 35 13.49 -7.22 0.01
N LEU A 36 13.51 -6.02 -0.57
CA LEU A 36 12.52 -5.62 -1.57
C LEU A 36 13.18 -4.90 -2.74
N SER A 37 12.36 -4.54 -3.73
CA SER A 37 12.83 -3.86 -4.93
C SER A 37 13.52 -2.56 -4.57
N SER A 38 14.42 -2.10 -5.45
CA SER A 38 15.14 -0.85 -5.22
C SER A 38 14.16 0.30 -5.08
N GLU A 39 13.07 0.24 -5.86
CA GLU A 39 12.03 1.26 -5.79
C GLU A 39 11.32 1.21 -4.43
N GLU A 40 11.08 -0.01 -3.93
CA GLU A 40 10.44 -0.19 -2.63
C GLU A 40 11.29 0.42 -1.53
N TYR A 41 12.61 0.29 -1.66
CA TYR A 41 13.54 0.81 -0.65
C TYR A 41 13.39 2.33 -0.47
N ARG A 42 13.44 3.09 -1.57
CA ARG A 42 13.32 4.55 -1.48
C ARG A 42 11.88 4.99 -1.21
N VAL A 43 10.95 4.29 -1.85
CA VAL A 43 9.52 4.59 -1.71
C VAL A 43 9.07 4.37 -0.26
N LEU A 44 9.57 3.29 0.34
CA LEU A 44 9.23 2.96 1.73
C LEU A 44 10.08 3.75 2.74
N ARG A 45 11.14 4.42 2.24
CA ARG A 45 12.03 5.19 3.11
C ARG A 45 11.47 6.58 3.37
N GLU A 46 11.26 7.35 2.30
CA GLU A 46 10.76 8.74 2.42
C GLU A 46 9.65 9.06 1.43
N ALA A 47 8.84 8.05 1.07
CA ALA A 47 7.74 8.26 0.12
C ALA A 47 8.29 8.86 -1.18
N GLY A 48 9.29 8.19 -1.75
CA GLY A 48 9.95 8.65 -2.96
C GLY A 48 8.97 8.78 -4.12
N THR A 49 8.08 7.79 -4.28
CA THR A 49 7.08 7.81 -5.37
C THR A 49 6.27 6.50 -5.37
N GLU A 50 5.43 6.31 -6.39
CA GLU A 50 4.61 5.10 -6.50
C GLU A 50 4.38 4.76 -7.98
N ALA A 51 5.48 4.50 -8.69
CA ALA A 51 5.41 4.16 -10.11
C ALA A 51 5.49 2.65 -10.36
N PRO A 52 4.44 2.04 -10.88
CA PRO A 52 4.43 0.57 -11.21
C PRO A 52 5.23 0.27 -12.48
N HIS A 53 5.11 -0.97 -12.97
CA HIS A 53 5.84 -1.39 -14.18
C HIS A 53 7.35 -1.28 -13.98
N THR A 54 7.79 -1.63 -12.77
CA THR A 54 9.21 -1.60 -12.43
C THR A 54 9.77 -3.02 -12.18
N GLY A 55 9.03 -4.04 -12.65
CA GLY A 55 9.43 -5.42 -12.50
C GLY A 55 8.66 -6.29 -13.49
N GLU A 56 9.40 -6.98 -14.35
CA GLU A 56 8.80 -7.84 -15.37
C GLU A 56 8.03 -9.02 -14.75
N TYR A 57 8.53 -9.50 -13.61
CA TYR A 57 7.90 -10.62 -12.90
C TYR A 57 6.63 -10.18 -12.15
N THR A 58 6.43 -8.86 -12.03
CA THR A 58 5.27 -8.33 -11.33
C THR A 58 4.04 -8.34 -12.24
N ASN A 59 3.11 -9.24 -11.94
CA ASN A 59 1.87 -9.37 -12.72
C ASN A 59 0.74 -9.83 -11.81
N THR A 60 -0.50 -9.55 -12.22
CA THR A 60 -1.67 -9.96 -11.43
C THR A 60 -2.41 -11.08 -12.16
N THR A 61 -2.53 -12.23 -11.49
CA THR A 61 -3.21 -13.39 -12.07
C THR A 61 -4.39 -13.82 -11.19
N THR A 62 -4.18 -13.76 -9.87
CA THR A 62 -5.20 -14.14 -8.90
C THR A 62 -5.56 -12.95 -8.03
N GLU A 63 -6.85 -12.83 -7.71
CA GLU A 63 -7.33 -11.74 -6.87
C GLU A 63 -7.66 -12.29 -5.49
N GLY A 64 -6.77 -12.05 -4.55
CA GLY A 64 -6.95 -12.54 -3.19
C GLY A 64 -6.64 -11.46 -2.16
N ILE A 65 -5.39 -11.48 -1.69
CA ILE A 65 -4.97 -10.53 -0.66
C ILE A 65 -3.69 -9.81 -1.06
N TYR A 66 -3.68 -8.49 -0.88
CA TYR A 66 -2.52 -7.68 -1.19
C TYR A 66 -1.47 -7.86 -0.10
N SER A 67 -0.19 -7.92 -0.49
CA SER A 67 0.87 -8.07 0.50
C SER A 67 2.06 -7.15 0.21
N CYS A 68 2.42 -6.37 1.23
CA CYS A 68 3.53 -5.42 1.16
C CYS A 68 4.78 -6.16 0.70
N ARG A 69 5.44 -5.63 -0.31
CA ARG A 69 6.66 -6.24 -0.82
C ARG A 69 7.72 -6.28 0.29
N ALA A 70 7.72 -5.23 1.11
CA ALA A 70 8.68 -5.08 2.20
C ALA A 70 8.59 -6.18 3.26
N CYS A 71 7.38 -6.43 3.75
CA CYS A 71 7.18 -7.43 4.81
C CYS A 71 6.23 -8.56 4.38
N GLY A 72 5.20 -8.19 3.63
CA GLY A 72 4.21 -9.17 3.17
C GLY A 72 2.90 -9.08 3.95
N THR A 73 2.71 -7.99 4.69
CA THR A 73 1.49 -7.79 5.50
C THR A 73 0.26 -7.71 4.60
N GLU A 74 -0.89 -8.13 5.12
CA GLU A 74 -2.13 -8.06 4.35
C GLU A 74 -2.64 -6.62 4.33
N LEU A 75 -1.89 -5.76 3.65
CA LEU A 75 -2.22 -4.34 3.56
C LEU A 75 -3.66 -4.15 3.08
N PHE A 76 -4.01 -4.89 2.04
CA PHE A 76 -5.35 -4.82 1.46
C PHE A 76 -5.84 -6.21 1.06
N ARG A 77 -7.14 -6.33 0.80
CA ARG A 77 -7.72 -7.61 0.40
C ARG A 77 -8.74 -7.41 -0.74
N SER A 78 -9.07 -8.52 -1.41
CA SER A 78 -9.98 -8.48 -2.57
C SER A 78 -11.45 -8.26 -2.20
N THR A 79 -11.78 -8.18 -0.90
CA THR A 79 -13.17 -7.98 -0.50
C THR A 79 -13.56 -6.49 -0.55
N GLU A 80 -12.57 -5.61 -0.36
CA GLU A 80 -12.81 -4.15 -0.37
C GLU A 80 -12.09 -3.45 -1.54
N LYS A 81 -11.68 -4.21 -2.57
CA LYS A 81 -10.99 -3.63 -3.71
C LYS A 81 -11.99 -3.05 -4.72
N PHE A 82 -11.54 -2.04 -5.48
CA PHE A 82 -12.37 -1.40 -6.49
C PHE A 82 -11.53 -0.99 -7.70
N ASN A 83 -12.09 -1.23 -8.90
CA ASN A 83 -11.41 -0.91 -10.15
C ASN A 83 -10.12 -1.74 -10.32
N SER A 84 -9.03 -1.32 -9.65
CA SER A 84 -7.76 -2.03 -9.75
C SER A 84 -7.33 -2.19 -11.21
N HIS A 85 -7.64 -1.18 -12.04
CA HIS A 85 -7.30 -1.22 -13.46
C HIS A 85 -6.43 -0.01 -13.83
N CYS A 86 -6.87 1.17 -13.39
CA CYS A 86 -6.15 2.41 -13.68
C CYS A 86 -4.84 2.48 -12.89
N GLY A 87 -4.02 3.48 -13.22
CA GLY A 87 -2.73 3.67 -12.55
C GLY A 87 -2.90 3.93 -11.06
N TRP A 88 -3.91 4.72 -10.70
CA TRP A 88 -4.18 5.06 -9.30
C TRP A 88 -5.66 4.75 -8.93
N PRO A 89 -6.00 3.48 -8.74
CA PRO A 89 -7.41 3.09 -8.39
C PRO A 89 -7.73 3.37 -6.92
N SER A 90 -9.04 3.47 -6.62
CA SER A 90 -9.48 3.73 -5.25
C SER A 90 -9.85 2.42 -4.56
N PHE A 91 -9.69 2.38 -3.24
CA PHE A 91 -10.01 1.18 -2.45
C PHE A 91 -10.88 1.56 -1.26
N PHE A 92 -11.48 0.55 -0.64
CA PHE A 92 -12.32 0.78 0.54
C PHE A 92 -11.50 0.47 1.80
N SER A 93 -12.18 0.29 2.94
CA SER A 93 -11.49 0.01 4.21
C SER A 93 -10.46 -1.12 4.06
N PRO A 94 -9.25 -1.01 4.64
CA PRO A 94 -8.20 -2.07 4.55
C PRO A 94 -8.56 -3.30 5.39
N LEU A 95 -7.60 -4.23 5.53
CA LEU A 95 -7.78 -5.46 6.31
C LEU A 95 -8.57 -5.19 7.61
N ALA A 96 -7.99 -4.35 8.48
CA ALA A 96 -8.64 -4.00 9.74
C ALA A 96 -7.91 -2.84 10.45
N GLY A 97 -7.10 -2.09 9.70
CA GLY A 97 -6.35 -0.96 10.26
C GLY A 97 -5.17 -1.44 11.12
N ASP A 98 -4.88 -2.75 11.05
CA ASP A 98 -3.78 -3.34 11.82
C ASP A 98 -2.52 -3.51 10.96
N LYS A 99 -2.73 -3.70 9.66
CA LYS A 99 -1.60 -3.90 8.73
C LYS A 99 -1.17 -2.55 8.14
N VAL A 100 -2.06 -1.54 8.22
CA VAL A 100 -1.77 -0.21 7.70
C VAL A 100 -2.24 0.88 8.66
N ILE A 101 -1.52 2.00 8.68
CA ILE A 101 -1.87 3.14 9.53
C ILE A 101 -2.10 4.37 8.65
N GLU A 102 -3.15 5.11 8.96
CA GLU A 102 -3.48 6.34 8.22
C GLU A 102 -3.73 7.49 9.19
N ARG A 103 -3.03 8.61 8.96
CA ARG A 103 -3.17 9.79 9.81
C ARG A 103 -3.00 11.07 9.00
N THR A 104 -3.60 12.17 9.50
CA THR A 104 -3.53 13.46 8.82
C THR A 104 -2.18 14.15 9.06
N ASP A 105 -1.70 14.87 8.05
CA ASP A 105 -0.42 15.58 8.14
C ASP A 105 -0.54 17.03 7.65
N THR A 106 -0.36 17.98 8.56
CA THR A 106 -0.42 19.40 8.23
C THR A 106 0.91 19.81 7.60
N SER A 107 1.04 19.44 6.33
CA SER A 107 2.27 19.72 5.58
C SER A 107 2.56 21.22 5.50
N HIS A 108 1.56 22.03 5.09
CA HIS A 108 1.76 23.49 4.99
C HIS A 108 0.47 24.23 4.60
N GLY A 109 -0.32 24.61 5.61
CA GLY A 109 -1.57 25.33 5.38
C GLY A 109 -2.74 24.39 5.07
N MET A 110 -2.43 23.11 4.85
CA MET A 110 -3.43 22.12 4.53
C MET A 110 -2.97 20.76 5.05
N VAL A 111 -3.92 19.84 5.24
CA VAL A 111 -3.58 18.50 5.75
C VAL A 111 -3.83 17.42 4.71
N ARG A 112 -3.08 16.32 4.82
CA ARG A 112 -3.19 15.18 3.93
C ARG A 112 -3.12 13.91 4.74
N THR A 113 -3.80 12.84 4.30
CA THR A 113 -3.75 11.58 5.04
C THR A 113 -2.79 10.63 4.37
N GLU A 114 -1.64 10.42 5.02
CA GLU A 114 -0.62 9.53 4.48
C GLU A 114 -0.88 8.11 4.92
N VAL A 115 -1.04 7.21 3.94
CA VAL A 115 -1.27 5.81 4.22
C VAL A 115 0.08 5.14 4.37
N ILE A 116 0.30 4.54 5.52
CA ILE A 116 1.55 3.86 5.84
C ILE A 116 1.29 2.44 6.28
N CYS A 117 2.32 1.61 6.21
CA CYS A 117 2.22 0.23 6.65
C CYS A 117 2.41 0.20 8.16
N ALA A 118 1.56 -0.55 8.86
CA ALA A 118 1.62 -0.62 10.32
C ALA A 118 2.97 -1.10 10.83
N ASN A 119 3.74 -1.77 9.96
CA ASN A 119 5.06 -2.30 10.34
C ASN A 119 6.20 -1.49 9.76
N CYS A 120 5.99 -0.94 8.57
CA CYS A 120 7.02 -0.14 7.89
C CYS A 120 6.46 1.18 7.38
N GLU A 121 7.34 2.12 7.05
CA GLU A 121 6.91 3.45 6.60
C GLU A 121 6.51 3.45 5.12
N SER A 122 5.36 2.83 4.83
CA SER A 122 4.83 2.80 3.48
C SER A 122 4.00 4.05 3.21
N HIS A 123 4.60 5.21 3.52
CA HIS A 123 3.94 6.53 3.32
C HIS A 123 3.89 6.91 1.83
N LEU A 124 4.02 5.92 0.95
CA LEU A 124 3.99 6.16 -0.48
C LEU A 124 2.59 6.53 -0.97
N GLY A 125 1.56 6.07 -0.24
CA GLY A 125 0.19 6.34 -0.62
C GLY A 125 -0.47 7.42 0.25
N HIS A 126 -1.74 7.69 -0.08
CA HIS A 126 -2.56 8.69 0.61
C HIS A 126 -4.03 8.28 0.46
N VAL A 127 -4.88 8.76 1.36
CA VAL A 127 -6.31 8.44 1.32
C VAL A 127 -7.13 9.72 1.48
N PHE A 128 -8.23 9.81 0.72
CA PHE A 128 -9.09 10.98 0.78
C PHE A 128 -10.56 10.58 0.96
N ALA A 129 -11.18 11.16 1.98
CA ALA A 129 -12.58 10.87 2.29
C ALA A 129 -13.50 11.64 1.34
N GLY A 130 -14.81 11.39 1.44
CA GLY A 130 -15.78 12.06 0.59
C GLY A 130 -15.75 11.49 -0.83
N GLU A 131 -15.58 10.17 -0.93
CA GLU A 131 -15.51 9.51 -2.23
C GLU A 131 -16.90 9.49 -2.91
N GLY A 132 -17.96 9.48 -2.10
CA GLY A 132 -19.34 9.49 -2.62
C GLY A 132 -19.80 8.12 -3.12
N TYR A 133 -19.13 7.05 -2.69
CA TYR A 133 -19.52 5.69 -3.11
C TYR A 133 -20.46 5.01 -2.11
N ASP A 134 -21.00 5.78 -1.17
CA ASP A 134 -21.93 5.25 -0.19
C ASP A 134 -21.32 4.06 0.57
N THR A 135 -20.08 4.24 1.03
CA THR A 135 -19.38 3.21 1.77
C THR A 135 -19.38 3.51 3.27
N PRO A 136 -19.15 2.51 4.11
CA PRO A 136 -19.13 2.68 5.59
C PRO A 136 -17.98 3.57 6.05
N THR A 137 -16.91 3.62 5.26
CA THR A 137 -15.74 4.46 5.59
C THR A 137 -15.68 5.70 4.70
N ASP A 138 -16.27 5.61 3.51
CA ASP A 138 -16.28 6.72 2.56
C ASP A 138 -14.85 7.24 2.33
N LEU A 139 -13.92 6.30 2.21
CA LEU A 139 -12.51 6.64 1.99
C LEU A 139 -12.08 6.30 0.56
N ARG A 140 -11.18 7.12 0.03
CA ARG A 140 -10.66 6.90 -1.32
C ARG A 140 -9.14 6.75 -1.28
N TYR A 141 -8.68 5.53 -0.93
CA TYR A 141 -7.25 5.25 -0.85
C TYR A 141 -6.66 5.25 -2.26
N CYS A 142 -5.67 6.12 -2.49
CA CYS A 142 -5.01 6.18 -3.79
C CYS A 142 -3.61 5.62 -3.66
N ILE A 143 -3.50 4.31 -3.84
CA ILE A 143 -2.21 3.62 -3.71
C ILE A 143 -1.86 2.96 -5.04
N ASN A 144 -0.60 3.10 -5.44
CA ASN A 144 -0.14 2.51 -6.69
C ASN A 144 0.57 1.19 -6.41
N SER A 145 0.81 0.41 -7.46
CA SER A 145 1.47 -0.88 -7.31
C SER A 145 2.96 -0.79 -7.68
N VAL A 146 3.76 -0.30 -6.72
CA VAL A 146 5.21 -0.18 -6.93
C VAL A 146 5.88 -1.57 -6.73
N CYS A 147 5.32 -2.57 -7.43
CA CYS A 147 5.81 -3.96 -7.31
C CYS A 147 5.39 -4.56 -5.97
N LEU A 148 4.07 -4.60 -5.76
CA LEU A 148 3.48 -5.15 -4.54
C LEU A 148 3.25 -6.65 -4.76
N THR A 149 3.28 -7.42 -3.67
CA THR A 149 3.10 -8.88 -3.76
C THR A 149 1.63 -9.26 -3.64
N LEU A 150 1.17 -10.10 -4.57
CA LEU A 150 -0.22 -10.56 -4.60
C LEU A 150 -0.31 -11.97 -4.04
N ILE A 151 -1.26 -12.15 -3.11
CA ILE A 151 -1.49 -13.45 -2.50
C ILE A 151 -2.72 -14.13 -3.16
N PRO A 152 -2.53 -15.26 -3.85
CA PRO A 152 -3.67 -15.97 -4.51
C PRO A 152 -4.54 -16.67 -3.48
N ALA A 153 -5.62 -16.00 -3.08
CA ALA A 153 -6.53 -16.52 -2.08
C ALA A 153 -7.14 -17.85 -2.49
N GLU A 154 -7.67 -17.92 -3.72
CA GLU A 154 -8.29 -19.16 -4.23
C GLU A 154 -8.74 -18.99 -5.68
N GLU A 155 -9.74 -18.13 -5.89
CA GLU A 155 -10.28 -17.89 -7.24
C GLU A 155 -10.71 -19.20 -7.89
N SER A 156 -11.48 -19.99 -7.13
CA SER A 156 -11.97 -21.27 -7.59
C SER A 156 -13.40 -21.15 -8.09
ZN ZN B . 4.88 -3.18 4.91
N MET A 21 3.69 -10.98 13.67
CA MET A 21 4.12 -9.57 13.78
C MET A 21 5.59 -9.52 14.18
N THR A 22 6.41 -8.86 13.37
CA THR A 22 7.85 -8.75 13.64
C THR A 22 8.28 -7.28 13.52
N ASN A 23 9.40 -6.96 14.17
CA ASN A 23 9.94 -5.59 14.15
C ASN A 23 10.95 -5.44 13.02
N PHE A 24 10.53 -4.75 11.96
CA PHE A 24 11.37 -4.51 10.79
C PHE A 24 12.33 -3.33 10.98
N LYS A 25 12.15 -2.57 12.08
CA LYS A 25 12.96 -1.40 12.36
C LYS A 25 14.42 -1.77 12.62
N LEU A 26 14.62 -2.94 13.24
CA LEU A 26 15.97 -3.43 13.56
C LEU A 26 16.77 -3.80 12.31
N ILE A 27 16.08 -3.93 11.18
CA ILE A 27 16.74 -4.28 9.91
C ILE A 27 17.76 -3.21 9.54
N THR A 28 18.88 -3.65 8.97
CA THR A 28 19.95 -2.76 8.55
C THR A 28 19.63 -2.16 7.19
N ASP A 29 20.33 -1.08 6.85
CA ASP A 29 20.10 -0.40 5.58
C ASP A 29 20.41 -1.31 4.39
N THR A 30 21.50 -2.09 4.50
CA THR A 30 21.89 -2.99 3.42
C THR A 30 20.79 -4.01 3.17
N GLU A 31 20.26 -4.56 4.26
CA GLU A 31 19.21 -5.59 4.15
C GLU A 31 18.00 -5.03 3.42
N TRP A 32 17.65 -3.77 3.68
CA TRP A 32 16.51 -3.16 3.01
C TRP A 32 16.73 -3.08 1.50
N ARG A 33 17.96 -2.74 1.09
CA ARG A 33 18.29 -2.62 -0.34
C ARG A 33 18.15 -3.96 -1.06
N GLN A 34 18.62 -5.02 -0.41
CA GLN A 34 18.57 -6.37 -0.99
C GLN A 34 17.20 -7.05 -0.73
N ARG A 35 16.50 -6.57 0.30
CA ARG A 35 15.18 -7.10 0.65
C ARG A 35 14.13 -6.83 -0.42
N LEU A 36 14.17 -5.62 -0.97
CA LEU A 36 13.17 -5.20 -1.97
C LEU A 36 13.78 -4.40 -3.12
N SER A 37 12.91 -4.03 -4.08
CA SER A 37 13.32 -3.27 -5.25
C SER A 37 13.93 -1.94 -4.86
N SER A 38 14.79 -1.41 -5.72
CA SER A 38 15.43 -0.12 -5.46
C SER A 38 14.38 0.96 -5.32
N GLU A 39 13.32 0.86 -6.13
CA GLU A 39 12.21 1.82 -6.06
C GLU A 39 11.47 1.68 -4.73
N GLU A 40 11.22 0.44 -4.30
CA GLU A 40 10.54 0.20 -3.03
C GLU A 40 11.33 0.77 -1.86
N TYR A 41 12.66 0.67 -1.94
CA TYR A 41 13.53 1.17 -0.87
C TYR A 41 13.32 2.67 -0.64
N ARG A 42 13.39 3.46 -1.71
CA ARG A 42 13.22 4.93 -1.60
C ARG A 42 11.75 5.30 -1.36
N VAL A 43 10.86 4.58 -2.03
CA VAL A 43 9.42 4.81 -1.92
C VAL A 43 8.95 4.56 -0.48
N LEU A 44 9.43 3.46 0.12
CA LEU A 44 9.06 3.10 1.48
C LEU A 44 9.86 3.91 2.52
N ARG A 45 10.94 4.57 2.09
CA ARG A 45 11.78 5.36 2.99
C ARG A 45 11.28 6.79 3.17
N GLU A 46 11.06 7.51 2.05
CA GLU A 46 10.61 8.90 2.13
C GLU A 46 9.45 9.21 1.17
N ALA A 47 8.65 8.19 0.82
CA ALA A 47 7.51 8.38 -0.10
C ALA A 47 8.01 9.01 -1.41
N GLY A 48 9.06 8.40 -1.97
CA GLY A 48 9.68 8.90 -3.20
C GLY A 48 8.71 8.95 -4.37
N THR A 49 7.91 7.88 -4.55
CA THR A 49 6.95 7.83 -5.66
C THR A 49 6.08 6.56 -5.58
N GLU A 50 5.21 6.38 -6.57
CA GLU A 50 4.34 5.21 -6.62
C GLU A 50 4.09 4.79 -8.07
N ALA A 51 5.18 4.41 -8.75
CA ALA A 51 5.08 3.98 -10.16
C ALA A 51 5.06 2.45 -10.28
N PRO A 52 3.96 1.86 -10.73
CA PRO A 52 3.85 0.38 -10.94
C PRO A 52 4.56 -0.08 -12.23
N HIS A 53 4.34 -1.34 -12.61
CA HIS A 53 4.94 -1.91 -13.81
C HIS A 53 6.47 -1.89 -13.75
N THR A 54 7.01 -2.15 -12.55
CA THR A 54 8.45 -2.18 -12.35
C THR A 54 8.96 -3.62 -12.08
N GLY A 55 8.07 -4.62 -12.26
CA GLY A 55 8.42 -6.01 -12.03
C GLY A 55 7.48 -6.92 -12.80
N GLU A 56 8.06 -7.73 -13.68
CA GLU A 56 7.28 -8.66 -14.51
C GLU A 56 6.68 -9.79 -13.67
N TYR A 57 7.30 -10.07 -12.53
CA TYR A 57 6.85 -11.14 -11.64
C TYR A 57 5.60 -10.72 -10.82
N THR A 58 5.26 -9.43 -10.86
CA THR A 58 4.09 -8.93 -10.11
C THR A 58 2.85 -9.79 -10.39
N ASN A 59 2.70 -10.20 -11.65
CA ASN A 59 1.56 -11.03 -12.09
C ASN A 59 0.23 -10.29 -11.88
N THR A 60 -0.27 -10.25 -10.64
CA THR A 60 -1.54 -9.58 -10.34
C THR A 60 -2.70 -10.17 -11.15
N THR A 61 -2.57 -11.45 -11.52
CA THR A 61 -3.62 -12.15 -12.29
C THR A 61 -4.61 -12.90 -11.37
N THR A 62 -4.29 -12.96 -10.08
CA THR A 62 -5.15 -13.65 -9.11
C THR A 62 -5.90 -12.61 -8.27
N GLU A 63 -7.12 -12.95 -7.85
CA GLU A 63 -7.94 -12.04 -7.05
C GLU A 63 -7.77 -12.40 -5.58
N GLY A 64 -6.54 -12.25 -5.10
CA GLY A 64 -6.21 -12.59 -3.73
C GLY A 64 -6.06 -11.39 -2.80
N ILE A 65 -5.15 -11.52 -1.82
CA ILE A 65 -4.92 -10.47 -0.83
C ILE A 65 -3.59 -9.76 -1.09
N TYR A 66 -3.63 -8.44 -1.01
CA TYR A 66 -2.43 -7.63 -1.22
C TYR A 66 -1.46 -7.83 -0.07
N SER A 67 -0.17 -7.94 -0.40
CA SER A 67 0.87 -8.10 0.62
C SER A 67 2.08 -7.24 0.30
N CYS A 68 2.48 -6.43 1.29
CA CYS A 68 3.63 -5.55 1.15
C CYS A 68 4.86 -6.38 0.84
N ARG A 69 5.56 -6.05 -0.24
CA ARG A 69 6.77 -6.80 -0.61
C ARG A 69 7.83 -6.67 0.49
N ALA A 70 7.85 -5.51 1.16
CA ALA A 70 8.83 -5.25 2.21
C ALA A 70 8.73 -6.20 3.40
N CYS A 71 7.50 -6.38 3.92
CA CYS A 71 7.29 -7.25 5.09
C CYS A 71 6.35 -8.40 4.77
N GLY A 72 5.30 -8.12 3.99
CA GLY A 72 4.32 -9.14 3.61
C GLY A 72 3.02 -8.96 4.38
N THR A 73 2.72 -7.71 4.73
CA THR A 73 1.51 -7.41 5.49
C THR A 73 0.31 -7.38 4.57
N GLU A 74 -0.82 -7.91 5.06
CA GLU A 74 -2.06 -7.90 4.30
C GLU A 74 -2.60 -6.46 4.26
N LEU A 75 -1.95 -5.64 3.45
CA LEU A 75 -2.30 -4.23 3.34
C LEU A 75 -3.72 -4.05 2.83
N PHE A 76 -4.11 -4.88 1.86
CA PHE A 76 -5.45 -4.80 1.28
C PHE A 76 -5.98 -6.19 0.91
N ARG A 77 -7.29 -6.27 0.64
CA ARG A 77 -7.93 -7.53 0.27
C ARG A 77 -8.82 -7.38 -0.96
N SER A 78 -9.14 -8.50 -1.58
CA SER A 78 -9.94 -8.54 -2.81
C SER A 78 -11.36 -8.01 -2.63
N THR A 79 -11.86 -7.98 -1.40
CA THR A 79 -13.24 -7.51 -1.15
C THR A 79 -13.32 -5.99 -1.02
N GLU A 80 -12.22 -5.34 -0.60
CA GLU A 80 -12.22 -3.89 -0.44
C GLU A 80 -11.30 -3.21 -1.46
N LYS A 81 -11.06 -3.86 -2.60
CA LYS A 81 -10.22 -3.26 -3.64
C LYS A 81 -10.98 -3.19 -4.97
N PHE A 82 -10.69 -2.15 -5.75
CA PHE A 82 -11.35 -1.95 -7.04
C PHE A 82 -10.58 -2.66 -8.14
N ASN A 83 -11.31 -3.33 -9.04
CA ASN A 83 -10.68 -4.05 -10.15
C ASN A 83 -10.30 -3.07 -11.25
N SER A 84 -9.06 -2.57 -11.17
CA SER A 84 -8.55 -1.61 -12.14
C SER A 84 -7.03 -1.58 -12.10
N HIS A 85 -6.42 -1.04 -13.15
CA HIS A 85 -4.96 -0.96 -13.24
C HIS A 85 -4.53 0.37 -13.86
N CYS A 86 -3.25 0.70 -13.69
CA CYS A 86 -2.69 1.96 -14.21
C CYS A 86 -3.34 3.15 -13.51
N GLY A 87 -2.72 4.33 -13.66
CA GLY A 87 -3.23 5.54 -13.04
C GLY A 87 -3.24 5.41 -11.52
N TRP A 88 -4.28 5.95 -10.89
CA TRP A 88 -4.41 5.88 -9.42
C TRP A 88 -5.80 5.33 -9.00
N PRO A 89 -6.06 4.04 -9.17
CA PRO A 89 -7.37 3.42 -8.78
C PRO A 89 -7.66 3.60 -7.29
N SER A 90 -8.93 3.83 -6.95
CA SER A 90 -9.34 4.01 -5.56
C SER A 90 -9.60 2.65 -4.90
N PHE A 91 -9.37 2.60 -3.59
CA PHE A 91 -9.58 1.37 -2.82
C PHE A 91 -10.45 1.67 -1.62
N PHE A 92 -11.07 0.63 -1.07
CA PHE A 92 -11.94 0.78 0.10
C PHE A 92 -11.09 0.58 1.36
N SER A 93 -11.74 0.55 2.53
CA SER A 93 -11.03 0.38 3.79
C SER A 93 -10.12 -0.87 3.76
N PRO A 94 -8.91 -0.80 4.35
CA PRO A 94 -7.97 -1.97 4.36
C PRO A 94 -8.53 -3.13 5.17
N LEU A 95 -7.72 -4.19 5.34
CA LEU A 95 -8.15 -5.38 6.06
C LEU A 95 -8.76 -5.00 7.42
N ALA A 96 -7.96 -4.40 8.30
CA ALA A 96 -8.45 -4.01 9.62
C ALA A 96 -7.68 -2.82 10.20
N GLY A 97 -6.79 -2.22 9.41
CA GLY A 97 -6.00 -1.08 9.88
C GLY A 97 -4.82 -1.54 10.76
N ASP A 98 -4.66 -2.86 10.90
CA ASP A 98 -3.57 -3.43 11.68
C ASP A 98 -2.33 -3.61 10.83
N LYS A 99 -2.54 -3.86 9.54
CA LYS A 99 -1.46 -4.07 8.59
C LYS A 99 -1.02 -2.73 7.97
N VAL A 100 -1.90 -1.73 8.07
CA VAL A 100 -1.63 -0.39 7.55
C VAL A 100 -2.08 0.66 8.57
N ILE A 101 -1.40 1.81 8.58
CA ILE A 101 -1.74 2.90 9.52
C ILE A 101 -2.12 4.16 8.74
N GLU A 102 -3.24 4.75 9.12
CA GLU A 102 -3.74 5.98 8.50
C GLU A 102 -3.70 7.11 9.51
N ARG A 103 -3.04 8.21 9.14
CA ARG A 103 -2.93 9.37 10.04
C ARG A 103 -2.96 10.67 9.23
N THR A 104 -3.38 11.76 9.88
CA THR A 104 -3.47 13.05 9.21
C THR A 104 -2.23 13.90 9.49
N ASP A 105 -1.85 14.71 8.49
CA ASP A 105 -0.69 15.59 8.63
C ASP A 105 -1.02 17.01 8.18
N THR A 106 -0.96 17.95 9.12
CA THR A 106 -1.25 19.35 8.84
C THR A 106 -0.07 19.99 8.11
N SER A 107 0.09 19.59 6.85
CA SER A 107 1.17 20.09 6.00
C SER A 107 0.66 21.13 5.00
N HIS A 108 1.48 22.16 4.78
CA HIS A 108 1.14 23.23 3.84
C HIS A 108 -0.12 23.99 4.27
N GLY A 109 -0.35 24.06 5.59
CA GLY A 109 -1.53 24.78 6.12
C GLY A 109 -2.81 23.95 6.03
N MET A 110 -2.71 22.71 5.55
CA MET A 110 -3.88 21.84 5.42
C MET A 110 -3.57 20.42 5.91
N VAL A 111 -4.62 19.66 6.23
CA VAL A 111 -4.45 18.28 6.73
C VAL A 111 -4.88 17.27 5.69
N ARG A 112 -4.06 16.22 5.56
CA ARG A 112 -4.32 15.14 4.63
C ARG A 112 -4.02 13.82 5.32
N THR A 113 -4.82 12.79 5.05
CA THR A 113 -4.60 11.49 5.67
C THR A 113 -3.67 10.67 4.80
N GLU A 114 -2.51 10.32 5.34
CA GLU A 114 -1.52 9.53 4.62
C GLU A 114 -1.66 8.06 4.99
N VAL A 115 -1.34 7.20 4.04
CA VAL A 115 -1.44 5.75 4.25
C VAL A 115 -0.02 5.17 4.35
N ILE A 116 0.23 4.50 5.46
CA ILE A 116 1.52 3.88 5.70
C ILE A 116 1.32 2.43 6.12
N CYS A 117 2.36 1.63 5.98
CA CYS A 117 2.31 0.22 6.37
C CYS A 117 2.58 0.13 7.88
N ALA A 118 1.79 -0.70 8.56
CA ALA A 118 1.94 -0.85 10.00
C ALA A 118 3.33 -1.35 10.41
N ASN A 119 4.05 -1.95 9.45
CA ASN A 119 5.39 -2.48 9.73
C ASN A 119 6.50 -1.60 9.15
N CYS A 120 6.18 -0.84 8.10
CA CYS A 120 7.16 0.05 7.47
C CYS A 120 6.51 1.35 7.02
N GLU A 121 7.33 2.37 6.78
CA GLU A 121 6.82 3.68 6.37
C GLU A 121 6.40 3.70 4.91
N SER A 122 5.29 3.00 4.63
CA SER A 122 4.76 2.97 3.27
C SER A 122 3.87 4.19 3.03
N HIS A 123 4.45 5.36 3.29
CA HIS A 123 3.75 6.64 3.09
C HIS A 123 3.71 7.02 1.60
N LEU A 124 3.92 6.03 0.73
CA LEU A 124 3.90 6.26 -0.71
C LEU A 124 2.49 6.61 -1.21
N GLY A 125 1.48 6.24 -0.41
CA GLY A 125 0.09 6.50 -0.79
C GLY A 125 -0.66 7.26 0.30
N HIS A 126 -1.68 8.02 -0.13
CA HIS A 126 -2.53 8.80 0.77
C HIS A 126 -3.99 8.43 0.56
N VAL A 127 -4.81 8.70 1.58
CA VAL A 127 -6.24 8.41 1.52
C VAL A 127 -7.05 9.67 1.84
N PHE A 128 -8.19 9.84 1.15
CA PHE A 128 -9.03 11.02 1.36
C PHE A 128 -10.47 10.61 1.71
N ALA A 129 -10.92 11.06 2.87
CA ALA A 129 -12.27 10.75 3.34
C ALA A 129 -13.28 11.72 2.73
N GLY A 130 -14.56 11.37 2.81
CA GLY A 130 -15.63 12.21 2.27
C GLY A 130 -15.62 12.22 0.74
N GLU A 131 -15.27 11.08 0.14
CA GLU A 131 -15.22 10.96 -1.32
C GLU A 131 -16.63 10.97 -1.91
N GLY A 132 -17.61 10.48 -1.16
CA GLY A 132 -19.00 10.43 -1.64
C GLY A 132 -19.15 9.36 -2.73
N TYR A 133 -18.33 8.31 -2.64
CA TYR A 133 -18.36 7.20 -3.60
C TYR A 133 -19.37 6.13 -3.19
N ASP A 134 -20.26 6.47 -2.26
CA ASP A 134 -21.28 5.54 -1.78
C ASP A 134 -20.62 4.34 -1.09
N THR A 135 -19.72 4.65 -0.14
CA THR A 135 -19.03 3.61 0.62
C THR A 135 -19.24 3.82 2.13
N PRO A 136 -19.16 2.76 2.93
CA PRO A 136 -19.35 2.86 4.41
C PRO A 136 -18.25 3.70 5.08
N THR A 137 -17.09 3.78 4.42
CA THR A 137 -15.95 4.55 4.96
C THR A 137 -15.75 5.86 4.19
N ASP A 138 -16.25 5.91 2.96
CA ASP A 138 -16.11 7.09 2.11
C ASP A 138 -14.65 7.53 1.99
N LEU A 139 -13.77 6.52 1.85
CA LEU A 139 -12.33 6.78 1.74
C LEU A 139 -11.87 6.65 0.29
N ARG A 140 -10.91 7.49 -0.09
CA ARG A 140 -10.37 7.47 -1.45
C ARG A 140 -8.85 7.24 -1.42
N TYR A 141 -8.46 5.98 -1.23
CA TYR A 141 -7.04 5.62 -1.19
C TYR A 141 -6.42 5.81 -2.57
N CYS A 142 -5.60 6.85 -2.70
CA CYS A 142 -4.92 7.11 -3.96
C CYS A 142 -3.53 6.50 -3.87
N ILE A 143 -3.43 5.23 -4.29
CA ILE A 143 -2.16 4.51 -4.20
C ILE A 143 -1.96 3.60 -5.38
N ASN A 144 -0.69 3.38 -5.75
CA ASN A 144 -0.35 2.51 -6.87
C ASN A 144 0.50 1.35 -6.37
N SER A 145 0.49 0.26 -7.13
CA SER A 145 1.26 -0.92 -6.76
C SER A 145 2.67 -0.86 -7.34
N VAL A 146 3.61 -0.34 -6.55
CA VAL A 146 5.01 -0.24 -6.95
C VAL A 146 5.68 -1.63 -6.86
N CYS A 147 5.06 -2.62 -7.50
CA CYS A 147 5.54 -4.01 -7.45
C CYS A 147 5.24 -4.62 -6.08
N LEU A 148 3.94 -4.67 -5.77
CA LEU A 148 3.45 -5.22 -4.52
C LEU A 148 3.23 -6.73 -4.70
N THR A 149 3.37 -7.48 -3.60
CA THR A 149 3.22 -8.94 -3.64
C THR A 149 1.77 -9.34 -3.42
N LEU A 150 1.29 -10.27 -4.24
CA LEU A 150 -0.09 -10.76 -4.11
C LEU A 150 -0.12 -12.13 -3.48
N ILE A 151 -1.07 -12.30 -2.57
CA ILE A 151 -1.29 -13.58 -1.92
C ILE A 151 -2.53 -14.21 -2.56
N PRO A 152 -2.44 -15.39 -3.16
CA PRO A 152 -3.62 -16.04 -3.80
C PRO A 152 -4.63 -16.44 -2.72
N ALA A 153 -5.75 -15.72 -2.68
CA ALA A 153 -6.76 -15.99 -1.65
C ALA A 153 -7.31 -17.42 -1.74
N GLU A 154 -7.74 -17.84 -2.94
CA GLU A 154 -8.29 -19.18 -3.13
C GLU A 154 -8.71 -19.38 -4.58
N GLU A 155 -9.63 -18.52 -5.03
CA GLU A 155 -10.11 -18.56 -6.41
C GLU A 155 -10.77 -19.92 -6.69
N SER A 156 -11.62 -20.34 -5.76
CA SER A 156 -12.32 -21.62 -5.89
C SER A 156 -13.68 -21.56 -5.17
ZN ZN B . 5.16 -3.01 4.66
N MET A 21 10.36 -11.82 10.55
CA MET A 21 11.11 -11.32 11.73
C MET A 21 10.21 -10.41 12.56
N THR A 22 10.78 -9.83 13.63
CA THR A 22 10.03 -8.94 14.51
C THR A 22 10.64 -7.54 14.49
N ASN A 23 9.78 -6.53 14.29
CA ASN A 23 10.23 -5.14 14.24
C ASN A 23 11.18 -4.93 13.07
N PHE A 24 10.66 -4.32 12.00
CA PHE A 24 11.45 -4.05 10.79
C PHE A 24 12.34 -2.81 10.96
N LYS A 25 12.13 -2.06 12.05
CA LYS A 25 12.89 -0.84 12.32
C LYS A 25 14.37 -1.17 12.57
N LEU A 26 14.61 -2.31 13.21
CA LEU A 26 15.96 -2.73 13.56
C LEU A 26 16.77 -3.17 12.33
N ILE A 27 16.08 -3.39 11.21
CA ILE A 27 16.74 -3.83 9.98
C ILE A 27 17.75 -2.77 9.51
N THR A 28 18.86 -3.25 8.98
CA THR A 28 19.93 -2.38 8.48
C THR A 28 19.61 -1.91 7.07
N ASP A 29 20.35 -0.91 6.60
CA ASP A 29 20.13 -0.36 5.28
C ASP A 29 20.44 -1.40 4.19
N THR A 30 21.51 -2.16 4.39
CA THR A 30 21.92 -3.18 3.42
C THR A 30 20.82 -4.23 3.30
N GLU A 31 20.29 -4.67 4.45
CA GLU A 31 19.23 -5.68 4.46
C GLU A 31 18.01 -5.19 3.68
N TRP A 32 17.69 -3.90 3.83
CA TRP A 32 16.55 -3.33 3.14
C TRP A 32 16.76 -3.37 1.62
N ARG A 33 17.99 -3.08 1.18
CA ARG A 33 18.30 -3.09 -0.26
C ARG A 33 18.15 -4.50 -0.84
N GLN A 34 18.61 -5.48 -0.08
CA GLN A 34 18.54 -6.90 -0.51
C GLN A 34 17.22 -7.56 -0.06
N ARG A 35 16.33 -6.79 0.58
CA ARG A 35 15.04 -7.31 1.04
C ARG A 35 13.93 -7.05 0.02
N LEU A 36 13.97 -5.87 -0.58
CA LEU A 36 12.93 -5.47 -1.54
C LEU A 36 13.52 -4.78 -2.77
N SER A 37 12.65 -4.45 -3.71
CA SER A 37 13.02 -3.78 -4.95
C SER A 37 13.71 -2.46 -4.65
N SER A 38 14.49 -1.97 -5.62
CA SER A 38 15.20 -0.71 -5.47
C SER A 38 14.20 0.42 -5.25
N GLU A 39 13.12 0.39 -6.02
CA GLU A 39 12.08 1.40 -5.92
C GLU A 39 11.40 1.34 -4.54
N GLU A 40 11.19 0.11 -4.05
CA GLU A 40 10.56 -0.09 -2.74
C GLU A 40 11.43 0.54 -1.64
N TYR A 41 12.75 0.41 -1.79
CA TYR A 41 13.68 0.93 -0.79
C TYR A 41 13.55 2.45 -0.62
N ARG A 42 13.60 3.20 -1.73
CA ARG A 42 13.50 4.67 -1.65
C ARG A 42 12.07 5.13 -1.36
N VAL A 43 11.12 4.46 -2.01
CA VAL A 43 9.70 4.78 -1.85
C VAL A 43 9.26 4.59 -0.40
N LEU A 44 9.62 3.45 0.18
CA LEU A 44 9.26 3.15 1.57
C LEU A 44 10.03 4.02 2.55
N ARG A 45 11.30 4.29 2.24
CA ARG A 45 12.17 5.06 3.12
C ARG A 45 11.72 6.51 3.30
N GLU A 46 11.47 7.21 2.19
CA GLU A 46 11.10 8.63 2.26
C GLU A 46 9.93 9.02 1.35
N ALA A 47 9.11 8.04 0.95
CA ALA A 47 7.96 8.34 0.06
C ALA A 47 8.48 8.99 -1.23
N GLY A 48 9.50 8.35 -1.83
CA GLY A 48 10.12 8.86 -3.05
C GLY A 48 9.11 8.99 -4.19
N THR A 49 8.24 7.99 -4.35
CA THR A 49 7.22 8.00 -5.42
C THR A 49 6.38 6.72 -5.36
N GLU A 50 5.50 6.53 -6.35
CA GLU A 50 4.65 5.34 -6.41
C GLU A 50 4.36 4.97 -7.88
N ALA A 51 5.42 4.63 -8.62
CA ALA A 51 5.28 4.27 -10.02
C ALA A 51 5.26 2.73 -10.22
N PRO A 52 4.15 2.17 -10.67
CA PRO A 52 4.03 0.70 -10.93
C PRO A 52 4.72 0.29 -12.24
N HIS A 53 4.43 -0.93 -12.70
CA HIS A 53 5.02 -1.47 -13.93
C HIS A 53 6.54 -1.55 -13.83
N THR A 54 7.03 -1.87 -12.63
CA THR A 54 8.46 -2.00 -12.39
C THR A 54 8.84 -3.46 -12.07
N GLY A 55 7.90 -4.39 -12.24
CA GLY A 55 8.13 -5.80 -11.97
C GLY A 55 7.32 -6.67 -12.92
N GLU A 56 8.02 -7.50 -13.68
CA GLU A 56 7.37 -8.39 -14.64
C GLU A 56 6.72 -9.60 -13.96
N TYR A 57 7.23 -9.94 -12.79
CA TYR A 57 6.72 -11.09 -12.02
C TYR A 57 5.36 -10.80 -11.37
N THR A 58 5.05 -9.51 -11.18
CA THR A 58 3.77 -9.14 -10.56
C THR A 58 2.66 -9.00 -11.61
N ASN A 59 2.63 -9.96 -12.54
CA ASN A 59 1.61 -9.97 -13.61
C ASN A 59 0.47 -10.94 -13.28
N THR A 60 0.40 -11.41 -12.03
CA THR A 60 -0.64 -12.36 -11.61
C THR A 60 -2.02 -11.71 -11.71
N THR A 61 -2.95 -12.44 -12.33
CA THR A 61 -4.33 -11.95 -12.52
C THR A 61 -5.26 -12.41 -11.39
N THR A 62 -4.76 -13.26 -10.48
CA THR A 62 -5.55 -13.76 -9.37
C THR A 62 -5.94 -12.61 -8.45
N GLU A 63 -7.15 -12.66 -7.91
CA GLU A 63 -7.64 -11.62 -7.01
C GLU A 63 -7.74 -12.20 -5.61
N GLY A 64 -6.77 -11.85 -4.77
CA GLY A 64 -6.73 -12.36 -3.41
C GLY A 64 -6.44 -11.27 -2.39
N ILE A 65 -5.23 -11.32 -1.83
CA ILE A 65 -4.82 -10.38 -0.81
C ILE A 65 -3.52 -9.68 -1.20
N TYR A 66 -3.52 -8.37 -1.04
CA TYR A 66 -2.34 -7.56 -1.34
C TYR A 66 -1.34 -7.71 -0.20
N SER A 67 -0.06 -7.87 -0.55
CA SER A 67 0.97 -8.03 0.47
C SER A 67 2.19 -7.16 0.20
N CYS A 68 2.55 -6.36 1.23
CA CYS A 68 3.70 -5.46 1.15
C CYS A 68 4.92 -6.22 0.63
N ARG A 69 5.53 -5.71 -0.41
CA ARG A 69 6.73 -6.34 -0.97
C ARG A 69 7.83 -6.33 0.10
N ALA A 70 7.83 -5.24 0.89
CA ALA A 70 8.81 -5.03 1.95
C ALA A 70 8.77 -6.08 3.07
N CYS A 71 7.57 -6.34 3.60
CA CYS A 71 7.42 -7.28 4.71
C CYS A 71 6.51 -8.45 4.35
N GLY A 72 5.46 -8.17 3.58
CA GLY A 72 4.52 -9.21 3.17
C GLY A 72 3.25 -9.20 4.01
N THR A 73 2.96 -8.05 4.63
CA THR A 73 1.76 -7.91 5.46
C THR A 73 0.52 -7.81 4.59
N GLU A 74 -0.62 -8.27 5.09
CA GLU A 74 -1.88 -8.20 4.34
C GLU A 74 -2.44 -6.77 4.42
N LEU A 75 -1.74 -5.85 3.75
CA LEU A 75 -2.12 -4.44 3.74
C LEU A 75 -3.52 -4.22 3.19
N PHE A 76 -3.86 -4.90 2.10
CA PHE A 76 -5.19 -4.76 1.51
C PHE A 76 -5.70 -6.09 0.96
N ARG A 77 -6.99 -6.15 0.66
CA ARG A 77 -7.62 -7.36 0.13
C ARG A 77 -8.56 -7.01 -1.01
N SER A 78 -8.85 -7.99 -1.87
CA SER A 78 -9.68 -7.79 -3.05
C SER A 78 -11.16 -7.51 -2.72
N THR A 79 -11.59 -7.77 -1.48
CA THR A 79 -13.00 -7.54 -1.13
C THR A 79 -13.34 -6.04 -1.05
N GLU A 80 -12.36 -5.23 -0.65
CA GLU A 80 -12.56 -3.78 -0.53
C GLU A 80 -11.84 -3.02 -1.67
N LYS A 81 -11.42 -3.74 -2.71
CA LYS A 81 -10.73 -3.11 -3.84
C LYS A 81 -11.51 -3.30 -5.13
N PHE A 82 -11.44 -2.28 -5.99
CA PHE A 82 -12.13 -2.32 -7.29
C PHE A 82 -11.10 -2.27 -8.43
N ASN A 83 -11.41 -2.99 -9.50
CA ASN A 83 -10.51 -3.06 -10.66
C ASN A 83 -10.72 -1.85 -11.56
N SER A 84 -9.76 -0.92 -11.52
CA SER A 84 -9.82 0.28 -12.33
C SER A 84 -8.42 0.86 -12.50
N HIS A 85 -8.24 1.72 -13.51
CA HIS A 85 -6.94 2.34 -13.76
C HIS A 85 -7.10 3.74 -14.34
N CYS A 86 -6.29 4.67 -13.83
CA CYS A 86 -6.32 6.07 -14.28
C CYS A 86 -5.24 6.89 -13.55
N GLY A 87 -4.15 6.22 -13.15
CA GLY A 87 -3.06 6.87 -12.43
C GLY A 87 -3.03 6.42 -10.98
N TRP A 88 -4.05 6.83 -10.21
CA TRP A 88 -4.16 6.47 -8.80
C TRP A 88 -5.56 5.88 -8.49
N PRO A 89 -5.77 4.58 -8.74
CA PRO A 89 -7.09 3.93 -8.47
C PRO A 89 -7.53 4.08 -7.01
N SER A 90 -8.82 4.28 -6.81
CA SER A 90 -9.36 4.44 -5.46
C SER A 90 -9.84 3.10 -4.88
N PHE A 91 -9.55 2.90 -3.61
CA PHE A 91 -9.93 1.66 -2.92
C PHE A 91 -10.68 2.02 -1.63
N PHE A 92 -11.09 1.00 -0.87
CA PHE A 92 -11.83 1.23 0.37
C PHE A 92 -11.07 0.66 1.58
N SER A 93 -11.74 0.63 2.75
CA SER A 93 -11.14 0.17 4.01
C SER A 93 -10.19 -1.05 3.81
N PRO A 94 -9.03 -1.08 4.48
CA PRO A 94 -8.06 -2.22 4.37
C PRO A 94 -8.57 -3.45 5.12
N LEU A 95 -7.71 -4.45 5.31
CA LEU A 95 -8.10 -5.67 6.01
C LEU A 95 -8.77 -5.33 7.35
N ALA A 96 -8.00 -4.71 8.25
CA ALA A 96 -8.54 -4.33 9.56
C ALA A 96 -7.84 -3.10 10.15
N GLY A 97 -6.93 -2.48 9.38
CA GLY A 97 -6.20 -1.30 9.86
C GLY A 97 -5.04 -1.71 10.77
N ASP A 98 -4.82 -3.02 10.91
CA ASP A 98 -3.73 -3.55 11.73
C ASP A 98 -2.45 -3.67 10.93
N LYS A 99 -2.59 -3.85 9.62
CA LYS A 99 -1.44 -3.99 8.73
C LYS A 99 -1.05 -2.63 8.13
N VAL A 100 -1.95 -1.64 8.26
CA VAL A 100 -1.71 -0.29 7.76
C VAL A 100 -2.18 0.77 8.75
N ILE A 101 -1.51 1.93 8.74
CA ILE A 101 -1.88 3.03 9.63
C ILE A 101 -2.19 4.30 8.81
N GLU A 102 -3.26 4.98 9.22
CA GLU A 102 -3.69 6.20 8.55
C GLU A 102 -3.52 7.39 9.50
N ARG A 103 -2.71 8.38 9.09
CA ARG A 103 -2.45 9.55 9.92
C ARG A 103 -2.57 10.83 9.09
N THR A 104 -3.07 11.90 9.71
CA THR A 104 -3.22 13.17 9.01
C THR A 104 -1.92 13.99 9.02
N ASP A 105 -1.72 14.79 7.97
CA ASP A 105 -0.51 15.61 7.86
C ASP A 105 -0.87 17.06 7.53
N THR A 106 -0.55 17.96 8.45
CA THR A 106 -0.82 19.38 8.30
C THR A 106 0.29 20.02 7.47
N SER A 107 0.21 19.77 6.16
CA SER A 107 1.20 20.31 5.22
C SER A 107 1.22 21.83 5.27
N HIS A 108 0.03 22.46 5.32
CA HIS A 108 -0.05 23.92 5.37
C HIS A 108 -1.52 24.38 5.61
N GLY A 109 -2.23 24.82 4.56
CA GLY A 109 -3.61 25.30 4.70
C GLY A 109 -4.55 24.19 5.15
N MET A 110 -4.35 22.99 4.61
CA MET A 110 -5.21 21.84 4.94
C MET A 110 -4.38 20.62 5.30
N VAL A 111 -5.05 19.57 5.78
CA VAL A 111 -4.37 18.34 6.17
C VAL A 111 -4.74 17.20 5.23
N ARG A 112 -3.86 16.19 5.13
CA ARG A 112 -4.09 15.04 4.27
C ARG A 112 -3.73 13.77 5.02
N THR A 113 -4.51 12.70 4.80
CA THR A 113 -4.24 11.44 5.47
C THR A 113 -3.27 10.60 4.64
N GLU A 114 -2.12 10.31 5.23
CA GLU A 114 -1.09 9.52 4.58
C GLU A 114 -1.21 8.07 4.99
N VAL A 115 -1.20 7.17 4.00
CA VAL A 115 -1.32 5.75 4.25
C VAL A 115 0.06 5.14 4.41
N ILE A 116 0.27 4.48 5.54
CA ILE A 116 1.53 3.84 5.85
C ILE A 116 1.29 2.41 6.31
N CYS A 117 2.31 1.58 6.22
CA CYS A 117 2.21 0.20 6.69
C CYS A 117 2.39 0.18 8.19
N ALA A 118 1.59 -0.63 8.86
CA ALA A 118 1.64 -0.71 10.32
C ALA A 118 3.01 -1.14 10.84
N ASN A 119 3.79 -1.82 9.98
CA ASN A 119 5.13 -2.30 10.40
C ASN A 119 6.25 -1.48 9.78
N CYS A 120 6.04 -1.01 8.56
CA CYS A 120 7.06 -0.21 7.87
C CYS A 120 6.46 1.12 7.39
N GLU A 121 7.33 2.07 7.04
CA GLU A 121 6.87 3.38 6.61
C GLU A 121 6.47 3.39 5.14
N SER A 122 5.31 2.78 4.85
CA SER A 122 4.79 2.75 3.49
C SER A 122 4.02 4.03 3.21
N HIS A 123 4.70 5.15 3.47
CA HIS A 123 4.13 6.50 3.23
C HIS A 123 4.17 6.84 1.73
N LEU A 124 4.10 5.81 0.88
CA LEU A 124 4.13 6.00 -0.56
C LEU A 124 2.75 6.37 -1.11
N GLY A 125 1.70 6.06 -0.34
CA GLY A 125 0.33 6.36 -0.77
C GLY A 125 -0.45 7.16 0.26
N HIS A 126 -1.47 7.88 -0.23
CA HIS A 126 -2.33 8.71 0.63
C HIS A 126 -3.80 8.32 0.43
N VAL A 127 -4.63 8.65 1.44
CA VAL A 127 -6.06 8.36 1.39
C VAL A 127 -6.86 9.61 1.76
N PHE A 128 -8.07 9.72 1.21
CA PHE A 128 -8.91 10.89 1.48
C PHE A 128 -10.38 10.48 1.65
N ALA A 129 -11.06 11.11 2.60
CA ALA A 129 -12.47 10.83 2.86
C ALA A 129 -13.36 11.91 2.25
N GLY A 130 -14.56 11.52 1.81
CA GLY A 130 -15.51 12.47 1.21
C GLY A 130 -15.76 12.22 -0.28
N GLU A 131 -15.38 11.03 -0.77
CA GLU A 131 -15.58 10.70 -2.19
C GLU A 131 -17.06 10.49 -2.50
N GLY A 132 -17.84 10.04 -1.51
CA GLY A 132 -19.26 9.80 -1.71
C GLY A 132 -19.50 8.61 -2.65
N TYR A 133 -18.64 7.59 -2.53
CA TYR A 133 -18.75 6.40 -3.38
C TYR A 133 -19.72 5.38 -2.78
N ASP A 134 -20.52 5.82 -1.80
CA ASP A 134 -21.51 4.96 -1.15
C ASP A 134 -20.85 3.79 -0.42
N THR A 135 -19.91 4.12 0.47
CA THR A 135 -19.20 3.11 1.27
C THR A 135 -19.26 3.47 2.76
N PRO A 136 -19.08 2.49 3.64
CA PRO A 136 -19.12 2.71 5.13
C PRO A 136 -18.01 3.64 5.62
N THR A 137 -16.90 3.68 4.87
CA THR A 137 -15.76 4.53 5.25
C THR A 137 -15.69 5.79 4.37
N ASP A 138 -16.25 5.70 3.16
CA ASP A 138 -16.24 6.83 2.22
C ASP A 138 -14.81 7.34 2.02
N LEU A 139 -13.87 6.40 1.88
CA LEU A 139 -12.46 6.74 1.68
C LEU A 139 -12.04 6.43 0.25
N ARG A 140 -11.06 7.21 -0.24
CA ARG A 140 -10.55 7.02 -1.59
C ARG A 140 -9.02 6.89 -1.55
N TYR A 141 -8.56 5.69 -1.21
CA TYR A 141 -7.13 5.43 -1.15
C TYR A 141 -6.51 5.62 -2.52
N CYS A 142 -5.65 6.63 -2.65
CA CYS A 142 -4.96 6.89 -3.90
C CYS A 142 -3.56 6.32 -3.79
N ILE A 143 -3.44 5.05 -4.15
CA ILE A 143 -2.15 4.36 -4.03
C ILE A 143 -1.88 3.53 -5.28
N ASN A 144 -0.60 3.45 -5.64
CA ASN A 144 -0.18 2.69 -6.80
C ASN A 144 0.67 1.51 -6.36
N SER A 145 0.63 0.42 -7.14
CA SER A 145 1.39 -0.77 -6.81
C SER A 145 2.83 -0.67 -7.34
N VAL A 146 3.71 -0.17 -6.48
CA VAL A 146 5.13 -0.04 -6.82
C VAL A 146 5.82 -1.41 -6.73
N CYS A 147 5.23 -2.40 -7.42
CA CYS A 147 5.73 -3.79 -7.40
C CYS A 147 5.42 -4.44 -6.04
N LEU A 148 4.11 -4.51 -5.76
CA LEU A 148 3.60 -5.10 -4.52
C LEU A 148 3.38 -6.60 -4.77
N THR A 149 3.41 -7.40 -3.69
CA THR A 149 3.25 -8.86 -3.81
C THR A 149 1.79 -9.27 -3.74
N LEU A 150 1.36 -10.09 -4.70
CA LEU A 150 -0.02 -10.58 -4.78
C LEU A 150 -0.13 -11.96 -4.15
N ILE A 151 -1.12 -12.11 -3.26
CA ILE A 151 -1.37 -13.38 -2.60
C ILE A 151 -2.61 -14.03 -3.22
N PRO A 152 -2.49 -15.18 -3.90
CA PRO A 152 -3.67 -15.86 -4.51
C PRO A 152 -4.53 -16.48 -3.44
N ALA A 153 -5.62 -15.79 -3.11
CA ALA A 153 -6.51 -16.23 -2.05
C ALA A 153 -7.13 -17.59 -2.36
N GLU A 154 -7.68 -17.76 -3.56
CA GLU A 154 -8.29 -19.02 -3.97
C GLU A 154 -8.85 -18.91 -5.40
N GLU A 155 -9.79 -17.99 -5.59
CA GLU A 155 -10.42 -17.78 -6.88
C GLU A 155 -11.05 -19.08 -7.39
N SER A 156 -11.84 -19.71 -6.51
CA SER A 156 -12.52 -20.96 -6.84
C SER A 156 -13.34 -20.81 -8.11
ZN ZN B . 4.82 -3.11 4.88
N MET A 21 9.83 -11.07 7.97
CA MET A 21 9.52 -11.60 9.32
C MET A 21 10.36 -10.85 10.36
N THR A 22 10.12 -11.15 11.65
CA THR A 22 10.85 -10.51 12.73
C THR A 22 10.69 -8.99 12.67
N ASN A 23 11.13 -8.30 13.73
CA ASN A 23 11.04 -6.84 13.78
C ASN A 23 11.81 -6.22 12.62
N PHE A 24 11.10 -5.43 11.80
CA PHE A 24 11.72 -4.79 10.64
C PHE A 24 12.50 -3.53 11.03
N LYS A 25 12.25 -3.01 12.23
CA LYS A 25 12.91 -1.79 12.70
C LYS A 25 14.42 -2.01 12.87
N LEU A 26 14.80 -3.26 13.15
CA LEU A 26 16.20 -3.60 13.38
C LEU A 26 16.95 -3.85 12.06
N ILE A 27 16.23 -3.85 10.93
CA ILE A 27 16.85 -4.09 9.63
C ILE A 27 17.77 -2.92 9.26
N THR A 28 18.92 -3.27 8.66
CA THR A 28 19.90 -2.29 8.24
C THR A 28 19.56 -1.75 6.86
N ASP A 29 20.24 -0.67 6.47
CA ASP A 29 19.99 -0.05 5.17
C ASP A 29 20.32 -1.02 4.03
N THR A 30 21.44 -1.74 4.17
CA THR A 30 21.86 -2.70 3.15
C THR A 30 20.82 -3.82 3.02
N GLU A 31 20.34 -4.32 4.16
CA GLU A 31 19.35 -5.40 4.17
C GLU A 31 18.08 -4.95 3.46
N TRP A 32 17.69 -3.70 3.67
CA TRP A 32 16.50 -3.16 3.01
C TRP A 32 16.68 -3.13 1.49
N ARG A 33 17.88 -2.76 1.03
CA ARG A 33 18.17 -2.69 -0.40
C ARG A 33 18.09 -4.06 -1.05
N GLN A 34 18.61 -5.07 -0.34
CA GLN A 34 18.59 -6.46 -0.84
C GLN A 34 17.29 -7.19 -0.45
N ARG A 35 16.42 -6.52 0.32
CA ARG A 35 15.14 -7.10 0.75
C ARG A 35 14.03 -6.83 -0.26
N LEU A 36 14.03 -5.61 -0.81
CA LEU A 36 12.98 -5.19 -1.75
C LEU A 36 13.55 -4.38 -2.90
N SER A 37 12.66 -3.99 -3.83
CA SER A 37 13.05 -3.22 -5.00
C SER A 37 13.72 -1.91 -4.61
N SER A 38 14.58 -1.41 -5.49
CA SER A 38 15.28 -0.15 -5.23
C SER A 38 14.26 0.96 -5.05
N GLU A 39 13.22 0.94 -5.88
CA GLU A 39 12.15 1.92 -5.78
C GLU A 39 11.43 1.77 -4.44
N GLU A 40 11.14 0.54 -4.03
CA GLU A 40 10.49 0.27 -2.76
C GLU A 40 11.34 0.77 -1.59
N TYR A 41 12.66 0.66 -1.72
CA TYR A 41 13.57 1.09 -0.66
C TYR A 41 13.40 2.59 -0.36
N ARG A 42 13.47 3.44 -1.39
CA ARG A 42 13.33 4.89 -1.19
C ARG A 42 11.88 5.28 -0.92
N VAL A 43 10.97 4.62 -1.63
CA VAL A 43 9.55 4.87 -1.50
C VAL A 43 9.07 4.55 -0.08
N LEU A 44 9.55 3.44 0.48
CA LEU A 44 9.16 3.03 1.83
C LEU A 44 9.94 3.79 2.92
N ARG A 45 11.00 4.51 2.54
CA ARG A 45 11.81 5.24 3.52
C ARG A 45 11.32 6.68 3.71
N GLU A 46 11.14 7.43 2.61
CA GLU A 46 10.70 8.83 2.70
C GLU A 46 9.55 9.16 1.74
N ALA A 47 8.76 8.15 1.36
CA ALA A 47 7.62 8.36 0.45
C ALA A 47 8.10 9.05 -0.83
N GLY A 48 9.15 8.47 -1.43
CA GLY A 48 9.74 9.02 -2.65
C GLY A 48 8.74 9.12 -3.81
N THR A 49 7.95 8.05 -4.03
CA THR A 49 6.97 8.04 -5.13
C THR A 49 6.17 6.74 -5.15
N GLU A 50 5.27 6.61 -6.13
CA GLU A 50 4.46 5.40 -6.28
C GLU A 50 4.17 5.17 -7.78
N ALA A 51 5.25 4.95 -8.54
CA ALA A 51 5.14 4.72 -9.98
C ALA A 51 5.18 3.22 -10.33
N PRO A 52 4.10 2.66 -10.88
CA PRO A 52 4.07 1.22 -11.29
C PRO A 52 4.90 0.94 -12.54
N HIS A 53 4.71 -0.25 -13.14
CA HIS A 53 5.45 -0.67 -14.33
C HIS A 53 6.96 -0.75 -14.05
N THR A 54 7.30 -1.16 -12.83
CA THR A 54 8.70 -1.32 -12.43
C THR A 54 9.03 -2.78 -12.09
N GLY A 55 8.14 -3.71 -12.46
CA GLY A 55 8.36 -5.13 -12.18
C GLY A 55 7.74 -5.97 -13.30
N GLU A 56 8.59 -6.74 -13.95
CA GLU A 56 8.16 -7.61 -15.05
C GLU A 56 7.33 -8.81 -14.55
N TYR A 57 7.50 -9.12 -13.26
CA TYR A 57 6.78 -10.24 -12.63
C TYR A 57 5.44 -9.78 -12.03
N THR A 58 4.97 -8.60 -12.45
CA THR A 58 3.71 -8.06 -11.94
C THR A 58 2.49 -8.59 -12.72
N ASN A 59 2.72 -9.54 -13.64
CA ASN A 59 1.64 -10.10 -14.44
C ASN A 59 0.90 -11.18 -13.66
N THR A 60 -0.30 -10.83 -13.17
CA THR A 60 -1.12 -11.77 -12.40
C THR A 60 -2.61 -11.47 -12.62
N THR A 61 -3.44 -12.51 -12.53
CA THR A 61 -4.89 -12.36 -12.72
C THR A 61 -5.66 -13.12 -11.65
N THR A 62 -5.27 -12.93 -10.40
CA THR A 62 -5.91 -13.59 -9.27
C THR A 62 -6.37 -12.54 -8.26
N GLU A 63 -7.52 -12.81 -7.64
CA GLU A 63 -8.10 -11.91 -6.65
C GLU A 63 -7.96 -12.54 -5.29
N GLY A 64 -7.00 -12.05 -4.50
CA GLY A 64 -6.75 -12.60 -3.18
C GLY A 64 -6.52 -11.53 -2.14
N ILE A 65 -5.33 -11.54 -1.55
CA ILE A 65 -4.98 -10.60 -0.49
C ILE A 65 -3.71 -9.83 -0.86
N TYR A 66 -3.79 -8.52 -0.66
CA TYR A 66 -2.66 -7.64 -0.93
C TYR A 66 -1.59 -7.85 0.11
N SER A 67 -0.31 -7.85 -0.32
CA SER A 67 0.79 -8.03 0.61
C SER A 67 1.98 -7.13 0.29
N CYS A 68 2.42 -6.40 1.32
CA CYS A 68 3.57 -5.50 1.21
C CYS A 68 4.77 -6.32 0.76
N ARG A 69 5.41 -5.90 -0.31
CA ARG A 69 6.58 -6.63 -0.80
C ARG A 69 7.69 -6.59 0.26
N ALA A 70 7.74 -5.49 1.01
CA ALA A 70 8.75 -5.30 2.06
C ALA A 70 8.65 -6.33 3.18
N CYS A 71 7.45 -6.52 3.73
CA CYS A 71 7.26 -7.46 4.84
C CYS A 71 6.30 -8.59 4.50
N GLY A 72 5.24 -8.27 3.76
CA GLY A 72 4.25 -9.26 3.35
C GLY A 72 2.98 -9.18 4.18
N THR A 73 2.70 -7.99 4.73
CA THR A 73 1.51 -7.80 5.56
C THR A 73 0.25 -7.75 4.70
N GLU A 74 -0.85 -8.29 5.24
CA GLU A 74 -2.13 -8.27 4.52
C GLU A 74 -2.70 -6.85 4.59
N LEU A 75 -2.06 -5.96 3.83
CA LEU A 75 -2.43 -4.55 3.80
C LEU A 75 -3.86 -4.36 3.33
N PHE A 76 -4.24 -5.13 2.30
CA PHE A 76 -5.58 -5.04 1.75
C PHE A 76 -6.07 -6.41 1.29
N ARG A 77 -7.37 -6.51 0.97
CA ARG A 77 -7.96 -7.77 0.50
C ARG A 77 -8.81 -7.54 -0.76
N SER A 78 -9.10 -8.64 -1.46
CA SER A 78 -9.86 -8.59 -2.72
C SER A 78 -11.34 -8.26 -2.54
N THR A 79 -11.84 -8.26 -1.30
CA THR A 79 -13.27 -7.97 -1.07
C THR A 79 -13.55 -6.46 -1.07
N GLU A 80 -12.55 -5.67 -0.65
CA GLU A 80 -12.71 -4.21 -0.60
C GLU A 80 -11.90 -3.50 -1.71
N LYS A 81 -11.49 -4.23 -2.75
CA LYS A 81 -10.73 -3.64 -3.84
C LYS A 81 -11.65 -2.90 -4.82
N PHE A 82 -11.06 -1.95 -5.57
CA PHE A 82 -11.82 -1.18 -6.55
C PHE A 82 -10.92 -0.82 -7.73
N ASN A 83 -11.40 -1.05 -8.96
CA ASN A 83 -10.61 -0.76 -10.16
C ASN A 83 -9.29 -1.52 -10.13
N SER A 84 -9.23 -2.63 -10.89
CA SER A 84 -8.02 -3.44 -10.92
C SER A 84 -6.85 -2.65 -11.47
N HIS A 85 -7.10 -1.81 -12.47
CA HIS A 85 -6.05 -0.98 -13.08
C HIS A 85 -6.60 0.38 -13.46
N CYS A 86 -5.79 1.43 -13.21
CA CYS A 86 -6.17 2.81 -13.53
C CYS A 86 -5.08 3.78 -13.07
N GLY A 87 -3.82 3.34 -13.17
CA GLY A 87 -2.68 4.15 -12.74
C GLY A 87 -2.59 4.17 -11.22
N TRP A 88 -3.57 4.83 -10.59
CA TRP A 88 -3.64 4.90 -9.13
C TRP A 88 -5.07 4.54 -8.67
N PRO A 89 -5.51 3.29 -8.84
CA PRO A 89 -6.89 2.86 -8.43
C PRO A 89 -7.14 3.04 -6.94
N SER A 90 -8.37 3.48 -6.61
CA SER A 90 -8.75 3.67 -5.22
C SER A 90 -9.12 2.34 -4.58
N PHE A 91 -9.15 2.29 -3.24
CA PHE A 91 -9.51 1.07 -2.53
C PHE A 91 -10.42 1.41 -1.35
N PHE A 92 -11.22 0.44 -0.91
CA PHE A 92 -12.12 0.65 0.22
C PHE A 92 -11.37 0.37 1.52
N SER A 93 -12.10 0.21 2.63
CA SER A 93 -11.50 -0.02 3.94
C SER A 93 -10.43 -1.13 3.89
N PRO A 94 -9.34 -1.01 4.65
CA PRO A 94 -8.27 -2.07 4.70
C PRO A 94 -8.75 -3.27 5.49
N LEU A 95 -7.87 -4.26 5.70
CA LEU A 95 -8.24 -5.47 6.44
C LEU A 95 -8.93 -5.12 7.76
N ALA A 96 -8.19 -4.44 8.65
CA ALA A 96 -8.74 -4.04 9.94
C ALA A 96 -7.99 -2.84 10.54
N GLY A 97 -7.16 -2.18 9.73
CA GLY A 97 -6.39 -1.02 10.20
C GLY A 97 -5.23 -1.46 11.10
N ASP A 98 -4.97 -2.76 11.16
CA ASP A 98 -3.90 -3.31 11.98
C ASP A 98 -2.63 -3.51 11.16
N LYS A 99 -2.81 -3.75 9.86
CA LYS A 99 -1.67 -3.97 8.95
C LYS A 99 -1.24 -2.64 8.31
N VAL A 100 -2.12 -1.64 8.37
CA VAL A 100 -1.84 -0.32 7.80
C VAL A 100 -2.33 0.79 8.77
N ILE A 101 -1.59 1.92 8.82
CA ILE A 101 -1.97 3.04 9.69
C ILE A 101 -2.23 4.30 8.86
N GLU A 102 -3.29 5.02 9.23
CA GLU A 102 -3.68 6.26 8.54
C GLU A 102 -3.44 7.46 9.46
N ARG A 103 -2.64 8.42 8.99
CA ARG A 103 -2.33 9.62 9.79
C ARG A 103 -2.34 10.86 8.89
N THR A 104 -2.63 12.03 9.46
CA THR A 104 -2.66 13.27 8.68
C THR A 104 -1.27 13.94 8.68
N ASP A 105 -0.93 14.57 7.55
CA ASP A 105 0.36 15.24 7.41
C ASP A 105 0.20 16.64 6.81
N THR A 106 0.67 17.64 7.56
CA THR A 106 0.60 19.03 7.10
C THR A 106 1.71 19.27 6.07
N SER A 107 1.51 18.65 4.91
CA SER A 107 2.48 18.76 3.81
C SER A 107 2.62 20.22 3.36
N HIS A 108 1.48 20.89 3.23
CA HIS A 108 1.46 22.30 2.81
C HIS A 108 0.50 23.08 3.73
N GLY A 109 -0.24 24.07 3.18
CA GLY A 109 -1.18 24.85 3.99
C GLY A 109 -2.23 23.94 4.61
N MET A 110 -2.67 22.94 3.83
CA MET A 110 -3.67 21.97 4.30
C MET A 110 -2.99 20.65 4.65
N VAL A 111 -3.76 19.72 5.20
CA VAL A 111 -3.23 18.42 5.60
C VAL A 111 -3.81 17.30 4.74
N ARG A 112 -3.08 16.19 4.64
CA ARG A 112 -3.54 15.04 3.86
C ARG A 112 -3.32 13.77 4.67
N THR A 113 -4.22 12.79 4.51
CA THR A 113 -4.08 11.55 5.25
C THR A 113 -3.13 10.61 4.52
N GLU A 114 -1.94 10.44 5.10
CA GLU A 114 -0.93 9.56 4.53
C GLU A 114 -1.20 8.15 5.01
N VAL A 115 -1.03 7.20 4.12
CA VAL A 115 -1.24 5.79 4.45
C VAL A 115 0.10 5.10 4.59
N ILE A 116 0.31 4.48 5.74
CA ILE A 116 1.54 3.77 6.04
C ILE A 116 1.26 2.34 6.46
N CYS A 117 2.26 1.49 6.34
CA CYS A 117 2.15 0.10 6.77
C CYS A 117 2.35 0.07 8.27
N ALA A 118 1.51 -0.68 8.97
CA ALA A 118 1.57 -0.76 10.43
C ALA A 118 2.94 -1.26 10.93
N ASN A 119 3.72 -1.90 10.05
CA ASN A 119 5.03 -2.42 10.44
C ASN A 119 6.17 -1.59 9.87
N CYS A 120 5.98 -1.09 8.64
CA CYS A 120 7.00 -0.27 7.98
C CYS A 120 6.41 1.06 7.51
N GLU A 121 7.28 2.03 7.25
CA GLU A 121 6.84 3.37 6.85
C GLU A 121 6.45 3.41 5.37
N SER A 122 5.32 2.77 5.06
CA SER A 122 4.80 2.74 3.70
C SER A 122 3.97 4.00 3.43
N HIS A 123 4.52 5.16 3.78
CA HIS A 123 3.84 6.45 3.57
C HIS A 123 3.79 6.85 2.09
N LEU A 124 4.04 5.88 1.19
CA LEU A 124 4.04 6.14 -0.24
C LEU A 124 2.62 6.37 -0.77
N GLY A 125 1.62 5.83 -0.06
CA GLY A 125 0.24 5.97 -0.47
C GLY A 125 -0.50 7.01 0.38
N HIS A 126 -1.64 7.45 -0.13
CA HIS A 126 -2.48 8.42 0.56
C HIS A 126 -3.94 8.02 0.45
N VAL A 127 -4.75 8.41 1.43
CA VAL A 127 -6.18 8.08 1.40
C VAL A 127 -7.03 9.34 1.34
N PHE A 128 -7.89 9.39 0.33
CA PHE A 128 -8.79 10.53 0.13
C PHE A 128 -10.20 10.11 0.51
N ALA A 129 -10.85 10.93 1.34
CA ALA A 129 -12.19 10.63 1.80
C ALA A 129 -13.20 10.71 0.64
N GLY A 130 -14.49 10.65 0.96
CA GLY A 130 -15.52 10.68 -0.01
C GLY A 130 -16.63 11.58 0.49
N GLU A 131 -17.50 11.90 -0.42
CA GLU A 131 -18.62 12.79 -0.17
C GLU A 131 -19.97 12.09 -0.31
N GLY A 132 -19.98 10.77 -0.17
CA GLY A 132 -21.21 10.00 -0.30
C GLY A 132 -21.25 9.27 -1.64
N TYR A 133 -20.11 8.65 -1.97
CA TYR A 133 -19.98 7.88 -3.22
C TYR A 133 -20.53 6.46 -3.04
N ASP A 134 -21.27 6.22 -1.95
CA ASP A 134 -21.86 4.93 -1.65
C ASP A 134 -20.83 3.90 -1.17
N THR A 135 -20.16 4.24 -0.06
CA THR A 135 -19.16 3.35 0.54
C THR A 135 -19.28 3.38 2.07
N PRO A 136 -18.97 2.28 2.77
CA PRO A 136 -19.07 2.24 4.27
C PRO A 136 -18.06 3.16 4.97
N THR A 137 -16.94 3.43 4.30
CA THR A 137 -15.89 4.29 4.87
C THR A 137 -15.68 5.56 4.06
N ASP A 138 -16.11 5.53 2.79
CA ASP A 138 -15.94 6.68 1.91
C ASP A 138 -14.46 7.06 1.81
N LEU A 139 -13.60 6.05 1.70
CA LEU A 139 -12.16 6.29 1.59
C LEU A 139 -11.65 5.78 0.25
N ARG A 140 -10.66 6.48 -0.30
CA ARG A 140 -10.07 6.10 -1.59
C ARG A 140 -8.54 6.04 -1.48
N TYR A 141 -8.06 4.95 -0.89
CA TYR A 141 -6.62 4.73 -0.71
C TYR A 141 -5.96 4.62 -2.08
N CYS A 142 -4.86 5.33 -2.28
CA CYS A 142 -4.12 5.28 -3.53
C CYS A 142 -2.78 4.61 -3.28
N ILE A 143 -2.76 3.28 -3.41
CA ILE A 143 -1.55 2.51 -3.15
C ILE A 143 -1.53 1.25 -4.04
N ASN A 144 -0.76 0.23 -3.65
CA ASN A 144 -0.68 -1.02 -4.43
C ASN A 144 -0.24 -0.71 -5.86
N SER A 145 0.69 0.24 -6.01
CA SER A 145 1.16 0.64 -7.34
C SER A 145 2.65 0.41 -7.55
N VAL A 146 3.46 0.53 -6.49
CA VAL A 146 4.91 0.36 -6.65
C VAL A 146 5.33 -1.11 -6.61
N CYS A 147 4.59 -1.96 -7.36
CA CYS A 147 4.91 -3.39 -7.45
C CYS A 147 4.63 -4.11 -6.11
N LEU A 148 3.36 -4.12 -5.72
CA LEU A 148 2.95 -4.77 -4.46
C LEU A 148 2.70 -6.26 -4.73
N THR A 149 2.91 -7.09 -3.71
CA THR A 149 2.77 -8.55 -3.86
C THR A 149 1.34 -9.05 -3.59
N LEU A 150 0.87 -9.91 -4.49
CA LEU A 150 -0.46 -10.50 -4.35
C LEU A 150 -0.36 -11.88 -3.72
N ILE A 151 -1.33 -12.16 -2.86
CA ILE A 151 -1.43 -13.46 -2.24
C ILE A 151 -2.66 -14.15 -2.87
N PRO A 152 -2.49 -15.15 -3.73
CA PRO A 152 -3.63 -15.83 -4.40
C PRO A 152 -4.44 -16.55 -3.36
N ALA A 153 -5.56 -15.93 -2.99
CA ALA A 153 -6.40 -16.49 -1.95
C ALA A 153 -6.93 -17.87 -2.30
N GLU A 154 -7.53 -18.00 -3.49
CA GLU A 154 -8.09 -19.28 -3.97
C GLU A 154 -8.77 -19.09 -5.33
N GLU A 155 -9.89 -18.33 -5.32
CA GLU A 155 -10.65 -18.08 -6.54
C GLU A 155 -11.07 -19.39 -7.21
N SER A 156 -11.61 -20.30 -6.40
CA SER A 156 -12.06 -21.60 -6.87
C SER A 156 -10.94 -22.35 -7.58
ZN ZN B . 4.83 -3.23 4.91
N MET A 21 9.26 -10.47 11.41
CA MET A 21 8.48 -9.27 11.86
C MET A 21 8.91 -8.88 13.28
N THR A 22 10.22 -8.95 13.54
CA THR A 22 10.76 -8.60 14.85
C THR A 22 11.47 -7.24 14.79
N ASN A 23 10.66 -6.18 14.84
CA ASN A 23 11.20 -4.81 14.79
C ASN A 23 12.02 -4.59 13.52
N PHE A 24 11.45 -3.87 12.57
CA PHE A 24 12.14 -3.56 11.31
C PHE A 24 13.13 -2.40 11.47
N LYS A 25 13.09 -1.72 12.62
CA LYS A 25 13.97 -0.58 12.89
C LYS A 25 15.42 -1.02 12.94
N LEU A 26 15.64 -2.21 13.50
CA LEU A 26 16.99 -2.77 13.65
C LEU A 26 17.60 -3.13 12.29
N ILE A 27 16.76 -3.29 11.27
CA ILE A 27 17.23 -3.64 9.93
C ILE A 27 18.18 -2.57 9.40
N THR A 28 19.22 -3.03 8.70
CA THR A 28 20.22 -2.15 8.13
C THR A 28 19.81 -1.74 6.71
N ASP A 29 20.48 -0.72 6.19
CA ASP A 29 20.18 -0.22 4.84
C ASP A 29 20.42 -1.32 3.80
N THR A 30 21.51 -2.08 3.99
CA THR A 30 21.85 -3.16 3.05
C THR A 30 20.75 -4.21 3.04
N GLU A 31 20.27 -4.58 4.23
CA GLU A 31 19.21 -5.59 4.36
C GLU A 31 17.96 -5.13 3.61
N TRP A 32 17.65 -3.85 3.73
CA TRP A 32 16.47 -3.30 3.06
C TRP A 32 16.62 -3.39 1.53
N ARG A 33 17.84 -3.12 1.03
CA ARG A 33 18.09 -3.16 -0.41
C ARG A 33 17.92 -4.58 -0.95
N GLN A 34 18.40 -5.56 -0.17
CA GLN A 34 18.29 -6.98 -0.55
C GLN A 34 16.97 -7.61 -0.06
N ARG A 35 16.12 -6.82 0.59
CA ARG A 35 14.84 -7.30 1.11
C ARG A 35 13.70 -7.00 0.14
N LEU A 36 13.75 -5.83 -0.47
CA LEU A 36 12.68 -5.38 -1.38
C LEU A 36 13.24 -4.67 -2.61
N SER A 37 12.32 -4.27 -3.50
CA SER A 37 12.70 -3.60 -4.74
C SER A 37 13.45 -2.32 -4.47
N SER A 38 14.31 -1.93 -5.40
CA SER A 38 15.08 -0.70 -5.26
C SER A 38 14.13 0.49 -5.14
N GLU A 39 13.06 0.46 -5.92
CA GLU A 39 12.05 1.51 -5.88
C GLU A 39 11.35 1.51 -4.52
N GLU A 40 11.01 0.32 -4.02
CA GLU A 40 10.36 0.18 -2.72
C GLU A 40 11.26 0.72 -1.60
N TYR A 41 12.58 0.55 -1.76
CA TYR A 41 13.54 1.00 -0.74
C TYR A 41 13.42 2.52 -0.51
N ARG A 42 13.48 3.31 -1.59
CA ARG A 42 13.38 4.78 -1.47
C ARG A 42 11.96 5.22 -1.18
N VAL A 43 11.02 4.56 -1.82
CA VAL A 43 9.60 4.86 -1.69
C VAL A 43 9.13 4.65 -0.24
N LEU A 44 9.52 3.53 0.35
CA LEU A 44 9.15 3.23 1.73
C LEU A 44 9.92 4.12 2.70
N ARG A 45 11.18 4.40 2.37
CA ARG A 45 12.05 5.20 3.23
C ARG A 45 11.58 6.66 3.39
N GLU A 46 11.28 7.33 2.27
CA GLU A 46 10.88 8.75 2.33
C GLU A 46 9.66 9.09 1.45
N ALA A 47 8.87 8.08 1.08
CA ALA A 47 7.68 8.33 0.24
C ALA A 47 8.14 8.98 -1.09
N GLY A 48 9.17 8.38 -1.67
CA GLY A 48 9.76 8.90 -2.91
C GLY A 48 8.75 8.98 -4.06
N THR A 49 7.94 7.93 -4.25
CA THR A 49 6.94 7.92 -5.34
C THR A 49 6.20 6.56 -5.38
N GLU A 50 5.37 6.37 -6.42
CA GLU A 50 4.62 5.13 -6.59
C GLU A 50 4.40 4.85 -8.08
N ALA A 51 5.51 4.64 -8.80
CA ALA A 51 5.46 4.38 -10.23
C ALA A 51 5.49 2.87 -10.53
N PRO A 52 4.44 2.31 -11.12
CA PRO A 52 4.37 0.85 -11.48
C PRO A 52 5.24 0.52 -12.70
N HIS A 53 5.09 -0.72 -13.20
CA HIS A 53 5.85 -1.19 -14.36
C HIS A 53 7.35 -1.20 -14.07
N THR A 54 7.71 -1.52 -12.82
CA THR A 54 9.11 -1.57 -12.40
C THR A 54 9.51 -3.01 -11.97
N GLY A 55 8.65 -3.99 -12.29
CA GLY A 55 8.90 -5.38 -11.95
C GLY A 55 8.04 -6.28 -12.82
N GLU A 56 8.62 -7.39 -13.26
CA GLU A 56 7.92 -8.34 -14.13
C GLU A 56 7.02 -9.31 -13.36
N TYR A 57 7.37 -9.55 -12.10
CA TYR A 57 6.62 -10.49 -11.25
C TYR A 57 5.36 -9.84 -10.65
N THR A 58 4.61 -9.12 -11.49
CA THR A 58 3.37 -8.47 -11.05
C THR A 58 2.27 -9.50 -10.78
N ASN A 59 2.30 -10.63 -11.50
CA ASN A 59 1.30 -11.69 -11.35
C ASN A 59 -0.11 -11.18 -11.67
N THR A 60 -0.80 -10.60 -10.67
CA THR A 60 -2.16 -10.07 -10.85
C THR A 60 -3.13 -11.11 -11.45
N THR A 61 -2.72 -12.38 -11.48
CA THR A 61 -3.57 -13.45 -12.01
C THR A 61 -4.79 -13.67 -11.11
N THR A 62 -4.54 -13.63 -9.79
CA THR A 62 -5.60 -13.83 -8.81
C THR A 62 -5.79 -12.57 -7.97
N GLU A 63 -7.05 -12.29 -7.63
CA GLU A 63 -7.38 -11.12 -6.83
C GLU A 63 -7.79 -11.55 -5.43
N GLY A 64 -6.82 -11.57 -4.52
CA GLY A 64 -7.07 -11.98 -3.14
C GLY A 64 -6.66 -10.88 -2.17
N ILE A 65 -5.49 -11.05 -1.57
CA ILE A 65 -4.98 -10.09 -0.61
C ILE A 65 -3.68 -9.45 -1.09
N TYR A 66 -3.66 -8.13 -1.00
CA TYR A 66 -2.49 -7.35 -1.36
C TYR A 66 -1.47 -7.49 -0.25
N SER A 67 -0.19 -7.56 -0.60
CA SER A 67 0.85 -7.71 0.42
C SER A 67 2.09 -6.87 0.13
N CYS A 68 2.52 -6.15 1.14
CA CYS A 68 3.71 -5.30 1.09
C CYS A 68 4.89 -6.18 0.72
N ARG A 69 5.59 -5.84 -0.35
CA ARG A 69 6.76 -6.62 -0.76
C ARG A 69 7.83 -6.58 0.33
N ALA A 70 7.86 -5.47 1.07
CA ALA A 70 8.83 -5.27 2.14
C ALA A 70 8.73 -6.31 3.25
N CYS A 71 7.50 -6.56 3.74
CA CYS A 71 7.29 -7.52 4.84
C CYS A 71 6.37 -8.67 4.42
N GLY A 72 5.34 -8.35 3.64
CA GLY A 72 4.39 -9.36 3.17
C GLY A 72 3.10 -9.35 4.00
N THR A 73 2.83 -8.22 4.66
CA THR A 73 1.62 -8.09 5.48
C THR A 73 0.37 -8.16 4.62
N GLU A 74 -0.80 -8.13 5.28
CA GLU A 74 -2.09 -8.16 4.57
C GLU A 74 -2.66 -6.74 4.55
N LEU A 75 -2.03 -5.91 3.74
CA LEU A 75 -2.40 -4.50 3.62
C LEU A 75 -3.83 -4.29 3.13
N PHE A 76 -4.21 -4.99 2.05
CA PHE A 76 -5.55 -4.84 1.49
C PHE A 76 -6.16 -6.19 1.09
N ARG A 77 -7.50 -6.24 1.07
CA ARG A 77 -8.23 -7.44 0.74
C ARG A 77 -9.13 -7.12 -0.46
N SER A 78 -9.18 -8.04 -1.42
CA SER A 78 -9.95 -7.84 -2.67
C SER A 78 -11.44 -7.55 -2.41
N THR A 79 -11.91 -7.86 -1.20
CA THR A 79 -13.31 -7.62 -0.86
C THR A 79 -13.65 -6.13 -0.89
N GLU A 80 -12.69 -5.31 -0.45
CA GLU A 80 -12.86 -3.85 -0.43
C GLU A 80 -12.25 -3.18 -1.68
N LYS A 81 -11.76 -3.99 -2.62
CA LYS A 81 -11.15 -3.48 -3.85
C LYS A 81 -12.17 -2.82 -4.77
N PHE A 82 -11.77 -1.69 -5.36
CA PHE A 82 -12.62 -0.95 -6.30
C PHE A 82 -11.83 -0.68 -7.58
N ASN A 83 -12.36 -1.14 -8.71
CA ASN A 83 -11.68 -0.95 -10.00
C ASN A 83 -12.09 0.37 -10.66
N SER A 84 -11.20 1.37 -10.54
CA SER A 84 -11.46 2.68 -11.14
C SER A 84 -10.41 3.02 -12.20
N HIS A 85 -9.15 2.65 -11.92
CA HIS A 85 -8.06 2.90 -12.85
C HIS A 85 -6.90 1.96 -12.55
N CYS A 86 -6.31 1.38 -13.60
CA CYS A 86 -5.21 0.44 -13.44
C CYS A 86 -3.97 1.12 -12.84
N GLY A 87 -3.67 2.33 -13.32
CA GLY A 87 -2.50 3.08 -12.83
C GLY A 87 -2.62 3.39 -11.34
N TRP A 88 -3.75 3.96 -10.94
CA TRP A 88 -4.00 4.32 -9.55
C TRP A 88 -5.42 3.89 -9.12
N PRO A 89 -5.69 2.60 -8.95
CA PRO A 89 -7.04 2.11 -8.54
C PRO A 89 -7.35 2.50 -7.09
N SER A 90 -8.63 2.71 -6.79
CA SER A 90 -9.05 3.08 -5.44
C SER A 90 -9.50 1.85 -4.67
N PHE A 91 -9.36 1.93 -3.35
CA PHE A 91 -9.75 0.82 -2.47
C PHE A 91 -10.57 1.34 -1.31
N PHE A 92 -11.31 0.43 -0.66
CA PHE A 92 -12.11 0.79 0.50
C PHE A 92 -11.32 0.42 1.76
N SER A 93 -11.98 0.33 2.92
CA SER A 93 -11.30 0.00 4.17
C SER A 93 -10.39 -1.25 4.02
N PRO A 94 -9.18 -1.24 4.61
CA PRO A 94 -8.23 -2.41 4.51
C PRO A 94 -8.71 -3.59 5.36
N LEU A 95 -7.99 -4.73 5.26
CA LEU A 95 -8.33 -5.97 6.00
C LEU A 95 -8.95 -5.65 7.38
N ALA A 96 -8.17 -5.02 8.25
CA ALA A 96 -8.67 -4.67 9.60
C ALA A 96 -7.97 -3.44 10.18
N GLY A 97 -7.17 -2.74 9.35
CA GLY A 97 -6.45 -1.55 9.81
C GLY A 97 -5.30 -1.95 10.76
N ASP A 98 -5.04 -3.25 10.86
CA ASP A 98 -3.98 -3.76 11.72
C ASP A 98 -2.67 -3.89 10.93
N LYS A 99 -2.79 -4.06 9.62
CA LYS A 99 -1.61 -4.21 8.76
C LYS A 99 -1.20 -2.85 8.17
N VAL A 100 -2.08 -1.83 8.30
CA VAL A 100 -1.79 -0.50 7.77
C VAL A 100 -2.27 0.57 8.76
N ILE A 101 -1.56 1.70 8.81
CA ILE A 101 -1.94 2.80 9.70
C ILE A 101 -2.17 4.09 8.88
N GLU A 102 -3.28 4.76 9.19
CA GLU A 102 -3.65 6.00 8.51
C GLU A 102 -3.44 7.18 9.45
N ARG A 103 -2.65 8.16 9.00
CA ARG A 103 -2.36 9.35 9.81
C ARG A 103 -2.51 10.60 8.97
N THR A 104 -2.88 11.72 9.62
CA THR A 104 -3.05 12.98 8.89
C THR A 104 -1.76 13.81 8.93
N ASP A 105 -1.52 14.56 7.86
CA ASP A 105 -0.33 15.39 7.75
C ASP A 105 -0.68 16.80 7.29
N THR A 106 -0.40 17.79 8.15
CA THR A 106 -0.68 19.18 7.82
C THR A 106 0.46 19.74 6.97
N SER A 107 0.50 19.25 5.74
CA SER A 107 1.53 19.68 4.79
C SER A 107 1.38 21.16 4.46
N HIS A 108 0.13 21.62 4.38
CA HIS A 108 -0.17 23.01 4.07
C HIS A 108 -1.35 23.46 4.96
N GLY A 109 -2.18 24.41 4.48
CA GLY A 109 -3.33 24.87 5.26
C GLY A 109 -4.24 23.69 5.58
N MET A 110 -4.38 22.78 4.62
CA MET A 110 -5.20 21.58 4.79
C MET A 110 -4.30 20.40 5.16
N VAL A 111 -4.91 19.27 5.52
CA VAL A 111 -4.14 18.08 5.90
C VAL A 111 -4.36 16.95 4.89
N ARG A 112 -3.43 15.99 4.87
CA ARG A 112 -3.52 14.86 3.96
C ARG A 112 -3.31 13.58 4.75
N THR A 113 -4.15 12.57 4.51
CA THR A 113 -4.03 11.31 5.23
C THR A 113 -3.01 10.41 4.54
N GLU A 114 -1.85 10.26 5.19
CA GLU A 114 -0.79 9.43 4.67
C GLU A 114 -1.03 7.99 5.09
N VAL A 115 -1.03 7.09 4.11
CA VAL A 115 -1.23 5.68 4.39
C VAL A 115 0.12 5.00 4.55
N ILE A 116 0.30 4.35 5.69
CA ILE A 116 1.55 3.66 5.98
C ILE A 116 1.26 2.23 6.42
N CYS A 117 2.26 1.38 6.31
CA CYS A 117 2.16 -0.01 6.72
C CYS A 117 2.27 -0.06 8.25
N ALA A 118 1.45 -0.90 8.88
CA ALA A 118 1.45 -1.00 10.34
C ALA A 118 2.80 -1.47 10.88
N ASN A 119 3.60 -2.12 10.03
CA ASN A 119 4.91 -2.63 10.46
C ASN A 119 6.05 -1.76 9.95
N CYS A 120 5.89 -1.26 8.73
CA CYS A 120 6.92 -0.39 8.12
C CYS A 120 6.32 0.93 7.66
N GLU A 121 7.17 1.91 7.39
CA GLU A 121 6.70 3.25 7.01
C GLU A 121 6.41 3.33 5.50
N SER A 122 5.32 2.70 5.10
CA SER A 122 4.89 2.72 3.70
C SER A 122 4.07 3.98 3.44
N HIS A 123 4.68 5.12 3.74
CA HIS A 123 4.04 6.45 3.53
C HIS A 123 4.02 6.84 2.05
N LEU A 124 4.12 5.85 1.16
CA LEU A 124 4.12 6.10 -0.27
C LEU A 124 2.72 6.36 -0.81
N GLY A 125 1.69 5.89 -0.09
CA GLY A 125 0.31 6.08 -0.52
C GLY A 125 -0.45 7.06 0.37
N HIS A 126 -1.54 7.59 -0.17
CA HIS A 126 -2.40 8.53 0.55
C HIS A 126 -3.84 8.08 0.39
N VAL A 127 -4.71 8.46 1.35
CA VAL A 127 -6.11 8.08 1.29
C VAL A 127 -7.02 9.31 1.45
N PHE A 128 -8.05 9.37 0.62
CA PHE A 128 -9.00 10.49 0.66
C PHE A 128 -10.35 10.04 1.19
N ALA A 129 -10.86 10.78 2.18
CA ALA A 129 -12.16 10.46 2.80
C ALA A 129 -13.22 11.48 2.39
N GLY A 130 -14.48 11.04 2.42
CA GLY A 130 -15.61 11.91 2.05
C GLY A 130 -15.65 12.17 0.55
N GLU A 131 -15.15 11.22 -0.24
CA GLU A 131 -15.13 11.35 -1.70
C GLU A 131 -16.54 11.21 -2.29
N GLY A 132 -17.40 10.44 -1.60
CA GLY A 132 -18.78 10.24 -2.08
C GLY A 132 -18.92 8.98 -2.94
N TYR A 133 -18.21 7.93 -2.55
CA TYR A 133 -18.25 6.65 -3.30
C TYR A 133 -19.33 5.71 -2.74
N ASP A 134 -20.23 6.24 -1.90
CA ASP A 134 -21.32 5.44 -1.34
C ASP A 134 -20.78 4.22 -0.58
N THR A 135 -19.84 4.47 0.33
CA THR A 135 -19.28 3.40 1.15
C THR A 135 -19.28 3.80 2.64
N PRO A 136 -19.20 2.83 3.54
CA PRO A 136 -19.21 3.10 5.01
C PRO A 136 -18.01 3.93 5.46
N THR A 137 -16.91 3.86 4.71
CA THR A 137 -15.70 4.62 5.04
C THR A 137 -15.48 5.77 4.05
N ASP A 138 -16.01 5.61 2.83
CA ASP A 138 -15.85 6.63 1.80
C ASP A 138 -14.38 7.01 1.62
N LEU A 139 -13.51 6.00 1.71
CA LEU A 139 -12.06 6.21 1.56
C LEU A 139 -11.60 5.86 0.15
N ARG A 140 -10.65 6.66 -0.35
CA ARG A 140 -10.09 6.46 -1.68
C ARG A 140 -8.58 6.30 -1.58
N TYR A 141 -8.14 5.10 -1.18
CA TYR A 141 -6.72 4.82 -1.04
C TYR A 141 -6.05 4.79 -2.41
N CYS A 142 -5.00 5.59 -2.56
CA CYS A 142 -4.23 5.62 -3.82
C CYS A 142 -2.88 4.95 -3.57
N ILE A 143 -2.84 3.63 -3.78
CA ILE A 143 -1.60 2.86 -3.52
C ILE A 143 -1.53 1.67 -4.51
N ASN A 144 -0.78 0.60 -4.16
CA ASN A 144 -0.66 -0.58 -5.01
C ASN A 144 -0.15 -0.20 -6.41
N SER A 145 0.81 0.73 -6.45
CA SER A 145 1.35 1.19 -7.74
C SER A 145 2.88 1.08 -7.84
N VAL A 146 3.56 0.49 -6.83
CA VAL A 146 5.02 0.38 -6.88
C VAL A 146 5.51 -1.09 -6.80
N CYS A 147 4.85 -1.98 -7.56
CA CYS A 147 5.23 -3.40 -7.60
C CYS A 147 4.94 -4.09 -6.26
N LEU A 148 3.66 -4.12 -5.89
CA LEU A 148 3.22 -4.74 -4.65
C LEU A 148 2.97 -6.24 -4.91
N THR A 149 3.06 -7.05 -3.85
CA THR A 149 2.90 -8.51 -3.98
C THR A 149 1.43 -8.92 -3.83
N LEU A 150 0.95 -9.72 -4.79
CA LEU A 150 -0.43 -10.20 -4.80
C LEU A 150 -0.51 -11.61 -4.22
N ILE A 151 -1.46 -11.81 -3.30
CA ILE A 151 -1.67 -13.11 -2.67
C ILE A 151 -2.90 -13.78 -3.31
N PRO A 152 -2.75 -14.90 -4.00
CA PRO A 152 -3.91 -15.61 -4.64
C PRO A 152 -4.78 -16.27 -3.57
N ALA A 153 -5.78 -15.51 -3.11
CA ALA A 153 -6.66 -15.97 -2.05
C ALA A 153 -7.41 -17.25 -2.43
N GLU A 154 -8.06 -17.26 -3.59
CA GLU A 154 -8.81 -18.42 -4.05
C GLU A 154 -9.45 -18.16 -5.42
N GLU A 155 -10.32 -17.14 -5.47
CA GLU A 155 -11.01 -16.78 -6.71
C GLU A 155 -11.77 -17.98 -7.27
N SER A 156 -12.55 -18.62 -6.40
CA SER A 156 -13.34 -19.79 -6.78
C SER A 156 -14.79 -19.62 -6.32
ZN ZN B . 4.91 -3.28 4.83
N MET A 21 4.66 -8.62 14.09
CA MET A 21 5.76 -9.34 14.80
C MET A 21 7.10 -8.86 14.27
N THR A 22 8.11 -8.87 15.13
CA THR A 22 9.47 -8.44 14.78
C THR A 22 9.49 -6.96 14.38
N ASN A 23 10.45 -6.23 14.94
CA ASN A 23 10.57 -4.79 14.65
C ASN A 23 11.42 -4.58 13.39
N PHE A 24 10.78 -4.10 12.33
CA PHE A 24 11.48 -3.85 11.06
C PHE A 24 12.28 -2.54 11.10
N LYS A 25 12.02 -1.71 12.12
CA LYS A 25 12.69 -0.41 12.27
C LYS A 25 14.18 -0.61 12.53
N LEU A 26 14.50 -1.67 13.27
CA LEU A 26 15.90 -1.97 13.62
C LEU A 26 16.71 -2.44 12.41
N ILE A 27 16.02 -2.84 11.34
CA ILE A 27 16.69 -3.32 10.13
C ILE A 27 17.61 -2.23 9.59
N THR A 28 18.76 -2.67 9.05
CA THR A 28 19.74 -1.77 8.49
C THR A 28 19.34 -1.37 7.08
N ASP A 29 19.93 -0.29 6.59
CA ASP A 29 19.62 0.22 5.26
C ASP A 29 19.99 -0.79 4.18
N THR A 30 21.13 -1.47 4.35
CA THR A 30 21.58 -2.46 3.37
C THR A 30 20.57 -3.59 3.26
N GLU A 31 20.09 -4.07 4.41
CA GLU A 31 19.13 -5.17 4.43
C GLU A 31 17.86 -4.77 3.69
N TRP A 32 17.43 -3.52 3.86
CA TRP A 32 16.24 -3.03 3.17
C TRP A 32 16.45 -3.04 1.65
N ARG A 33 17.66 -2.67 1.21
CA ARG A 33 17.97 -2.62 -0.22
C ARG A 33 17.93 -4.01 -0.84
N GLN A 34 18.50 -4.98 -0.13
CA GLN A 34 18.52 -6.37 -0.61
C GLN A 34 17.18 -7.08 -0.35
N ARG A 35 16.44 -6.60 0.66
CA ARG A 35 15.14 -7.17 0.99
C ARG A 35 14.11 -6.95 -0.12
N LEU A 36 14.13 -5.75 -0.68
CA LEU A 36 13.16 -5.37 -1.73
C LEU A 36 13.81 -4.58 -2.86
N SER A 37 13.00 -4.27 -3.88
CA SER A 37 13.45 -3.52 -5.05
C SER A 37 14.01 -2.16 -4.67
N SER A 38 14.86 -1.62 -5.55
CA SER A 38 15.46 -0.31 -5.31
C SER A 38 14.36 0.74 -5.20
N GLU A 39 13.39 0.64 -6.09
CA GLU A 39 12.26 1.56 -6.08
C GLU A 39 11.48 1.40 -4.78
N GLU A 40 11.23 0.15 -4.39
CA GLU A 40 10.50 -0.15 -3.17
C GLU A 40 11.26 0.40 -1.95
N TYR A 41 12.59 0.33 -2.01
CA TYR A 41 13.42 0.81 -0.91
C TYR A 41 13.19 2.31 -0.66
N ARG A 42 13.29 3.13 -1.72
CA ARG A 42 13.09 4.58 -1.58
C ARG A 42 11.62 4.93 -1.36
N VAL A 43 10.75 4.20 -2.04
CA VAL A 43 9.31 4.42 -1.94
C VAL A 43 8.83 4.13 -0.51
N LEU A 44 9.32 3.02 0.06
CA LEU A 44 8.94 2.62 1.43
C LEU A 44 9.77 3.34 2.51
N ARG A 45 10.85 4.02 2.12
CA ARG A 45 11.70 4.72 3.10
C ARG A 45 11.32 6.19 3.26
N GLU A 46 11.16 6.91 2.13
CA GLU A 46 10.83 8.34 2.19
C GLU A 46 9.68 8.73 1.25
N ALA A 47 8.80 7.76 0.91
CA ALA A 47 7.66 8.05 0.03
C ALA A 47 8.17 8.65 -1.29
N GLY A 48 9.16 7.99 -1.90
CA GLY A 48 9.76 8.47 -3.13
C GLY A 48 8.75 8.61 -4.27
N THR A 49 7.89 7.59 -4.44
CA THR A 49 6.87 7.62 -5.52
C THR A 49 6.01 6.35 -5.46
N GLU A 50 5.15 6.16 -6.46
CA GLU A 50 4.29 4.98 -6.52
C GLU A 50 4.06 4.58 -7.97
N ALA A 51 5.16 4.22 -8.65
CA ALA A 51 5.09 3.81 -10.06
C ALA A 51 5.09 2.27 -10.20
N PRO A 52 4.01 1.67 -10.70
CA PRO A 52 3.94 0.20 -10.93
C PRO A 52 4.75 -0.23 -12.15
N HIS A 53 4.64 -1.50 -12.52
CA HIS A 53 5.37 -2.03 -13.68
C HIS A 53 6.88 -1.87 -13.50
N THR A 54 7.34 -2.04 -12.26
CA THR A 54 8.76 -1.93 -11.93
C THR A 54 9.39 -3.30 -11.63
N GLY A 55 8.66 -4.38 -11.97
CA GLY A 55 9.14 -5.73 -11.74
C GLY A 55 8.71 -6.63 -12.90
N GLU A 56 9.68 -7.06 -13.70
CA GLU A 56 9.40 -7.91 -14.85
C GLU A 56 8.83 -9.27 -14.43
N TYR A 57 9.17 -9.69 -13.21
CA TYR A 57 8.69 -10.96 -12.67
C TYR A 57 7.22 -10.86 -12.26
N THR A 58 6.76 -9.63 -11.97
CA THR A 58 5.39 -9.40 -11.57
C THR A 58 4.43 -9.79 -12.71
N ASN A 59 3.57 -10.77 -12.43
CA ASN A 59 2.59 -11.23 -13.42
C ASN A 59 1.63 -12.22 -12.77
N THR A 60 0.46 -11.73 -12.36
CA THR A 60 -0.55 -12.58 -11.73
C THR A 60 -1.92 -12.38 -12.36
N THR A 61 -2.77 -13.41 -12.24
CA THR A 61 -4.13 -13.35 -12.80
C THR A 61 -5.20 -13.58 -11.72
N THR A 62 -4.77 -13.62 -10.44
CA THR A 62 -5.70 -13.85 -9.33
C THR A 62 -5.77 -12.60 -8.45
N GLU A 63 -6.97 -12.29 -7.97
CA GLU A 63 -7.19 -11.14 -7.10
C GLU A 63 -7.65 -11.63 -5.74
N GLY A 64 -6.68 -11.81 -4.86
CA GLY A 64 -6.96 -12.30 -3.51
C GLY A 64 -6.63 -11.28 -2.46
N ILE A 65 -5.41 -11.35 -1.94
CA ILE A 65 -4.96 -10.46 -0.88
C ILE A 65 -3.64 -9.79 -1.25
N TYR A 66 -3.60 -8.48 -1.01
CA TYR A 66 -2.41 -7.70 -1.27
C TYR A 66 -1.43 -7.83 -0.13
N SER A 67 -0.17 -8.18 -0.45
CA SER A 67 0.86 -8.33 0.57
C SER A 67 2.07 -7.43 0.31
N CYS A 68 2.44 -6.70 1.35
CA CYS A 68 3.58 -5.78 1.31
C CYS A 68 4.84 -6.57 0.99
N ARG A 69 5.58 -6.13 -0.02
CA ARG A 69 6.81 -6.83 -0.42
C ARG A 69 7.87 -6.75 0.68
N ALA A 70 7.82 -5.67 1.45
CA ALA A 70 8.80 -5.44 2.53
C ALA A 70 8.69 -6.46 3.65
N CYS A 71 7.46 -6.70 4.12
CA CYS A 71 7.21 -7.63 5.23
C CYS A 71 6.28 -8.78 4.85
N GLY A 72 5.28 -8.48 4.03
CA GLY A 72 4.31 -9.51 3.60
C GLY A 72 2.97 -9.35 4.32
N THR A 73 2.69 -8.14 4.81
CA THR A 73 1.43 -7.87 5.53
C THR A 73 0.26 -7.78 4.56
N GLU A 74 -0.94 -8.23 4.99
CA GLU A 74 -2.13 -8.16 4.16
C GLU A 74 -2.62 -6.71 4.14
N LEU A 75 -1.85 -5.84 3.51
CA LEU A 75 -2.16 -4.42 3.43
C LEU A 75 -3.59 -4.19 2.93
N PHE A 76 -3.96 -4.91 1.87
CA PHE A 76 -5.29 -4.78 1.29
C PHE A 76 -5.80 -6.14 0.83
N ARG A 77 -7.10 -6.22 0.54
CA ARG A 77 -7.71 -7.45 0.07
C ARG A 77 -8.77 -7.12 -0.99
N SER A 78 -9.06 -8.11 -1.84
CA SER A 78 -10.02 -7.96 -2.93
C SER A 78 -11.42 -7.56 -2.46
N THR A 79 -11.77 -7.92 -1.22
CA THR A 79 -13.13 -7.63 -0.72
C THR A 79 -13.41 -6.12 -0.64
N GLU A 80 -12.39 -5.31 -0.33
CA GLU A 80 -12.57 -3.85 -0.23
C GLU A 80 -11.88 -3.10 -1.37
N LYS A 81 -11.37 -3.81 -2.38
CA LYS A 81 -10.70 -3.15 -3.50
C LYS A 81 -11.50 -3.32 -4.79
N PHE A 82 -11.80 -2.19 -5.43
CA PHE A 82 -12.54 -2.18 -6.68
C PHE A 82 -11.57 -2.42 -7.84
N ASN A 83 -12.10 -2.82 -9.00
CA ASN A 83 -11.26 -3.09 -10.18
C ASN A 83 -10.35 -1.88 -10.44
N SER A 84 -9.04 -2.15 -10.51
CA SER A 84 -8.06 -1.10 -10.73
C SER A 84 -7.20 -1.37 -11.96
N HIS A 85 -7.07 -0.36 -12.81
CA HIS A 85 -6.27 -0.47 -14.03
C HIS A 85 -5.71 0.91 -14.39
N CYS A 86 -4.40 1.07 -14.26
CA CYS A 86 -3.73 2.34 -14.56
C CYS A 86 -4.29 3.46 -13.69
N GLY A 87 -3.55 4.56 -13.59
CA GLY A 87 -3.97 5.70 -12.79
C GLY A 87 -3.97 5.37 -11.30
N TRP A 88 -4.76 6.12 -10.52
CA TRP A 88 -4.85 5.91 -9.08
C TRP A 88 -6.34 5.78 -8.64
N PRO A 89 -6.97 4.64 -8.88
CA PRO A 89 -8.42 4.43 -8.49
C PRO A 89 -8.60 4.35 -6.97
N SER A 90 -9.78 4.74 -6.50
CA SER A 90 -10.09 4.72 -5.07
C SER A 90 -10.29 3.29 -4.58
N PHE A 91 -10.13 3.10 -3.26
CA PHE A 91 -10.27 1.79 -2.63
C PHE A 91 -11.02 1.94 -1.31
N PHE A 92 -11.65 0.86 -0.84
CA PHE A 92 -12.40 0.90 0.41
C PHE A 92 -11.47 0.62 1.60
N SER A 93 -12.05 0.41 2.78
CA SER A 93 -11.27 0.16 4.00
C SER A 93 -10.29 -1.03 3.83
N PRO A 94 -9.08 -0.95 4.38
CA PRO A 94 -8.08 -2.07 4.27
C PRO A 94 -8.49 -3.29 5.08
N LEU A 95 -7.57 -4.25 5.24
CA LEU A 95 -7.81 -5.50 6.00
C LEU A 95 -8.65 -5.22 7.25
N ALA A 96 -8.10 -4.41 8.15
CA ALA A 96 -8.79 -4.06 9.39
C ALA A 96 -8.07 -2.91 10.14
N GLY A 97 -7.23 -2.16 9.42
CA GLY A 97 -6.48 -1.05 10.02
C GLY A 97 -5.33 -1.57 10.90
N ASP A 98 -5.05 -2.87 10.83
CA ASP A 98 -3.98 -3.47 11.62
C ASP A 98 -2.71 -3.64 10.80
N LYS A 99 -2.87 -3.82 9.49
CA LYS A 99 -1.71 -3.99 8.59
C LYS A 99 -1.25 -2.64 8.04
N VAL A 100 -2.13 -1.64 8.12
CA VAL A 100 -1.82 -0.30 7.63
C VAL A 100 -2.31 0.76 8.61
N ILE A 101 -1.60 1.89 8.68
CA ILE A 101 -1.97 3.00 9.57
C ILE A 101 -2.18 4.28 8.76
N GLU A 102 -3.18 5.05 9.17
CA GLU A 102 -3.52 6.31 8.51
C GLU A 102 -3.18 7.48 9.45
N ARG A 103 -2.31 8.39 8.97
CA ARG A 103 -1.91 9.55 9.78
C ARG A 103 -1.90 10.80 8.93
N THR A 104 -2.07 11.97 9.57
CA THR A 104 -2.06 13.24 8.84
C THR A 104 -0.63 13.80 8.80
N ASP A 105 -0.27 14.45 7.69
CA ASP A 105 1.07 15.01 7.53
C ASP A 105 1.00 16.45 7.05
N THR A 106 1.50 17.37 7.87
CA THR A 106 1.50 18.79 7.53
C THR A 106 2.55 19.10 6.47
N SER A 107 2.28 18.63 5.27
CA SER A 107 3.17 18.83 4.13
C SER A 107 3.00 20.25 3.58
N HIS A 108 4.12 20.94 3.40
CA HIS A 108 4.11 22.32 2.88
C HIS A 108 3.35 23.27 3.82
N GLY A 109 2.01 23.28 3.72
CA GLY A 109 1.19 24.15 4.57
C GLY A 109 0.00 23.39 5.16
N MET A 110 -0.81 22.80 4.29
CA MET A 110 -1.98 22.03 4.71
C MET A 110 -1.55 20.61 5.09
N VAL A 111 -2.51 19.82 5.59
CA VAL A 111 -2.21 18.45 5.98
C VAL A 111 -2.92 17.44 5.08
N ARG A 112 -2.31 16.26 4.94
CA ARG A 112 -2.88 15.19 4.12
C ARG A 112 -2.73 13.87 4.86
N THR A 113 -3.70 12.96 4.68
CA THR A 113 -3.63 11.67 5.37
C THR A 113 -2.77 10.71 4.57
N GLU A 114 -1.59 10.42 5.11
CA GLU A 114 -0.66 9.51 4.48
C GLU A 114 -0.96 8.09 4.92
N VAL A 115 -0.95 7.17 3.97
CA VAL A 115 -1.21 5.77 4.27
C VAL A 115 0.12 5.06 4.44
N ILE A 116 0.32 4.47 5.62
CA ILE A 116 1.56 3.76 5.92
C ILE A 116 1.27 2.33 6.33
N CYS A 117 2.29 1.49 6.24
CA CYS A 117 2.17 0.10 6.66
C CYS A 117 2.33 0.05 8.18
N ALA A 118 1.46 -0.69 8.84
CA ALA A 118 1.47 -0.77 10.30
C ALA A 118 2.83 -1.25 10.84
N ASN A 119 3.63 -1.88 9.99
CA ASN A 119 4.94 -2.39 10.40
C ASN A 119 6.09 -1.56 9.85
N CYS A 120 5.91 -1.05 8.63
CA CYS A 120 6.96 -0.23 7.99
C CYS A 120 6.38 1.09 7.47
N GLU A 121 7.26 2.05 7.19
CA GLU A 121 6.83 3.37 6.73
C GLU A 121 6.45 3.38 5.24
N SER A 122 5.34 2.71 4.93
CA SER A 122 4.84 2.66 3.56
C SER A 122 4.00 3.89 3.27
N HIS A 123 4.57 5.07 3.53
CA HIS A 123 3.90 6.36 3.27
C HIS A 123 3.87 6.70 1.78
N LEU A 124 4.02 5.68 0.92
CA LEU A 124 3.99 5.88 -0.52
C LEU A 124 2.59 6.21 -1.03
N GLY A 125 1.57 5.84 -0.24
CA GLY A 125 0.19 6.07 -0.60
C GLY A 125 -0.47 7.14 0.29
N HIS A 126 -1.61 7.65 -0.19
CA HIS A 126 -2.38 8.67 0.55
C HIS A 126 -3.87 8.31 0.50
N VAL A 127 -4.65 8.85 1.44
CA VAL A 127 -6.08 8.57 1.50
C VAL A 127 -6.89 9.84 1.78
N PHE A 128 -8.06 9.93 1.15
CA PHE A 128 -8.94 11.09 1.34
C PHE A 128 -10.35 10.62 1.72
N ALA A 129 -10.98 11.37 2.62
CA ALA A 129 -12.33 11.04 3.08
C ALA A 129 -13.38 11.75 2.22
N GLY A 130 -14.63 11.28 2.32
CA GLY A 130 -15.73 11.87 1.55
C GLY A 130 -15.73 11.35 0.12
N GLU A 131 -15.64 10.03 -0.04
CA GLU A 131 -15.64 9.40 -1.36
C GLU A 131 -17.02 9.48 -2.02
N GLY A 132 -18.07 9.47 -1.22
CA GLY A 132 -19.44 9.54 -1.74
C GLY A 132 -19.83 8.26 -2.47
N TYR A 133 -19.15 7.15 -2.13
CA TYR A 133 -19.44 5.85 -2.76
C TYR A 133 -20.45 5.03 -1.94
N ASP A 134 -21.13 5.70 -1.00
CA ASP A 134 -22.11 5.02 -0.15
C ASP A 134 -21.44 3.91 0.65
N THR A 135 -20.31 4.25 1.26
CA THR A 135 -19.55 3.30 2.08
C THR A 135 -19.48 3.79 3.54
N PRO A 136 -19.31 2.87 4.50
CA PRO A 136 -19.21 3.23 5.95
C PRO A 136 -17.96 4.03 6.29
N THR A 137 -16.92 3.91 5.46
CA THR A 137 -15.66 4.62 5.69
C THR A 137 -15.54 5.87 4.81
N ASP A 138 -16.18 5.84 3.64
CA ASP A 138 -16.15 6.97 2.72
C ASP A 138 -14.69 7.39 2.43
N LEU A 139 -13.80 6.39 2.32
CA LEU A 139 -12.39 6.64 2.04
C LEU A 139 -12.04 6.28 0.61
N ARG A 140 -11.18 7.10 0.00
CA ARG A 140 -10.74 6.86 -1.38
C ARG A 140 -9.22 6.78 -1.46
N TYR A 141 -8.67 5.70 -0.89
CA TYR A 141 -7.22 5.49 -0.88
C TYR A 141 -6.67 5.61 -2.31
N CYS A 142 -5.76 6.56 -2.49
CA CYS A 142 -5.14 6.77 -3.80
C CYS A 142 -3.71 6.24 -3.71
N ILE A 143 -3.57 4.95 -4.03
CA ILE A 143 -2.27 4.30 -3.93
C ILE A 143 -2.03 3.42 -5.17
N ASN A 144 -0.76 3.25 -5.53
CA ASN A 144 -0.40 2.44 -6.68
C ASN A 144 0.43 1.25 -6.24
N SER A 145 0.48 0.22 -7.08
CA SER A 145 1.24 -0.99 -6.74
C SER A 145 2.66 -0.91 -7.30
N VAL A 146 3.60 -0.44 -6.47
CA VAL A 146 5.01 -0.34 -6.85
C VAL A 146 5.67 -1.74 -6.76
N CYS A 147 5.03 -2.72 -7.42
CA CYS A 147 5.50 -4.12 -7.40
C CYS A 147 5.20 -4.77 -6.04
N LEU A 148 3.91 -4.80 -5.71
CA LEU A 148 3.41 -5.40 -4.48
C LEU A 148 3.16 -6.89 -4.73
N THR A 149 3.17 -7.70 -3.65
CA THR A 149 2.99 -9.15 -3.80
C THR A 149 1.51 -9.57 -3.76
N LEU A 150 1.06 -10.19 -4.84
CA LEU A 150 -0.33 -10.65 -4.94
C LEU A 150 -0.47 -12.06 -4.39
N ILE A 151 -1.46 -12.23 -3.52
CA ILE A 151 -1.74 -13.53 -2.90
C ILE A 151 -2.98 -14.15 -3.57
N PRO A 152 -2.84 -15.24 -4.32
CA PRO A 152 -4.00 -15.90 -4.99
C PRO A 152 -4.90 -16.59 -3.98
N ALA A 153 -5.89 -15.85 -3.51
CA ALA A 153 -6.81 -16.36 -2.49
C ALA A 153 -7.55 -17.61 -2.96
N GLU A 154 -8.15 -17.54 -4.16
CA GLU A 154 -8.89 -18.68 -4.72
C GLU A 154 -9.46 -18.31 -6.09
N GLU A 155 -10.41 -17.37 -6.12
CA GLU A 155 -11.06 -16.94 -7.36
C GLU A 155 -11.66 -18.14 -8.08
N SER A 156 -12.43 -18.93 -7.33
CA SER A 156 -13.09 -20.12 -7.87
C SER A 156 -14.59 -20.05 -7.64
ZN ZN B . 4.93 -3.35 5.08
N MET A 21 8.71 -11.51 12.69
CA MET A 21 7.81 -10.46 13.23
C MET A 21 8.60 -9.50 14.14
N THR A 22 9.89 -9.33 13.83
CA THR A 22 10.76 -8.44 14.62
C THR A 22 10.55 -6.99 14.19
N ASN A 23 11.07 -6.06 15.01
CA ASN A 23 10.95 -4.64 14.71
C ASN A 23 11.72 -4.30 13.44
N PHE A 24 11.01 -3.78 12.43
CA PHE A 24 11.62 -3.42 11.15
C PHE A 24 12.34 -2.07 11.21
N LYS A 25 12.07 -1.30 12.28
CA LYS A 25 12.67 0.03 12.43
C LYS A 25 14.18 -0.06 12.64
N LEU A 26 14.61 -1.17 13.26
CA LEU A 26 16.03 -1.39 13.56
C LEU A 26 16.81 -1.90 12.35
N ILE A 27 16.12 -2.23 11.26
CA ILE A 27 16.78 -2.74 10.05
C ILE A 27 17.69 -1.68 9.45
N THR A 28 18.83 -2.13 8.94
CA THR A 28 19.81 -1.24 8.33
C THR A 28 19.44 -0.97 6.88
N ASP A 29 20.05 0.06 6.31
CA ASP A 29 19.77 0.44 4.93
C ASP A 29 20.17 -0.68 3.96
N THR A 30 21.30 -1.33 4.24
CA THR A 30 21.77 -2.42 3.38
C THR A 30 20.78 -3.56 3.37
N GLU A 31 20.27 -3.91 4.56
CA GLU A 31 19.30 -5.00 4.69
C GLU A 31 18.04 -4.71 3.88
N TRP A 32 17.60 -3.46 3.87
CA TRP A 32 16.42 -3.07 3.11
C TRP A 32 16.68 -3.26 1.61
N ARG A 33 17.89 -2.91 1.16
CA ARG A 33 18.25 -3.02 -0.26
C ARG A 33 18.23 -4.48 -0.70
N GLN A 34 18.74 -5.36 0.16
CA GLN A 34 18.79 -6.81 -0.13
C GLN A 34 17.50 -7.52 0.33
N ARG A 35 16.46 -6.74 0.66
CA ARG A 35 15.18 -7.30 1.12
C ARG A 35 14.09 -7.07 0.09
N LEU A 36 14.10 -5.89 -0.51
CA LEU A 36 13.07 -5.51 -1.48
C LEU A 36 13.66 -4.76 -2.68
N SER A 37 12.79 -4.44 -3.64
CA SER A 37 13.20 -3.74 -4.86
C SER A 37 13.78 -2.37 -4.53
N SER A 38 14.59 -1.86 -5.44
CA SER A 38 15.20 -0.55 -5.27
C SER A 38 14.11 0.51 -5.14
N GLU A 39 13.06 0.36 -5.96
CA GLU A 39 11.93 1.27 -5.92
C GLU A 39 11.26 1.21 -4.54
N GLU A 40 11.05 -0.02 -4.05
CA GLU A 40 10.44 -0.22 -2.75
C GLU A 40 11.28 0.41 -1.64
N TYR A 41 12.60 0.30 -1.78
CA TYR A 41 13.52 0.84 -0.79
C TYR A 41 13.35 2.36 -0.61
N ARG A 42 13.39 3.11 -1.72
CA ARG A 42 13.24 4.58 -1.64
C ARG A 42 11.80 4.99 -1.36
N VAL A 43 10.88 4.30 -2.01
CA VAL A 43 9.46 4.58 -1.87
C VAL A 43 9.01 4.37 -0.41
N LEU A 44 9.39 3.24 0.17
CA LEU A 44 9.03 2.94 1.55
C LEU A 44 9.78 3.83 2.53
N ARG A 45 11.05 4.12 2.21
CA ARG A 45 11.89 4.93 3.10
C ARG A 45 11.38 6.37 3.26
N GLU A 46 11.11 7.05 2.15
CA GLU A 46 10.70 8.47 2.20
C GLU A 46 9.51 8.80 1.28
N ALA A 47 8.72 7.79 0.88
CA ALA A 47 7.57 8.04 -0.01
C ALA A 47 8.08 8.70 -1.30
N GLY A 48 9.14 8.09 -1.85
CA GLY A 48 9.78 8.59 -3.07
C GLY A 48 8.82 8.65 -4.27
N THR A 49 7.97 7.63 -4.43
CA THR A 49 7.04 7.59 -5.56
C THR A 49 6.21 6.29 -5.53
N GLU A 50 5.43 6.05 -6.60
CA GLU A 50 4.60 4.85 -6.68
C GLU A 50 4.34 4.48 -8.15
N ALA A 51 5.42 4.13 -8.86
CA ALA A 51 5.32 3.77 -10.27
C ALA A 51 5.27 2.24 -10.46
N PRO A 52 4.17 1.69 -10.94
CA PRO A 52 4.03 0.21 -11.21
C PRO A 52 4.77 -0.22 -12.48
N HIS A 53 4.48 -1.45 -12.94
CA HIS A 53 5.12 -2.00 -14.13
C HIS A 53 6.64 -2.12 -13.95
N THR A 54 7.04 -2.44 -12.72
CA THR A 54 8.46 -2.60 -12.39
C THR A 54 8.79 -4.06 -12.00
N GLY A 55 7.77 -4.94 -11.99
CA GLY A 55 7.97 -6.34 -11.63
C GLY A 55 7.18 -7.25 -12.57
N GLU A 56 7.90 -8.04 -13.34
CA GLU A 56 7.29 -8.97 -14.30
C GLU A 56 6.68 -10.19 -13.59
N TYR A 57 7.16 -10.46 -12.38
CA TYR A 57 6.70 -11.62 -11.59
C TYR A 57 5.56 -11.25 -10.63
N THR A 58 4.90 -10.11 -10.85
CA THR A 58 3.80 -9.67 -9.99
C THR A 58 2.62 -10.65 -10.06
N ASN A 59 2.42 -11.28 -11.22
CA ASN A 59 1.34 -12.25 -11.40
C ASN A 59 -0.01 -11.67 -10.99
N THR A 60 -0.35 -10.51 -11.55
CA THR A 60 -1.62 -9.82 -11.25
C THR A 60 -2.84 -10.57 -11.85
N THR A 61 -2.59 -11.68 -12.55
CA THR A 61 -3.66 -12.46 -13.18
C THR A 61 -4.64 -13.03 -12.15
N THR A 62 -4.21 -13.14 -10.89
CA THR A 62 -5.05 -13.68 -9.82
C THR A 62 -5.53 -12.54 -8.92
N GLU A 63 -6.78 -12.62 -8.48
CA GLU A 63 -7.35 -11.61 -7.60
C GLU A 63 -7.52 -12.21 -6.21
N GLY A 64 -6.64 -11.80 -5.30
CA GLY A 64 -6.68 -12.34 -3.95
C GLY A 64 -6.43 -11.27 -2.90
N ILE A 65 -5.32 -11.43 -2.16
CA ILE A 65 -4.99 -10.51 -1.08
C ILE A 65 -3.68 -9.78 -1.36
N TYR A 66 -3.73 -8.46 -1.21
CA TYR A 66 -2.56 -7.63 -1.40
C TYR A 66 -1.59 -7.82 -0.24
N SER A 67 -0.30 -7.93 -0.55
CA SER A 67 0.71 -8.10 0.49
C SER A 67 1.93 -7.20 0.25
N CYS A 68 2.27 -6.42 1.28
CA CYS A 68 3.40 -5.50 1.21
C CYS A 68 4.65 -6.25 0.75
N ARG A 69 5.27 -5.75 -0.31
CA ARG A 69 6.46 -6.40 -0.84
C ARG A 69 7.57 -6.39 0.22
N ALA A 70 7.61 -5.32 1.01
CA ALA A 70 8.62 -5.15 2.06
C ALA A 70 8.58 -6.23 3.14
N CYS A 71 7.39 -6.49 3.70
CA CYS A 71 7.25 -7.48 4.77
C CYS A 71 6.30 -8.61 4.40
N GLY A 72 5.23 -8.27 3.68
CA GLY A 72 4.25 -9.26 3.26
C GLY A 72 2.94 -9.14 4.05
N THR A 73 2.69 -7.96 4.63
CA THR A 73 1.46 -7.74 5.41
C THR A 73 0.26 -7.66 4.48
N GLU A 74 -0.86 -8.23 4.93
CA GLU A 74 -2.10 -8.19 4.16
C GLU A 74 -2.67 -6.77 4.23
N LEU A 75 -2.01 -5.86 3.52
CA LEU A 75 -2.40 -4.45 3.53
C LEU A 75 -3.82 -4.27 3.01
N PHE A 76 -4.16 -4.99 1.94
CA PHE A 76 -5.50 -4.89 1.35
C PHE A 76 -5.99 -6.27 0.86
N ARG A 77 -7.29 -6.39 0.57
CA ARG A 77 -7.86 -7.66 0.09
C ARG A 77 -8.89 -7.44 -1.02
N SER A 78 -9.20 -8.53 -1.73
CA SER A 78 -10.13 -8.50 -2.87
C SER A 78 -11.56 -8.07 -2.50
N THR A 79 -11.92 -8.18 -1.22
CA THR A 79 -13.30 -7.84 -0.82
C THR A 79 -13.55 -6.32 -0.83
N GLU A 80 -12.51 -5.53 -0.55
CA GLU A 80 -12.65 -4.07 -0.51
C GLU A 80 -11.72 -3.37 -1.50
N LYS A 81 -11.34 -4.05 -2.59
CA LYS A 81 -10.45 -3.45 -3.59
C LYS A 81 -11.00 -3.59 -5.02
N PHE A 82 -10.46 -2.76 -5.93
CA PHE A 82 -10.85 -2.81 -7.34
C PHE A 82 -9.72 -3.40 -8.17
N ASN A 83 -10.07 -4.19 -9.19
CA ASN A 83 -9.05 -4.81 -10.04
C ASN A 83 -8.19 -3.76 -10.72
N SER A 84 -8.80 -2.95 -11.60
CA SER A 84 -8.06 -1.89 -12.30
C SER A 84 -8.99 -1.07 -13.19
N HIS A 85 -8.83 0.25 -13.16
CA HIS A 85 -9.64 1.15 -13.98
C HIS A 85 -8.92 2.47 -14.29
N CYS A 86 -7.80 2.75 -13.59
CA CYS A 86 -7.04 3.97 -13.81
C CYS A 86 -5.61 3.80 -13.29
N GLY A 87 -4.77 4.81 -13.50
CA GLY A 87 -3.39 4.78 -13.05
C GLY A 87 -3.29 4.58 -11.54
N TRP A 88 -4.19 5.24 -10.81
CA TRP A 88 -4.23 5.16 -9.35
C TRP A 88 -5.63 4.73 -8.86
N PRO A 89 -5.99 3.46 -9.01
CA PRO A 89 -7.34 2.95 -8.58
C PRO A 89 -7.64 3.21 -7.11
N SER A 90 -8.89 3.61 -6.84
CA SER A 90 -9.32 3.87 -5.46
C SER A 90 -9.69 2.55 -4.78
N PHE A 91 -9.51 2.50 -3.46
CA PHE A 91 -9.82 1.28 -2.71
C PHE A 91 -10.62 1.63 -1.47
N PHE A 92 -11.30 0.63 -0.90
CA PHE A 92 -12.10 0.84 0.31
C PHE A 92 -11.22 0.58 1.54
N SER A 93 -11.84 0.53 2.73
CA SER A 93 -11.11 0.31 3.97
C SER A 93 -10.20 -0.93 3.88
N PRO A 94 -9.02 -0.92 4.50
CA PRO A 94 -8.07 -2.08 4.46
C PRO A 94 -8.64 -3.31 5.17
N LEU A 95 -7.83 -4.36 5.29
CA LEU A 95 -8.28 -5.61 5.93
C LEU A 95 -8.95 -5.31 7.28
N ALA A 96 -8.19 -4.76 8.21
CA ALA A 96 -8.73 -4.44 9.54
C ALA A 96 -8.03 -3.24 10.19
N GLY A 97 -7.16 -2.56 9.42
CA GLY A 97 -6.42 -1.41 9.95
C GLY A 97 -5.27 -1.84 10.86
N ASP A 98 -5.01 -3.16 10.92
CA ASP A 98 -3.94 -3.71 11.75
C ASP A 98 -2.65 -3.84 10.94
N LYS A 99 -2.80 -4.05 9.64
CA LYS A 99 -1.64 -4.21 8.75
C LYS A 99 -1.23 -2.86 8.15
N VAL A 100 -2.13 -1.87 8.24
CA VAL A 100 -1.86 -0.53 7.71
C VAL A 100 -2.35 0.55 8.68
N ILE A 101 -1.67 1.70 8.71
CA ILE A 101 -2.06 2.80 9.58
C ILE A 101 -2.34 4.06 8.75
N GLU A 102 -3.41 4.75 9.15
CA GLU A 102 -3.83 5.99 8.47
C GLU A 102 -3.63 7.17 9.42
N ARG A 103 -2.77 8.11 9.03
CA ARG A 103 -2.49 9.28 9.86
C ARG A 103 -2.47 10.56 9.04
N THR A 104 -2.79 11.69 9.68
CA THR A 104 -2.81 12.98 9.02
C THR A 104 -1.41 13.62 9.07
N ASP A 105 -1.03 14.36 8.01
CA ASP A 105 0.28 15.00 7.98
C ASP A 105 0.14 16.48 7.64
N THR A 106 0.49 17.35 8.58
CA THR A 106 0.39 18.79 8.39
C THR A 106 1.79 19.40 8.31
N SER A 107 2.39 19.31 7.12
CA SER A 107 3.74 19.84 6.91
C SER A 107 4.05 20.12 5.43
N HIS A 108 3.05 20.02 4.55
CA HIS A 108 3.25 20.28 3.12
C HIS A 108 2.42 21.47 2.62
N GLY A 109 2.01 22.34 3.55
CA GLY A 109 1.18 23.50 3.21
C GLY A 109 -0.31 23.18 3.41
N MET A 110 -0.62 21.88 3.42
CA MET A 110 -1.96 21.38 3.62
C MET A 110 -1.87 20.05 4.37
N VAL A 111 -2.96 19.64 5.01
CA VAL A 111 -2.96 18.39 5.76
C VAL A 111 -3.73 17.30 4.99
N ARG A 112 -3.11 16.12 4.93
CA ARG A 112 -3.68 14.97 4.25
C ARG A 112 -3.46 13.70 5.07
N THR A 113 -4.30 12.69 4.84
CA THR A 113 -4.17 11.42 5.55
C THR A 113 -3.31 10.48 4.71
N GLU A 114 -2.10 10.23 5.19
CA GLU A 114 -1.17 9.35 4.50
C GLU A 114 -1.37 7.91 4.95
N VAL A 115 -1.28 7.00 3.99
CA VAL A 115 -1.44 5.57 4.26
C VAL A 115 -0.07 4.94 4.42
N ILE A 116 0.14 4.30 5.57
CA ILE A 116 1.41 3.64 5.88
C ILE A 116 1.15 2.21 6.33
N CYS A 117 2.19 1.40 6.26
CA CYS A 117 2.09 0.00 6.70
C CYS A 117 2.27 -0.03 8.21
N ALA A 118 1.45 -0.82 8.89
CA ALA A 118 1.48 -0.88 10.36
C ALA A 118 2.86 -1.34 10.87
N ASN A 119 3.65 -1.98 10.00
CA ASN A 119 4.98 -2.47 10.41
C ASN A 119 6.10 -1.61 9.84
N CYS A 120 5.88 -1.08 8.64
CA CYS A 120 6.90 -0.25 7.98
C CYS A 120 6.28 1.06 7.47
N GLU A 121 7.14 2.04 7.18
CA GLU A 121 6.68 3.35 6.74
C GLU A 121 6.30 3.35 5.25
N SER A 122 5.20 2.65 4.95
CA SER A 122 4.72 2.59 3.57
C SER A 122 3.86 3.82 3.27
N HIS A 123 4.46 4.99 3.49
CA HIS A 123 3.80 6.28 3.22
C HIS A 123 3.77 6.60 1.72
N LEU A 124 3.92 5.56 0.89
CA LEU A 124 3.92 5.72 -0.56
C LEU A 124 2.51 6.04 -1.09
N GLY A 125 1.49 5.67 -0.31
CA GLY A 125 0.11 5.90 -0.69
C GLY A 125 -0.61 6.82 0.29
N HIS A 126 -1.64 7.52 -0.21
CA HIS A 126 -2.42 8.43 0.60
C HIS A 126 -3.92 8.13 0.45
N VAL A 127 -4.71 8.54 1.44
CA VAL A 127 -6.15 8.30 1.43
C VAL A 127 -6.90 9.60 1.77
N PHE A 128 -8.05 9.80 1.12
CA PHE A 128 -8.85 11.00 1.35
C PHE A 128 -10.31 10.64 1.67
N ALA A 129 -10.80 11.18 2.79
CA ALA A 129 -12.17 10.94 3.23
C ALA A 129 -13.11 12.01 2.69
N GLY A 130 -14.41 11.74 2.74
CA GLY A 130 -15.42 12.68 2.25
C GLY A 130 -15.52 12.67 0.71
N GLU A 131 -15.07 11.58 0.10
CA GLU A 131 -15.09 11.45 -1.36
C GLU A 131 -16.52 11.25 -1.88
N GLY A 132 -17.38 10.63 -1.06
CA GLY A 132 -18.77 10.38 -1.46
C GLY A 132 -18.90 9.17 -2.38
N TYR A 133 -18.15 8.11 -2.07
CA TYR A 133 -18.19 6.87 -2.87
C TYR A 133 -19.30 5.92 -2.38
N ASP A 134 -20.21 6.43 -1.56
CA ASP A 134 -21.31 5.64 -1.04
C ASP A 134 -20.80 4.40 -0.28
N THR A 135 -19.86 4.65 0.64
CA THR A 135 -19.29 3.59 1.46
C THR A 135 -19.35 3.96 2.94
N PRO A 136 -19.31 2.98 3.84
CA PRO A 136 -19.34 3.23 5.31
C PRO A 136 -18.14 4.03 5.80
N THR A 137 -17.03 3.95 5.05
CA THR A 137 -15.81 4.68 5.41
C THR A 137 -15.65 5.95 4.57
N ASP A 138 -16.22 5.93 3.36
CA ASP A 138 -16.15 7.07 2.45
C ASP A 138 -14.69 7.53 2.27
N LEU A 139 -13.81 6.54 2.04
CA LEU A 139 -12.38 6.82 1.85
C LEU A 139 -11.95 6.56 0.42
N ARG A 140 -11.02 7.39 -0.07
CA ARG A 140 -10.50 7.23 -1.43
C ARG A 140 -8.98 7.02 -1.38
N TYR A 141 -8.57 5.78 -1.13
CA TYR A 141 -7.15 5.46 -1.09
C TYR A 141 -6.55 5.62 -2.48
N CYS A 142 -5.75 6.66 -2.66
CA CYS A 142 -5.10 6.91 -3.94
C CYS A 142 -3.69 6.36 -3.85
N ILE A 143 -3.55 5.08 -4.19
CA ILE A 143 -2.26 4.42 -4.09
C ILE A 143 -2.00 3.57 -5.34
N ASN A 144 -0.73 3.44 -5.70
CA ASN A 144 -0.34 2.65 -6.87
C ASN A 144 0.42 1.41 -6.41
N SER A 145 0.60 0.47 -7.33
CA SER A 145 1.31 -0.77 -7.01
C SER A 145 2.77 -0.70 -7.47
N VAL A 146 3.64 -0.23 -6.58
CA VAL A 146 5.07 -0.14 -6.86
C VAL A 146 5.72 -1.53 -6.74
N CYS A 147 5.12 -2.53 -7.41
CA CYS A 147 5.59 -3.91 -7.35
C CYS A 147 5.24 -4.53 -5.98
N LEU A 148 3.94 -4.56 -5.71
CA LEU A 148 3.41 -5.11 -4.46
C LEU A 148 3.19 -6.61 -4.68
N THR A 149 3.23 -7.39 -3.59
CA THR A 149 3.08 -8.84 -3.70
C THR A 149 1.60 -9.24 -3.65
N LEU A 150 1.21 -10.06 -4.63
CA LEU A 150 -0.17 -10.53 -4.73
C LEU A 150 -0.28 -11.95 -4.19
N ILE A 151 -1.23 -12.14 -3.28
CA ILE A 151 -1.46 -13.45 -2.69
C ILE A 151 -2.69 -14.11 -3.33
N PRO A 152 -2.59 -15.33 -3.86
CA PRO A 152 -3.75 -16.03 -4.49
C PRO A 152 -4.77 -16.45 -3.46
N ALA A 153 -5.89 -15.72 -3.37
CA ALA A 153 -6.94 -16.03 -2.41
C ALA A 153 -7.51 -17.43 -2.64
N GLU A 154 -7.86 -17.72 -3.91
CA GLU A 154 -8.44 -19.01 -4.28
C GLU A 154 -8.71 -19.04 -5.79
N GLU A 155 -9.66 -18.20 -6.23
CA GLU A 155 -10.02 -18.12 -7.65
C GLU A 155 -10.36 -19.52 -8.18
N SER A 156 -11.21 -20.22 -7.44
CA SER A 156 -11.64 -21.56 -7.82
C SER A 156 -12.40 -21.53 -9.14
ZN ZN B . 4.84 -3.31 4.96
N MET A 21 8.88 -12.84 11.05
CA MET A 21 8.05 -11.99 11.97
C MET A 21 8.94 -11.37 13.04
N THR A 22 9.82 -10.47 12.61
CA THR A 22 10.75 -9.78 13.52
C THR A 22 10.67 -8.28 13.31
N ASN A 23 11.18 -7.53 14.29
CA ASN A 23 11.17 -6.06 14.22
C ASN A 23 11.94 -5.60 12.99
N PHE A 24 11.25 -4.86 12.10
CA PHE A 24 11.88 -4.36 10.87
C PHE A 24 12.70 -3.09 11.11
N LYS A 25 12.50 -2.47 12.27
CA LYS A 25 13.20 -1.22 12.61
C LYS A 25 14.71 -1.46 12.74
N LEU A 26 15.06 -2.64 13.23
CA LEU A 26 16.47 -3.01 13.44
C LEU A 26 17.19 -3.35 12.13
N ILE A 27 16.42 -3.49 11.04
CA ILE A 27 17.01 -3.82 9.74
C ILE A 27 17.95 -2.71 9.28
N THR A 28 19.06 -3.12 8.68
CA THR A 28 20.07 -2.20 8.19
C THR A 28 19.69 -1.69 6.80
N ASP A 29 20.34 -0.62 6.37
CA ASP A 29 20.05 -0.04 5.06
C ASP A 29 20.34 -1.04 3.94
N THR A 30 21.45 -1.77 4.08
CA THR A 30 21.83 -2.77 3.08
C THR A 30 20.75 -3.85 2.97
N GLU A 31 20.30 -4.34 4.13
CA GLU A 31 19.28 -5.38 4.16
C GLU A 31 18.00 -4.90 3.47
N TRP A 32 17.66 -3.64 3.68
CA TRP A 32 16.47 -3.08 3.05
C TRP A 32 16.61 -3.07 1.52
N ARG A 33 17.82 -2.75 1.04
CA ARG A 33 18.08 -2.69 -0.40
C ARG A 33 17.95 -4.07 -1.04
N GLN A 34 18.48 -5.08 -0.37
CA GLN A 34 18.42 -6.47 -0.87
C GLN A 34 17.08 -7.13 -0.53
N ARG A 35 16.41 -6.62 0.51
CA ARG A 35 15.11 -7.15 0.94
C ARG A 35 14.04 -6.92 -0.12
N LEU A 36 14.07 -5.72 -0.71
CA LEU A 36 13.06 -5.33 -1.70
C LEU A 36 13.66 -4.53 -2.86
N SER A 37 12.81 -4.21 -3.83
CA SER A 37 13.22 -3.45 -5.02
C SER A 37 13.76 -2.08 -4.66
N SER A 38 14.60 -1.54 -5.54
CA SER A 38 15.18 -0.21 -5.32
C SER A 38 14.06 0.82 -5.23
N GLU A 39 13.05 0.67 -6.09
CA GLU A 39 11.90 1.58 -6.06
C GLU A 39 11.16 1.45 -4.73
N GLU A 40 10.97 0.21 -4.29
CA GLU A 40 10.29 -0.09 -3.04
C GLU A 40 11.08 0.51 -1.86
N TYR A 41 12.40 0.43 -1.96
CA TYR A 41 13.30 0.92 -0.91
C TYR A 41 13.12 2.43 -0.67
N ARG A 42 13.15 3.23 -1.75
CA ARG A 42 13.02 4.69 -1.64
C ARG A 42 11.60 5.14 -1.30
N VAL A 43 10.61 4.45 -1.87
CA VAL A 43 9.21 4.83 -1.64
C VAL A 43 8.80 4.62 -0.18
N LEU A 44 9.35 3.57 0.45
CA LEU A 44 9.05 3.28 1.86
C LEU A 44 9.86 4.17 2.80
N ARG A 45 11.09 4.50 2.41
CA ARG A 45 11.98 5.30 3.26
C ARG A 45 11.56 6.76 3.39
N GLU A 46 11.30 7.43 2.26
CA GLU A 46 10.94 8.85 2.29
C GLU A 46 9.72 9.17 1.41
N ALA A 47 8.80 8.21 1.27
CA ALA A 47 7.61 8.41 0.45
C ALA A 47 8.00 8.76 -0.99
N GLY A 48 9.03 8.04 -1.47
CA GLY A 48 9.56 8.19 -2.82
C GLY A 48 8.50 8.56 -3.87
N THR A 49 7.72 7.56 -4.25
CA THR A 49 6.65 7.72 -5.24
C THR A 49 5.81 6.43 -5.26
N GLU A 50 5.16 6.11 -6.38
CA GLU A 50 4.35 4.89 -6.48
C GLU A 50 4.09 4.55 -7.96
N ALA A 51 5.17 4.27 -8.70
CA ALA A 51 5.06 3.93 -10.12
C ALA A 51 5.11 2.41 -10.36
N PRO A 52 4.03 1.79 -10.83
CA PRO A 52 4.00 0.32 -11.16
C PRO A 52 4.73 0.02 -12.48
N HIS A 53 4.52 -1.20 -13.00
CA HIS A 53 5.17 -1.63 -14.26
C HIS A 53 6.70 -1.61 -14.12
N THR A 54 7.17 -2.03 -12.95
CA THR A 54 8.60 -2.09 -12.65
C THR A 54 9.04 -3.51 -12.31
N GLY A 55 8.25 -4.51 -12.70
CA GLY A 55 8.55 -5.90 -12.43
C GLY A 55 7.58 -6.79 -13.16
N GLU A 56 8.08 -7.91 -13.65
CA GLU A 56 7.28 -8.88 -14.38
C GLU A 56 6.32 -9.64 -13.48
N TYR A 57 6.63 -9.65 -12.18
CA TYR A 57 5.79 -10.33 -11.19
C TYR A 57 4.52 -9.54 -10.87
N THR A 58 4.43 -8.30 -11.38
CA THR A 58 3.25 -7.45 -11.15
C THR A 58 2.00 -8.05 -11.79
N ASN A 59 2.20 -8.78 -12.90
CA ASN A 59 1.08 -9.40 -13.61
C ASN A 59 0.71 -10.72 -12.94
N THR A 60 -0.48 -10.76 -12.34
CA THR A 60 -0.96 -11.96 -11.65
C THR A 60 -2.32 -12.37 -12.19
N THR A 61 -2.66 -13.65 -12.02
CA THR A 61 -3.95 -14.18 -12.50
C THR A 61 -4.85 -14.64 -11.35
N THR A 62 -4.49 -14.30 -10.12
CA THR A 62 -5.27 -14.69 -8.95
C THR A 62 -5.79 -13.44 -8.24
N GLU A 63 -7.02 -13.53 -7.74
CA GLU A 63 -7.64 -12.41 -7.03
C GLU A 63 -7.52 -12.69 -5.54
N GLY A 64 -6.31 -12.46 -5.03
CA GLY A 64 -6.02 -12.75 -3.63
C GLY A 64 -5.90 -11.49 -2.78
N ILE A 65 -4.92 -11.51 -1.87
CA ILE A 65 -4.71 -10.41 -0.94
C ILE A 65 -3.36 -9.73 -1.20
N TYR A 66 -3.39 -8.41 -1.17
CA TYR A 66 -2.20 -7.61 -1.38
C TYR A 66 -1.24 -7.77 -0.20
N SER A 67 0.07 -7.89 -0.51
CA SER A 67 1.06 -8.03 0.55
C SER A 67 2.30 -7.16 0.29
N CYS A 68 2.64 -6.36 1.30
CA CYS A 68 3.79 -5.47 1.26
C CYS A 68 5.06 -6.28 1.05
N ARG A 69 5.86 -5.90 0.08
CA ARG A 69 7.10 -6.59 -0.22
C ARG A 69 8.05 -6.53 0.99
N ALA A 70 8.03 -5.40 1.70
CA ALA A 70 8.91 -5.18 2.85
C ALA A 70 8.71 -6.18 3.98
N CYS A 71 7.45 -6.38 4.38
CA CYS A 71 7.15 -7.30 5.50
C CYS A 71 6.24 -8.45 5.06
N GLY A 72 5.28 -8.15 4.18
CA GLY A 72 4.35 -9.15 3.69
C GLY A 72 3.01 -9.08 4.41
N THR A 73 2.65 -7.87 4.87
CA THR A 73 1.39 -7.67 5.59
C THR A 73 0.23 -7.57 4.62
N GLU A 74 -0.96 -7.99 5.04
CA GLU A 74 -2.14 -7.91 4.17
C GLU A 74 -2.64 -6.47 4.16
N LEU A 75 -1.91 -5.60 3.47
CA LEU A 75 -2.25 -4.18 3.39
C LEU A 75 -3.64 -3.99 2.80
N PHE A 76 -3.98 -4.78 1.79
CA PHE A 76 -5.29 -4.67 1.14
C PHE A 76 -5.83 -6.05 0.74
N ARG A 77 -7.14 -6.13 0.51
CA ARG A 77 -7.78 -7.37 0.08
C ARG A 77 -8.55 -7.11 -1.22
N SER A 78 -8.67 -8.14 -2.06
CA SER A 78 -9.32 -8.02 -3.37
C SER A 78 -10.83 -7.78 -3.28
N THR A 79 -11.44 -7.94 -2.11
CA THR A 79 -12.89 -7.72 -1.98
C THR A 79 -13.21 -6.23 -1.84
N GLU A 80 -12.31 -5.49 -1.20
CA GLU A 80 -12.49 -4.05 -1.02
C GLU A 80 -11.68 -3.26 -2.05
N LYS A 81 -11.28 -3.92 -3.14
CA LYS A 81 -10.51 -3.27 -4.21
C LYS A 81 -11.40 -3.01 -5.43
N PHE A 82 -11.41 -1.77 -5.91
CA PHE A 82 -12.21 -1.42 -7.09
C PHE A 82 -11.32 -1.26 -8.32
N ASN A 83 -10.21 -0.53 -8.17
CA ASN A 83 -9.27 -0.32 -9.28
C ASN A 83 -9.97 0.30 -10.50
N SER A 84 -10.67 1.42 -10.28
CA SER A 84 -11.40 2.10 -11.35
C SER A 84 -10.47 2.58 -12.47
N HIS A 85 -9.28 3.05 -12.09
CA HIS A 85 -8.32 3.56 -13.08
C HIS A 85 -6.91 3.06 -12.78
N CYS A 86 -6.10 2.90 -13.84
CA CYS A 86 -4.73 2.42 -13.69
C CYS A 86 -3.88 3.35 -12.83
N GLY A 87 -4.06 4.66 -13.02
CA GLY A 87 -3.30 5.66 -12.26
C GLY A 87 -4.00 6.00 -10.95
N TRP A 88 -3.28 5.85 -9.85
CA TRP A 88 -3.82 6.14 -8.52
C TRP A 88 -5.23 5.56 -8.33
N PRO A 89 -5.39 4.22 -8.42
CA PRO A 89 -6.73 3.57 -8.24
C PRO A 89 -7.25 3.70 -6.81
N SER A 90 -8.56 3.94 -6.68
CA SER A 90 -9.17 4.07 -5.36
C SER A 90 -9.44 2.69 -4.77
N PHE A 91 -9.56 2.64 -3.44
CA PHE A 91 -9.83 1.38 -2.74
C PHE A 91 -10.80 1.64 -1.60
N PHE A 92 -11.42 0.58 -1.10
CA PHE A 92 -12.35 0.68 0.01
C PHE A 92 -11.57 0.41 1.31
N SER A 93 -12.29 0.19 2.42
CA SER A 93 -11.64 -0.06 3.72
C SER A 93 -10.58 -1.17 3.60
N PRO A 94 -9.41 -1.03 4.25
CA PRO A 94 -8.32 -2.06 4.19
C PRO A 94 -8.68 -3.30 5.00
N LEU A 95 -7.70 -4.19 5.19
CA LEU A 95 -7.89 -5.43 5.96
C LEU A 95 -8.68 -5.16 7.25
N ALA A 96 -8.09 -4.35 8.14
CA ALA A 96 -8.73 -3.99 9.40
C ALA A 96 -8.00 -2.86 10.13
N GLY A 97 -7.12 -2.15 9.42
CA GLY A 97 -6.36 -1.04 10.02
C GLY A 97 -5.18 -1.55 10.87
N ASP A 98 -4.97 -2.87 10.89
CA ASP A 98 -3.88 -3.48 11.65
C ASP A 98 -2.64 -3.66 10.81
N LYS A 99 -2.84 -3.83 9.49
CA LYS A 99 -1.72 -4.01 8.57
C LYS A 99 -1.28 -2.66 7.99
N VAL A 100 -2.15 -1.65 8.12
CA VAL A 100 -1.86 -0.30 7.63
C VAL A 100 -2.31 0.74 8.65
N ILE A 101 -1.61 1.88 8.68
CA ILE A 101 -1.94 2.96 9.62
C ILE A 101 -2.24 4.25 8.84
N GLU A 102 -3.30 4.93 9.28
CA GLU A 102 -3.73 6.18 8.65
C GLU A 102 -3.48 7.34 9.61
N ARG A 103 -2.67 8.30 9.19
CA ARG A 103 -2.34 9.46 10.02
C ARG A 103 -2.43 10.74 9.18
N THR A 104 -2.75 11.86 9.82
CA THR A 104 -2.86 13.14 9.11
C THR A 104 -1.52 13.88 9.12
N ASP A 105 -1.27 14.66 8.07
CA ASP A 105 -0.03 15.43 7.95
C ASP A 105 -0.32 16.90 7.69
N THR A 106 0.07 17.75 8.62
CA THR A 106 -0.14 19.19 8.50
C THR A 106 0.99 19.81 7.66
N SER A 107 0.97 19.48 6.38
CA SER A 107 1.97 19.99 5.45
C SER A 107 1.89 21.51 5.34
N HIS A 108 0.65 22.01 5.26
CA HIS A 108 0.40 23.45 5.14
C HIS A 108 -0.89 23.79 5.92
N GLY A 109 -1.62 24.84 5.52
CA GLY A 109 -2.86 25.22 6.21
C GLY A 109 -3.86 24.06 6.21
N MET A 110 -3.71 23.14 5.26
CA MET A 110 -4.60 21.97 5.16
C MET A 110 -3.79 20.70 5.44
N VAL A 111 -4.47 19.66 5.92
CA VAL A 111 -3.81 18.39 6.25
C VAL A 111 -4.28 17.27 5.31
N ARG A 112 -3.47 16.22 5.22
CA ARG A 112 -3.81 15.07 4.38
C ARG A 112 -3.53 13.78 5.14
N THR A 113 -4.36 12.76 4.92
CA THR A 113 -4.18 11.48 5.60
C THR A 113 -3.22 10.61 4.81
N GLU A 114 -2.02 10.43 5.36
CA GLU A 114 -1.01 9.60 4.73
C GLU A 114 -1.25 8.15 5.09
N VAL A 115 -1.14 7.28 4.10
CA VAL A 115 -1.34 5.85 4.31
C VAL A 115 0.02 5.18 4.47
N ILE A 116 0.21 4.52 5.60
CA ILE A 116 1.45 3.82 5.89
C ILE A 116 1.19 2.39 6.29
N CYS A 117 2.22 1.58 6.18
CA CYS A 117 2.14 0.17 6.55
C CYS A 117 2.34 0.06 8.06
N ALA A 118 1.50 -0.73 8.72
CA ALA A 118 1.58 -0.89 10.17
C ALA A 118 2.94 -1.42 10.62
N ASN A 119 3.68 -2.06 9.70
CA ASN A 119 4.99 -2.62 10.04
C ASN A 119 6.14 -1.77 9.49
N CYS A 120 5.88 -1.01 8.43
CA CYS A 120 6.92 -0.15 7.84
C CYS A 120 6.32 1.19 7.38
N GLU A 121 7.19 2.17 7.18
CA GLU A 121 6.73 3.51 6.78
C GLU A 121 6.35 3.56 5.29
N SER A 122 5.25 2.90 4.95
CA SER A 122 4.77 2.88 3.57
C SER A 122 3.93 4.12 3.31
N HIS A 123 4.50 5.28 3.62
CA HIS A 123 3.83 6.58 3.39
C HIS A 123 3.88 6.97 1.90
N LEU A 124 4.01 5.97 1.02
CA LEU A 124 4.06 6.21 -0.42
C LEU A 124 2.68 6.63 -0.95
N GLY A 125 1.61 6.15 -0.30
CA GLY A 125 0.25 6.47 -0.72
C GLY A 125 -0.47 7.39 0.27
N HIS A 126 -1.68 7.81 -0.12
CA HIS A 126 -2.51 8.69 0.70
C HIS A 126 -3.98 8.28 0.61
N VAL A 127 -4.80 8.73 1.57
CA VAL A 127 -6.22 8.42 1.58
C VAL A 127 -7.03 9.69 1.84
N PHE A 128 -8.16 9.82 1.14
CA PHE A 128 -9.03 10.98 1.29
C PHE A 128 -10.47 10.54 1.52
N ALA A 129 -11.21 11.35 2.27
CA ALA A 129 -12.60 11.07 2.58
C ALA A 129 -13.53 11.96 1.77
N GLY A 130 -14.83 11.63 1.77
CA GLY A 130 -15.81 12.43 1.04
C GLY A 130 -15.82 12.10 -0.46
N GLU A 131 -15.54 10.84 -0.80
CA GLU A 131 -15.52 10.40 -2.20
C GLU A 131 -16.94 10.35 -2.78
N GLY A 132 -17.93 10.08 -1.91
CA GLY A 132 -19.33 10.02 -2.34
C GLY A 132 -19.57 8.79 -3.23
N TYR A 133 -18.80 7.73 -3.00
CA TYR A 133 -18.94 6.50 -3.77
C TYR A 133 -19.96 5.55 -3.15
N ASP A 134 -20.77 6.06 -2.22
CA ASP A 134 -21.79 5.25 -1.55
C ASP A 134 -21.14 4.07 -0.84
N THR A 135 -20.10 4.37 -0.06
CA THR A 135 -19.38 3.35 0.69
C THR A 135 -19.51 3.58 2.21
N PRO A 136 -19.36 2.53 3.02
CA PRO A 136 -19.45 2.65 4.51
C PRO A 136 -18.33 3.51 5.11
N THR A 137 -17.21 3.60 4.39
CA THR A 137 -16.06 4.39 4.86
C THR A 137 -15.91 5.68 4.08
N ASP A 138 -16.45 5.70 2.85
CA ASP A 138 -16.36 6.89 1.99
C ASP A 138 -14.90 7.33 1.82
N LEU A 139 -14.01 6.35 1.69
CA LEU A 139 -12.58 6.62 1.52
C LEU A 139 -12.13 6.28 0.11
N ARG A 140 -11.19 7.09 -0.40
CA ARG A 140 -10.65 6.89 -1.75
C ARG A 140 -9.13 6.72 -1.69
N TYR A 141 -8.68 5.65 -0.99
CA TYR A 141 -7.24 5.38 -0.87
C TYR A 141 -6.59 5.42 -2.25
N CYS A 142 -5.66 6.35 -2.44
CA CYS A 142 -4.96 6.45 -3.71
C CYS A 142 -3.59 5.80 -3.56
N ILE A 143 -3.57 4.50 -3.79
CA ILE A 143 -2.34 3.72 -3.67
C ILE A 143 -2.10 2.95 -4.96
N ASN A 144 -0.84 2.82 -5.34
CA ASN A 144 -0.47 2.10 -6.56
C ASN A 144 0.45 0.93 -6.22
N SER A 145 0.50 -0.05 -7.12
CA SER A 145 1.32 -1.24 -6.89
C SER A 145 2.73 -1.05 -7.44
N VAL A 146 3.62 -0.56 -6.58
CA VAL A 146 5.02 -0.35 -6.94
C VAL A 146 5.76 -1.69 -6.83
N CYS A 147 5.21 -2.72 -7.50
CA CYS A 147 5.74 -4.09 -7.45
C CYS A 147 5.43 -4.71 -6.08
N LEU A 148 4.13 -4.79 -5.81
CA LEU A 148 3.60 -5.35 -4.56
C LEU A 148 3.40 -6.87 -4.75
N THR A 149 3.44 -7.61 -3.64
CA THR A 149 3.31 -9.09 -3.70
C THR A 149 1.85 -9.54 -3.49
N LEU A 150 1.41 -10.49 -4.32
CA LEU A 150 0.06 -11.04 -4.22
C LEU A 150 0.06 -12.32 -3.40
N ILE A 151 -0.95 -12.45 -2.55
CA ILE A 151 -1.15 -13.65 -1.76
C ILE A 151 -2.38 -14.36 -2.34
N PRO A 152 -2.26 -15.56 -2.89
CA PRO A 152 -3.42 -16.29 -3.48
C PRO A 152 -4.43 -16.59 -2.40
N ALA A 153 -5.52 -15.81 -2.38
CA ALA A 153 -6.54 -16.01 -1.35
C ALA A 153 -7.15 -17.40 -1.43
N GLU A 154 -7.60 -17.80 -2.63
CA GLU A 154 -8.21 -19.10 -2.85
C GLU A 154 -8.61 -19.26 -4.32
N GLU A 155 -9.50 -18.37 -4.78
CA GLU A 155 -9.99 -18.40 -6.16
C GLU A 155 -10.58 -19.78 -6.49
N SER A 156 -11.46 -20.24 -5.61
CA SER A 156 -12.12 -21.53 -5.76
C SER A 156 -13.63 -21.35 -5.81
ZN ZN B . 5.03 -3.13 4.96
N MET A 21 5.02 -8.64 11.74
CA MET A 21 4.91 -8.93 13.20
C MET A 21 6.16 -8.44 13.91
N THR A 22 7.31 -8.70 13.31
CA THR A 22 8.59 -8.28 13.89
C THR A 22 8.85 -6.80 13.62
N ASN A 23 9.82 -6.23 14.33
CA ASN A 23 10.17 -4.82 14.18
C ASN A 23 11.18 -4.65 13.03
N PHE A 24 10.70 -4.08 11.93
CA PHE A 24 11.55 -3.83 10.74
C PHE A 24 12.39 -2.55 10.88
N LYS A 25 12.11 -1.76 11.91
CA LYS A 25 12.80 -0.49 12.14
C LYS A 25 14.30 -0.70 12.37
N LEU A 26 14.61 -1.79 13.06
CA LEU A 26 15.99 -2.12 13.43
C LEU A 26 16.82 -2.52 12.21
N ILE A 27 16.15 -2.89 11.11
CA ILE A 27 16.83 -3.29 9.89
C ILE A 27 17.72 -2.17 9.37
N THR A 28 18.89 -2.56 8.85
CA THR A 28 19.86 -1.61 8.31
C THR A 28 19.50 -1.26 6.87
N ASP A 29 20.13 -0.19 6.36
CA ASP A 29 19.86 0.25 4.99
C ASP A 29 20.26 -0.82 3.99
N THR A 30 21.39 -1.48 4.23
CA THR A 30 21.87 -2.53 3.32
C THR A 30 20.87 -3.68 3.29
N GLU A 31 20.39 -4.08 4.47
CA GLU A 31 19.43 -5.17 4.58
C GLU A 31 18.16 -4.85 3.81
N TRP A 32 17.74 -3.58 3.86
CA TRP A 32 16.55 -3.16 3.14
C TRP A 32 16.76 -3.27 1.63
N ARG A 33 17.96 -2.92 1.16
CA ARG A 33 18.29 -2.99 -0.26
C ARG A 33 18.25 -4.43 -0.76
N GLN A 34 18.76 -5.34 0.06
CA GLN A 34 18.79 -6.78 -0.29
C GLN A 34 17.52 -7.50 0.18
N ARG A 35 16.49 -6.73 0.56
CA ARG A 35 15.22 -7.30 1.03
C ARG A 35 14.13 -7.10 -0.01
N LEU A 36 14.09 -5.91 -0.60
CA LEU A 36 13.04 -5.56 -1.57
C LEU A 36 13.62 -4.86 -2.80
N SER A 37 12.73 -4.57 -3.75
CA SER A 37 13.11 -3.92 -4.99
C SER A 37 13.72 -2.55 -4.71
N SER A 38 14.50 -2.04 -5.66
CA SER A 38 15.15 -0.74 -5.51
C SER A 38 14.10 0.34 -5.34
N GLU A 39 13.01 0.25 -6.11
CA GLU A 39 11.93 1.21 -6.02
C GLU A 39 11.25 1.14 -4.65
N GLU A 40 11.05 -0.08 -4.15
CA GLU A 40 10.43 -0.29 -2.84
C GLU A 40 11.28 0.36 -1.75
N TYR A 41 12.60 0.25 -1.88
CA TYR A 41 13.52 0.81 -0.88
C TYR A 41 13.34 2.32 -0.72
N ARG A 42 13.38 3.07 -1.84
CA ARG A 42 13.23 4.54 -1.78
C ARG A 42 11.79 4.96 -1.50
N VAL A 43 10.86 4.24 -2.13
CA VAL A 43 9.44 4.53 -2.00
C VAL A 43 8.98 4.35 -0.55
N LEU A 44 9.42 3.27 0.11
CA LEU A 44 9.03 3.01 1.50
C LEU A 44 9.84 3.86 2.49
N ARG A 45 10.97 4.42 2.05
CA ARG A 45 11.81 5.23 2.94
C ARG A 45 11.30 6.66 3.07
N GLU A 46 11.09 7.35 1.94
CA GLU A 46 10.64 8.74 1.96
C GLU A 46 9.49 9.02 0.97
N ALA A 47 8.70 8.00 0.65
CA ALA A 47 7.59 8.17 -0.30
C ALA A 47 8.11 8.74 -1.62
N GLY A 48 9.14 8.09 -2.16
CA GLY A 48 9.77 8.54 -3.40
C GLY A 48 8.79 8.58 -4.57
N THR A 49 7.94 7.55 -4.70
CA THR A 49 6.96 7.49 -5.80
C THR A 49 6.16 6.19 -5.72
N GLU A 50 5.33 5.93 -6.75
CA GLU A 50 4.53 4.71 -6.81
C GLU A 50 4.27 4.32 -8.26
N ALA A 51 5.36 4.00 -8.97
CA ALA A 51 5.27 3.60 -10.38
C ALA A 51 5.28 2.08 -10.54
N PRO A 52 4.20 1.47 -11.03
CA PRO A 52 4.13 -0.01 -11.26
C PRO A 52 4.93 -0.44 -12.48
N HIS A 53 4.84 -1.73 -12.81
CA HIS A 53 5.56 -2.30 -13.97
C HIS A 53 7.07 -2.15 -13.80
N THR A 54 7.53 -2.28 -12.56
CA THR A 54 8.97 -2.18 -12.25
C THR A 54 9.53 -3.53 -11.77
N GLY A 55 8.75 -4.60 -11.93
CA GLY A 55 9.17 -5.94 -11.51
C GLY A 55 8.62 -6.98 -12.46
N GLU A 56 9.52 -7.69 -13.13
CA GLU A 56 9.14 -8.73 -14.09
C GLU A 56 8.53 -9.95 -13.40
N TYR A 57 8.82 -10.10 -12.12
CA TYR A 57 8.31 -11.23 -11.34
C TYR A 57 6.83 -11.06 -10.97
N THR A 58 6.28 -9.86 -11.20
CA THR A 58 4.87 -9.60 -10.89
C THR A 58 3.97 -10.31 -11.89
N ASN A 59 2.72 -10.56 -11.50
CA ASN A 59 1.77 -11.24 -12.38
C ASN A 59 0.37 -10.64 -12.22
N THR A 60 -0.04 -10.47 -10.96
CA THR A 60 -1.37 -9.91 -10.64
C THR A 60 -2.50 -10.61 -11.41
N THR A 61 -2.23 -11.81 -11.93
CA THR A 61 -3.24 -12.57 -12.68
C THR A 61 -4.39 -12.97 -11.76
N THR A 62 -4.03 -13.43 -10.55
CA THR A 62 -5.02 -13.85 -9.57
C THR A 62 -5.51 -12.66 -8.75
N GLU A 63 -6.77 -12.72 -8.31
CA GLU A 63 -7.37 -11.65 -7.52
C GLU A 63 -7.61 -12.17 -6.11
N GLY A 64 -6.68 -11.88 -5.21
CA GLY A 64 -6.79 -12.34 -3.83
C GLY A 64 -6.48 -11.22 -2.84
N ILE A 65 -5.31 -11.33 -2.19
CA ILE A 65 -4.90 -10.37 -1.17
C ILE A 65 -3.59 -9.69 -1.52
N TYR A 66 -3.59 -8.37 -1.40
CA TYR A 66 -2.40 -7.58 -1.63
C TYR A 66 -1.50 -7.71 -0.41
N SER A 67 -0.20 -7.90 -0.64
CA SER A 67 0.72 -8.06 0.47
C SER A 67 2.01 -7.27 0.26
N CYS A 68 2.37 -6.46 1.27
CA CYS A 68 3.59 -5.63 1.22
C CYS A 68 4.78 -6.46 0.76
N ARG A 69 5.46 -5.97 -0.27
CA ARG A 69 6.64 -6.66 -0.77
C ARG A 69 7.72 -6.69 0.32
N ALA A 70 7.78 -5.60 1.08
CA ALA A 70 8.76 -5.42 2.15
C ALA A 70 8.64 -6.44 3.29
N CYS A 71 7.41 -6.62 3.78
CA CYS A 71 7.16 -7.51 4.93
C CYS A 71 6.24 -8.67 4.58
N GLY A 72 5.24 -8.39 3.74
CA GLY A 72 4.28 -9.41 3.33
C GLY A 72 2.96 -9.30 4.10
N THR A 73 2.70 -8.10 4.64
CA THR A 73 1.47 -7.85 5.42
C THR A 73 0.28 -7.75 4.48
N GLU A 74 -0.89 -8.23 4.95
CA GLU A 74 -2.11 -8.14 4.13
C GLU A 74 -2.59 -6.70 4.13
N LEU A 75 -1.87 -5.85 3.41
CA LEU A 75 -2.20 -4.43 3.33
C LEU A 75 -3.64 -4.24 2.84
N PHE A 76 -3.99 -4.95 1.77
CA PHE A 76 -5.32 -4.86 1.20
C PHE A 76 -5.80 -6.21 0.68
N ARG A 77 -7.12 -6.34 0.48
CA ARG A 77 -7.69 -7.59 -0.04
C ARG A 77 -8.95 -7.33 -0.88
N SER A 78 -9.30 -8.32 -1.68
CA SER A 78 -10.47 -8.25 -2.57
C SER A 78 -11.82 -8.34 -1.83
N THR A 79 -11.88 -7.80 -0.60
CA THR A 79 -13.12 -7.82 0.16
C THR A 79 -13.91 -6.51 -0.07
N GLU A 80 -13.18 -5.40 -0.17
CA GLU A 80 -13.80 -4.09 -0.36
C GLU A 80 -13.24 -3.36 -1.59
N LYS A 81 -11.98 -3.64 -1.92
CA LYS A 81 -11.32 -2.98 -3.06
C LYS A 81 -11.93 -3.39 -4.39
N PHE A 82 -11.59 -2.64 -5.44
CA PHE A 82 -12.09 -2.93 -6.79
C PHE A 82 -11.01 -3.63 -7.61
N ASN A 83 -11.39 -4.09 -8.80
CA ASN A 83 -10.47 -4.80 -9.69
C ASN A 83 -9.69 -3.84 -10.61
N SER A 84 -9.75 -2.53 -10.31
CA SER A 84 -9.05 -1.54 -11.12
C SER A 84 -7.55 -1.82 -11.14
N HIS A 85 -6.89 -1.44 -12.23
CA HIS A 85 -5.46 -1.66 -12.39
C HIS A 85 -4.81 -0.46 -13.07
N CYS A 86 -3.54 -0.19 -12.71
CA CYS A 86 -2.80 0.94 -13.26
C CYS A 86 -3.46 2.25 -12.83
N GLY A 87 -2.72 3.35 -12.97
CA GLY A 87 -3.25 4.66 -12.57
C GLY A 87 -3.37 4.75 -11.04
N TRP A 88 -4.34 5.53 -10.56
CA TRP A 88 -4.56 5.67 -9.12
C TRP A 88 -6.04 5.42 -8.77
N PRO A 89 -6.54 4.18 -8.91
CA PRO A 89 -7.96 3.85 -8.59
C PRO A 89 -8.22 3.86 -7.08
N SER A 90 -9.43 4.28 -6.69
CA SER A 90 -9.81 4.34 -5.29
C SER A 90 -10.11 2.96 -4.71
N PHE A 91 -10.03 2.86 -3.38
CA PHE A 91 -10.31 1.61 -2.66
C PHE A 91 -11.02 1.95 -1.37
N PHE A 92 -11.60 0.93 -0.73
CA PHE A 92 -12.33 1.13 0.53
C PHE A 92 -11.50 0.59 1.71
N SER A 93 -12.13 0.51 2.89
CA SER A 93 -11.47 0.06 4.11
C SER A 93 -10.48 -1.11 3.88
N PRO A 94 -9.30 -1.09 4.52
CA PRO A 94 -8.27 -2.18 4.37
C PRO A 94 -8.61 -3.43 5.18
N LEU A 95 -7.64 -4.34 5.28
CA LEU A 95 -7.79 -5.60 6.04
C LEU A 95 -8.58 -5.37 7.34
N ALA A 96 -8.02 -4.56 8.23
CA ALA A 96 -8.68 -4.25 9.51
C ALA A 96 -7.94 -3.11 10.25
N GLY A 97 -7.14 -2.33 9.51
CA GLY A 97 -6.39 -1.23 10.12
C GLY A 97 -5.22 -1.73 10.96
N ASP A 98 -4.91 -3.03 10.84
CA ASP A 98 -3.81 -3.63 11.59
C ASP A 98 -2.55 -3.75 10.74
N LYS A 99 -2.73 -3.94 9.44
CA LYS A 99 -1.60 -4.09 8.52
C LYS A 99 -1.20 -2.72 7.96
N VAL A 100 -2.12 -1.75 8.02
CA VAL A 100 -1.87 -0.40 7.54
C VAL A 100 -2.38 0.63 8.55
N ILE A 101 -1.70 1.76 8.63
CA ILE A 101 -2.07 2.83 9.55
C ILE A 101 -2.28 4.14 8.77
N GLU A 102 -3.27 4.90 9.24
CA GLU A 102 -3.60 6.18 8.61
C GLU A 102 -3.25 7.32 9.56
N ARG A 103 -2.47 8.28 9.06
CA ARG A 103 -2.07 9.44 9.86
C ARG A 103 -2.21 10.71 9.04
N THR A 104 -2.52 11.84 9.69
CA THR A 104 -2.69 13.09 8.97
C THR A 104 -1.47 14.01 9.17
N ASP A 105 -1.18 14.82 8.14
CA ASP A 105 -0.05 15.75 8.22
C ASP A 105 -0.46 17.15 7.80
N THR A 106 -0.43 18.09 8.77
CA THR A 106 -0.79 19.48 8.53
C THR A 106 0.36 20.22 7.86
N SER A 107 0.58 19.89 6.59
CA SER A 107 1.64 20.50 5.81
C SER A 107 1.10 21.58 4.87
N HIS A 108 1.84 22.68 4.76
CA HIS A 108 1.46 23.80 3.89
C HIS A 108 0.10 24.40 4.28
N GLY A 109 -0.22 24.35 5.58
CA GLY A 109 -1.48 24.92 6.09
C GLY A 109 -2.69 23.99 5.86
N MET A 110 -2.45 22.80 5.32
CA MET A 110 -3.53 21.85 5.04
C MET A 110 -3.14 20.46 5.53
N VAL A 111 -4.15 19.61 5.78
CA VAL A 111 -3.90 18.25 6.26
C VAL A 111 -4.28 17.20 5.22
N ARG A 112 -3.45 16.17 5.15
CA ARG A 112 -3.66 15.05 4.24
C ARG A 112 -3.38 13.77 5.00
N THR A 113 -4.19 12.73 4.77
CA THR A 113 -3.99 11.47 5.47
C THR A 113 -3.05 10.58 4.67
N GLU A 114 -1.84 10.43 5.23
CA GLU A 114 -0.81 9.60 4.60
C GLU A 114 -1.01 8.15 5.02
N VAL A 115 -1.14 7.27 4.03
CA VAL A 115 -1.32 5.85 4.31
C VAL A 115 0.05 5.21 4.43
N ILE A 116 0.31 4.60 5.59
CA ILE A 116 1.58 3.92 5.82
C ILE A 116 1.31 2.53 6.35
N CYS A 117 2.23 1.62 6.11
CA CYS A 117 2.10 0.24 6.58
C CYS A 117 2.29 0.21 8.10
N ALA A 118 1.47 -0.61 8.75
CA ALA A 118 1.52 -0.70 10.21
C ALA A 118 2.89 -1.14 10.71
N ASN A 119 3.68 -1.78 9.84
CA ASN A 119 5.02 -2.27 10.22
C ASN A 119 6.14 -1.43 9.62
N CYS A 120 5.88 -0.86 8.45
CA CYS A 120 6.89 -0.03 7.76
C CYS A 120 6.28 1.27 7.23
N GLU A 121 7.14 2.22 6.85
CA GLU A 121 6.67 3.53 6.37
C GLU A 121 6.25 3.47 4.89
N SER A 122 5.08 2.89 4.64
CA SER A 122 4.55 2.81 3.28
C SER A 122 3.76 4.08 2.95
N HIS A 123 4.38 5.23 3.23
CA HIS A 123 3.77 6.54 2.95
C HIS A 123 3.75 6.85 1.45
N LEU A 124 3.87 5.82 0.62
CA LEU A 124 3.86 5.99 -0.83
C LEU A 124 2.46 6.36 -1.33
N GLY A 125 1.43 6.12 -0.49
CA GLY A 125 0.06 6.42 -0.88
C GLY A 125 -0.67 7.29 0.15
N HIS A 126 -1.77 7.90 -0.29
CA HIS A 126 -2.60 8.75 0.57
C HIS A 126 -4.06 8.32 0.48
N VAL A 127 -4.86 8.69 1.49
CA VAL A 127 -6.28 8.34 1.51
C VAL A 127 -7.12 9.58 1.86
N PHE A 128 -8.29 9.68 1.22
CA PHE A 128 -9.19 10.82 1.45
C PHE A 128 -10.55 10.34 1.94
N ALA A 129 -11.17 11.14 2.82
CA ALA A 129 -12.47 10.79 3.38
C ALA A 129 -13.55 11.81 3.01
N GLY A 130 -14.79 11.34 2.93
CA GLY A 130 -15.94 12.20 2.61
C GLY A 130 -16.05 12.52 1.11
N GLU A 131 -15.45 11.68 0.27
CA GLU A 131 -15.49 11.91 -1.18
C GLU A 131 -16.90 11.62 -1.74
N GLY A 132 -17.63 10.69 -1.10
CA GLY A 132 -18.99 10.36 -1.55
C GLY A 132 -19.03 9.07 -2.38
N TYR A 133 -18.36 8.03 -1.91
CA TYR A 133 -18.35 6.74 -2.64
C TYR A 133 -19.46 5.80 -2.17
N ASP A 134 -20.41 6.32 -1.39
CA ASP A 134 -21.52 5.53 -0.89
C ASP A 134 -21.03 4.30 -0.10
N THR A 135 -20.10 4.54 0.82
CA THR A 135 -19.55 3.48 1.66
C THR A 135 -19.54 3.92 3.13
N PRO A 136 -19.52 2.98 4.08
CA PRO A 136 -19.51 3.29 5.54
C PRO A 136 -18.25 4.05 5.96
N THR A 137 -17.16 3.86 5.20
CA THR A 137 -15.90 4.54 5.50
C THR A 137 -15.70 5.76 4.62
N ASP A 138 -16.29 5.73 3.42
CA ASP A 138 -16.18 6.83 2.47
C ASP A 138 -14.71 7.23 2.26
N LEU A 139 -13.85 6.21 2.17
CA LEU A 139 -12.42 6.44 1.97
C LEU A 139 -12.02 6.28 0.51
N ARG A 140 -11.04 7.08 0.09
CA ARG A 140 -10.55 7.05 -1.29
C ARG A 140 -9.03 6.84 -1.30
N TYR A 141 -8.60 5.62 -1.03
CA TYR A 141 -7.18 5.30 -1.03
C TYR A 141 -6.64 5.44 -2.45
N CYS A 142 -5.76 6.43 -2.65
CA CYS A 142 -5.16 6.65 -3.95
C CYS A 142 -3.74 6.10 -3.89
N ILE A 143 -3.61 4.82 -4.22
CA ILE A 143 -2.31 4.15 -4.14
C ILE A 143 -2.06 3.31 -5.38
N ASN A 144 -0.79 3.22 -5.77
CA ASN A 144 -0.39 2.43 -6.93
C ASN A 144 0.41 1.22 -6.48
N SER A 145 0.59 0.26 -7.38
CA SER A 145 1.33 -0.96 -7.05
C SER A 145 2.79 -0.85 -7.51
N VAL A 146 3.65 -0.37 -6.62
CA VAL A 146 5.08 -0.24 -6.92
C VAL A 146 5.77 -1.62 -6.80
N CYS A 147 5.19 -2.64 -7.46
CA CYS A 147 5.70 -4.01 -7.40
C CYS A 147 5.43 -4.61 -6.01
N LEU A 148 4.13 -4.67 -5.69
CA LEU A 148 3.65 -5.22 -4.42
C LEU A 148 3.42 -6.73 -4.62
N THR A 149 3.52 -7.49 -3.52
CA THR A 149 3.38 -8.95 -3.61
C THR A 149 1.92 -9.40 -3.47
N LEU A 150 1.45 -10.13 -4.48
CA LEU A 150 0.08 -10.65 -4.48
C LEU A 150 0.02 -12.02 -3.80
N ILE A 151 -1.10 -12.25 -3.15
CA ILE A 151 -1.39 -13.53 -2.54
C ILE A 151 -2.53 -14.16 -3.36
N PRO A 152 -2.26 -15.18 -4.18
CA PRO A 152 -3.32 -15.83 -5.00
C PRO A 152 -4.32 -16.54 -4.11
N ALA A 153 -5.30 -15.76 -3.65
CA ALA A 153 -6.31 -16.28 -2.74
C ALA A 153 -6.89 -17.62 -3.22
N GLU A 154 -7.77 -17.60 -4.24
CA GLU A 154 -8.37 -18.83 -4.75
C GLU A 154 -9.24 -18.54 -5.98
N GLU A 155 -9.95 -17.41 -5.96
CA GLU A 155 -10.85 -17.05 -7.06
C GLU A 155 -11.91 -18.13 -7.25
N SER A 156 -12.50 -18.53 -6.13
CA SER A 156 -13.55 -19.56 -6.14
C SER A 156 -14.83 -19.02 -6.75
ZN ZN B . 4.78 -3.12 4.92
N MET A 21 7.87 -12.24 11.61
CA MET A 21 7.78 -10.79 11.28
C MET A 21 8.95 -10.05 11.93
N THR A 22 9.05 -10.14 13.26
CA THR A 22 10.12 -9.49 14.00
C THR A 22 10.11 -7.98 13.76
N ASN A 23 10.84 -7.24 14.60
CA ASN A 23 10.92 -5.79 14.47
C ASN A 23 11.71 -5.43 13.22
N PHE A 24 11.06 -4.71 12.30
CA PHE A 24 11.70 -4.30 11.04
C PHE A 24 12.59 -3.07 11.23
N LYS A 25 12.45 -2.39 12.36
CA LYS A 25 13.22 -1.18 12.65
C LYS A 25 14.70 -1.49 12.77
N LEU A 26 15.00 -2.67 13.32
CA LEU A 26 16.38 -3.10 13.55
C LEU A 26 17.07 -3.54 12.25
N ILE A 27 16.31 -3.70 11.16
CA ILE A 27 16.87 -4.11 9.88
C ILE A 27 17.90 -3.09 9.40
N THR A 28 18.97 -3.60 8.80
CA THR A 28 20.05 -2.77 8.29
C THR A 28 19.68 -2.22 6.92
N ASP A 29 20.43 -1.22 6.47
CA ASP A 29 20.17 -0.60 5.17
C ASP A 29 20.39 -1.60 4.04
N THR A 30 21.43 -2.42 4.17
CA THR A 30 21.74 -3.43 3.15
C THR A 30 20.58 -4.43 3.03
N GLU A 31 20.08 -4.89 4.18
CA GLU A 31 18.99 -5.86 4.20
C GLU A 31 17.76 -5.30 3.51
N TRP A 32 17.49 -4.01 3.71
CA TRP A 32 16.34 -3.37 3.08
C TRP A 32 16.52 -3.37 1.55
N ARG A 33 17.74 -3.13 1.09
CA ARG A 33 18.02 -3.08 -0.34
C ARG A 33 17.81 -4.44 -1.01
N GLN A 34 18.26 -5.49 -0.33
CA GLN A 34 18.12 -6.85 -0.84
C GLN A 34 16.73 -7.43 -0.53
N ARG A 35 16.07 -6.89 0.51
CA ARG A 35 14.73 -7.33 0.90
C ARG A 35 13.70 -6.98 -0.18
N LEU A 36 13.84 -5.77 -0.73
CA LEU A 36 12.90 -5.28 -1.75
C LEU A 36 13.62 -4.53 -2.86
N SER A 37 12.83 -4.09 -3.86
CA SER A 37 13.36 -3.37 -5.01
C SER A 37 13.99 -2.05 -4.60
N SER A 38 14.84 -1.53 -5.47
CA SER A 38 15.49 -0.25 -5.22
C SER A 38 14.42 0.83 -5.08
N GLU A 39 13.39 0.73 -5.92
CA GLU A 39 12.28 1.67 -5.88
C GLU A 39 11.55 1.57 -4.54
N GLU A 40 11.15 0.35 -4.14
CA GLU A 40 10.47 0.16 -2.87
C GLU A 40 11.31 0.65 -1.69
N TYR A 41 12.65 0.53 -1.81
CA TYR A 41 13.54 0.96 -0.75
C TYR A 41 13.38 2.47 -0.46
N ARG A 42 13.46 3.30 -1.51
CA ARG A 42 13.31 4.75 -1.34
C ARG A 42 11.83 5.15 -1.12
N VAL A 43 10.95 4.44 -1.82
CA VAL A 43 9.52 4.70 -1.74
C VAL A 43 8.99 4.47 -0.32
N LEU A 44 9.41 3.38 0.31
CA LEU A 44 8.98 3.07 1.67
C LEU A 44 9.76 3.86 2.73
N ARG A 45 10.90 4.47 2.32
CA ARG A 45 11.73 5.22 3.25
C ARG A 45 11.23 6.66 3.42
N GLU A 46 11.06 7.38 2.30
CA GLU A 46 10.61 8.79 2.37
C GLU A 46 9.48 9.10 1.37
N ALA A 47 8.73 8.08 0.95
CA ALA A 47 7.64 8.29 0.00
C ALA A 47 8.17 8.95 -1.28
N GLY A 48 9.21 8.34 -1.86
CA GLY A 48 9.83 8.88 -3.06
C GLY A 48 8.83 8.97 -4.21
N THR A 49 8.03 7.92 -4.40
CA THR A 49 7.02 7.88 -5.47
C THR A 49 6.21 6.58 -5.41
N GLU A 50 5.25 6.44 -6.33
CA GLU A 50 4.45 5.22 -6.40
C GLU A 50 4.13 4.90 -7.86
N ALA A 51 5.20 4.65 -8.62
CA ALA A 51 5.07 4.33 -10.04
C ALA A 51 5.17 2.81 -10.28
N PRO A 52 4.12 2.16 -10.77
CA PRO A 52 4.15 0.69 -11.07
C PRO A 52 5.00 0.38 -12.29
N HIS A 53 4.96 -0.88 -12.74
CA HIS A 53 5.73 -1.33 -13.90
C HIS A 53 7.24 -1.13 -13.68
N THR A 54 7.67 -1.39 -12.45
CA THR A 54 9.09 -1.27 -12.08
C THR A 54 9.72 -2.64 -11.81
N GLY A 55 9.03 -3.71 -12.26
CA GLY A 55 9.51 -5.07 -12.06
C GLY A 55 8.79 -6.01 -13.03
N GLU A 56 9.57 -6.78 -13.75
CA GLU A 56 9.02 -7.73 -14.73
C GLU A 56 8.26 -8.87 -14.06
N TYR A 57 8.59 -9.13 -12.81
CA TYR A 57 7.94 -10.19 -12.03
C TYR A 57 6.53 -9.80 -11.60
N THR A 58 6.25 -8.48 -11.59
CA THR A 58 4.94 -7.98 -11.19
C THR A 58 3.85 -8.53 -12.12
N ASN A 59 2.84 -9.16 -11.51
CA ASN A 59 1.73 -9.74 -12.26
C ASN A 59 0.64 -10.20 -11.30
N THR A 60 -0.44 -9.40 -11.19
CA THR A 60 -1.53 -9.74 -10.30
C THR A 60 -2.20 -11.05 -10.71
N THR A 61 -2.87 -11.04 -11.87
CA THR A 61 -3.54 -12.24 -12.41
C THR A 61 -4.65 -12.73 -11.47
N THR A 62 -4.27 -13.36 -10.35
CA THR A 62 -5.21 -13.87 -9.37
C THR A 62 -5.68 -12.73 -8.45
N GLU A 63 -6.93 -12.81 -8.00
CA GLU A 63 -7.50 -11.80 -7.11
C GLU A 63 -7.57 -12.36 -5.71
N GLY A 64 -6.61 -11.99 -4.87
CA GLY A 64 -6.55 -12.49 -3.50
C GLY A 64 -6.34 -11.39 -2.48
N ILE A 65 -5.21 -11.49 -1.78
CA ILE A 65 -4.88 -10.54 -0.72
C ILE A 65 -3.57 -9.82 -1.03
N TYR A 66 -3.60 -8.51 -0.86
CA TYR A 66 -2.43 -7.67 -1.08
C TYR A 66 -1.42 -7.87 0.04
N SER A 67 -0.13 -7.93 -0.31
CA SER A 67 0.91 -8.07 0.68
C SER A 67 2.12 -7.20 0.38
N CYS A 68 2.49 -6.40 1.39
CA CYS A 68 3.64 -5.51 1.29
C CYS A 68 4.88 -6.38 1.19
N ARG A 69 5.66 -6.22 0.12
CA ARG A 69 6.86 -7.06 -0.05
C ARG A 69 7.92 -6.77 1.02
N ALA A 70 7.84 -5.57 1.61
CA ALA A 70 8.79 -5.16 2.64
C ALA A 70 8.75 -6.08 3.85
N CYS A 71 7.53 -6.34 4.36
CA CYS A 71 7.34 -7.19 5.53
C CYS A 71 6.46 -8.40 5.21
N GLY A 72 5.47 -8.19 4.35
CA GLY A 72 4.55 -9.26 3.95
C GLY A 72 3.25 -9.17 4.72
N THR A 73 2.78 -7.94 4.97
CA THR A 73 1.54 -7.75 5.73
C THR A 73 0.33 -7.68 4.81
N GLU A 74 -0.83 -8.13 5.31
CA GLU A 74 -2.07 -8.11 4.51
C GLU A 74 -2.67 -6.69 4.53
N LEU A 75 -1.99 -5.79 3.84
CA LEU A 75 -2.40 -4.39 3.77
C LEU A 75 -3.80 -4.21 3.21
N PHE A 76 -4.13 -4.98 2.15
CA PHE A 76 -5.44 -4.89 1.52
C PHE A 76 -5.91 -6.27 1.05
N ARG A 77 -7.22 -6.39 0.75
CA ARG A 77 -7.77 -7.65 0.27
C ARG A 77 -8.87 -7.41 -0.77
N SER A 78 -9.19 -8.46 -1.53
CA SER A 78 -10.18 -8.37 -2.59
C SER A 78 -11.60 -8.06 -2.07
N THR A 79 -11.87 -8.33 -0.78
CA THR A 79 -13.21 -8.08 -0.23
C THR A 79 -13.52 -6.57 -0.20
N GLU A 80 -12.50 -5.76 0.06
CA GLU A 80 -12.67 -4.29 0.12
C GLU A 80 -11.94 -3.63 -1.06
N LYS A 81 -11.87 -4.35 -2.19
CA LYS A 81 -11.21 -3.84 -3.39
C LYS A 81 -12.25 -3.58 -4.49
N PHE A 82 -12.17 -2.39 -5.09
CA PHE A 82 -13.08 -2.01 -6.17
C PHE A 82 -12.34 -2.06 -7.51
N ASN A 83 -12.91 -2.78 -8.48
CA ASN A 83 -12.27 -2.91 -9.79
C ASN A 83 -12.19 -1.55 -10.47
N SER A 84 -10.97 -1.09 -10.72
CA SER A 84 -10.74 0.20 -11.37
C SER A 84 -9.52 0.14 -12.28
N HIS A 85 -9.45 1.08 -13.23
CA HIS A 85 -8.33 1.15 -14.17
C HIS A 85 -7.13 1.79 -13.49
N CYS A 86 -5.97 1.66 -14.14
CA CYS A 86 -4.73 2.22 -13.59
C CYS A 86 -4.89 3.72 -13.31
N GLY A 87 -3.98 4.24 -12.47
CA GLY A 87 -4.02 5.66 -12.10
C GLY A 87 -4.58 5.81 -10.69
N TRP A 88 -3.78 5.38 -9.70
CA TRP A 88 -4.19 5.44 -8.29
C TRP A 88 -5.61 4.83 -8.10
N PRO A 89 -5.79 3.53 -8.40
CA PRO A 89 -7.13 2.86 -8.25
C PRO A 89 -7.67 3.00 -6.83
N SER A 90 -8.99 3.25 -6.72
CA SER A 90 -9.63 3.40 -5.41
C SER A 90 -9.80 2.06 -4.71
N PHE A 91 -9.87 2.11 -3.38
CA PHE A 91 -10.06 0.91 -2.57
C PHE A 91 -10.95 1.25 -1.38
N PHE A 92 -11.56 0.24 -0.76
CA PHE A 92 -12.40 0.46 0.41
C PHE A 92 -11.52 0.31 1.66
N SER A 93 -12.15 0.29 2.85
CA SER A 93 -11.40 0.16 4.11
C SER A 93 -10.43 -1.04 4.05
N PRO A 94 -9.23 -0.95 4.62
CA PRO A 94 -8.24 -2.07 4.59
C PRO A 94 -8.74 -3.26 5.40
N LEU A 95 -7.89 -4.28 5.55
CA LEU A 95 -8.27 -5.50 6.28
C LEU A 95 -8.90 -5.15 7.63
N ALA A 96 -8.13 -4.49 8.50
CA ALA A 96 -8.64 -4.10 9.82
C ALA A 96 -7.91 -2.88 10.40
N GLY A 97 -7.05 -2.24 9.59
CA GLY A 97 -6.30 -1.07 10.05
C GLY A 97 -5.09 -1.48 10.90
N ASP A 98 -4.86 -2.79 11.03
CA ASP A 98 -3.75 -3.32 11.81
C ASP A 98 -2.51 -3.48 10.95
N LYS A 99 -2.73 -3.70 9.66
CA LYS A 99 -1.62 -3.89 8.72
C LYS A 99 -1.24 -2.55 8.05
N VAL A 100 -2.13 -1.55 8.18
CA VAL A 100 -1.90 -0.21 7.62
C VAL A 100 -2.31 0.87 8.61
N ILE A 101 -1.63 2.01 8.56
CA ILE A 101 -1.94 3.14 9.45
C ILE A 101 -2.27 4.39 8.62
N GLU A 102 -3.30 5.11 9.05
CA GLU A 102 -3.74 6.33 8.37
C GLU A 102 -3.47 7.52 9.29
N ARG A 103 -2.65 8.47 8.81
CA ARG A 103 -2.32 9.66 9.60
C ARG A 103 -2.35 10.91 8.73
N THR A 104 -2.66 12.05 9.35
CA THR A 104 -2.73 13.32 8.62
C THR A 104 -1.37 14.04 8.67
N ASP A 105 -1.05 14.74 7.60
CA ASP A 105 0.22 15.47 7.51
C ASP A 105 0.00 16.91 7.05
N THR A 106 0.34 17.87 7.91
CA THR A 106 0.18 19.28 7.60
C THR A 106 1.27 19.75 6.65
N SER A 107 1.18 19.27 5.42
CA SER A 107 2.14 19.63 4.38
C SER A 107 1.74 20.94 3.72
N HIS A 108 2.73 21.75 3.38
CA HIS A 108 2.50 23.06 2.72
C HIS A 108 1.64 23.98 3.61
N GLY A 109 0.31 23.76 3.61
CA GLY A 109 -0.60 24.58 4.41
C GLY A 109 -1.73 23.73 4.98
N MET A 110 -2.40 22.98 4.11
CA MET A 110 -3.48 22.10 4.51
C MET A 110 -2.94 20.74 4.93
N VAL A 111 -3.82 19.86 5.39
CA VAL A 111 -3.40 18.51 5.81
C VAL A 111 -3.97 17.44 4.89
N ARG A 112 -3.24 16.32 4.78
CA ARG A 112 -3.67 15.20 3.95
C ARG A 112 -3.43 13.91 4.71
N THR A 113 -4.32 12.93 4.54
CA THR A 113 -4.17 11.65 5.23
C THR A 113 -3.34 10.71 4.36
N GLU A 114 -2.15 10.39 4.86
CA GLU A 114 -1.24 9.50 4.15
C GLU A 114 -1.45 8.07 4.63
N VAL A 115 -1.37 7.13 3.69
CA VAL A 115 -1.54 5.72 4.00
C VAL A 115 -0.17 5.07 4.15
N ILE A 116 0.07 4.48 5.31
CA ILE A 116 1.33 3.81 5.59
C ILE A 116 1.09 2.39 6.07
N CYS A 117 2.13 1.58 5.97
CA CYS A 117 2.05 0.20 6.42
C CYS A 117 2.31 0.16 7.91
N ALA A 118 1.48 -0.58 8.65
CA ALA A 118 1.61 -0.64 10.11
C ALA A 118 2.99 -1.17 10.52
N ASN A 119 3.67 -1.87 9.62
CA ASN A 119 4.98 -2.43 9.92
C ASN A 119 6.12 -1.61 9.31
N CYS A 120 5.83 -0.88 8.23
CA CYS A 120 6.85 -0.04 7.58
C CYS A 120 6.25 1.26 7.04
N GLU A 121 7.12 2.22 6.73
CA GLU A 121 6.66 3.52 6.25
C GLU A 121 6.23 3.48 4.79
N SER A 122 5.10 2.82 4.53
CA SER A 122 4.55 2.73 3.18
C SER A 122 3.69 3.96 2.89
N HIS A 123 4.27 5.14 3.16
CA HIS A 123 3.60 6.43 2.89
C HIS A 123 3.60 6.75 1.39
N LEU A 124 3.76 5.72 0.56
CA LEU A 124 3.77 5.88 -0.89
C LEU A 124 2.39 6.28 -1.42
N GLY A 125 1.34 6.00 -0.63
CA GLY A 125 -0.03 6.32 -1.03
C GLY A 125 -0.73 7.19 0.00
N HIS A 126 -1.87 7.77 -0.42
CA HIS A 126 -2.66 8.64 0.43
C HIS A 126 -4.14 8.29 0.31
N VAL A 127 -4.94 8.64 1.33
CA VAL A 127 -6.37 8.37 1.33
C VAL A 127 -7.15 9.64 1.64
N PHE A 128 -8.35 9.77 1.05
CA PHE A 128 -9.19 10.94 1.25
C PHE A 128 -10.59 10.54 1.70
N ALA A 129 -11.22 11.39 2.51
CA ALA A 129 -12.56 11.12 3.03
C ALA A 129 -13.54 12.18 2.54
N GLY A 130 -14.84 11.84 2.57
CA GLY A 130 -15.89 12.76 2.13
C GLY A 130 -16.07 12.76 0.60
N GLU A 131 -15.60 11.69 -0.06
CA GLU A 131 -15.72 11.59 -1.53
C GLU A 131 -17.16 11.30 -1.95
N GLY A 132 -17.96 10.74 -1.03
CA GLY A 132 -19.36 10.41 -1.36
C GLY A 132 -19.44 9.24 -2.33
N TYR A 133 -18.57 8.26 -2.13
CA TYR A 133 -18.52 7.07 -3.00
C TYR A 133 -19.54 6.02 -2.55
N ASP A 134 -20.47 6.41 -1.66
CA ASP A 134 -21.49 5.51 -1.16
C ASP A 134 -20.86 4.30 -0.46
N THR A 135 -19.97 4.58 0.48
CA THR A 135 -19.29 3.55 1.25
C THR A 135 -19.45 3.80 2.76
N PRO A 136 -19.35 2.76 3.59
CA PRO A 136 -19.47 2.90 5.07
C PRO A 136 -18.36 3.77 5.67
N THR A 137 -17.22 3.81 4.97
CA THR A 137 -16.06 4.60 5.42
C THR A 137 -15.93 5.89 4.61
N ASP A 138 -16.52 5.92 3.41
CA ASP A 138 -16.45 7.08 2.54
C ASP A 138 -14.99 7.48 2.28
N LEU A 139 -14.13 6.47 2.14
CA LEU A 139 -12.70 6.70 1.89
C LEU A 139 -12.33 6.29 0.48
N ARG A 140 -11.51 7.13 -0.16
CA ARG A 140 -11.05 6.84 -1.52
C ARG A 140 -9.52 6.73 -1.52
N TYR A 141 -9.03 5.57 -1.08
CA TYR A 141 -7.60 5.32 -1.01
C TYR A 141 -6.99 5.43 -2.41
N CYS A 142 -6.02 6.33 -2.54
CA CYS A 142 -5.33 6.51 -3.81
C CYS A 142 -3.94 5.93 -3.67
N ILE A 143 -3.83 4.63 -3.96
CA ILE A 143 -2.56 3.92 -3.83
C ILE A 143 -2.17 3.29 -5.16
N ASN A 144 -0.87 3.33 -5.47
CA ASN A 144 -0.35 2.72 -6.69
C ASN A 144 0.47 1.49 -6.32
N SER A 145 0.47 0.50 -7.22
CA SER A 145 1.21 -0.73 -6.97
C SER A 145 2.66 -0.63 -7.44
N VAL A 146 3.53 -0.15 -6.55
CA VAL A 146 4.96 -0.03 -6.86
C VAL A 146 5.64 -1.40 -6.71
N CYS A 147 5.06 -2.41 -7.38
CA CYS A 147 5.57 -3.79 -7.30
C CYS A 147 5.24 -4.42 -5.93
N LEU A 148 3.94 -4.50 -5.65
CA LEU A 148 3.44 -5.08 -4.40
C LEU A 148 3.24 -6.59 -4.61
N THR A 149 3.34 -7.36 -3.51
CA THR A 149 3.23 -8.82 -3.60
C THR A 149 1.78 -9.28 -3.44
N LEU A 150 1.37 -10.19 -4.33
CA LEU A 150 0.01 -10.73 -4.31
C LEU A 150 0.01 -12.09 -3.61
N ILE A 151 -1.08 -12.32 -2.87
CA ILE A 151 -1.31 -13.59 -2.21
C ILE A 151 -2.50 -14.23 -2.94
N PRO A 152 -2.30 -15.25 -3.76
CA PRO A 152 -3.40 -15.91 -4.50
C PRO A 152 -4.34 -16.58 -3.53
N ALA A 153 -5.43 -15.89 -3.24
CA ALA A 153 -6.38 -16.38 -2.25
C ALA A 153 -6.99 -17.73 -2.63
N GLU A 154 -7.52 -17.85 -3.86
CA GLU A 154 -8.13 -19.10 -4.33
C GLU A 154 -8.69 -18.94 -5.75
N GLU A 155 -9.66 -18.04 -5.90
CA GLU A 155 -10.30 -17.81 -7.19
C GLU A 155 -10.88 -19.11 -7.74
N SER A 156 -11.62 -19.81 -6.88
CA SER A 156 -12.24 -21.08 -7.25
C SER A 156 -13.69 -20.86 -7.68
ZN ZN B . 4.92 -3.15 4.92
N MET A 21 6.90 -11.85 10.12
CA MET A 21 6.71 -12.13 11.57
C MET A 21 7.97 -11.74 12.36
N THR A 22 8.71 -10.75 11.84
CA THR A 22 9.94 -10.29 12.49
C THR A 22 9.97 -8.77 12.54
N ASN A 23 10.85 -8.23 13.40
CA ASN A 23 10.98 -6.78 13.55
C ASN A 23 11.82 -6.23 12.40
N PHE A 24 11.19 -5.45 11.52
CA PHE A 24 11.88 -4.87 10.37
C PHE A 24 12.70 -3.62 10.75
N LYS A 25 12.50 -3.13 11.98
CA LYS A 25 13.20 -1.94 12.46
C LYS A 25 14.70 -2.19 12.58
N LEU A 26 15.05 -3.43 12.94
CA LEU A 26 16.45 -3.81 13.13
C LEU A 26 17.20 -3.99 11.80
N ILE A 27 16.45 -4.01 10.69
CA ILE A 27 17.04 -4.19 9.37
C ILE A 27 17.97 -3.02 9.03
N THR A 28 19.08 -3.35 8.38
CA THR A 28 20.08 -2.35 7.97
C THR A 28 19.73 -1.81 6.60
N ASP A 29 20.40 -0.71 6.22
CA ASP A 29 20.15 -0.10 4.92
C ASP A 29 20.46 -1.07 3.78
N THR A 30 21.57 -1.82 3.93
CA THR A 30 21.97 -2.78 2.90
C THR A 30 20.93 -3.89 2.78
N GLU A 31 20.47 -4.41 3.93
CA GLU A 31 19.47 -5.48 3.94
C GLU A 31 18.20 -5.04 3.24
N TRP A 32 17.82 -3.78 3.45
CA TRP A 32 16.62 -3.24 2.82
C TRP A 32 16.76 -3.25 1.29
N ARG A 33 17.96 -2.89 0.80
CA ARG A 33 18.22 -2.85 -0.64
C ARG A 33 18.11 -4.25 -1.25
N GLN A 34 18.65 -5.23 -0.53
CA GLN A 34 18.61 -6.63 -1.00
C GLN A 34 17.38 -7.37 -0.46
N ARG A 35 16.39 -6.61 0.03
CA ARG A 35 15.17 -7.19 0.58
C ARG A 35 13.99 -7.00 -0.37
N LEU A 36 13.87 -5.79 -0.89
CA LEU A 36 12.76 -5.44 -1.78
C LEU A 36 13.26 -4.72 -3.03
N SER A 37 12.33 -4.41 -3.93
CA SER A 37 12.64 -3.74 -5.18
C SER A 37 13.35 -2.42 -4.92
N SER A 38 14.11 -1.96 -5.91
CA SER A 38 14.84 -0.69 -5.79
C SER A 38 13.87 0.45 -5.54
N GLU A 39 12.74 0.42 -6.25
CA GLU A 39 11.71 1.44 -6.08
C GLU A 39 11.11 1.37 -4.67
N GLU A 40 10.85 0.16 -4.19
CA GLU A 40 10.29 -0.03 -2.86
C GLU A 40 11.20 0.55 -1.79
N TYR A 41 12.52 0.43 -1.98
CA TYR A 41 13.49 0.94 -1.01
C TYR A 41 13.36 2.46 -0.81
N ARG A 42 13.38 3.23 -1.92
CA ARG A 42 13.28 4.70 -1.83
C ARG A 42 11.85 5.14 -1.50
N VAL A 43 10.90 4.46 -2.12
CA VAL A 43 9.49 4.75 -1.96
C VAL A 43 9.06 4.54 -0.50
N LEU A 44 9.46 3.42 0.07
CA LEU A 44 9.13 3.12 1.47
C LEU A 44 9.90 4.04 2.42
N ARG A 45 11.14 4.34 2.05
CA ARG A 45 12.01 5.17 2.88
C ARG A 45 11.51 6.61 3.03
N GLU A 46 11.18 7.26 1.90
CA GLU A 46 10.75 8.67 1.96
C GLU A 46 9.52 8.98 1.09
N ALA A 47 8.74 7.95 0.73
CA ALA A 47 7.54 8.17 -0.11
C ALA A 47 7.96 8.85 -1.43
N GLY A 48 9.00 8.30 -2.03
CA GLY A 48 9.56 8.84 -3.27
C GLY A 48 8.53 8.87 -4.41
N THR A 49 7.75 7.80 -4.57
CA THR A 49 6.73 7.74 -5.66
C THR A 49 6.06 6.35 -5.68
N GLU A 50 5.26 6.09 -6.73
CA GLU A 50 4.58 4.80 -6.88
C GLU A 50 4.34 4.50 -8.36
N ALA A 51 5.45 4.32 -9.10
CA ALA A 51 5.38 4.04 -10.53
C ALA A 51 5.49 2.53 -10.83
N PRO A 52 4.45 1.90 -11.39
CA PRO A 52 4.48 0.44 -11.74
C PRO A 52 5.35 0.15 -12.97
N HIS A 53 5.25 -1.09 -13.47
CA HIS A 53 6.04 -1.53 -14.63
C HIS A 53 7.54 -1.45 -14.33
N THR A 54 7.88 -1.70 -13.07
CA THR A 54 9.27 -1.69 -12.62
C THR A 54 9.68 -3.04 -12.00
N GLY A 55 8.83 -4.06 -12.14
CA GLY A 55 9.11 -5.38 -11.60
C GLY A 55 8.49 -6.47 -12.48
N GLU A 56 9.35 -7.31 -13.04
CA GLU A 56 8.90 -8.40 -13.92
C GLU A 56 8.26 -9.54 -13.13
N TYR A 57 8.69 -9.69 -11.88
CA TYR A 57 8.19 -10.75 -10.99
C TYR A 57 6.84 -10.40 -10.35
N THR A 58 6.14 -9.39 -10.89
CA THR A 58 4.84 -8.99 -10.35
C THR A 58 3.77 -10.01 -10.72
N ASN A 59 2.65 -9.99 -10.02
CA ASN A 59 1.55 -10.92 -10.28
C ASN A 59 0.20 -10.22 -10.15
N THR A 60 -0.44 -9.97 -11.31
CA THR A 60 -1.74 -9.30 -11.33
C THR A 60 -2.81 -10.17 -12.03
N THR A 61 -2.53 -11.47 -12.18
CA THR A 61 -3.47 -12.38 -12.84
C THR A 61 -4.41 -13.08 -11.84
N THR A 62 -4.23 -12.81 -10.55
CA THR A 62 -5.06 -13.42 -9.50
C THR A 62 -5.68 -12.33 -8.63
N GLU A 63 -6.87 -12.63 -8.08
CA GLU A 63 -7.57 -11.68 -7.23
C GLU A 63 -7.60 -12.24 -5.81
N GLY A 64 -6.74 -11.71 -4.94
CA GLY A 64 -6.65 -12.20 -3.58
C GLY A 64 -6.42 -11.11 -2.55
N ILE A 65 -5.37 -11.28 -1.75
CA ILE A 65 -5.05 -10.34 -0.67
C ILE A 65 -3.73 -9.62 -0.97
N TYR A 66 -3.76 -8.31 -0.77
CA TYR A 66 -2.59 -7.48 -1.00
C TYR A 66 -1.55 -7.74 0.07
N SER A 67 -0.27 -7.77 -0.33
CA SER A 67 0.82 -7.99 0.61
C SER A 67 2.02 -7.09 0.30
N CYS A 68 2.43 -6.33 1.31
CA CYS A 68 3.57 -5.40 1.21
C CYS A 68 4.78 -6.12 0.64
N ARG A 69 5.45 -5.49 -0.32
CA ARG A 69 6.65 -6.09 -0.91
C ARG A 69 7.72 -6.24 0.18
N ALA A 70 7.79 -5.23 1.05
CA ALA A 70 8.77 -5.19 2.13
C ALA A 70 8.61 -6.30 3.18
N CYS A 71 7.38 -6.47 3.68
CA CYS A 71 7.11 -7.45 4.73
C CYS A 71 6.13 -8.52 4.28
N GLY A 72 5.13 -8.12 3.51
CA GLY A 72 4.12 -9.05 3.02
C GLY A 72 2.87 -9.02 3.89
N THR A 73 2.70 -7.93 4.64
CA THR A 73 1.54 -7.80 5.53
C THR A 73 0.26 -7.66 4.72
N GLU A 74 -0.86 -8.13 5.29
CA GLU A 74 -2.16 -8.05 4.62
C GLU A 74 -2.68 -6.60 4.65
N LEU A 75 -1.98 -5.74 3.93
CA LEU A 75 -2.33 -4.32 3.85
C LEU A 75 -3.75 -4.11 3.35
N PHE A 76 -4.12 -4.86 2.31
CA PHE A 76 -5.45 -4.75 1.72
C PHE A 76 -5.97 -6.12 1.28
N ARG A 77 -7.28 -6.21 1.03
CA ARG A 77 -7.89 -7.47 0.59
C ARG A 77 -8.94 -7.23 -0.50
N SER A 78 -9.32 -8.30 -1.18
CA SER A 78 -10.28 -8.22 -2.28
C SER A 78 -11.71 -7.90 -1.82
N THR A 79 -12.01 -8.06 -0.51
CA THR A 79 -13.36 -7.80 -0.01
C THR A 79 -13.69 -6.31 -0.05
N GLU A 80 -12.69 -5.47 0.20
CA GLU A 80 -12.88 -4.01 0.19
C GLU A 80 -12.28 -3.38 -1.08
N LYS A 81 -12.00 -4.20 -2.11
CA LYS A 81 -11.45 -3.69 -3.37
C LYS A 81 -12.50 -3.81 -4.47
N PHE A 82 -12.74 -2.69 -5.16
CA PHE A 82 -13.73 -2.67 -6.24
C PHE A 82 -13.04 -2.86 -7.60
N ASN A 83 -12.30 -1.84 -8.05
CA ASN A 83 -11.59 -1.90 -9.33
C ASN A 83 -10.80 -0.60 -9.54
N SER A 84 -11.52 0.49 -9.82
CA SER A 84 -10.92 1.82 -10.04
C SER A 84 -10.09 1.87 -11.33
N HIS A 85 -9.00 1.10 -11.37
CA HIS A 85 -8.11 1.06 -12.53
C HIS A 85 -7.42 2.42 -12.69
N CYS A 86 -6.71 2.62 -13.81
CA CYS A 86 -6.00 3.87 -14.07
C CYS A 86 -4.95 4.11 -12.98
N GLY A 87 -4.28 5.27 -13.03
CA GLY A 87 -3.25 5.60 -12.06
C GLY A 87 -3.85 5.84 -10.67
N TRP A 88 -3.06 5.54 -9.63
CA TRP A 88 -3.48 5.73 -8.24
C TRP A 88 -4.89 5.15 -7.99
N PRO A 89 -5.09 3.83 -8.15
CA PRO A 89 -6.43 3.20 -7.91
C PRO A 89 -6.92 3.42 -6.48
N SER A 90 -8.24 3.52 -6.31
CA SER A 90 -8.84 3.73 -4.99
C SER A 90 -9.56 2.47 -4.51
N PHE A 91 -9.52 2.25 -3.20
CA PHE A 91 -10.17 1.08 -2.60
C PHE A 91 -10.91 1.50 -1.33
N PHE A 92 -11.62 0.54 -0.73
CA PHE A 92 -12.37 0.82 0.50
C PHE A 92 -11.47 0.60 1.73
N SER A 93 -12.07 0.56 2.92
CA SER A 93 -11.32 0.39 4.16
C SER A 93 -10.39 -0.84 4.10
N PRO A 94 -9.18 -0.77 4.69
CA PRO A 94 -8.21 -1.92 4.67
C PRO A 94 -8.73 -3.10 5.50
N LEU A 95 -7.89 -4.12 5.67
CA LEU A 95 -8.27 -5.32 6.44
C LEU A 95 -8.91 -4.92 7.79
N ALA A 96 -8.12 -4.29 8.65
CA ALA A 96 -8.62 -3.87 9.97
C ALA A 96 -7.83 -2.70 10.57
N GLY A 97 -6.91 -2.12 9.79
CA GLY A 97 -6.09 -1.01 10.28
C GLY A 97 -4.92 -1.50 11.14
N ASP A 98 -4.78 -2.82 11.27
CA ASP A 98 -3.70 -3.41 12.06
C ASP A 98 -2.46 -3.58 11.21
N LYS A 99 -2.68 -3.79 9.91
CA LYS A 99 -1.57 -3.97 8.97
C LYS A 99 -1.16 -2.62 8.36
N VAL A 100 -2.04 -1.61 8.50
CA VAL A 100 -1.78 -0.27 7.99
C VAL A 100 -2.19 0.79 9.02
N ILE A 101 -1.44 1.90 9.07
CA ILE A 101 -1.76 2.99 10.01
C ILE A 101 -2.10 4.27 9.22
N GLU A 102 -3.20 4.89 9.63
CA GLU A 102 -3.66 6.13 8.99
C GLU A 102 -3.50 7.29 9.97
N ARG A 103 -2.82 8.35 9.51
CA ARG A 103 -2.59 9.53 10.33
C ARG A 103 -2.59 10.78 9.46
N THR A 104 -2.90 11.93 10.06
CA THR A 104 -2.95 13.19 9.31
C THR A 104 -1.67 14.00 9.52
N ASP A 105 -1.28 14.74 8.49
CA ASP A 105 -0.08 15.58 8.57
C ASP A 105 -0.37 16.99 8.07
N THR A 106 -0.27 17.96 8.99
CA THR A 106 -0.50 19.37 8.66
C THR A 106 0.71 19.93 7.93
N SER A 107 0.88 19.47 6.70
CA SER A 107 1.99 19.89 5.85
C SER A 107 1.58 21.01 4.90
N HIS A 108 2.44 22.02 4.78
CA HIS A 108 2.20 23.15 3.87
C HIS A 108 0.93 23.93 4.26
N GLY A 109 0.62 23.96 5.55
CA GLY A 109 -0.57 24.68 6.04
C GLY A 109 -1.87 23.89 5.85
N MET A 110 -1.78 22.66 5.35
CA MET A 110 -2.95 21.82 5.13
C MET A 110 -2.72 20.41 5.67
N VAL A 111 -3.81 19.70 5.97
CA VAL A 111 -3.71 18.33 6.51
C VAL A 111 -4.20 17.29 5.51
N ARG A 112 -3.45 16.20 5.45
CA ARG A 112 -3.77 15.08 4.58
C ARG A 112 -3.53 13.79 5.36
N THR A 113 -4.38 12.79 5.12
CA THR A 113 -4.21 11.52 5.83
C THR A 113 -3.23 10.64 5.07
N GLU A 114 -2.05 10.48 5.66
CA GLU A 114 -1.01 9.65 5.07
C GLU A 114 -1.25 8.21 5.45
N VAL A 115 -1.11 7.33 4.47
CA VAL A 115 -1.32 5.91 4.71
C VAL A 115 0.04 5.21 4.77
N ILE A 116 0.30 4.57 5.90
CA ILE A 116 1.55 3.86 6.11
C ILE A 116 1.28 2.44 6.56
N CYS A 117 2.27 1.58 6.38
CA CYS A 117 2.17 0.19 6.79
C CYS A 117 2.46 0.09 8.29
N ALA A 118 1.65 -0.69 8.99
CA ALA A 118 1.82 -0.85 10.43
C ALA A 118 3.21 -1.42 10.78
N ASN A 119 3.85 -2.10 9.81
CA ASN A 119 5.16 -2.69 10.03
C ASN A 119 6.30 -1.88 9.41
N CYS A 120 5.98 -1.08 8.39
CA CYS A 120 7.00 -0.25 7.73
C CYS A 120 6.42 1.08 7.25
N GLU A 121 7.29 2.01 6.87
CA GLU A 121 6.84 3.34 6.44
C GLU A 121 6.33 3.32 5.00
N SER A 122 5.17 2.69 4.80
CA SER A 122 4.54 2.63 3.48
C SER A 122 3.73 3.90 3.23
N HIS A 123 4.39 5.03 3.44
CA HIS A 123 3.78 6.36 3.20
C HIS A 123 3.71 6.68 1.71
N LEU A 124 3.84 5.65 0.86
CA LEU A 124 3.79 5.83 -0.59
C LEU A 124 2.40 6.26 -1.06
N GLY A 125 1.37 6.06 -0.22
CA GLY A 125 0.02 6.45 -0.60
C GLY A 125 -0.69 7.26 0.49
N HIS A 126 -1.87 7.77 0.13
CA HIS A 126 -2.69 8.57 1.06
C HIS A 126 -4.15 8.14 0.96
N VAL A 127 -4.94 8.50 1.97
CA VAL A 127 -6.37 8.17 1.99
C VAL A 127 -7.18 9.46 2.14
N PHE A 128 -8.28 9.54 1.40
CA PHE A 128 -9.12 10.74 1.45
C PHE A 128 -10.61 10.36 1.49
N ALA A 129 -11.35 11.02 2.38
CA ALA A 129 -12.79 10.77 2.53
C ALA A 129 -13.58 11.73 1.65
N GLY A 130 -14.83 11.34 1.34
CA GLY A 130 -15.70 12.18 0.51
C GLY A 130 -15.64 11.75 -0.96
N GLU A 131 -15.39 10.46 -1.20
CA GLU A 131 -15.30 9.93 -2.56
C GLU A 131 -16.68 9.90 -3.22
N GLY A 132 -17.73 9.75 -2.41
CA GLY A 132 -19.11 9.70 -2.93
C GLY A 132 -19.39 8.41 -3.68
N TYR A 133 -18.70 7.33 -3.29
CA TYR A 133 -18.88 6.02 -3.93
C TYR A 133 -19.99 5.21 -3.25
N ASP A 134 -20.78 5.88 -2.40
CA ASP A 134 -21.87 5.23 -1.69
C ASP A 134 -21.35 4.08 -0.81
N THR A 135 -20.33 4.40 0.01
CA THR A 135 -19.73 3.44 0.91
C THR A 135 -19.75 3.96 2.35
N PRO A 136 -19.64 3.06 3.34
CA PRO A 136 -19.65 3.44 4.79
C PRO A 136 -18.44 4.31 5.19
N THR A 137 -17.35 4.18 4.43
CA THR A 137 -16.12 4.95 4.73
C THR A 137 -15.90 6.05 3.70
N ASP A 138 -16.34 5.81 2.46
CA ASP A 138 -16.19 6.79 1.38
C ASP A 138 -14.72 7.25 1.27
N LEU A 139 -13.80 6.30 1.43
CA LEU A 139 -12.37 6.59 1.35
C LEU A 139 -11.82 6.17 -0.02
N ARG A 140 -10.89 6.99 -0.56
CA ARG A 140 -10.28 6.69 -1.86
C ARG A 140 -8.77 6.45 -1.72
N TYR A 141 -8.42 5.45 -0.91
CA TYR A 141 -7.02 5.08 -0.67
C TYR A 141 -6.23 5.01 -1.97
N CYS A 142 -5.37 6.00 -2.19
CA CYS A 142 -4.52 6.03 -3.39
C CYS A 142 -3.14 5.48 -3.04
N ILE A 143 -2.95 4.19 -3.29
CA ILE A 143 -1.67 3.52 -2.96
C ILE A 143 -1.43 2.38 -3.95
N ASN A 144 -0.37 1.58 -3.71
CA ASN A 144 -0.01 0.45 -4.57
C ASN A 144 0.61 0.95 -5.87
N SER A 145 0.73 0.04 -6.85
CA SER A 145 1.31 0.36 -8.17
C SER A 145 2.84 0.43 -8.16
N VAL A 146 3.48 0.11 -7.01
CA VAL A 146 4.96 0.13 -6.96
C VAL A 146 5.53 -1.29 -6.75
N CYS A 147 4.96 -2.26 -7.46
CA CYS A 147 5.41 -3.66 -7.37
C CYS A 147 5.06 -4.28 -6.00
N LEU A 148 3.76 -4.34 -5.71
CA LEU A 148 3.26 -4.92 -4.46
C LEU A 148 3.05 -6.42 -4.67
N THR A 149 3.18 -7.19 -3.58
CA THR A 149 3.03 -8.64 -3.65
C THR A 149 1.57 -9.05 -3.46
N LEU A 150 1.12 -9.97 -4.30
CA LEU A 150 -0.24 -10.48 -4.24
C LEU A 150 -0.25 -11.85 -3.59
N ILE A 151 -1.28 -12.08 -2.76
CA ILE A 151 -1.47 -13.36 -2.14
C ILE A 151 -2.64 -14.05 -2.86
N PRO A 152 -2.42 -15.19 -3.52
CA PRO A 152 -3.51 -15.90 -4.24
C PRO A 152 -4.55 -16.43 -3.27
N ALA A 153 -5.61 -15.65 -3.06
CA ALA A 153 -6.67 -16.04 -2.14
C ALA A 153 -7.32 -17.36 -2.56
N GLU A 154 -8.11 -17.34 -3.65
CA GLU A 154 -8.80 -18.53 -4.13
C GLU A 154 -9.58 -18.23 -5.42
N GLU A 155 -10.11 -17.01 -5.53
CA GLU A 155 -10.91 -16.61 -6.68
C GLU A 155 -12.13 -17.52 -6.83
N SER A 156 -12.82 -17.71 -5.70
CA SER A 156 -14.03 -18.54 -5.67
C SER A 156 -13.74 -19.93 -6.24
ZN ZN B . 4.74 -3.10 4.93
N MET A 21 6.43 -9.46 16.45
CA MET A 21 7.05 -8.24 17.04
C MET A 21 8.56 -8.21 16.73
N THR A 22 8.92 -8.69 15.53
CA THR A 22 10.32 -8.73 15.10
C THR A 22 10.90 -7.31 14.93
N ASN A 23 10.02 -6.32 14.73
CA ASN A 23 10.46 -4.93 14.54
C ASN A 23 11.37 -4.81 13.33
N PHE A 24 10.81 -4.30 12.24
CA PHE A 24 11.57 -4.13 10.99
C PHE A 24 12.48 -2.90 11.03
N LYS A 25 12.31 -2.06 12.07
CA LYS A 25 13.10 -0.83 12.22
C LYS A 25 14.58 -1.16 12.46
N LEU A 26 14.83 -2.28 13.12
CA LEU A 26 16.20 -2.69 13.46
C LEU A 26 16.96 -3.21 12.25
N ILE A 27 16.26 -3.47 11.14
CA ILE A 27 16.89 -3.97 9.92
C ILE A 27 17.91 -2.95 9.40
N THR A 28 19.00 -3.47 8.84
CA THR A 28 20.07 -2.65 8.30
C THR A 28 19.70 -2.17 6.90
N ASP A 29 20.44 -1.18 6.42
CA ASP A 29 20.18 -0.62 5.09
C ASP A 29 20.46 -1.65 4.00
N THR A 30 21.53 -2.43 4.17
CA THR A 30 21.90 -3.45 3.19
C THR A 30 20.79 -4.51 3.10
N GLU A 31 20.28 -4.92 4.26
CA GLU A 31 19.23 -5.93 4.31
C GLU A 31 17.99 -5.45 3.55
N TRP A 32 17.67 -4.17 3.69
CA TRP A 32 16.51 -3.60 3.00
C TRP A 32 16.70 -3.68 1.49
N ARG A 33 17.93 -3.41 1.03
CA ARG A 33 18.24 -3.45 -0.41
C ARG A 33 18.08 -4.87 -0.97
N GLN A 34 18.51 -5.85 -0.18
CA GLN A 34 18.41 -7.27 -0.58
C GLN A 34 17.10 -7.90 -0.10
N ARG A 35 16.18 -7.08 0.42
CA ARG A 35 14.88 -7.57 0.92
C ARG A 35 13.75 -7.26 -0.07
N LEU A 36 13.82 -6.09 -0.67
CA LEU A 36 12.77 -5.64 -1.60
C LEU A 36 13.35 -4.92 -2.81
N SER A 37 12.45 -4.53 -3.73
CA SER A 37 12.85 -3.83 -4.96
C SER A 37 13.57 -2.54 -4.62
N SER A 38 14.42 -2.10 -5.55
CA SER A 38 15.17 -0.86 -5.36
C SER A 38 14.20 0.30 -5.17
N GLU A 39 13.11 0.29 -5.95
CA GLU A 39 12.09 1.31 -5.85
C GLU A 39 11.42 1.26 -4.47
N GLU A 40 11.13 0.06 -3.99
CA GLU A 40 10.51 -0.13 -2.68
C GLU A 40 11.39 0.46 -1.58
N TYR A 41 12.72 0.29 -1.74
CA TYR A 41 13.68 0.77 -0.74
C TYR A 41 13.57 2.30 -0.53
N ARG A 42 13.64 3.08 -1.62
CA ARG A 42 13.57 4.54 -1.51
C ARG A 42 12.14 5.01 -1.23
N VAL A 43 11.18 4.37 -1.89
CA VAL A 43 9.77 4.69 -1.75
C VAL A 43 9.31 4.49 -0.31
N LEU A 44 9.68 3.35 0.26
CA LEU A 44 9.31 3.03 1.65
C LEU A 44 10.07 3.91 2.63
N ARG A 45 11.34 4.19 2.32
CA ARG A 45 12.20 4.97 3.20
C ARG A 45 11.70 6.41 3.39
N GLU A 46 11.43 7.11 2.29
CA GLU A 46 11.00 8.52 2.36
C GLU A 46 9.83 8.87 1.45
N ALA A 47 9.02 7.87 1.05
CA ALA A 47 7.88 8.14 0.16
C ALA A 47 8.38 8.81 -1.12
N GLY A 48 9.42 8.21 -1.69
CA GLY A 48 10.05 8.74 -2.90
C GLY A 48 9.08 8.85 -4.07
N THR A 49 8.25 7.81 -4.29
CA THR A 49 7.29 7.82 -5.41
C THR A 49 6.45 6.53 -5.43
N GLU A 50 5.54 6.44 -6.39
CA GLU A 50 4.70 5.26 -6.56
C GLU A 50 4.48 5.00 -8.07
N ALA A 51 5.58 4.73 -8.76
CA ALA A 51 5.54 4.47 -10.20
C ALA A 51 5.55 2.96 -10.51
N PRO A 52 4.49 2.42 -11.09
CA PRO A 52 4.43 0.97 -11.47
C PRO A 52 5.32 0.64 -12.67
N HIS A 53 5.21 -0.59 -13.17
CA HIS A 53 6.00 -1.04 -14.31
C HIS A 53 7.50 -0.98 -14.01
N THR A 54 7.84 -1.31 -12.76
CA THR A 54 9.25 -1.31 -12.32
C THR A 54 9.71 -2.73 -11.92
N GLY A 55 8.99 -3.74 -12.43
CA GLY A 55 9.30 -5.13 -12.15
C GLY A 55 8.50 -6.01 -13.08
N GLU A 56 9.07 -7.15 -13.43
CA GLU A 56 8.41 -8.08 -14.34
C GLU A 56 7.36 -8.95 -13.62
N TYR A 57 7.55 -9.14 -12.32
CA TYR A 57 6.63 -9.95 -11.51
C TYR A 57 5.39 -9.15 -11.08
N THR A 58 5.40 -7.83 -11.31
CA THR A 58 4.26 -6.98 -10.93
C THR A 58 2.95 -7.50 -11.50
N ASN A 59 3.03 -8.30 -12.58
CA ASN A 59 1.84 -8.85 -13.22
C ASN A 59 1.06 -9.75 -12.26
N THR A 60 -0.24 -9.51 -12.14
CA THR A 60 -1.10 -10.30 -11.27
C THR A 60 -2.33 -10.78 -12.03
N THR A 61 -2.95 -11.86 -11.53
CA THR A 61 -4.14 -12.41 -12.17
C THR A 61 -5.19 -12.76 -11.11
N THR A 62 -4.76 -13.50 -10.09
CA THR A 62 -5.66 -13.91 -9.01
C THR A 62 -6.03 -12.71 -8.14
N GLU A 63 -7.28 -12.68 -7.70
CA GLU A 63 -7.77 -11.60 -6.84
C GLU A 63 -7.93 -12.13 -5.42
N GLY A 64 -6.96 -11.80 -4.57
CA GLY A 64 -6.98 -12.28 -3.20
C GLY A 64 -6.67 -11.18 -2.21
N ILE A 65 -5.43 -11.18 -1.73
CA ILE A 65 -5.00 -10.22 -0.72
C ILE A 65 -3.72 -9.50 -1.14
N TYR A 66 -3.71 -8.19 -0.94
CA TYR A 66 -2.53 -7.38 -1.25
C TYR A 66 -1.47 -7.63 -0.20
N SER A 67 -0.20 -7.70 -0.62
CA SER A 67 0.88 -7.93 0.34
C SER A 67 2.09 -7.05 0.05
N CYS A 68 2.51 -6.31 1.08
CA CYS A 68 3.67 -5.43 1.03
C CYS A 68 4.88 -6.20 0.51
N ARG A 69 5.58 -5.64 -0.46
CA ARG A 69 6.77 -6.29 -0.99
C ARG A 69 7.82 -6.42 0.13
N ALA A 70 7.87 -5.39 0.98
CA ALA A 70 8.81 -5.32 2.09
C ALA A 70 8.63 -6.42 3.14
N CYS A 71 7.39 -6.61 3.59
CA CYS A 71 7.10 -7.58 4.65
C CYS A 71 6.12 -8.65 4.18
N GLY A 72 5.15 -8.26 3.37
CA GLY A 72 4.14 -9.20 2.86
C GLY A 72 2.85 -9.15 3.69
N THR A 73 2.71 -8.09 4.50
CA THR A 73 1.52 -7.92 5.35
C THR A 73 0.28 -7.80 4.49
N GLU A 74 -0.88 -8.20 5.05
CA GLU A 74 -2.13 -8.09 4.32
C GLU A 74 -2.61 -6.63 4.38
N LEU A 75 -1.86 -5.77 3.71
CA LEU A 75 -2.16 -4.33 3.68
C LEU A 75 -3.59 -4.08 3.22
N PHE A 76 -3.99 -4.80 2.17
CA PHE A 76 -5.34 -4.66 1.62
C PHE A 76 -5.86 -6.01 1.17
N ARG A 77 -7.18 -6.08 0.94
CA ARG A 77 -7.83 -7.31 0.51
C ARG A 77 -8.64 -7.04 -0.76
N SER A 78 -8.87 -8.10 -1.53
CA SER A 78 -9.62 -7.98 -2.79
C SER A 78 -11.13 -8.19 -2.61
N THR A 79 -11.59 -8.32 -1.36
CA THR A 79 -13.02 -8.54 -1.09
C THR A 79 -13.78 -7.21 -1.03
N GLU A 80 -13.10 -6.13 -0.64
CA GLU A 80 -13.74 -4.83 -0.55
C GLU A 80 -13.57 -4.05 -1.85
N LYS A 81 -12.37 -4.15 -2.44
CA LYS A 81 -12.07 -3.46 -3.70
C LYS A 81 -11.01 -4.19 -4.53
N PHE A 82 -10.55 -3.55 -5.61
CA PHE A 82 -9.55 -4.13 -6.51
C PHE A 82 -9.21 -3.18 -7.66
N ASN A 83 -10.26 -2.70 -8.35
CA ASN A 83 -10.07 -1.80 -9.49
C ASN A 83 -11.24 -0.82 -9.60
N SER A 84 -10.91 0.47 -9.76
CA SER A 84 -11.93 1.51 -9.88
C SER A 84 -12.23 1.81 -11.36
N HIS A 85 -11.24 2.37 -12.06
CA HIS A 85 -11.41 2.71 -13.48
C HIS A 85 -10.10 3.25 -14.09
N CYS A 86 -9.64 4.39 -13.56
CA CYS A 86 -8.42 5.03 -14.04
C CYS A 86 -7.18 4.52 -13.31
N GLY A 87 -6.01 5.06 -13.66
CA GLY A 87 -4.76 4.67 -13.03
C GLY A 87 -4.83 4.92 -11.53
N TRP A 88 -3.92 4.29 -10.77
CA TRP A 88 -3.92 4.42 -9.31
C TRP A 88 -5.33 4.05 -8.77
N PRO A 89 -5.79 2.81 -8.96
CA PRO A 89 -7.16 2.39 -8.51
C PRO A 89 -7.39 2.62 -7.03
N SER A 90 -8.61 3.08 -6.72
CA SER A 90 -9.01 3.34 -5.33
C SER A 90 -9.66 2.09 -4.75
N PHE A 91 -9.43 1.84 -3.47
CA PHE A 91 -10.00 0.67 -2.80
C PHE A 91 -10.75 1.12 -1.54
N PHE A 92 -11.53 0.20 -0.95
CA PHE A 92 -12.28 0.50 0.27
C PHE A 92 -11.40 0.21 1.51
N SER A 93 -12.03 0.04 2.67
CA SER A 93 -11.31 -0.18 3.93
C SER A 93 -10.31 -1.36 3.83
N PRO A 94 -9.12 -1.24 4.45
CA PRO A 94 -8.10 -2.34 4.42
C PRO A 94 -8.49 -3.52 5.31
N LEU A 95 -7.53 -4.42 5.53
CA LEU A 95 -7.76 -5.62 6.37
C LEU A 95 -8.53 -5.25 7.65
N ALA A 96 -7.90 -4.42 8.50
CA ALA A 96 -8.54 -3.99 9.75
C ALA A 96 -7.80 -2.80 10.40
N GLY A 97 -6.91 -2.14 9.64
CA GLY A 97 -6.15 -1.01 10.16
C GLY A 97 -4.96 -1.47 11.02
N ASP A 98 -4.76 -2.79 11.12
CA ASP A 98 -3.66 -3.35 11.90
C ASP A 98 -2.42 -3.53 11.03
N LYS A 99 -2.63 -3.74 9.74
CA LYS A 99 -1.53 -3.93 8.79
C LYS A 99 -1.09 -2.58 8.22
N VAL A 100 -1.97 -1.57 8.33
CA VAL A 100 -1.68 -0.23 7.83
C VAL A 100 -2.14 0.84 8.83
N ILE A 101 -1.43 1.98 8.86
CA ILE A 101 -1.78 3.08 9.76
C ILE A 101 -2.11 4.34 8.95
N GLU A 102 -3.19 5.01 9.36
CA GLU A 102 -3.66 6.22 8.70
C GLU A 102 -3.49 7.43 9.63
N ARG A 103 -2.75 8.44 9.16
CA ARG A 103 -2.51 9.65 9.95
C ARG A 103 -2.67 10.89 9.06
N THR A 104 -3.07 12.02 9.67
CA THR A 104 -3.27 13.25 8.90
C THR A 104 -1.94 13.98 8.68
N ASP A 105 -1.85 14.72 7.57
CA ASP A 105 -0.65 15.46 7.22
C ASP A 105 -1.00 16.90 6.84
N THR A 106 -0.52 17.86 7.62
CA THR A 106 -0.79 19.27 7.36
C THR A 106 0.28 19.84 6.43
N SER A 107 0.19 19.41 5.17
CA SER A 107 1.13 19.86 4.14
C SER A 107 0.92 21.35 3.84
N HIS A 108 -0.35 21.78 3.87
CA HIS A 108 -0.72 23.16 3.61
C HIS A 108 -1.88 23.53 4.55
N GLY A 109 -2.64 24.60 4.23
CA GLY A 109 -3.76 25.01 5.07
C GLY A 109 -4.71 23.83 5.31
N MET A 110 -4.77 22.90 4.35
CA MET A 110 -5.60 21.72 4.47
C MET A 110 -4.71 20.52 4.78
N VAL A 111 -5.29 19.44 5.30
CA VAL A 111 -4.52 18.25 5.65
C VAL A 111 -4.89 17.06 4.76
N ARG A 112 -4.01 16.07 4.72
CA ARG A 112 -4.25 14.86 3.93
C ARG A 112 -3.87 13.63 4.74
N THR A 113 -4.66 12.58 4.65
CA THR A 113 -4.37 11.36 5.41
C THR A 113 -3.34 10.51 4.70
N GLU A 114 -2.14 10.47 5.27
CA GLU A 114 -1.06 9.68 4.72
C GLU A 114 -1.26 8.23 5.14
N VAL A 115 -1.01 7.32 4.20
CA VAL A 115 -1.17 5.90 4.46
C VAL A 115 0.19 5.24 4.59
N ILE A 116 0.40 4.57 5.71
CA ILE A 116 1.66 3.89 5.98
C ILE A 116 1.39 2.45 6.41
N CYS A 117 2.39 1.61 6.27
CA CYS A 117 2.27 0.21 6.69
C CYS A 117 2.51 0.14 8.19
N ALA A 118 1.68 -0.61 8.90
CA ALA A 118 1.79 -0.73 10.35
C ALA A 118 3.16 -1.25 10.78
N ASN A 119 3.88 -1.93 9.87
CA ASN A 119 5.21 -2.48 10.20
C ASN A 119 6.33 -1.65 9.60
N CYS A 120 6.08 -1.07 8.43
CA CYS A 120 7.09 -0.25 7.76
C CYS A 120 6.51 1.08 7.28
N GLU A 121 7.38 2.04 6.98
CA GLU A 121 6.93 3.37 6.56
C GLU A 121 6.50 3.39 5.10
N SER A 122 5.35 2.76 4.83
CA SER A 122 4.80 2.73 3.48
C SER A 122 3.98 3.99 3.22
N HIS A 123 4.64 5.14 3.48
CA HIS A 123 4.03 6.46 3.25
C HIS A 123 4.01 6.83 1.77
N LEU A 124 4.17 5.83 0.90
CA LEU A 124 4.19 6.04 -0.54
C LEU A 124 2.78 6.33 -1.10
N GLY A 125 1.73 6.06 -0.29
CA GLY A 125 0.37 6.31 -0.72
C GLY A 125 -0.43 6.99 0.39
N HIS A 126 -1.56 7.58 0.02
CA HIS A 126 -2.42 8.27 0.99
C HIS A 126 -3.88 7.84 0.78
N VAL A 127 -4.75 8.34 1.65
CA VAL A 127 -6.18 8.01 1.57
C VAL A 127 -7.01 9.29 1.67
N PHE A 128 -7.99 9.41 0.77
CA PHE A 128 -8.85 10.61 0.75
C PHE A 128 -10.29 10.24 1.08
N ALA A 129 -10.82 10.84 2.15
CA ALA A 129 -12.19 10.60 2.58
C ALA A 129 -13.14 11.57 1.89
N GLY A 130 -14.45 11.34 2.05
CA GLY A 130 -15.46 12.20 1.43
C GLY A 130 -15.54 11.98 -0.08
N GLU A 131 -15.30 10.73 -0.52
CA GLU A 131 -15.36 10.39 -1.94
C GLU A 131 -16.80 10.40 -2.45
N GLY A 132 -17.76 10.12 -1.55
CA GLY A 132 -19.17 10.09 -1.93
C GLY A 132 -19.50 8.88 -2.80
N TYR A 133 -18.76 7.79 -2.59
CA TYR A 133 -18.96 6.55 -3.36
C TYR A 133 -20.00 5.64 -2.69
N ASP A 134 -20.75 6.18 -1.73
CA ASP A 134 -21.78 5.42 -1.04
C ASP A 134 -21.19 4.18 -0.36
N THR A 135 -20.14 4.40 0.45
CA THR A 135 -19.49 3.32 1.18
C THR A 135 -19.48 3.60 2.69
N PRO A 136 -19.33 2.57 3.51
CA PRO A 136 -19.30 2.72 5.00
C PRO A 136 -18.12 3.55 5.51
N THR A 137 -17.02 3.55 4.73
CA THR A 137 -15.82 4.30 5.11
C THR A 137 -15.64 5.55 4.23
N ASP A 138 -16.14 5.47 2.99
CA ASP A 138 -16.04 6.59 2.05
C ASP A 138 -14.58 7.04 1.92
N LEU A 139 -13.67 6.06 1.81
CA LEU A 139 -12.24 6.34 1.70
C LEU A 139 -11.75 6.07 0.27
N ARG A 140 -10.73 6.83 -0.14
CA ARG A 140 -10.17 6.69 -1.49
C ARG A 140 -8.65 6.50 -1.43
N TYR A 141 -8.22 5.29 -1.04
CA TYR A 141 -6.81 4.96 -0.94
C TYR A 141 -6.13 4.98 -2.31
N CYS A 142 -5.02 5.72 -2.42
CA CYS A 142 -4.26 5.77 -3.67
C CYS A 142 -2.88 5.15 -3.42
N ILE A 143 -2.79 3.83 -3.62
CA ILE A 143 -1.54 3.11 -3.34
C ILE A 143 -1.44 1.86 -4.24
N ASN A 144 -0.52 0.93 -3.88
CA ASN A 144 -0.32 -0.32 -4.62
C ASN A 144 0.09 -0.05 -6.07
N SER A 145 0.97 0.94 -6.26
CA SER A 145 1.43 1.29 -7.61
C SER A 145 2.94 1.14 -7.79
N VAL A 146 3.66 0.57 -6.80
CA VAL A 146 5.12 0.40 -6.92
C VAL A 146 5.57 -1.07 -6.83
N CYS A 147 4.87 -1.95 -7.56
CA CYS A 147 5.22 -3.39 -7.59
C CYS A 147 4.92 -4.08 -6.26
N LEU A 148 3.64 -4.12 -5.89
CA LEU A 148 3.20 -4.76 -4.65
C LEU A 148 2.96 -6.25 -4.94
N THR A 149 3.09 -7.09 -3.91
CA THR A 149 2.93 -8.54 -4.07
C THR A 149 1.47 -8.96 -3.89
N LEU A 150 0.98 -9.76 -4.84
CA LEU A 150 -0.40 -10.25 -4.82
C LEU A 150 -0.46 -11.66 -4.23
N ILE A 151 -1.37 -11.84 -3.28
CA ILE A 151 -1.55 -13.13 -2.64
C ILE A 151 -2.80 -13.83 -3.23
N PRO A 152 -2.63 -14.96 -3.93
CA PRO A 152 -3.78 -15.69 -4.53
C PRO A 152 -4.60 -16.38 -3.45
N ALA A 153 -5.68 -15.71 -3.03
CA ALA A 153 -6.53 -16.22 -1.97
C ALA A 153 -7.14 -17.58 -2.32
N GLU A 154 -7.74 -17.67 -3.51
CA GLU A 154 -8.36 -18.94 -3.95
C GLU A 154 -8.93 -18.79 -5.37
N GLU A 155 -9.93 -17.90 -5.53
CA GLU A 155 -10.57 -17.69 -6.82
C GLU A 155 -11.12 -19.01 -7.38
N SER A 156 -11.86 -19.71 -6.51
CA SER A 156 -12.46 -20.99 -6.88
C SER A 156 -13.55 -20.79 -7.92
ZN ZN B . 4.82 -3.18 4.80
#